data_5KBV
#
_entry.id   5KBV
#
_cell.length_a   1.00
_cell.length_b   1.00
_cell.length_c   1.00
_cell.angle_alpha   90.0
_cell.angle_beta   90.0
_cell.angle_gamma   90.0
#
_symmetry.space_group_name_H-M   'P 1'
#
loop_
_entity.id
_entity.type
_entity.pdbx_description
1 polymer 'Glutamate receptor 2'
2 non-polymer '{[7-morpholin-4-yl-2,3-dioxo-6-(trifluoromethyl)-3,4-dihydroquinoxalin-1(2H)-yl]methyl}phosphonic acid'
3 non-polymer 2-acetamido-2-deoxy-beta-D-glucopyranose
#
_entity_poly.entity_id   1
_entity_poly.type   'polypeptide(L)'
_entity_poly.pdbx_seq_one_letter_code
;NSIQIGGLFPRGADQEYSAFRVGMVQFSTSEFRLTPHIDNLEVANSFAVTNAFCSQFSRGVYAIFGFYDKKSVNTITSFC
GTLHVSFITPSFPTDGTHPFVIQMRPDLKGALLSLIEYYQWDKFAYLYDSDRGLSTLQAVLDSAAEKKWQVTAINVGNIN
NDKKDETYRSLFQDLELKKERRVILDCERDKVNDIVDQVITIGKHVKGYHYIIANLGFTDGDLLKIQFGGAEVSGFQIVD
YDDSLVSKFIERWSTLEEKEYPGAHTATIKYTSALTYDAVQVMTEAFRNLRKQRIEISRRGNAGDCLANPAVPWGQGVEI
ERALKQVQVEGLSGNIKFDQNGKRINYTINIMELKTNGPRKIGYWSEVDKMVLTEDDTSGLEQKTVVVTTILESPYVMMK
KNHEMLEGNERYEGYCVDLAAEIAKHCGFKYKLTIVGDGKYGARDADTKIWNGMVGELVYGKADIAIAPLTITLVREEVI
DFSKPFMSLGISIMIKKPQKSKPGVFSFLDPLAYEIWMCIVFAYIGVSVVLFLVSRFSPYEWHTEEFEDGRETQSSESTN
EFGIFNSLWFSLGAFMQQGCDISPRSLSGRIVGGVWWFFTLIIISSYTANLAAFLTVERMVSPIESAEDLSKQTEIAYGT
LDSGSTKEFFRRSKIAVFDKMWTYMRSAEPSVFVRTTAEGVARVRKSKGKYAYLLESTMNEYIEQRKPCDTMKVGGNLDS
KGYGIATPKGSSLGTPVNLAVLKLSEQGLLDKLKNKWWYDKGECGAKDSGSKEKTSALSLSNVAGVFYILVGGLGLAMLV
ALIEFCYKSRAEAKRMKGLVPR
;
_entity_poly.pdbx_strand_id   A,B,C,D
#
# COMPACT_ATOMS: atom_id res chain seq x y z
N ASN A 1 -53.94 29.88 65.57
CA ASN A 1 -52.66 29.47 65.01
C ASN A 1 -52.34 30.24 63.73
N SER A 2 -51.49 31.25 63.85
CA SER A 2 -51.11 32.08 62.70
C SER A 2 -49.66 31.85 62.29
N ILE A 3 -49.46 31.19 61.16
CA ILE A 3 -48.12 30.92 60.66
C ILE A 3 -47.74 31.89 59.54
N GLN A 4 -46.83 32.82 59.86
CA GLN A 4 -46.40 33.82 58.88
C GLN A 4 -45.33 33.26 57.95
N ILE A 5 -45.55 33.43 56.65
CA ILE A 5 -44.58 32.99 55.65
C ILE A 5 -44.28 34.10 54.65
N GLY A 6 -43.15 33.99 53.96
CA GLY A 6 -42.75 34.97 52.97
C GLY A 6 -43.09 34.55 51.56
N GLY A 7 -43.35 35.53 50.70
CA GLY A 7 -43.68 35.26 49.32
C GLY A 7 -42.95 36.18 48.36
N LEU A 8 -41.95 35.63 47.66
CA LEU A 8 -41.17 36.40 46.71
C LEU A 8 -41.61 36.12 45.27
N PHE A 9 -42.50 36.95 44.76
CA PHE A 9 -43.02 36.79 43.41
C PHE A 9 -42.45 37.84 42.46
N PRO A 10 -41.76 37.37 41.40
CA PRO A 10 -41.21 38.26 40.37
C PRO A 10 -42.32 39.02 39.65
N ARG A 11 -42.11 40.31 39.42
CA ARG A 11 -43.09 41.13 38.71
C ARG A 11 -43.46 40.49 37.36
N GLY A 12 -44.73 40.12 37.22
CA GLY A 12 -45.20 39.49 36.00
C GLY A 12 -45.74 38.09 36.24
N ALA A 13 -45.49 37.57 37.44
CA ALA A 13 -45.97 36.24 37.81
C ALA A 13 -47.44 36.29 38.22
N ASP A 14 -48.30 36.68 37.29
CA ASP A 14 -49.72 36.82 37.55
C ASP A 14 -50.38 35.48 37.82
N GLN A 15 -50.30 34.58 36.85
CA GLN A 15 -50.91 33.26 36.98
C GLN A 15 -50.31 32.48 38.14
N GLU A 16 -49.02 32.67 38.38
CA GLU A 16 -48.33 32.01 39.48
C GLU A 16 -48.92 32.45 40.82
N TYR A 17 -49.14 33.76 40.97
CA TYR A 17 -49.71 34.29 42.20
C TYR A 17 -51.18 33.92 42.32
N SER A 18 -51.89 33.93 41.19
CA SER A 18 -53.29 33.53 41.17
C SER A 18 -53.44 32.10 41.66
N ALA A 19 -52.53 31.24 41.20
CA ALA A 19 -52.52 29.84 41.64
C ALA A 19 -52.11 29.77 43.10
N PHE A 20 -51.27 30.71 43.52
CA PHE A 20 -50.83 30.77 44.92
C PHE A 20 -52.00 31.11 45.82
N ARG A 21 -52.88 31.99 45.34
CA ARG A 21 -54.06 32.39 46.09
C ARG A 21 -55.06 31.24 46.19
N VAL A 22 -55.35 30.61 45.06
CA VAL A 22 -56.28 29.49 45.03
C VAL A 22 -55.85 28.38 45.98
N GLY A 23 -54.54 28.18 46.08
CA GLY A 23 -53.99 27.19 46.99
C GLY A 23 -54.26 27.54 48.43
N MET A 24 -54.15 28.83 48.75
CA MET A 24 -54.41 29.31 50.10
C MET A 24 -55.84 29.02 50.50
N VAL A 25 -56.75 29.04 49.53
CA VAL A 25 -58.17 28.83 49.78
C VAL A 25 -58.50 27.34 49.87
N GLN A 26 -57.95 26.55 48.96
CA GLN A 26 -58.24 25.13 48.89
C GLN A 26 -57.63 24.35 50.06
N PHE A 27 -56.53 24.88 50.61
CA PHE A 27 -55.84 24.19 51.70
C PHE A 27 -55.89 24.99 53.00
N SER A 28 -56.97 25.74 53.19
CA SER A 28 -57.16 26.50 54.42
C SER A 28 -57.95 25.68 55.43
N THR A 29 -57.41 25.55 56.63
CA THR A 29 -58.06 24.78 57.69
C THR A 29 -58.23 25.61 58.96
N SER A 30 -59.06 25.11 59.87
CA SER A 30 -59.32 25.80 61.13
C SER A 30 -58.19 25.59 62.12
N GLU A 31 -57.45 24.50 61.96
CA GLU A 31 -56.34 24.17 62.84
C GLU A 31 -55.28 25.27 62.82
N PHE A 32 -55.05 25.84 61.65
CA PHE A 32 -54.07 26.92 61.49
C PHE A 32 -54.22 27.62 60.15
N ARG A 33 -53.88 28.90 60.11
CA ARG A 33 -53.97 29.69 58.88
C ARG A 33 -52.62 30.26 58.50
N LEU A 34 -52.32 30.26 57.20
CA LEU A 34 -51.06 30.79 56.70
C LEU A 34 -51.18 32.26 56.32
N THR A 35 -50.23 33.06 56.79
CA THR A 35 -50.25 34.50 56.53
C THR A 35 -49.12 34.89 55.57
N PRO A 36 -49.42 34.96 54.27
CA PRO A 36 -48.43 35.30 53.24
C PRO A 36 -48.09 36.78 53.21
N HIS A 37 -46.81 37.10 53.29
CA HIS A 37 -46.35 38.47 53.13
C HIS A 37 -45.68 38.63 51.77
N ILE A 38 -46.44 39.14 50.80
CA ILE A 38 -46.00 39.19 49.43
C ILE A 38 -45.04 40.35 49.14
N ASP A 39 -43.97 40.05 48.42
CA ASP A 39 -43.00 41.06 48.01
C ASP A 39 -42.68 40.93 46.52
N ASN A 40 -43.17 41.86 45.72
CA ASN A 40 -42.92 41.85 44.29
C ASN A 40 -41.65 42.59 43.92
N LEU A 41 -40.59 41.84 43.65
CA LEU A 41 -39.30 42.44 43.28
C LEU A 41 -38.74 41.80 42.02
N GLU A 42 -37.80 42.50 41.38
CA GLU A 42 -37.11 41.97 40.21
C GLU A 42 -36.23 40.79 40.63
N VAL A 43 -36.72 39.59 40.39
CA VAL A 43 -36.03 38.38 40.82
C VAL A 43 -34.59 38.31 40.34
N ALA A 44 -34.31 38.91 39.19
CA ALA A 44 -32.97 38.90 38.63
C ALA A 44 -31.97 39.66 39.49
N ASN A 45 -32.39 40.82 39.98
CA ASN A 45 -31.52 41.66 40.81
C ASN A 45 -31.15 40.98 42.13
N SER A 46 -29.87 40.63 42.27
CA SER A 46 -29.39 39.94 43.46
C SER A 46 -29.54 40.79 44.71
N PHE A 47 -29.26 42.09 44.59
CA PHE A 47 -29.36 43.01 45.71
C PHE A 47 -30.78 43.04 46.27
N ALA A 48 -31.75 43.28 45.38
CA ALA A 48 -33.15 43.36 45.79
C ALA A 48 -33.59 42.08 46.48
N VAL A 49 -33.18 40.95 45.94
CA VAL A 49 -33.53 39.65 46.52
C VAL A 49 -32.97 39.52 47.94
N THR A 50 -31.81 40.10 48.17
CA THR A 50 -31.19 40.08 49.49
C THR A 50 -32.01 40.85 50.50
N ASN A 51 -32.50 42.01 50.09
CA ASN A 51 -33.35 42.82 50.96
C ASN A 51 -34.69 42.15 51.24
N ALA A 52 -35.33 41.63 50.20
CA ALA A 52 -36.61 40.96 50.34
C ALA A 52 -36.51 39.76 51.27
N PHE A 53 -35.33 39.14 51.31
CA PHE A 53 -35.10 37.99 52.17
C PHE A 53 -34.91 38.42 53.62
N CYS A 54 -34.05 39.42 53.83
CA CYS A 54 -33.77 39.94 55.17
C CYS A 54 -35.00 40.64 55.75
N SER A 55 -35.81 41.21 54.87
CA SER A 55 -37.04 41.89 55.29
C SER A 55 -38.04 40.88 55.81
N GLN A 56 -38.23 39.80 55.05
CA GLN A 56 -39.15 38.73 55.47
C GLN A 56 -38.58 37.98 56.66
N PHE A 57 -37.28 38.06 56.85
CA PHE A 57 -36.62 37.38 57.96
C PHE A 57 -36.77 38.18 59.25
N SER A 58 -36.70 39.50 59.15
CA SER A 58 -36.89 40.38 60.30
C SER A 58 -38.34 40.36 60.75
N ARG A 59 -39.24 40.18 59.79
CA ARG A 59 -40.67 40.07 60.09
C ARG A 59 -40.96 38.75 60.80
N GLY A 60 -39.93 37.91 60.91
CA GLY A 60 -40.05 36.65 61.61
C GLY A 60 -40.97 35.65 60.93
N VAL A 61 -40.53 35.13 59.78
CA VAL A 61 -41.30 34.11 59.08
C VAL A 61 -40.76 32.72 59.40
N TYR A 62 -41.58 31.71 59.18
CA TYR A 62 -41.20 30.33 59.45
C TYR A 62 -40.70 29.64 58.18
N ALA A 63 -41.12 30.15 57.03
CA ALA A 63 -40.71 29.60 55.74
C ALA A 63 -40.92 30.62 54.64
N ILE A 64 -40.18 30.47 53.54
CA ILE A 64 -40.26 31.40 52.43
C ILE A 64 -40.53 30.69 51.11
N PHE A 65 -41.56 31.14 50.39
CA PHE A 65 -41.83 30.64 49.05
C PHE A 65 -41.61 31.73 48.02
N GLY A 66 -40.77 31.45 47.02
CA GLY A 66 -40.48 32.42 45.98
C GLY A 66 -39.80 31.81 44.77
N PHE A 67 -39.15 32.67 43.99
CA PHE A 67 -38.45 32.24 42.79
C PHE A 67 -37.05 32.85 42.75
N TYR A 68 -36.17 32.26 41.96
CA TYR A 68 -34.85 32.82 41.75
C TYR A 68 -34.37 32.66 40.31
N ASP A 69 -33.42 33.50 39.92
CA ASP A 69 -32.86 33.46 38.58
C ASP A 69 -31.48 32.83 38.62
N LYS A 70 -30.88 32.62 37.44
CA LYS A 70 -29.55 32.05 37.35
C LYS A 70 -28.52 32.94 38.04
N LYS A 71 -28.93 34.15 38.38
CA LYS A 71 -28.03 35.12 39.00
C LYS A 71 -28.26 35.24 40.51
N SER A 72 -29.52 35.20 40.92
CA SER A 72 -29.86 35.39 42.33
C SER A 72 -29.97 34.07 43.10
N VAL A 73 -29.93 32.96 42.37
CA VAL A 73 -30.07 31.64 42.97
C VAL A 73 -29.05 31.39 44.08
N ASN A 74 -27.82 31.83 43.86
CA ASN A 74 -26.75 31.64 44.84
C ASN A 74 -27.01 32.41 46.14
N THR A 75 -27.64 33.57 46.02
CA THR A 75 -27.98 34.37 47.19
C THR A 75 -28.95 33.62 48.09
N ILE A 76 -30.02 33.09 47.49
CA ILE A 76 -31.03 32.36 48.24
C ILE A 76 -30.46 31.12 48.91
N THR A 77 -29.85 30.24 48.11
CA THR A 77 -29.29 29.00 48.62
C THR A 77 -28.30 29.24 49.76
N SER A 78 -27.59 30.36 49.70
CA SER A 78 -26.58 30.67 50.69
C SER A 78 -27.19 31.15 52.00
N PHE A 79 -28.02 32.18 51.92
CA PHE A 79 -28.67 32.74 53.11
C PHE A 79 -29.55 31.72 53.81
N CYS A 80 -30.38 31.02 53.03
CA CYS A 80 -31.28 30.01 53.58
C CYS A 80 -30.51 28.89 54.28
N GLY A 81 -29.28 28.66 53.84
CA GLY A 81 -28.44 27.65 54.43
C GLY A 81 -27.77 28.12 55.70
N THR A 82 -27.45 29.41 55.73
CA THR A 82 -26.79 29.99 56.90
C THR A 82 -27.79 30.29 58.01
N LEU A 83 -28.93 30.85 57.64
CA LEU A 83 -29.95 31.23 58.61
C LEU A 83 -30.95 30.10 58.86
N HIS A 84 -30.67 28.93 58.30
CA HIS A 84 -31.52 27.76 58.49
C HIS A 84 -32.97 28.04 58.13
N VAL A 85 -33.18 28.93 57.17
CA VAL A 85 -34.53 29.26 56.71
C VAL A 85 -34.90 28.37 55.52
N SER A 86 -36.11 27.82 55.56
CA SER A 86 -36.58 26.96 54.48
C SER A 86 -37.11 27.78 53.31
N PHE A 87 -36.73 27.38 52.10
CA PHE A 87 -37.12 28.11 50.89
C PHE A 87 -37.76 27.17 49.86
N ILE A 88 -39.07 27.31 49.65
CA ILE A 88 -39.77 26.51 48.66
C ILE A 88 -39.89 27.28 47.36
N THR A 89 -39.51 26.64 46.25
CA THR A 89 -39.53 27.32 44.96
C THR A 89 -39.85 26.36 43.81
N PRO A 90 -40.68 26.84 42.86
CA PRO A 90 -41.02 26.09 41.65
C PRO A 90 -39.94 26.26 40.58
N SER A 91 -39.02 27.19 40.80
CA SER A 91 -37.96 27.46 39.82
C SER A 91 -37.09 26.24 39.54
N PHE A 92 -36.16 26.39 38.61
CA PHE A 92 -35.27 25.29 38.23
C PHE A 92 -34.50 24.76 39.43
N PRO A 93 -34.28 23.43 39.45
CA PRO A 93 -33.54 22.77 40.53
C PRO A 93 -32.11 23.29 40.64
N THR A 94 -31.60 23.36 41.87
CA THR A 94 -30.24 23.83 42.10
C THR A 94 -29.22 22.80 41.63
N ASP A 95 -28.13 23.29 41.04
CA ASP A 95 -27.07 22.40 40.56
C ASP A 95 -26.17 21.95 41.70
N GLY A 96 -26.67 21.04 42.52
CA GLY A 96 -25.92 20.54 43.65
C GLY A 96 -26.82 20.12 44.81
N THR A 97 -26.26 20.12 46.01
CA THR A 97 -27.00 19.72 47.20
C THR A 97 -27.07 20.85 48.22
N HIS A 98 -27.99 21.78 48.01
CA HIS A 98 -28.14 22.92 48.89
C HIS A 98 -29.28 22.70 49.89
N PRO A 99 -28.93 22.58 51.19
CA PRO A 99 -29.89 22.34 52.27
C PRO A 99 -30.86 23.51 52.45
N PHE A 100 -31.97 23.25 53.12
CA PHE A 100 -32.98 24.27 53.39
C PHE A 100 -33.58 24.86 52.11
N VAL A 101 -33.69 24.03 51.08
CA VAL A 101 -34.30 24.44 49.83
C VAL A 101 -35.21 23.34 49.28
N ILE A 102 -36.49 23.67 49.11
CA ILE A 102 -37.46 22.73 48.57
C ILE A 102 -37.81 23.08 47.12
N GLN A 103 -37.52 22.17 46.21
CA GLN A 103 -37.70 22.42 44.79
C GLN A 103 -38.90 21.67 44.20
N MET A 104 -39.86 22.42 43.69
CA MET A 104 -41.08 21.83 43.15
C MET A 104 -40.87 21.25 41.75
N ARG A 105 -39.91 21.79 41.02
CA ARG A 105 -39.65 21.34 39.65
C ARG A 105 -38.74 20.11 39.62
N PRO A 106 -39.24 19.01 39.06
CA PRO A 106 -38.46 17.78 38.89
C PRO A 106 -37.35 17.97 37.85
N ASP A 107 -36.30 17.15 37.94
CA ASP A 107 -35.19 17.25 37.01
C ASP A 107 -35.56 16.66 35.66
N LEU A 108 -35.50 17.49 34.62
CA LEU A 108 -35.85 17.07 33.28
C LEU A 108 -34.67 16.45 32.55
N LYS A 109 -33.47 16.73 33.05
CA LYS A 109 -32.24 16.24 32.45
C LYS A 109 -32.32 14.76 32.08
N GLY A 110 -32.88 13.96 32.98
CA GLY A 110 -33.00 12.53 32.76
C GLY A 110 -33.98 12.20 31.65
N ALA A 111 -35.17 12.79 31.72
CA ALA A 111 -36.22 12.52 30.75
C ALA A 111 -35.81 12.91 29.33
N LEU A 112 -35.00 13.96 29.22
CA LEU A 112 -34.54 14.44 27.92
C LEU A 112 -33.60 13.43 27.28
N LEU A 113 -32.56 13.05 28.01
CA LEU A 113 -31.56 12.10 27.51
C LEU A 113 -32.21 10.79 27.07
N SER A 114 -33.22 10.36 27.80
CA SER A 114 -33.92 9.12 27.48
C SER A 114 -34.69 9.24 26.17
N LEU A 115 -35.29 10.41 25.95
CA LEU A 115 -36.07 10.65 24.75
C LEU A 115 -35.19 10.65 23.51
N ILE A 116 -33.99 11.21 23.65
CA ILE A 116 -33.04 11.28 22.54
C ILE A 116 -32.69 9.87 22.05
N GLU A 117 -32.42 8.97 22.98
CA GLU A 117 -32.09 7.60 22.64
C GLU A 117 -33.27 6.87 22.02
N TYR A 118 -34.48 7.21 22.47
CA TYR A 118 -35.70 6.60 21.94
C TYR A 118 -35.83 6.86 20.45
N TYR A 119 -35.67 8.11 20.05
CA TYR A 119 -35.73 8.47 18.63
C TYR A 119 -34.43 8.09 17.93
N GLN A 120 -33.46 7.60 18.70
CA GLN A 120 -32.18 7.18 18.15
C GLN A 120 -31.49 8.30 17.39
N TRP A 121 -31.23 9.41 18.10
CA TRP A 121 -30.56 10.56 17.51
C TRP A 121 -29.05 10.46 17.71
N ASP A 122 -28.31 10.77 16.66
CA ASP A 122 -26.84 10.75 16.72
C ASP A 122 -26.27 12.12 16.37
N LYS A 123 -27.03 12.91 15.62
CA LYS A 123 -26.62 14.26 15.26
C LYS A 123 -27.81 15.21 15.33
N PHE A 124 -27.75 16.17 16.24
CA PHE A 124 -28.84 17.11 16.44
C PHE A 124 -28.36 18.47 16.89
N ALA A 125 -29.17 19.49 16.67
CA ALA A 125 -28.86 20.85 17.11
C ALA A 125 -29.51 21.11 18.46
N TYR A 126 -28.77 21.78 19.35
CA TYR A 126 -29.26 22.05 20.70
C TYR A 126 -29.29 23.55 21.00
N LEU A 127 -30.43 24.17 20.71
CA LEU A 127 -30.60 25.58 20.99
C LEU A 127 -31.01 25.78 22.45
N TYR A 128 -30.13 26.41 23.23
CA TYR A 128 -30.36 26.55 24.67
C TYR A 128 -30.48 28.01 25.12
N ASP A 129 -31.03 28.19 26.32
CA ASP A 129 -31.15 29.50 26.92
C ASP A 129 -30.50 29.48 28.30
N SER A 130 -29.58 30.40 28.54
CA SER A 130 -28.80 30.42 29.77
C SER A 130 -29.60 30.88 30.98
N ASP A 131 -30.92 31.00 30.83
CA ASP A 131 -31.77 31.49 31.90
C ASP A 131 -31.91 30.50 33.05
N ARG A 132 -32.06 29.22 32.71
CA ARG A 132 -32.25 28.18 33.72
C ARG A 132 -30.97 27.39 33.98
N GLY A 133 -29.83 28.02 33.71
CA GLY A 133 -28.54 27.39 33.93
C GLY A 133 -28.19 26.37 32.86
N LEU A 134 -26.90 26.21 32.60
CA LEU A 134 -26.43 25.27 31.59
C LEU A 134 -26.33 23.86 32.16
N SER A 135 -27.18 23.56 33.14
CA SER A 135 -27.19 22.25 33.77
C SER A 135 -27.58 21.15 32.77
N THR A 136 -28.57 21.43 31.94
CA THR A 136 -29.01 20.48 30.93
C THR A 136 -28.08 20.46 29.72
N LEU A 137 -27.45 21.60 29.46
CA LEU A 137 -26.48 21.69 28.37
C LEU A 137 -25.28 20.79 28.64
N GLN A 138 -24.76 20.87 29.85
CA GLN A 138 -23.65 20.01 30.26
C GLN A 138 -24.07 18.54 30.19
N ALA A 139 -25.34 18.28 30.49
CA ALA A 139 -25.87 16.92 30.47
C ALA A 139 -25.75 16.30 29.08
N VAL A 140 -26.24 17.00 28.07
CA VAL A 140 -26.22 16.49 26.70
C VAL A 140 -24.80 16.48 26.13
N LEU A 141 -23.97 17.42 26.56
CA LEU A 141 -22.60 17.50 26.07
C LEU A 141 -21.77 16.35 26.64
N ASP A 142 -21.93 16.07 27.93
CA ASP A 142 -21.21 14.99 28.57
C ASP A 142 -21.65 13.63 28.01
N SER A 143 -22.95 13.50 27.76
CA SER A 143 -23.50 12.27 27.21
C SER A 143 -23.13 12.13 25.74
N ALA A 144 -22.83 13.25 25.10
CA ALA A 144 -22.42 13.24 23.69
C ALA A 144 -21.07 12.57 23.55
N ALA A 145 -20.29 12.56 24.63
CA ALA A 145 -18.98 11.92 24.62
C ALA A 145 -19.13 10.41 24.72
N GLU A 146 -20.00 9.97 25.62
CA GLU A 146 -20.23 8.55 25.83
C GLU A 146 -21.05 7.93 24.70
N LYS A 147 -22.26 8.46 24.49
CA LYS A 147 -23.15 7.95 23.46
C LYS A 147 -22.68 8.33 22.06
N LYS A 148 -21.61 9.11 21.99
CA LYS A 148 -21.04 9.53 20.71
C LYS A 148 -22.05 10.29 19.84
N TRP A 149 -22.36 11.52 20.25
CA TRP A 149 -23.27 12.36 19.48
C TRP A 149 -22.53 13.56 18.89
N GLN A 150 -23.03 14.08 17.78
CA GLN A 150 -22.51 15.31 17.19
C GLN A 150 -23.46 16.46 17.47
N VAL A 151 -23.38 17.01 18.68
CA VAL A 151 -24.28 18.08 19.10
C VAL A 151 -23.80 19.45 18.65
N THR A 152 -24.73 20.24 18.12
CA THR A 152 -24.43 21.61 17.71
C THR A 152 -25.10 22.59 18.67
N ALA A 153 -24.45 22.86 19.79
CA ALA A 153 -24.99 23.75 20.80
C ALA A 153 -24.90 25.21 20.39
N ILE A 154 -26.00 25.93 20.51
CA ILE A 154 -26.04 27.34 20.15
C ILE A 154 -26.85 28.15 21.17
N ASN A 155 -26.19 29.12 21.80
CA ASN A 155 -26.85 29.96 22.78
C ASN A 155 -27.82 30.94 22.12
N VAL A 156 -29.09 30.59 22.12
CA VAL A 156 -30.13 31.41 21.49
C VAL A 156 -30.67 32.43 22.49
N GLY A 157 -29.92 32.66 23.57
CA GLY A 157 -30.37 33.54 24.63
C GLY A 157 -29.94 34.98 24.49
N ASN A 158 -28.65 35.20 24.25
CA ASN A 158 -28.09 36.55 24.16
C ASN A 158 -28.52 37.32 22.92
N ILE A 159 -29.56 36.84 22.25
CA ILE A 159 -30.05 37.50 21.05
C ILE A 159 -30.85 38.76 21.39
N ASN A 160 -30.29 39.91 21.03
CA ASN A 160 -30.98 41.18 21.27
C ASN A 160 -32.30 41.27 20.50
N ASN A 161 -33.38 41.49 21.22
CA ASN A 161 -34.73 41.39 20.64
C ASN A 161 -35.22 42.55 19.75
N ASP A 162 -34.49 43.68 19.75
CA ASP A 162 -34.83 44.89 18.99
C ASP A 162 -34.19 44.90 17.59
N LYS A 163 -34.06 43.72 17.00
CA LYS A 163 -33.38 43.54 15.71
C LYS A 163 -33.04 42.05 15.55
N LYS A 164 -33.79 41.20 16.25
CA LYS A 164 -33.50 39.75 16.24
C LYS A 164 -34.13 39.05 15.03
N ASP A 165 -33.52 39.22 13.86
CA ASP A 165 -34.03 38.61 12.64
C ASP A 165 -32.87 38.22 11.74
N GLU A 166 -31.92 39.13 11.58
CA GLU A 166 -30.69 38.84 10.85
C GLU A 166 -29.84 37.85 11.65
N THR A 167 -30.28 37.59 12.88
CA THR A 167 -29.60 36.65 13.75
C THR A 167 -30.15 35.25 13.57
N TYR A 168 -31.47 35.15 13.43
CA TYR A 168 -32.13 33.87 13.20
C TYR A 168 -31.82 33.35 11.79
N ARG A 169 -31.75 34.25 10.83
CA ARG A 169 -31.41 33.89 9.47
C ARG A 169 -29.99 33.37 9.41
N SER A 170 -29.11 33.95 10.23
CA SER A 170 -27.73 33.52 10.31
C SER A 170 -27.60 32.32 11.26
N LEU A 171 -28.67 32.03 11.98
CA LEU A 171 -28.70 30.90 12.90
C LEU A 171 -28.98 29.60 12.15
N PHE A 172 -30.02 29.62 11.32
CA PHE A 172 -30.39 28.45 10.52
C PHE A 172 -29.51 28.34 9.27
N GLN A 173 -28.61 29.29 9.11
CA GLN A 173 -27.62 29.23 8.04
C GLN A 173 -26.50 28.29 8.44
N ASP A 174 -26.20 28.27 9.73
CA ASP A 174 -25.19 27.36 10.27
C ASP A 174 -25.82 25.99 10.49
N LEU A 175 -27.12 25.96 10.71
CA LEU A 175 -27.85 24.72 10.89
C LEU A 175 -28.19 24.10 9.54
N GLU A 176 -27.59 24.63 8.48
CA GLU A 176 -27.81 24.13 7.14
C GLU A 176 -26.50 23.60 6.54
N LEU A 177 -25.38 24.01 7.12
CA LEU A 177 -24.07 23.52 6.71
C LEU A 177 -24.01 22.02 6.89
N LYS A 178 -24.61 21.54 7.97
CA LYS A 178 -24.68 20.11 8.25
C LYS A 178 -26.09 19.59 8.03
N LYS A 179 -26.92 20.41 7.40
CA LYS A 179 -28.30 20.04 7.09
C LYS A 179 -29.03 19.50 8.31
N GLU A 180 -28.92 20.22 9.43
CA GLU A 180 -29.57 19.82 10.66
C GLU A 180 -31.09 19.81 10.50
N ARG A 181 -31.69 18.65 10.77
CA ARG A 181 -33.14 18.50 10.66
C ARG A 181 -33.76 18.15 12.01
N ARG A 182 -32.90 17.96 13.02
CA ARG A 182 -33.37 17.61 14.35
C ARG A 182 -32.89 18.62 15.39
N VAL A 183 -33.82 19.42 15.90
CA VAL A 183 -33.49 20.50 16.83
C VAL A 183 -34.11 20.29 18.20
N ILE A 184 -33.37 20.61 19.25
CA ILE A 184 -33.88 20.55 20.61
C ILE A 184 -33.96 21.97 21.19
N LEU A 185 -35.18 22.41 21.48
CA LEU A 185 -35.38 23.75 22.03
C LEU A 185 -35.45 23.74 23.55
N ASP A 186 -34.35 24.15 24.19
CA ASP A 186 -34.28 24.24 25.63
C ASP A 186 -34.46 25.69 26.06
N CYS A 187 -35.72 26.15 26.08
CA CYS A 187 -36.01 27.54 26.40
C CYS A 187 -37.27 27.67 27.25
N GLU A 188 -37.59 28.90 27.63
CA GLU A 188 -38.80 29.18 28.37
C GLU A 188 -40.00 29.19 27.43
N ARG A 189 -41.20 29.21 28.00
CA ARG A 189 -42.43 29.18 27.22
C ARG A 189 -42.50 30.33 26.22
N ASP A 190 -41.75 31.39 26.50
CA ASP A 190 -41.76 32.58 25.65
C ASP A 190 -40.76 32.46 24.51
N LYS A 191 -39.50 32.20 24.86
CA LYS A 191 -38.44 32.07 23.86
C LYS A 191 -38.74 30.96 22.86
N VAL A 192 -39.59 30.03 23.26
CA VAL A 192 -39.98 28.92 22.40
C VAL A 192 -40.92 29.39 21.30
N ASN A 193 -41.93 30.17 21.67
CA ASN A 193 -42.89 30.72 20.70
C ASN A 193 -42.20 31.60 19.66
N ASP A 194 -41.20 32.36 20.10
CA ASP A 194 -40.43 33.20 19.20
C ASP A 194 -39.72 32.35 18.15
N ILE A 195 -39.08 31.27 18.60
CA ILE A 195 -38.39 30.35 17.70
C ILE A 195 -39.37 29.64 16.78
N VAL A 196 -40.45 29.11 17.36
CA VAL A 196 -41.48 28.43 16.59
C VAL A 196 -42.03 29.32 15.49
N ASP A 197 -42.24 30.59 15.80
CA ASP A 197 -42.75 31.54 14.81
C ASP A 197 -41.74 31.74 13.69
N GLN A 198 -40.47 31.88 14.04
CA GLN A 198 -39.41 32.03 13.06
C GLN A 198 -39.30 30.78 12.18
N VAL A 199 -39.42 29.62 12.82
CA VAL A 199 -39.35 28.35 12.12
C VAL A 199 -40.40 28.26 11.02
N ILE A 200 -41.62 28.69 11.33
CA ILE A 200 -42.72 28.66 10.37
C ILE A 200 -42.47 29.66 9.23
N THR A 201 -41.91 30.80 9.57
CA THR A 201 -41.64 31.85 8.59
C THR A 201 -40.66 31.35 7.52
N ILE A 202 -39.55 30.78 7.96
CA ILE A 202 -38.54 30.26 7.04
C ILE A 202 -38.98 28.91 6.45
N GLY A 203 -40.07 28.37 6.97
CA GLY A 203 -40.64 27.15 6.43
C GLY A 203 -39.95 25.87 6.86
N LYS A 204 -39.21 25.94 7.96
CA LYS A 204 -38.51 24.76 8.48
C LYS A 204 -39.39 24.00 9.47
N HIS A 205 -40.69 23.98 9.20
CA HIS A 205 -41.65 23.29 10.05
C HIS A 205 -42.40 22.22 9.26
N VAL A 206 -41.90 21.91 8.07
CA VAL A 206 -42.51 20.92 7.22
C VAL A 206 -41.95 19.52 7.51
N LYS A 207 -42.51 18.51 6.85
CA LYS A 207 -42.06 17.14 7.04
C LYS A 207 -40.57 17.01 6.80
N GLY A 208 -39.88 16.36 7.73
CA GLY A 208 -38.44 16.18 7.64
C GLY A 208 -37.73 16.72 8.86
N TYR A 209 -38.34 17.72 9.49
CA TYR A 209 -37.79 18.32 10.70
C TYR A 209 -38.39 17.70 11.96
N HIS A 210 -37.62 17.67 13.02
CA HIS A 210 -38.08 17.11 14.29
C HIS A 210 -37.63 17.98 15.45
N TYR A 211 -38.59 18.58 16.14
CA TYR A 211 -38.28 19.47 17.26
C TYR A 211 -38.64 18.84 18.60
N ILE A 212 -37.83 19.15 19.62
CA ILE A 212 -38.10 18.68 20.97
C ILE A 212 -38.08 19.84 21.95
N ILE A 213 -39.24 20.15 22.51
CA ILE A 213 -39.35 21.24 23.47
C ILE A 213 -38.89 20.77 24.85
N ALA A 214 -37.70 21.21 25.24
CA ALA A 214 -37.09 20.77 26.49
C ALA A 214 -37.59 21.55 27.70
N ASN A 215 -38.88 21.38 28.01
CA ASN A 215 -39.47 21.96 29.22
C ASN A 215 -40.62 21.11 29.73
N LEU A 216 -41.07 21.39 30.94
CA LEU A 216 -42.13 20.61 31.57
C LEU A 216 -43.52 21.12 31.16
N GLY A 217 -43.55 22.08 30.25
CA GLY A 217 -44.80 22.64 29.77
C GLY A 217 -44.95 22.56 28.27
N PHE A 218 -45.21 21.35 27.77
CA PHE A 218 -45.34 21.13 26.33
C PHE A 218 -46.64 21.73 25.78
N THR A 219 -47.72 21.60 26.55
CA THR A 219 -49.02 22.10 26.13
C THR A 219 -49.24 23.52 26.62
N ASP A 220 -48.24 24.07 27.30
CA ASP A 220 -48.34 25.43 27.84
C ASP A 220 -48.23 26.48 26.73
N GLY A 221 -47.54 26.13 25.66
CA GLY A 221 -47.35 27.04 24.54
C GLY A 221 -48.32 26.77 23.40
N ASP A 222 -48.37 27.69 22.45
CA ASP A 222 -49.23 27.54 21.27
C ASP A 222 -48.59 26.58 20.28
N LEU A 223 -49.30 25.48 20.00
CA LEU A 223 -48.78 24.46 19.07
C LEU A 223 -49.62 24.40 17.79
N LEU A 224 -50.78 25.05 17.80
CA LEU A 224 -51.67 25.05 16.65
C LEU A 224 -50.99 25.55 15.38
N LYS A 225 -49.88 26.29 15.56
CA LYS A 225 -49.17 26.86 14.43
C LYS A 225 -48.26 25.87 13.73
N ILE A 226 -47.42 25.16 14.50
CA ILE A 226 -46.55 24.13 13.94
C ILE A 226 -47.18 22.74 14.06
N GLN A 227 -48.50 22.71 14.12
CA GLN A 227 -49.23 21.45 14.27
C GLN A 227 -49.54 20.80 12.92
N PHE A 228 -49.86 21.64 11.94
CA PHE A 228 -50.22 21.15 10.61
C PHE A 228 -49.09 21.33 9.62
N GLY A 229 -47.94 21.82 10.11
CA GLY A 229 -46.79 22.04 9.26
C GLY A 229 -46.25 20.76 8.64
N GLY A 230 -46.17 19.71 9.44
CA GLY A 230 -45.68 18.43 8.97
C GLY A 230 -44.53 17.92 9.81
N ALA A 231 -43.71 18.85 10.32
CA ALA A 231 -42.57 18.48 11.16
C ALA A 231 -43.06 17.92 12.49
N GLU A 232 -42.45 16.81 12.90
CA GLU A 232 -42.81 16.17 14.16
C GLU A 232 -42.29 16.97 15.35
N VAL A 233 -43.16 17.20 16.32
CA VAL A 233 -42.80 17.94 17.52
C VAL A 233 -43.06 17.13 18.78
N SER A 234 -42.05 16.99 19.61
CA SER A 234 -42.17 16.24 20.86
C SER A 234 -41.82 17.15 22.04
N GLY A 235 -42.20 16.71 23.24
CA GLY A 235 -41.93 17.49 24.44
C GLY A 235 -42.27 16.75 25.72
N PHE A 236 -42.41 17.50 26.81
CA PHE A 236 -42.67 16.91 28.12
C PHE A 236 -43.81 17.63 28.82
N GLN A 237 -44.67 16.87 29.49
CA GLN A 237 -45.79 17.44 30.23
C GLN A 237 -45.80 16.91 31.66
N ILE A 238 -45.81 17.83 32.62
CA ILE A 238 -45.79 17.46 34.03
C ILE A 238 -47.20 17.52 34.63
N VAL A 239 -48.05 18.36 34.05
CA VAL A 239 -49.43 18.49 34.50
C VAL A 239 -50.35 17.62 33.65
N ASP A 240 -50.63 16.42 34.13
CA ASP A 240 -51.49 15.48 33.42
C ASP A 240 -52.95 15.88 33.55
N TYR A 241 -53.53 16.39 32.47
CA TYR A 241 -54.91 16.83 32.48
C TYR A 241 -55.88 15.66 32.40
N ASP A 242 -55.34 14.44 32.44
CA ASP A 242 -56.15 13.24 32.42
C ASP A 242 -56.43 12.72 33.83
N ASP A 243 -55.71 13.25 34.81
CA ASP A 243 -55.96 12.90 36.20
C ASP A 243 -57.25 13.56 36.69
N SER A 244 -58.10 12.77 37.33
CA SER A 244 -59.35 13.29 37.89
C SER A 244 -59.06 14.41 38.88
N LEU A 245 -57.88 14.37 39.48
CA LEU A 245 -57.46 15.39 40.43
C LEU A 245 -57.25 16.71 39.71
N VAL A 246 -56.48 16.68 38.62
CA VAL A 246 -56.21 17.87 37.84
C VAL A 246 -57.47 18.32 37.09
N SER A 247 -58.21 17.35 36.58
CA SER A 247 -59.43 17.63 35.84
C SER A 247 -60.42 18.40 36.70
N LYS A 248 -60.48 18.07 37.99
CA LYS A 248 -61.36 18.75 38.92
C LYS A 248 -60.87 20.16 39.21
N PHE A 249 -59.55 20.33 39.26
CA PHE A 249 -58.95 21.64 39.50
C PHE A 249 -59.30 22.60 38.38
N ILE A 250 -59.19 22.14 37.14
CA ILE A 250 -59.49 22.96 35.97
C ILE A 250 -60.96 23.36 35.95
N GLU A 251 -61.83 22.45 36.37
CA GLU A 251 -63.26 22.71 36.41
C GLU A 251 -63.58 23.99 37.18
N ARG A 252 -62.79 24.24 38.23
CA ARG A 252 -63.00 25.43 39.07
C ARG A 252 -62.08 26.57 38.62
N TRP A 253 -60.92 26.22 38.09
CA TRP A 253 -59.95 27.20 37.64
C TRP A 253 -60.44 27.94 36.40
N SER A 254 -60.94 27.19 35.42
CA SER A 254 -61.39 27.77 34.15
C SER A 254 -62.57 28.71 34.33
N THR A 255 -63.25 28.62 35.47
CA THR A 255 -64.45 29.42 35.72
C THR A 255 -64.15 30.68 36.53
N LEU A 256 -63.05 30.66 37.27
CA LEU A 256 -62.67 31.79 38.11
C LEU A 256 -62.66 33.10 37.32
N GLU A 257 -63.02 34.19 37.99
CA GLU A 257 -63.05 35.51 37.36
C GLU A 257 -61.64 35.97 37.02
N GLU A 258 -61.43 36.30 35.74
CA GLU A 258 -60.11 36.72 35.27
C GLU A 258 -59.73 38.10 35.81
N LYS A 259 -60.72 38.82 36.33
CA LYS A 259 -60.49 40.15 36.89
C LYS A 259 -59.71 40.05 38.20
N GLU A 260 -60.23 39.25 39.13
CA GLU A 260 -59.59 39.05 40.42
C GLU A 260 -58.41 38.10 40.31
N TYR A 261 -58.55 37.10 39.46
CA TYR A 261 -57.48 36.12 39.24
C TYR A 261 -56.94 36.25 37.82
N PRO A 262 -55.91 37.09 37.64
CA PRO A 262 -55.28 37.35 36.34
C PRO A 262 -54.82 36.07 35.65
N GLY A 263 -55.10 35.96 34.35
CA GLY A 263 -54.69 34.81 33.57
C GLY A 263 -55.07 33.49 34.21
N ALA A 264 -56.31 33.38 34.66
CA ALA A 264 -56.78 32.17 35.33
C ALA A 264 -58.08 31.65 34.73
N HIS A 265 -58.53 32.28 33.64
CA HIS A 265 -59.77 31.88 32.99
C HIS A 265 -59.50 31.03 31.76
N THR A 266 -58.68 30.00 31.93
CA THR A 266 -58.34 29.09 30.83
C THR A 266 -58.49 27.64 31.25
N ALA A 267 -58.47 26.73 30.27
CA ALA A 267 -58.62 25.31 30.53
C ALA A 267 -57.27 24.66 30.85
N THR A 268 -56.20 25.42 30.67
CA THR A 268 -54.85 24.92 30.93
C THR A 268 -54.14 25.79 31.96
N ILE A 269 -52.94 25.36 32.36
CA ILE A 269 -52.17 26.09 33.35
C ILE A 269 -50.67 25.82 33.19
N LYS A 270 -49.88 26.89 33.24
CA LYS A 270 -48.43 26.78 33.13
C LYS A 270 -47.89 25.90 34.26
N TYR A 271 -46.89 25.09 33.94
CA TYR A 271 -46.33 24.16 34.93
C TYR A 271 -45.74 24.90 36.12
N THR A 272 -45.26 26.12 35.89
CA THR A 272 -44.72 26.95 36.95
C THR A 272 -45.83 27.33 37.94
N SER A 273 -47.00 27.63 37.41
CA SER A 273 -48.16 27.99 38.23
C SER A 273 -48.69 26.77 38.97
N ALA A 274 -48.73 25.63 38.27
CA ALA A 274 -49.21 24.39 38.86
C ALA A 274 -48.36 23.96 40.04
N LEU A 275 -47.04 24.20 39.92
CA LEU A 275 -46.12 23.88 41.00
C LEU A 275 -46.32 24.80 42.20
N THR A 276 -46.69 26.05 41.92
CA THR A 276 -46.97 27.02 42.97
C THR A 276 -48.14 26.55 43.82
N TYR A 277 -49.19 26.08 43.15
CA TYR A 277 -50.36 25.55 43.83
C TYR A 277 -50.00 24.33 44.67
N ASP A 278 -49.18 23.45 44.11
CA ASP A 278 -48.73 22.26 44.82
C ASP A 278 -47.79 22.62 45.95
N ALA A 279 -47.15 23.78 45.85
CA ALA A 279 -46.24 24.25 46.88
C ALA A 279 -47.01 24.58 48.15
N VAL A 280 -48.16 25.23 47.99
CA VAL A 280 -49.01 25.58 49.13
C VAL A 280 -49.43 24.33 49.88
N GLN A 281 -49.79 23.29 49.14
CA GLN A 281 -50.21 22.03 49.73
C GLN A 281 -49.09 21.39 50.54
N VAL A 282 -47.86 21.49 50.04
CA VAL A 282 -46.70 20.93 50.72
C VAL A 282 -46.43 21.66 52.03
N MET A 283 -46.55 22.99 51.99
CA MET A 283 -46.30 23.80 53.18
C MET A 283 -47.38 23.58 54.23
N THR A 284 -48.60 23.29 53.79
CA THR A 284 -49.71 23.02 54.69
C THR A 284 -49.51 21.69 55.40
N GLU A 285 -49.26 20.64 54.63
CA GLU A 285 -49.04 19.31 55.18
C GLU A 285 -47.82 19.27 56.09
N ALA A 286 -46.87 20.15 55.82
CA ALA A 286 -45.64 20.21 56.61
C ALA A 286 -45.89 20.82 57.99
N PHE A 287 -46.57 21.96 58.01
CA PHE A 287 -46.88 22.64 59.25
C PHE A 287 -47.93 21.85 60.05
N ARG A 288 -48.65 20.97 59.36
CA ARG A 288 -49.66 20.14 60.01
C ARG A 288 -49.02 18.94 60.69
N ASN A 289 -47.98 18.39 60.06
CA ASN A 289 -47.25 17.27 60.63
C ASN A 289 -46.41 17.68 61.83
N LEU A 290 -46.27 18.99 62.03
CA LEU A 290 -45.54 19.51 63.19
C LEU A 290 -46.47 19.69 64.38
N ARG A 291 -47.73 19.99 64.11
CA ARG A 291 -48.71 20.14 65.17
C ARG A 291 -49.09 18.79 65.74
N LYS A 292 -49.26 17.80 64.86
CA LYS A 292 -49.63 16.45 65.27
C LYS A 292 -48.44 15.71 65.88
N GLN A 293 -47.25 16.25 65.67
CA GLN A 293 -46.03 15.65 66.21
C GLN A 293 -45.63 16.30 67.53
N ARG A 294 -46.45 17.23 67.99
CA ARG A 294 -46.20 17.93 69.26
C ARG A 294 -44.84 18.61 69.26
N ILE A 295 -44.56 19.38 68.22
CA ILE A 295 -43.28 20.08 68.12
C ILE A 295 -43.48 21.59 68.14
N GLU A 296 -42.98 22.23 69.20
CA GLU A 296 -43.08 23.68 69.35
C GLU A 296 -41.97 24.38 68.59
N ILE A 297 -42.34 25.31 67.73
CA ILE A 297 -41.38 26.02 66.90
C ILE A 297 -41.62 27.54 66.91
N SER A 298 -42.60 27.98 67.70
CA SER A 298 -42.88 29.40 67.85
C SER A 298 -41.62 30.15 68.27
N ARG A 299 -41.26 31.18 67.52
CA ARG A 299 -40.08 31.98 67.80
C ARG A 299 -40.18 32.68 69.15
N ARG A 300 -39.05 32.77 69.86
CA ARG A 300 -39.02 33.42 71.17
C ARG A 300 -39.08 34.94 71.04
N GLY A 301 -38.73 35.44 69.87
CA GLY A 301 -38.75 36.88 69.61
C GLY A 301 -38.23 37.21 68.23
N ASN A 302 -37.97 38.50 68.00
CA ASN A 302 -37.44 38.96 66.72
C ASN A 302 -36.15 38.23 66.35
N ALA A 303 -36.00 37.94 65.07
CA ALA A 303 -34.84 37.16 64.60
C ALA A 303 -33.59 38.03 64.49
N GLY A 304 -33.79 39.33 64.33
CA GLY A 304 -32.69 40.26 64.23
C GLY A 304 -32.21 40.44 62.79
N ASP A 305 -31.17 41.24 62.63
CA ASP A 305 -30.61 41.50 61.30
C ASP A 305 -29.92 40.24 60.77
N CYS A 306 -30.16 39.92 59.50
CA CYS A 306 -29.59 38.73 58.89
C CYS A 306 -28.07 38.82 58.76
N LEU A 307 -27.56 40.05 58.72
CA LEU A 307 -26.12 40.27 58.60
C LEU A 307 -25.43 40.15 59.95
N ALA A 308 -26.19 39.78 60.98
CA ALA A 308 -25.65 39.63 62.33
C ALA A 308 -24.40 38.78 62.34
N ASN A 309 -23.34 39.28 62.96
CA ASN A 309 -22.07 38.57 63.03
C ASN A 309 -21.57 38.47 64.46
N PRO A 310 -21.32 37.24 64.94
CA PRO A 310 -21.51 35.98 64.19
C PRO A 310 -22.98 35.67 63.94
N ALA A 311 -23.27 35.04 62.81
CA ALA A 311 -24.64 34.65 62.48
C ALA A 311 -25.01 33.34 63.14
N VAL A 312 -26.02 33.37 64.00
CA VAL A 312 -26.47 32.18 64.71
C VAL A 312 -27.79 31.66 64.17
N PRO A 313 -27.77 30.43 63.63
CA PRO A 313 -28.96 29.76 63.08
C PRO A 313 -29.90 29.31 64.19
N TRP A 314 -31.17 29.67 64.08
CA TRP A 314 -32.17 29.25 65.07
C TRP A 314 -32.52 27.77 64.88
N GLY A 315 -32.28 26.98 65.93
CA GLY A 315 -32.44 25.54 65.85
C GLY A 315 -33.81 25.06 65.38
N GLN A 316 -34.82 25.90 65.55
CA GLN A 316 -36.18 25.54 65.14
C GLN A 316 -36.29 25.36 63.63
N GLY A 317 -35.30 25.87 62.90
CA GLY A 317 -35.29 25.76 61.45
C GLY A 317 -34.96 24.36 60.96
N VAL A 318 -34.13 23.65 61.71
CA VAL A 318 -33.75 22.30 61.35
C VAL A 318 -34.96 21.38 61.28
N GLU A 319 -35.93 21.61 62.15
CA GLU A 319 -37.14 20.81 62.19
C GLU A 319 -38.10 21.15 61.05
N ILE A 320 -38.14 22.43 60.68
CA ILE A 320 -38.99 22.88 59.59
C ILE A 320 -38.55 22.26 58.28
N GLU A 321 -37.25 22.01 58.14
CA GLU A 321 -36.71 21.37 56.95
C GLU A 321 -37.10 19.90 56.90
N ARG A 322 -36.90 19.20 58.01
CA ARG A 322 -37.23 17.78 58.10
C ARG A 322 -38.73 17.55 57.93
N ALA A 323 -39.50 18.62 58.02
CA ALA A 323 -40.95 18.54 57.85
C ALA A 323 -41.32 18.61 56.38
N LEU A 324 -40.88 19.68 55.72
CA LEU A 324 -41.15 19.87 54.30
C LEU A 324 -40.62 18.71 53.46
N LYS A 325 -39.41 18.27 53.78
CA LYS A 325 -38.77 17.21 53.02
C LYS A 325 -39.43 15.85 53.28
N GLN A 326 -40.19 15.76 54.36
CA GLN A 326 -40.87 14.51 54.72
C GLN A 326 -42.27 14.46 54.11
N VAL A 327 -42.74 15.61 53.63
CA VAL A 327 -44.08 15.71 53.05
C VAL A 327 -44.22 14.79 51.84
N GLN A 328 -45.41 14.21 51.67
CA GLN A 328 -45.69 13.37 50.51
C GLN A 328 -47.18 13.33 50.22
N VAL A 329 -47.64 14.22 49.34
CA VAL A 329 -49.05 14.29 48.98
C VAL A 329 -49.22 14.21 47.47
N GLU A 330 -50.47 14.26 47.01
CA GLU A 330 -50.76 14.21 45.58
C GLU A 330 -51.19 15.58 45.08
N GLY A 331 -50.53 16.06 44.04
CA GLY A 331 -50.81 17.37 43.48
C GLY A 331 -51.01 17.37 41.98
N LEU A 332 -51.05 18.55 41.40
CA LEU A 332 -51.24 18.71 39.95
C LEU A 332 -50.07 18.09 39.18
N SER A 333 -48.88 18.14 39.78
CA SER A 333 -47.68 17.62 39.13
C SER A 333 -47.38 16.18 39.57
N GLY A 334 -48.42 15.37 39.65
CA GLY A 334 -48.27 13.98 40.02
C GLY A 334 -47.87 13.78 41.47
N ASN A 335 -47.34 12.60 41.78
CA ASN A 335 -46.92 12.27 43.13
C ASN A 335 -45.74 13.13 43.58
N ILE A 336 -45.92 13.81 44.70
CA ILE A 336 -44.87 14.70 45.22
C ILE A 336 -44.10 14.05 46.36
N LYS A 337 -42.81 13.85 46.15
CA LYS A 337 -41.93 13.29 47.18
C LYS A 337 -40.56 13.94 47.12
N PHE A 338 -39.84 13.92 48.23
CA PHE A 338 -38.53 14.57 48.30
C PHE A 338 -37.47 13.67 48.92
N ASP A 339 -36.21 14.00 48.68
CA ASP A 339 -35.10 13.32 49.32
C ASP A 339 -34.50 14.21 50.41
N GLN A 340 -33.38 13.78 50.98
CA GLN A 340 -32.75 14.52 52.08
C GLN A 340 -32.29 15.91 51.65
N ASN A 341 -32.11 16.10 50.34
CA ASN A 341 -31.62 17.38 49.82
C ASN A 341 -32.74 18.36 49.49
N GLY A 342 -33.76 17.88 48.80
CA GLY A 342 -34.88 18.72 48.41
C GLY A 342 -35.34 18.46 46.99
N LYS A 343 -34.53 17.73 46.24
CA LYS A 343 -34.88 17.37 44.87
C LYS A 343 -36.01 16.34 44.86
N ARG A 344 -37.00 16.57 43.99
CA ARG A 344 -38.15 15.68 43.92
C ARG A 344 -37.77 14.29 43.42
N ILE A 345 -38.45 13.27 43.94
CA ILE A 345 -38.21 11.89 43.54
C ILE A 345 -39.53 11.15 43.33
N ASN A 346 -39.44 9.96 42.75
CA ASN A 346 -40.62 9.15 42.48
C ASN A 346 -41.69 9.94 41.75
N TYR A 347 -41.29 10.70 40.74
CA TYR A 347 -42.22 11.51 39.96
C TYR A 347 -42.42 10.93 38.56
N THR A 348 -43.33 11.53 37.81
CA THR A 348 -43.65 11.05 36.46
C THR A 348 -43.78 12.19 35.47
N ILE A 349 -43.05 12.09 34.37
CA ILE A 349 -43.10 13.09 33.31
C ILE A 349 -43.61 12.47 32.01
N ASN A 350 -44.80 12.90 31.59
CA ASN A 350 -45.41 12.37 30.37
C ASN A 350 -44.72 12.87 29.10
N ILE A 351 -44.36 11.94 28.23
CA ILE A 351 -43.78 12.29 26.93
C ILE A 351 -44.89 12.59 25.93
N MET A 352 -44.81 13.75 25.30
CA MET A 352 -45.87 14.19 24.39
C MET A 352 -45.42 14.30 22.95
N GLU A 353 -46.33 14.01 22.03
CA GLU A 353 -46.10 14.21 20.60
C GLU A 353 -47.26 15.01 20.01
N LEU A 354 -46.95 15.88 19.06
CA LEU A 354 -47.98 16.71 18.44
C LEU A 354 -48.48 16.11 17.13
N LYS A 355 -49.71 15.62 17.14
CA LYS A 355 -50.30 15.05 15.94
C LYS A 355 -51.25 16.03 15.27
N THR A 356 -52.01 15.56 14.29
CA THR A 356 -52.94 16.41 13.57
C THR A 356 -54.11 16.84 14.43
N ASN A 357 -54.62 15.91 15.24
CA ASN A 357 -55.75 16.20 16.12
C ASN A 357 -55.34 16.96 17.38
N GLY A 358 -54.03 17.14 17.55
CA GLY A 358 -53.51 17.85 18.71
C GLY A 358 -52.52 17.01 19.49
N PRO A 359 -52.01 17.55 20.61
CA PRO A 359 -51.06 16.86 21.48
C PRO A 359 -51.60 15.50 21.94
N ARG A 360 -50.69 14.56 22.19
CA ARG A 360 -51.09 13.23 22.61
C ARG A 360 -49.96 12.53 23.37
N LYS A 361 -50.28 12.02 24.56
CA LYS A 361 -49.30 11.33 25.39
C LYS A 361 -48.95 9.96 24.78
N ILE A 362 -47.67 9.75 24.52
CA ILE A 362 -47.21 8.50 23.93
C ILE A 362 -46.52 7.63 24.98
N GLY A 363 -46.41 8.15 26.19
CA GLY A 363 -45.78 7.42 27.28
C GLY A 363 -45.35 8.35 28.41
N TYR A 364 -44.61 7.79 29.37
CA TYR A 364 -44.14 8.57 30.51
C TYR A 364 -42.69 8.25 30.83
N TRP A 365 -42.12 8.99 31.77
CA TRP A 365 -40.74 8.76 32.18
C TRP A 365 -40.61 8.72 33.70
N SER A 366 -40.14 7.59 34.21
CA SER A 366 -39.92 7.43 35.64
C SER A 366 -38.43 7.44 35.93
N GLU A 367 -38.06 8.00 37.08
CA GLU A 367 -36.65 8.06 37.47
C GLU A 367 -36.07 6.67 37.69
N VAL A 368 -36.95 5.68 37.77
CA VAL A 368 -36.52 4.31 38.05
C VAL A 368 -36.82 3.36 36.89
N ASP A 369 -37.74 3.77 36.01
CA ASP A 369 -38.16 2.92 34.90
C ASP A 369 -37.80 3.53 33.55
N LYS A 370 -37.12 4.67 33.57
CA LYS A 370 -36.80 5.40 32.36
C LYS A 370 -38.07 5.67 31.55
N MET A 371 -37.98 5.54 30.23
CA MET A 371 -39.13 5.78 29.37
C MET A 371 -39.97 4.53 29.19
N VAL A 372 -41.29 4.68 29.28
CA VAL A 372 -42.23 3.58 29.09
C VAL A 372 -43.42 4.03 28.25
N LEU A 373 -43.59 3.40 27.08
CA LEU A 373 -44.62 3.81 26.14
C LEU A 373 -46.02 3.39 26.56
N THR A 374 -47.00 4.25 26.30
CA THR A 374 -48.40 3.96 26.58
C THR A 374 -49.11 3.60 25.27
N GLU A 375 -49.49 2.33 25.15
CA GLU A 375 -50.18 1.85 23.96
C GLU A 375 -51.47 2.60 23.69
N ASP A 376 -51.85 2.69 22.42
CA ASP A 376 -53.07 3.39 22.03
C ASP A 376 -53.08 3.69 20.54
N ASP A 377 -52.38 2.86 19.77
CA ASP A 377 -52.31 3.04 18.32
C ASP A 377 -53.69 3.35 17.73
N THR A 378 -54.73 3.01 18.48
CA THR A 378 -56.11 3.25 18.03
C THR A 378 -56.25 4.65 17.44
N SER A 379 -55.65 4.86 16.28
CA SER A 379 -55.71 6.16 15.60
C SER A 379 -55.16 6.06 14.19
N GLY A 380 -54.15 5.21 14.00
CA GLY A 380 -53.54 5.03 12.70
C GLY A 380 -54.56 4.95 11.58
N LEU A 381 -55.22 6.07 11.30
CA LEU A 381 -56.22 6.12 10.25
C LEU A 381 -55.60 6.48 8.90
N GLU A 382 -55.59 7.77 8.57
CA GLU A 382 -55.02 8.24 7.32
C GLU A 382 -53.62 7.68 7.10
N GLN A 383 -52.89 7.48 8.19
CA GLN A 383 -51.54 6.95 8.13
C GLN A 383 -50.61 7.90 7.39
N LYS A 384 -51.19 8.87 6.70
CA LYS A 384 -50.41 9.85 5.95
C LYS A 384 -49.88 9.26 4.65
N THR A 385 -50.51 9.62 3.54
CA THR A 385 -50.11 9.12 2.23
C THR A 385 -48.58 9.20 2.06
N VAL A 386 -47.94 8.04 2.03
CA VAL A 386 -46.48 7.98 1.87
C VAL A 386 -45.96 8.87 0.75
N VAL A 387 -44.80 9.49 0.98
CA VAL A 387 -44.18 10.34 -0.02
C VAL A 387 -43.17 9.55 -0.84
N VAL A 388 -43.50 9.28 -2.10
CA VAL A 388 -42.64 8.52 -2.99
C VAL A 388 -41.86 9.44 -3.91
N THR A 389 -40.55 9.48 -3.76
CA THR A 389 -39.70 10.30 -4.62
C THR A 389 -39.20 9.49 -5.80
N THR A 390 -39.12 10.14 -6.96
CA THR A 390 -38.66 9.48 -8.18
C THR A 390 -38.12 10.50 -9.18
N ILE A 391 -37.32 10.03 -10.13
CA ILE A 391 -36.72 10.89 -11.13
C ILE A 391 -37.39 10.71 -12.49
N LEU A 392 -37.38 11.78 -13.29
CA LEU A 392 -37.95 11.73 -14.63
C LEU A 392 -36.96 11.10 -15.61
N GLU A 393 -37.09 9.79 -15.82
CA GLU A 393 -36.21 9.07 -16.72
C GLU A 393 -36.98 8.00 -17.49
N SER A 394 -37.05 8.16 -18.81
CA SER A 394 -37.76 7.23 -19.66
C SER A 394 -37.03 5.90 -19.74
N PRO A 395 -37.79 4.79 -19.75
CA PRO A 395 -39.24 4.76 -19.68
C PRO A 395 -39.74 4.41 -18.27
N TYR A 396 -38.98 4.80 -17.26
CA TYR A 396 -39.33 4.48 -15.88
C TYR A 396 -40.41 5.43 -15.36
N VAL A 397 -40.18 6.73 -15.50
CA VAL A 397 -41.16 7.73 -15.10
C VAL A 397 -41.22 8.86 -16.13
N MET A 398 -42.35 8.96 -16.82
CA MET A 398 -42.53 9.97 -17.86
C MET A 398 -43.83 10.73 -17.67
N MET A 399 -43.89 11.93 -18.24
CA MET A 399 -45.10 12.73 -18.19
C MET A 399 -46.13 12.21 -19.20
N LYS A 400 -47.30 11.84 -18.70
CA LYS A 400 -48.36 11.34 -19.57
C LYS A 400 -48.71 12.36 -20.65
N LYS A 401 -49.30 11.88 -21.74
CA LYS A 401 -49.67 12.74 -22.85
C LYS A 401 -50.40 14.00 -22.38
N ASN A 402 -51.64 13.82 -21.92
CA ASN A 402 -52.43 14.93 -21.41
C ASN A 402 -52.22 15.15 -19.92
N HIS A 403 -50.96 15.33 -19.52
CA HIS A 403 -50.61 15.53 -18.13
C HIS A 403 -51.13 16.87 -17.60
N GLU A 404 -51.37 17.81 -18.51
CA GLU A 404 -51.87 19.12 -18.14
C GLU A 404 -53.34 19.05 -17.72
N MET A 405 -54.03 18.03 -18.21
CA MET A 405 -55.45 17.85 -17.88
C MET A 405 -55.62 16.84 -16.74
N LEU A 406 -54.50 16.42 -16.16
CA LEU A 406 -54.52 15.46 -15.07
C LEU A 406 -53.84 16.00 -13.82
N GLU A 407 -54.01 15.30 -12.70
CA GLU A 407 -53.42 15.72 -11.44
C GLU A 407 -53.05 14.51 -10.59
N GLY A 408 -52.26 14.74 -9.54
CA GLY A 408 -51.86 13.68 -8.64
C GLY A 408 -50.91 12.69 -9.28
N ASN A 409 -51.15 11.41 -9.06
CA ASN A 409 -50.29 10.36 -9.59
C ASN A 409 -50.65 9.98 -11.03
N GLU A 410 -51.83 10.39 -11.47
CA GLU A 410 -52.30 10.09 -12.81
C GLU A 410 -51.48 10.84 -13.87
N ARG A 411 -50.74 11.85 -13.43
CA ARG A 411 -49.93 12.65 -14.34
C ARG A 411 -48.78 11.86 -14.93
N TYR A 412 -48.29 10.86 -14.18
CA TYR A 412 -47.11 10.13 -14.58
C TYR A 412 -47.42 8.71 -15.06
N GLU A 413 -46.51 8.17 -15.87
CA GLU A 413 -46.63 6.81 -16.37
C GLU A 413 -45.23 6.24 -16.65
N GLY A 414 -45.07 4.94 -16.44
CA GLY A 414 -43.80 4.30 -16.69
C GLY A 414 -43.58 3.05 -15.86
N TYR A 415 -42.40 2.45 -16.02
CA TYR A 415 -42.06 1.22 -15.30
C TYR A 415 -42.13 1.40 -13.79
N CYS A 416 -41.48 2.44 -13.29
CA CYS A 416 -41.47 2.71 -11.86
C CYS A 416 -42.82 3.18 -11.35
N VAL A 417 -43.57 3.86 -12.20
CA VAL A 417 -44.91 4.31 -11.84
C VAL A 417 -45.82 3.12 -11.55
N ASP A 418 -45.69 2.09 -12.38
CA ASP A 418 -46.45 0.85 -12.18
C ASP A 418 -45.86 0.07 -11.01
N LEU A 419 -44.54 0.06 -10.91
CA LEU A 419 -43.86 -0.64 -9.84
C LEU A 419 -44.25 -0.06 -8.47
N ALA A 420 -44.53 1.23 -8.45
CA ALA A 420 -44.95 1.90 -7.23
C ALA A 420 -46.30 1.37 -6.76
N ALA A 421 -47.26 1.33 -7.69
CA ALA A 421 -48.59 0.84 -7.37
C ALA A 421 -48.55 -0.60 -6.88
N GLU A 422 -47.69 -1.41 -7.47
CA GLU A 422 -47.53 -2.80 -7.07
C GLU A 422 -46.98 -2.92 -5.66
N ILE A 423 -45.92 -2.18 -5.38
CA ILE A 423 -45.31 -2.18 -4.06
C ILE A 423 -46.31 -1.70 -3.01
N ALA A 424 -47.06 -0.65 -3.35
CA ALA A 424 -48.03 -0.07 -2.44
C ALA A 424 -49.18 -1.04 -2.15
N LYS A 425 -49.47 -1.91 -3.11
CA LYS A 425 -50.55 -2.88 -2.98
C LYS A 425 -50.18 -4.01 -2.04
N HIS A 426 -48.92 -4.46 -2.12
CA HIS A 426 -48.44 -5.56 -1.30
C HIS A 426 -48.01 -5.11 0.08
N CYS A 427 -47.73 -3.80 0.22
CA CYS A 427 -47.34 -3.25 1.51
C CYS A 427 -48.51 -2.53 2.17
N GLY A 428 -49.56 -2.28 1.39
CA GLY A 428 -50.77 -1.65 1.91
C GLY A 428 -50.55 -0.23 2.39
N PHE A 429 -50.52 0.71 1.45
CA PHE A 429 -50.38 2.12 1.79
C PHE A 429 -50.68 3.03 0.60
N LYS A 430 -51.21 4.21 0.88
CA LYS A 430 -51.43 5.22 -0.15
C LYS A 430 -50.15 6.01 -0.34
N TYR A 431 -49.95 6.54 -1.55
CA TYR A 431 -48.73 7.28 -1.85
C TYR A 431 -48.95 8.46 -2.77
N LYS A 432 -47.99 9.38 -2.78
CA LYS A 432 -48.03 10.54 -3.65
C LYS A 432 -46.73 10.66 -4.42
N LEU A 433 -46.79 10.38 -5.73
CA LEU A 433 -45.61 10.45 -6.58
C LEU A 433 -45.10 11.87 -6.69
N THR A 434 -43.82 12.07 -6.35
CA THR A 434 -43.20 13.38 -6.42
C THR A 434 -41.84 13.31 -7.12
N ILE A 435 -41.58 14.28 -7.98
CA ILE A 435 -40.31 14.34 -8.70
C ILE A 435 -39.26 15.09 -7.87
N VAL A 436 -38.07 14.50 -7.78
CA VAL A 436 -36.99 15.10 -7.01
C VAL A 436 -36.64 16.49 -7.54
N GLY A 437 -36.36 17.41 -6.62
CA GLY A 437 -36.08 18.79 -6.98
C GLY A 437 -34.95 18.96 -7.98
N ASP A 438 -33.72 18.76 -7.53
CA ASP A 438 -32.54 18.97 -8.37
C ASP A 438 -32.49 18.00 -9.55
N GLY A 439 -33.31 16.96 -9.51
CA GLY A 439 -33.38 16.00 -10.59
C GLY A 439 -32.17 15.09 -10.70
N LYS A 440 -31.50 14.88 -9.57
CA LYS A 440 -30.34 14.00 -9.53
C LYS A 440 -30.70 12.68 -8.85
N TYR A 441 -29.81 11.70 -8.95
CA TYR A 441 -30.05 10.39 -8.36
C TYR A 441 -29.62 10.35 -6.89
N GLY A 442 -28.33 10.29 -6.65
CA GLY A 442 -27.81 10.24 -5.29
C GLY A 442 -26.30 10.26 -5.21
N ALA A 443 -25.73 11.46 -5.13
CA ALA A 443 -24.29 11.62 -5.01
C ALA A 443 -23.95 12.37 -3.72
N ARG A 444 -22.66 12.47 -3.42
CA ARG A 444 -22.22 13.15 -2.20
C ARG A 444 -21.08 14.12 -2.47
N ASP A 445 -21.40 15.41 -2.45
CA ASP A 445 -20.39 16.45 -2.63
C ASP A 445 -19.30 16.31 -1.58
N ALA A 446 -18.06 16.13 -2.04
CA ALA A 446 -16.93 15.92 -1.14
C ALA A 446 -16.78 17.02 -0.10
N ASP A 447 -16.87 18.27 -0.55
CA ASP A 447 -16.69 19.42 0.33
C ASP A 447 -17.79 19.54 1.38
N THR A 448 -19.00 19.89 0.93
CA THR A 448 -20.11 20.11 1.84
C THR A 448 -20.58 18.82 2.51
N LYS A 449 -20.18 17.68 1.95
CA LYS A 449 -20.57 16.38 2.48
C LYS A 449 -22.09 16.24 2.52
N ILE A 450 -22.76 16.85 1.54
CA ILE A 450 -24.21 16.83 1.47
C ILE A 450 -24.71 15.90 0.37
N TRP A 451 -25.73 15.12 0.68
CA TRP A 451 -26.36 14.24 -0.31
C TRP A 451 -27.35 15.01 -1.16
N ASN A 452 -27.41 14.68 -2.44
CA ASN A 452 -28.35 15.33 -3.35
C ASN A 452 -29.23 14.31 -4.06
N GLY A 453 -30.26 14.81 -4.74
CA GLY A 453 -31.18 13.94 -5.46
C GLY A 453 -32.10 13.17 -4.54
N MET A 454 -32.56 12.02 -5.00
CA MET A 454 -33.49 11.19 -4.24
C MET A 454 -32.85 10.68 -2.95
N VAL A 455 -31.64 10.14 -3.06
CA VAL A 455 -30.91 9.64 -1.90
C VAL A 455 -30.83 10.73 -0.83
N GLY A 456 -30.72 11.98 -1.27
CA GLY A 456 -30.67 13.11 -0.35
C GLY A 456 -32.01 13.32 0.34
N GLU A 457 -33.08 13.40 -0.44
CA GLU A 457 -34.41 13.63 0.10
C GLU A 457 -34.83 12.54 1.08
N LEU A 458 -34.14 11.41 1.03
CA LEU A 458 -34.42 10.31 1.96
C LEU A 458 -33.72 10.53 3.30
N VAL A 459 -32.45 10.92 3.23
CA VAL A 459 -31.65 11.11 4.43
C VAL A 459 -32.10 12.32 5.24
N TYR A 460 -32.68 13.31 4.56
CA TYR A 460 -33.09 14.54 5.23
C TYR A 460 -34.59 14.61 5.47
N GLY A 461 -35.26 13.47 5.34
CA GLY A 461 -36.66 13.34 5.71
C GLY A 461 -37.65 14.01 4.76
N LYS A 462 -37.21 14.29 3.55
CA LYS A 462 -38.09 14.92 2.56
C LYS A 462 -39.07 13.91 1.98
N ALA A 463 -38.62 12.66 1.86
CA ALA A 463 -39.47 11.59 1.32
C ALA A 463 -39.41 10.35 2.20
N ASP A 464 -40.38 9.45 2.01
CA ASP A 464 -40.46 8.24 2.81
C ASP A 464 -39.86 7.04 2.09
N ILE A 465 -39.80 7.11 0.76
CA ILE A 465 -39.32 6.00 -0.04
C ILE A 465 -38.93 6.47 -1.44
N ALA A 466 -37.99 5.76 -2.06
CA ALA A 466 -37.53 6.10 -3.39
C ALA A 466 -37.73 4.96 -4.37
N ILE A 467 -38.67 5.13 -5.29
CA ILE A 467 -38.94 4.14 -6.32
C ILE A 467 -38.50 4.65 -7.68
N ALA A 468 -37.28 4.31 -8.07
CA ALA A 468 -36.70 4.77 -9.32
C ALA A 468 -35.51 3.88 -9.70
N PRO A 469 -34.92 4.11 -10.88
CA PRO A 469 -33.74 3.34 -11.27
C PRO A 469 -32.52 3.73 -10.44
N LEU A 470 -32.61 3.61 -9.13
CA LEU A 470 -31.52 3.96 -8.24
C LEU A 470 -30.53 2.80 -8.10
N THR A 471 -29.29 3.03 -8.53
CA THR A 471 -28.27 1.99 -8.47
C THR A 471 -27.90 1.67 -7.02
N ILE A 472 -27.75 0.38 -6.73
CA ILE A 472 -27.36 -0.07 -5.40
C ILE A 472 -25.85 -0.01 -5.24
N THR A 473 -25.35 1.08 -4.66
CA THR A 473 -23.92 1.26 -4.46
C THR A 473 -23.54 1.21 -2.99
N LEU A 474 -22.29 0.87 -2.71
CA LEU A 474 -21.80 0.79 -1.34
C LEU A 474 -21.90 2.12 -0.63
N VAL A 475 -21.56 3.20 -1.33
CA VAL A 475 -21.59 4.53 -0.74
C VAL A 475 -22.99 4.93 -0.28
N ARG A 476 -24.01 4.36 -0.91
CA ARG A 476 -25.39 4.67 -0.57
C ARG A 476 -25.95 3.69 0.46
N GLU A 477 -25.54 2.43 0.36
CA GLU A 477 -26.01 1.41 1.28
C GLU A 477 -25.64 1.74 2.72
N GLU A 478 -24.68 2.64 2.88
CA GLU A 478 -24.21 3.05 4.20
C GLU A 478 -25.16 4.05 4.86
N VAL A 479 -25.81 4.87 4.05
CA VAL A 479 -26.69 5.92 4.56
C VAL A 479 -28.17 5.53 4.50
N ILE A 480 -28.53 4.74 3.49
CA ILE A 480 -29.92 4.31 3.33
C ILE A 480 -30.01 2.79 3.18
N ASP A 481 -31.23 2.30 3.02
CA ASP A 481 -31.46 0.86 2.86
C ASP A 481 -31.96 0.54 1.45
N PHE A 482 -31.33 -0.45 0.83
CA PHE A 482 -31.74 -0.90 -0.49
C PHE A 482 -32.40 -2.27 -0.44
N SER A 483 -33.60 -2.36 -0.99
CA SER A 483 -34.27 -3.65 -1.14
C SER A 483 -33.52 -4.46 -2.19
N LYS A 484 -33.83 -5.75 -2.28
CA LYS A 484 -33.22 -6.60 -3.30
C LYS A 484 -33.46 -5.99 -4.68
N PRO A 485 -32.55 -6.24 -5.63
CA PRO A 485 -32.64 -5.66 -6.96
C PRO A 485 -33.93 -6.05 -7.68
N PHE A 486 -34.62 -5.07 -8.23
CA PHE A 486 -35.83 -5.33 -9.01
C PHE A 486 -35.51 -5.35 -10.50
N MET A 487 -34.24 -5.20 -10.83
CA MET A 487 -33.78 -5.18 -12.21
C MET A 487 -32.26 -5.21 -12.31
N SER A 488 -31.71 -6.33 -12.71
CA SER A 488 -30.26 -6.47 -12.86
C SER A 488 -29.81 -5.94 -14.21
N LEU A 489 -28.70 -5.20 -14.21
CA LEU A 489 -28.18 -4.60 -15.44
C LEU A 489 -26.65 -4.54 -15.45
N GLY A 490 -26.12 -3.71 -16.33
CA GLY A 490 -24.68 -3.54 -16.46
C GLY A 490 -24.32 -2.61 -17.61
N ILE A 491 -23.04 -2.56 -17.95
CA ILE A 491 -22.56 -1.73 -19.05
C ILE A 491 -22.56 -2.51 -20.36
N SER A 492 -23.18 -1.94 -21.38
CA SER A 492 -23.31 -2.62 -22.68
C SER A 492 -22.68 -1.83 -23.82
N ILE A 493 -22.69 -2.41 -25.01
CA ILE A 493 -22.13 -1.78 -26.19
C ILE A 493 -23.22 -1.46 -27.21
N MET A 494 -23.16 -0.25 -27.76
CA MET A 494 -24.15 0.18 -28.75
C MET A 494 -23.49 0.47 -30.10
N ILE A 495 -24.02 -0.16 -31.14
CA ILE A 495 -23.48 0.03 -32.49
C ILE A 495 -24.59 0.35 -33.49
N LYS A 496 -24.21 1.00 -34.58
CA LYS A 496 -25.17 1.37 -35.62
C LYS A 496 -25.58 0.16 -36.46
N LYS A 497 -26.88 -0.04 -36.62
CA LYS A 497 -27.39 -1.16 -37.40
C LYS A 497 -26.80 -1.17 -38.80
N PRO A 498 -26.80 -2.35 -39.44
CA PRO A 498 -26.26 -2.49 -40.79
C PRO A 498 -27.32 -2.23 -41.85
N GLN A 499 -26.92 -1.58 -42.94
CA GLN A 499 -27.85 -1.27 -44.03
C GLN A 499 -28.13 -2.50 -44.87
N LYS A 500 -28.44 -2.28 -46.14
CA LYS A 500 -28.73 -3.38 -47.06
C LYS A 500 -28.40 -3.00 -48.50
N SER A 501 -28.82 -1.80 -48.90
CA SER A 501 -28.57 -1.31 -50.25
C SER A 501 -27.12 -1.57 -50.67
N LYS A 502 -26.94 -1.98 -51.92
CA LYS A 502 -25.62 -2.26 -52.45
C LYS A 502 -25.71 -2.96 -53.81
N PRO A 503 -26.90 -2.81 -54.50
CA PRO A 503 -26.95 -3.50 -55.79
C PRO A 503 -26.67 -2.54 -56.95
N GLY A 504 -26.67 -3.07 -58.17
CA GLY A 504 -26.42 -2.26 -59.35
C GLY A 504 -25.39 -2.89 -60.27
N VAL A 505 -25.75 -3.00 -61.55
CA VAL A 505 -24.86 -3.58 -62.55
C VAL A 505 -23.45 -3.00 -62.44
N PHE A 506 -23.30 -1.99 -61.58
CA PHE A 506 -22.01 -1.34 -61.38
C PHE A 506 -21.06 -2.16 -60.51
N SER A 507 -21.50 -3.35 -60.10
CA SER A 507 -20.63 -4.27 -59.36
C SER A 507 -19.93 -5.20 -60.34
N PHE A 508 -20.23 -5.02 -61.62
CA PHE A 508 -19.64 -5.80 -62.69
C PHE A 508 -18.61 -4.96 -63.44
N LEU A 509 -18.81 -3.65 -63.43
CA LEU A 509 -17.90 -2.72 -64.07
C LEU A 509 -16.76 -2.35 -63.14
N ASP A 510 -16.87 -2.74 -61.87
CA ASP A 510 -15.86 -2.43 -60.88
C ASP A 510 -14.66 -3.37 -60.95
N PRO A 511 -14.94 -4.67 -60.89
CA PRO A 511 -13.89 -5.69 -60.98
C PRO A 511 -13.03 -5.33 -62.18
N LEU A 512 -13.64 -5.31 -63.35
CA LEU A 512 -12.92 -4.93 -64.54
C LEU A 512 -13.20 -3.44 -64.80
N ALA A 513 -12.14 -2.66 -64.71
CA ALA A 513 -12.16 -1.21 -64.78
C ALA A 513 -12.81 -0.74 -66.07
N TYR A 514 -13.46 0.41 -66.01
CA TYR A 514 -14.08 0.98 -67.20
C TYR A 514 -13.06 1.17 -68.31
N GLU A 515 -11.83 1.50 -67.91
CA GLU A 515 -10.76 1.73 -68.86
C GLU A 515 -10.39 0.42 -69.56
N ILE A 516 -10.49 -0.68 -68.83
CA ILE A 516 -10.15 -1.98 -69.35
C ILE A 516 -11.25 -2.52 -70.27
N TRP A 517 -12.50 -2.30 -69.91
CA TRP A 517 -13.63 -2.69 -70.76
C TRP A 517 -13.52 -1.98 -72.11
N MET A 518 -13.00 -0.76 -72.07
CA MET A 518 -12.85 0.04 -73.28
C MET A 518 -11.79 -0.56 -74.21
N CYS A 519 -10.58 -0.72 -73.68
CA CYS A 519 -9.47 -1.23 -74.47
C CYS A 519 -9.75 -2.62 -75.02
N ILE A 520 -10.42 -3.45 -74.22
CA ILE A 520 -10.76 -4.81 -74.67
C ILE A 520 -11.76 -4.76 -75.82
N VAL A 521 -12.46 -3.63 -75.94
CA VAL A 521 -13.39 -3.43 -77.05
C VAL A 521 -12.67 -2.82 -78.25
N PHE A 522 -11.71 -1.94 -77.98
CA PHE A 522 -10.91 -1.34 -79.04
C PHE A 522 -10.05 -2.41 -79.72
N ALA A 523 -9.45 -3.28 -78.93
CA ALA A 523 -8.67 -4.39 -79.46
C ALA A 523 -9.60 -5.42 -80.09
N TYR A 524 -10.85 -5.44 -79.63
CA TYR A 524 -11.86 -6.32 -80.17
C TYR A 524 -12.11 -6.01 -81.65
N ILE A 525 -12.42 -4.75 -81.93
CA ILE A 525 -12.60 -4.31 -83.31
C ILE A 525 -11.25 -4.19 -84.01
N GLY A 526 -10.19 -4.14 -83.20
CA GLY A 526 -8.84 -4.05 -83.74
C GLY A 526 -8.39 -5.37 -84.33
N VAL A 527 -9.07 -6.45 -83.95
CA VAL A 527 -8.77 -7.78 -84.48
C VAL A 527 -9.73 -8.12 -85.62
N SER A 528 -10.99 -7.70 -85.48
CA SER A 528 -12.00 -7.94 -86.50
C SER A 528 -11.69 -7.12 -87.76
N VAL A 529 -10.82 -6.13 -87.62
CA VAL A 529 -10.41 -5.32 -88.77
C VAL A 529 -9.15 -5.89 -89.41
N VAL A 530 -8.30 -6.48 -88.58
CA VAL A 530 -7.09 -7.14 -89.08
C VAL A 530 -7.46 -8.40 -89.85
N LEU A 531 -8.41 -9.16 -89.31
CA LEU A 531 -8.93 -10.34 -89.99
C LEU A 531 -9.67 -9.93 -91.26
N PHE A 532 -10.31 -8.78 -91.21
CA PHE A 532 -11.06 -8.26 -92.35
C PHE A 532 -10.14 -7.99 -93.54
N LEU A 533 -8.87 -7.72 -93.26
CA LEU A 533 -7.89 -7.45 -94.31
C LEU A 533 -7.31 -8.73 -94.88
N VAL A 534 -7.58 -9.85 -94.20
CA VAL A 534 -7.06 -11.14 -94.63
C VAL A 534 -7.85 -11.70 -95.81
N SER A 535 -9.17 -11.72 -95.69
CA SER A 535 -10.03 -12.22 -96.75
C SER A 535 -9.93 -11.37 -98.00
N THR A 559 -18.81 -5.02 -104.72
CA THR A 559 -17.55 -5.11 -103.97
C THR A 559 -17.68 -4.47 -102.60
N ASN A 560 -18.54 -3.44 -102.51
CA ASN A 560 -18.76 -2.75 -101.24
C ASN A 560 -19.55 -3.60 -100.26
N GLU A 561 -20.53 -4.34 -100.77
CA GLU A 561 -21.35 -5.22 -99.95
C GLU A 561 -20.56 -6.45 -99.53
N PHE A 562 -19.66 -6.89 -100.40
CA PHE A 562 -18.79 -8.04 -100.11
C PHE A 562 -17.92 -7.75 -98.90
N GLY A 563 -17.65 -6.47 -98.65
CA GLY A 563 -16.87 -6.05 -97.50
C GLY A 563 -17.72 -5.96 -96.26
N ILE A 564 -19.03 -5.76 -96.45
CA ILE A 564 -19.97 -5.68 -95.34
C ILE A 564 -20.29 -7.07 -94.80
N PHE A 565 -20.53 -8.01 -95.71
CA PHE A 565 -20.81 -9.39 -95.33
C PHE A 565 -19.61 -10.01 -94.61
N ASN A 566 -18.42 -9.62 -95.04
CA ASN A 566 -17.18 -10.11 -94.43
C ASN A 566 -16.93 -9.45 -93.08
N SER A 567 -17.18 -8.15 -93.00
CA SER A 567 -17.01 -7.40 -91.75
C SER A 567 -17.98 -7.92 -90.69
N LEU A 568 -19.09 -8.49 -91.14
CA LEU A 568 -20.07 -9.07 -90.23
C LEU A 568 -19.67 -10.50 -89.86
N TRP A 569 -18.87 -11.11 -90.72
CA TRP A 569 -18.37 -12.46 -90.48
C TRP A 569 -17.18 -12.42 -89.52
N PHE A 570 -16.33 -11.41 -89.68
CA PHE A 570 -15.19 -11.22 -88.80
C PHE A 570 -15.64 -10.69 -87.44
N SER A 571 -16.82 -10.06 -87.43
CA SER A 571 -17.43 -9.59 -86.19
C SER A 571 -18.06 -10.78 -85.46
N LEU A 572 -18.36 -11.83 -86.21
CA LEU A 572 -18.86 -13.07 -85.63
C LEU A 572 -17.70 -13.91 -85.18
N GLY A 573 -16.57 -13.79 -85.88
CA GLY A 573 -15.33 -14.39 -85.45
C GLY A 573 -14.77 -13.60 -84.29
N ALA A 574 -15.34 -12.41 -84.09
CA ALA A 574 -14.98 -11.54 -82.97
C ALA A 574 -15.80 -11.92 -81.75
N PHE A 575 -17.13 -11.78 -81.86
CA PHE A 575 -18.04 -12.32 -80.86
C PHE A 575 -17.53 -13.71 -80.52
N MET A 576 -16.93 -13.83 -79.34
CA MET A 576 -15.97 -14.89 -79.06
C MET A 576 -16.49 -16.33 -78.96
N GLN A 577 -15.55 -17.26 -79.09
CA GLN A 577 -15.79 -18.68 -78.85
C GLN A 577 -14.53 -19.30 -78.22
N PRO A 584 -9.14 -22.10 -93.02
CA PRO A 584 -8.25 -23.20 -92.62
C PRO A 584 -6.96 -22.70 -91.98
N ARG A 585 -5.83 -23.25 -92.42
CA ARG A 585 -4.53 -22.90 -91.85
C ARG A 585 -3.88 -21.70 -92.52
N SER A 586 -4.56 -20.57 -92.49
CA SER A 586 -4.00 -19.32 -92.99
C SER A 586 -3.10 -18.71 -91.92
N LEU A 587 -1.84 -19.13 -91.91
CA LEU A 587 -0.88 -18.76 -90.87
C LEU A 587 -1.00 -17.30 -90.42
N SER A 588 -1.20 -16.40 -91.37
CA SER A 588 -1.35 -14.98 -91.07
C SER A 588 -2.39 -14.74 -89.98
N GLY A 589 -3.67 -14.85 -90.35
CA GLY A 589 -4.75 -14.64 -89.42
C GLY A 589 -4.86 -15.75 -88.39
N ARG A 590 -4.08 -16.81 -88.57
CA ARG A 590 -4.08 -17.94 -87.65
C ARG A 590 -3.51 -17.55 -86.29
N ILE A 591 -2.32 -16.96 -86.30
CA ILE A 591 -1.68 -16.54 -85.07
C ILE A 591 -2.45 -15.40 -84.42
N VAL A 592 -3.23 -14.68 -85.21
CA VAL A 592 -4.08 -13.62 -84.70
C VAL A 592 -5.15 -14.20 -83.78
N GLY A 593 -5.79 -15.27 -84.23
CA GLY A 593 -6.80 -15.94 -83.45
C GLY A 593 -6.22 -16.57 -82.19
N GLY A 594 -4.98 -17.04 -82.29
CA GLY A 594 -4.31 -17.66 -81.17
C GLY A 594 -3.90 -16.64 -80.12
N VAL A 595 -3.28 -15.54 -80.57
CA VAL A 595 -2.84 -14.48 -79.68
C VAL A 595 -4.03 -13.78 -79.02
N TRP A 596 -5.08 -13.56 -79.80
CA TRP A 596 -6.30 -12.95 -79.28
C TRP A 596 -6.94 -13.86 -78.23
N TRP A 597 -6.82 -15.17 -78.44
CA TRP A 597 -7.36 -16.14 -77.49
C TRP A 597 -6.57 -16.10 -76.18
N PHE A 598 -5.24 -16.04 -76.31
CA PHE A 598 -4.37 -15.95 -75.14
C PHE A 598 -4.61 -14.64 -74.40
N PHE A 599 -4.96 -13.60 -75.16
CA PHE A 599 -5.25 -12.30 -74.59
C PHE A 599 -6.51 -12.34 -73.74
N THR A 600 -7.60 -12.85 -74.31
CA THR A 600 -8.87 -12.93 -73.59
C THR A 600 -8.78 -13.92 -72.44
N LEU A 601 -7.93 -14.93 -72.58
CA LEU A 601 -7.72 -15.91 -71.53
C LEU A 601 -7.19 -15.23 -70.26
N ILE A 602 -6.19 -14.38 -70.44
CA ILE A 602 -5.59 -13.66 -69.33
C ILE A 602 -6.62 -12.73 -68.67
N ILE A 603 -7.38 -12.01 -69.49
CA ILE A 603 -8.37 -11.07 -68.98
C ILE A 603 -9.45 -11.75 -68.15
N ILE A 604 -10.07 -12.78 -68.70
CA ILE A 604 -11.13 -13.50 -68.00
C ILE A 604 -10.58 -14.16 -66.73
N SER A 605 -9.31 -14.53 -66.76
CA SER A 605 -8.66 -15.10 -65.58
C SER A 605 -8.46 -14.02 -64.53
N SER A 606 -8.07 -12.83 -64.99
CA SER A 606 -7.90 -11.69 -64.10
C SER A 606 -9.22 -11.29 -63.47
N TYR A 607 -10.26 -11.21 -64.28
CA TYR A 607 -11.59 -10.86 -63.79
C TYR A 607 -12.05 -11.85 -62.71
N THR A 608 -11.85 -13.13 -62.98
CA THR A 608 -12.25 -14.17 -62.05
C THR A 608 -11.48 -14.07 -60.74
N ALA A 609 -10.16 -13.96 -60.84
CA ALA A 609 -9.31 -13.86 -59.66
C ALA A 609 -9.66 -12.63 -58.83
N ASN A 610 -9.76 -11.48 -59.49
CA ASN A 610 -10.08 -10.23 -58.81
C ASN A 610 -11.44 -10.27 -58.14
N LEU A 611 -12.42 -10.85 -58.82
CA LEU A 611 -13.77 -10.97 -58.29
C LEU A 611 -13.78 -11.84 -57.04
N ALA A 612 -12.83 -12.75 -56.95
CA ALA A 612 -12.72 -13.63 -55.79
C ALA A 612 -12.21 -12.90 -54.54
N ALA A 613 -11.26 -11.98 -54.71
CA ALA A 613 -10.74 -11.27 -53.55
C ALA A 613 -11.81 -10.39 -52.92
N PHE A 614 -12.66 -9.81 -53.75
CA PHE A 614 -13.75 -8.96 -53.27
C PHE A 614 -14.82 -9.77 -52.54
N LEU A 615 -14.88 -11.06 -52.85
CA LEU A 615 -15.85 -11.93 -52.21
C LEU A 615 -15.23 -12.62 -51.00
N THR A 616 -13.92 -12.87 -51.07
CA THR A 616 -13.19 -13.48 -49.96
C THR A 616 -13.14 -12.52 -48.79
N VAL A 617 -12.81 -11.26 -49.07
CA VAL A 617 -12.77 -10.23 -48.05
C VAL A 617 -14.17 -9.91 -47.54
N GLU A 618 -15.16 -10.03 -48.43
CA GLU A 618 -16.55 -9.75 -48.07
C GLU A 618 -16.98 -10.74 -47.00
N ARG A 619 -16.36 -11.90 -46.99
CA ARG A 619 -16.68 -12.87 -45.97
C ARG A 619 -15.82 -12.68 -44.75
N MET A 620 -14.58 -12.23 -44.96
CA MET A 620 -13.67 -11.96 -43.85
C MET A 620 -14.30 -11.03 -42.81
N VAL A 621 -15.03 -10.03 -43.28
CA VAL A 621 -15.68 -9.07 -42.40
C VAL A 621 -16.45 -9.78 -41.30
N SER A 622 -16.09 -9.49 -40.05
CA SER A 622 -16.75 -10.10 -38.89
C SER A 622 -17.20 -9.03 -37.90
N PRO A 623 -18.54 -8.71 -37.91
CA PRO A 623 -18.94 -7.68 -36.93
C PRO A 623 -18.50 -8.06 -35.51
N ILE A 624 -18.46 -7.08 -34.62
CA ILE A 624 -18.06 -7.31 -33.24
C ILE A 624 -19.03 -8.25 -32.53
N GLU A 625 -19.07 -8.18 -31.21
CA GLU A 625 -19.95 -9.03 -30.41
C GLU A 625 -19.60 -8.96 -28.93
N SER A 626 -18.32 -8.75 -28.64
CA SER A 626 -17.86 -8.66 -27.26
C SER A 626 -17.00 -7.43 -27.05
N ALA A 627 -16.70 -7.14 -25.79
CA ALA A 627 -15.89 -5.97 -25.43
C ALA A 627 -14.44 -6.19 -25.85
N GLU A 628 -13.99 -7.44 -25.79
CA GLU A 628 -12.64 -7.79 -26.18
C GLU A 628 -12.39 -7.46 -27.65
N ASP A 629 -13.47 -7.43 -28.42
CA ASP A 629 -13.38 -7.12 -29.85
C ASP A 629 -13.08 -5.65 -30.09
N LEU A 630 -13.50 -4.81 -29.15
CA LEU A 630 -13.25 -3.37 -29.25
C LEU A 630 -11.79 -3.04 -28.95
N SER A 631 -11.15 -3.87 -28.13
CA SER A 631 -9.76 -3.65 -27.74
C SER A 631 -8.79 -4.22 -28.77
N LYS A 632 -9.19 -5.30 -29.42
CA LYS A 632 -8.33 -5.98 -30.39
C LYS A 632 -8.24 -5.22 -31.70
N GLN A 633 -9.13 -4.26 -31.90
CA GLN A 633 -9.14 -3.47 -33.13
C GLN A 633 -9.13 -1.97 -32.84
N THR A 634 -8.93 -1.17 -33.88
CA THR A 634 -8.86 0.28 -33.73
C THR A 634 -9.66 1.01 -34.79
N GLU A 635 -10.01 0.31 -35.86
CA GLU A 635 -10.77 0.88 -36.96
C GLU A 635 -12.05 1.56 -36.45
N ILE A 636 -12.74 0.89 -35.54
CA ILE A 636 -13.97 1.42 -34.97
C ILE A 636 -13.72 2.09 -33.62
N ALA A 637 -13.81 3.41 -33.59
CA ALA A 637 -13.63 4.16 -32.36
C ALA A 637 -14.76 3.89 -31.39
N TYR A 638 -14.53 4.20 -30.11
CA TYR A 638 -15.55 3.99 -29.09
C TYR A 638 -15.25 4.81 -27.84
N GLY A 639 -16.29 5.18 -27.11
CA GLY A 639 -16.13 5.97 -25.90
C GLY A 639 -17.33 5.89 -24.99
N THR A 640 -17.29 6.62 -23.88
CA THR A 640 -18.38 6.64 -22.91
C THR A 640 -18.78 8.07 -22.59
N LEU A 641 -19.65 8.23 -21.59
CA LEU A 641 -20.05 9.56 -21.15
C LEU A 641 -18.89 10.23 -20.43
N ASP A 642 -18.70 11.52 -20.68
CA ASP A 642 -17.57 12.26 -20.12
C ASP A 642 -17.58 12.26 -18.59
N SER A 643 -18.75 12.01 -18.00
CA SER A 643 -18.87 11.99 -16.55
C SER A 643 -19.95 10.99 -16.11
N GLY A 644 -19.60 10.11 -15.19
CA GLY A 644 -20.52 9.12 -14.69
C GLY A 644 -19.83 7.83 -14.26
N SER A 645 -20.59 6.93 -13.66
CA SER A 645 -20.05 5.66 -13.19
C SER A 645 -19.49 4.83 -14.35
N THR A 646 -20.06 5.03 -15.53
CA THR A 646 -19.62 4.30 -16.71
C THR A 646 -18.16 4.61 -17.04
N LYS A 647 -17.84 5.89 -17.10
CA LYS A 647 -16.47 6.32 -17.39
C LYS A 647 -15.53 5.97 -16.24
N GLU A 648 -15.98 6.25 -15.02
CA GLU A 648 -15.16 5.99 -13.84
C GLU A 648 -14.91 4.49 -13.66
N PHE A 649 -15.75 3.68 -14.29
CA PHE A 649 -15.61 2.23 -14.22
C PHE A 649 -14.32 1.77 -14.89
N PHE A 650 -14.14 2.16 -16.14
CA PHE A 650 -12.95 1.79 -16.90
C PHE A 650 -11.68 2.36 -16.27
N ARG A 651 -11.78 3.58 -15.77
CA ARG A 651 -10.63 4.25 -15.16
C ARG A 651 -10.09 3.47 -13.96
N ARG A 652 -11.01 2.95 -13.15
CA ARG A 652 -10.64 2.25 -11.93
C ARG A 652 -10.53 0.74 -12.12
N SER A 653 -11.04 0.25 -13.25
CA SER A 653 -11.04 -1.18 -13.53
C SER A 653 -9.63 -1.73 -13.70
N LYS A 654 -9.33 -2.81 -12.99
CA LYS A 654 -8.02 -3.44 -13.07
C LYS A 654 -8.08 -4.71 -13.92
N ILE A 655 -9.19 -4.90 -14.61
CA ILE A 655 -9.37 -6.08 -15.46
C ILE A 655 -8.60 -5.91 -16.77
N ALA A 656 -8.06 -7.01 -17.27
CA ALA A 656 -7.23 -7.00 -18.48
C ALA A 656 -7.84 -6.21 -19.63
N VAL A 657 -8.95 -6.71 -20.16
CA VAL A 657 -9.59 -6.10 -21.33
C VAL A 657 -9.96 -4.64 -21.09
N PHE A 658 -10.72 -4.38 -20.03
CA PHE A 658 -11.20 -3.04 -19.74
C PHE A 658 -10.06 -2.05 -19.52
N ASP A 659 -8.91 -2.57 -19.08
CA ASP A 659 -7.74 -1.73 -18.88
C ASP A 659 -7.29 -1.10 -20.19
N LYS A 660 -7.02 -1.94 -21.18
CA LYS A 660 -6.59 -1.47 -22.50
C LYS A 660 -7.60 -0.49 -23.08
N MET A 661 -8.88 -0.80 -22.94
CA MET A 661 -9.95 0.06 -23.45
C MET A 661 -9.82 1.47 -22.90
N TRP A 662 -9.64 1.57 -21.58
CA TRP A 662 -9.50 2.87 -20.93
C TRP A 662 -8.26 3.60 -21.42
N THR A 663 -7.15 2.87 -21.54
CA THR A 663 -5.91 3.45 -22.04
C THR A 663 -6.12 4.13 -23.37
N TYR A 664 -6.91 3.49 -24.24
CA TYR A 664 -7.22 4.04 -25.56
C TYR A 664 -8.08 5.29 -25.44
N MET A 665 -9.21 5.17 -24.73
CA MET A 665 -10.15 6.26 -24.59
C MET A 665 -9.54 7.46 -23.85
N ARG A 666 -8.58 7.18 -22.99
CA ARG A 666 -7.97 8.22 -22.16
C ARG A 666 -7.15 9.22 -22.98
N SER A 667 -6.64 8.77 -24.12
CA SER A 667 -5.79 9.61 -24.96
C SER A 667 -6.25 9.65 -26.41
N ALA A 668 -7.46 9.13 -26.65
CA ALA A 668 -8.01 9.09 -28.01
C ALA A 668 -8.37 10.48 -28.50
N GLU A 669 -7.96 10.80 -29.72
CA GLU A 669 -8.25 12.09 -30.33
C GLU A 669 -8.90 11.92 -31.70
N PRO A 670 -9.98 12.66 -31.97
CA PRO A 670 -10.61 13.62 -31.05
C PRO A 670 -11.27 12.92 -29.85
N SER A 671 -11.86 13.71 -28.97
CA SER A 671 -12.50 13.18 -27.76
C SER A 671 -13.55 12.13 -28.11
N VAL A 672 -13.40 10.94 -27.53
CA VAL A 672 -14.35 9.85 -27.74
C VAL A 672 -15.49 9.93 -26.73
N PHE A 673 -15.39 10.87 -25.81
CA PHE A 673 -16.42 11.06 -24.80
C PHE A 673 -17.45 12.10 -25.24
N VAL A 674 -18.70 11.88 -24.88
CA VAL A 674 -19.78 12.80 -25.25
C VAL A 674 -20.32 13.53 -24.03
N ARG A 675 -21.03 14.63 -24.27
CA ARG A 675 -21.59 15.44 -23.20
C ARG A 675 -22.79 14.76 -22.56
N THR A 676 -23.76 14.37 -23.39
CA THR A 676 -24.96 13.71 -22.91
C THR A 676 -25.16 12.37 -23.60
N THR A 677 -26.15 11.60 -23.13
CA THR A 677 -26.44 10.30 -23.72
C THR A 677 -26.99 10.45 -25.14
N ALA A 678 -27.75 11.52 -25.37
CA ALA A 678 -28.31 11.80 -26.68
C ALA A 678 -27.22 12.04 -27.71
N GLU A 679 -26.17 12.75 -27.28
CA GLU A 679 -25.04 13.04 -28.16
C GLU A 679 -24.32 11.76 -28.55
N GLY A 680 -24.18 10.84 -27.60
CA GLY A 680 -23.53 9.57 -27.85
C GLY A 680 -24.27 8.74 -28.88
N VAL A 681 -25.58 8.65 -28.73
CA VAL A 681 -26.41 7.92 -29.67
C VAL A 681 -26.34 8.54 -31.07
N ALA A 682 -26.37 9.87 -31.11
CA ALA A 682 -26.29 10.60 -32.37
C ALA A 682 -24.96 10.32 -33.07
N ARG A 683 -23.90 10.19 -32.29
CA ARG A 683 -22.57 9.92 -32.83
C ARG A 683 -22.50 8.54 -33.46
N VAL A 684 -23.26 7.60 -32.89
CA VAL A 684 -23.28 6.23 -33.41
C VAL A 684 -24.14 6.15 -34.67
N ARG A 685 -25.14 7.01 -34.76
CA ARG A 685 -26.06 7.01 -35.89
C ARG A 685 -25.52 7.80 -37.08
N LYS A 686 -24.46 8.57 -36.85
CA LYS A 686 -23.91 9.44 -37.89
C LYS A 686 -22.47 9.08 -38.26
N SER A 687 -21.97 7.98 -37.71
CA SER A 687 -20.61 7.54 -38.00
C SER A 687 -20.56 6.35 -38.94
N LYS A 688 -21.73 5.92 -39.39
CA LYS A 688 -21.84 4.79 -40.32
C LYS A 688 -21.18 3.53 -39.76
N GLY A 689 -21.26 3.37 -38.44
CA GLY A 689 -20.72 2.19 -37.78
C GLY A 689 -19.24 2.31 -37.45
N LYS A 690 -18.74 3.54 -37.42
CA LYS A 690 -17.33 3.77 -37.12
C LYS A 690 -17.13 4.16 -35.66
N TYR A 691 -18.24 4.40 -34.95
CA TYR A 691 -18.17 4.77 -33.55
C TYR A 691 -19.15 3.98 -32.69
N ALA A 692 -18.64 3.39 -31.61
CA ALA A 692 -19.47 2.65 -30.67
C ALA A 692 -19.61 3.42 -29.37
N TYR A 693 -20.76 3.30 -28.73
CA TYR A 693 -21.02 4.01 -27.48
C TYR A 693 -21.31 3.04 -26.34
N LEU A 694 -20.64 3.23 -25.21
CA LEU A 694 -20.82 2.38 -24.05
C LEU A 694 -21.73 3.04 -23.02
N LEU A 695 -22.82 2.36 -22.67
CA LEU A 695 -23.78 2.90 -21.73
C LEU A 695 -24.52 1.79 -20.98
N GLU A 696 -25.39 2.20 -20.05
CA GLU A 696 -26.17 1.25 -19.27
C GLU A 696 -27.08 0.43 -20.18
N SER A 697 -27.09 -0.89 -19.97
CA SER A 697 -27.88 -1.80 -20.78
C SER A 697 -29.36 -1.40 -20.80
N THR A 698 -29.87 -1.00 -19.66
CA THR A 698 -31.27 -0.62 -19.54
C THR A 698 -31.67 0.46 -20.54
N MET A 699 -30.92 1.57 -20.54
CA MET A 699 -31.20 2.67 -21.45
C MET A 699 -30.91 2.26 -22.90
N ASN A 700 -29.91 1.40 -23.08
CA ASN A 700 -29.54 0.93 -24.40
C ASN A 700 -30.65 0.11 -25.04
N GLU A 701 -31.13 -0.90 -24.31
CA GLU A 701 -32.21 -1.75 -24.79
C GLU A 701 -33.41 -0.92 -25.22
N TYR A 702 -33.68 0.15 -24.48
CA TYR A 702 -34.80 1.03 -24.78
C TYR A 702 -34.57 1.79 -26.08
N ILE A 703 -33.36 2.30 -26.26
CA ILE A 703 -33.01 3.03 -27.48
C ILE A 703 -33.18 2.16 -28.71
N GLU A 704 -32.84 0.88 -28.59
CA GLU A 704 -32.98 -0.07 -29.68
C GLU A 704 -34.42 -0.20 -30.14
N GLN A 705 -35.35 0.13 -29.25
CA GLN A 705 -36.78 0.04 -29.55
C GLN A 705 -37.36 1.40 -29.87
N ARG A 706 -36.53 2.30 -30.39
CA ARG A 706 -36.98 3.63 -30.78
C ARG A 706 -36.55 3.96 -32.21
N LYS A 707 -37.41 4.65 -32.94
CA LYS A 707 -37.13 5.03 -34.31
C LYS A 707 -35.82 5.81 -34.40
N PRO A 708 -35.12 5.71 -35.54
CA PRO A 708 -35.50 4.90 -36.70
C PRO A 708 -35.05 3.45 -36.58
N CYS A 709 -34.90 2.96 -35.37
CA CYS A 709 -34.48 1.57 -35.14
C CYS A 709 -33.16 1.28 -35.84
N ASP A 710 -32.15 2.11 -35.56
CA ASP A 710 -30.86 1.98 -36.22
C ASP A 710 -29.73 1.69 -35.23
N THR A 711 -30.09 1.26 -34.03
CA THR A 711 -29.11 0.93 -33.01
C THR A 711 -29.42 -0.42 -32.37
N MET A 712 -28.38 -1.13 -31.96
CA MET A 712 -28.55 -2.45 -31.34
C MET A 712 -27.47 -2.73 -30.31
N LYS A 713 -27.85 -3.44 -29.25
CA LYS A 713 -26.91 -3.84 -28.21
C LYS A 713 -26.23 -5.15 -28.62
N VAL A 714 -24.92 -5.22 -28.40
CA VAL A 714 -24.14 -6.39 -28.77
C VAL A 714 -23.37 -6.96 -27.59
N GLY A 715 -23.33 -8.29 -27.50
CA GLY A 715 -22.62 -8.96 -26.43
C GLY A 715 -23.28 -8.78 -25.07
N GLY A 716 -22.79 -9.49 -24.07
CA GLY A 716 -23.32 -9.38 -22.72
C GLY A 716 -22.79 -8.18 -21.99
N ASN A 717 -23.33 -7.91 -20.81
CA ASN A 717 -22.89 -6.77 -20.01
C ASN A 717 -21.45 -6.92 -19.54
N LEU A 718 -20.81 -5.79 -19.23
CA LEU A 718 -19.42 -5.79 -18.80
C LEU A 718 -19.30 -5.99 -17.29
N ASP A 719 -20.36 -5.62 -16.57
CA ASP A 719 -20.38 -5.78 -15.12
C ASP A 719 -21.80 -6.07 -14.63
N SER A 720 -21.92 -6.44 -13.36
CA SER A 720 -23.21 -6.77 -12.78
C SER A 720 -23.67 -5.72 -11.79
N LYS A 721 -24.70 -4.97 -12.16
CA LYS A 721 -25.28 -3.96 -11.29
C LYS A 721 -26.73 -4.32 -10.96
N GLY A 722 -27.50 -3.35 -10.48
CA GLY A 722 -28.90 -3.58 -10.15
C GLY A 722 -29.55 -2.41 -9.43
N TYR A 723 -30.77 -2.09 -9.85
CA TYR A 723 -31.55 -1.05 -9.19
C TYR A 723 -32.35 -1.63 -8.03
N GLY A 724 -32.75 -0.78 -7.10
CA GLY A 724 -33.53 -1.22 -5.96
C GLY A 724 -34.35 -0.09 -5.35
N ILE A 725 -35.34 -0.47 -4.56
CA ILE A 725 -36.18 0.51 -3.87
C ILE A 725 -35.46 1.01 -2.62
N ALA A 726 -35.24 2.32 -2.55
CA ALA A 726 -34.50 2.91 -1.43
C ALA A 726 -35.42 3.40 -0.33
N THR A 727 -35.09 3.03 0.90
CA THR A 727 -35.88 3.43 2.06
C THR A 727 -34.95 3.90 3.19
N PRO A 728 -35.34 5.00 3.86
CA PRO A 728 -34.55 5.57 4.96
C PRO A 728 -34.09 4.51 5.95
N LYS A 729 -32.84 4.61 6.39
CA LYS A 729 -32.26 3.64 7.33
C LYS A 729 -33.14 3.48 8.56
N GLY A 730 -33.50 2.24 8.86
CA GLY A 730 -34.33 1.95 10.01
C GLY A 730 -35.77 2.41 9.85
N SER A 731 -36.31 2.19 8.65
CA SER A 731 -37.69 2.58 8.34
C SER A 731 -38.64 1.42 8.59
N SER A 732 -39.93 1.73 8.68
CA SER A 732 -40.95 0.72 8.89
C SER A 732 -41.28 -0.01 7.58
N LEU A 733 -41.18 0.70 6.47
CA LEU A 733 -41.46 0.13 5.16
C LEU A 733 -40.32 -0.75 4.68
N GLY A 734 -39.21 -0.73 5.42
CA GLY A 734 -38.02 -1.48 5.04
C GLY A 734 -38.30 -2.92 4.64
N THR A 735 -38.49 -3.78 5.63
CA THR A 735 -38.71 -5.21 5.39
C THR A 735 -39.88 -5.48 4.43
N PRO A 736 -41.03 -4.83 4.65
CA PRO A 736 -42.19 -5.07 3.80
C PRO A 736 -41.87 -4.90 2.31
N VAL A 737 -41.31 -3.74 1.95
CA VAL A 737 -40.98 -3.46 0.56
C VAL A 737 -39.99 -4.48 0.00
N ASN A 738 -38.99 -4.82 0.81
CA ASN A 738 -38.00 -5.81 0.40
C ASN A 738 -38.65 -7.11 -0.06
N LEU A 739 -39.52 -7.66 0.78
CA LEU A 739 -40.23 -8.89 0.45
C LEU A 739 -41.14 -8.68 -0.76
N ALA A 740 -41.74 -7.50 -0.85
CA ALA A 740 -42.63 -7.18 -1.95
C ALA A 740 -41.92 -7.30 -3.30
N VAL A 741 -40.69 -6.79 -3.35
CA VAL A 741 -39.89 -6.87 -4.57
C VAL A 741 -39.61 -8.31 -4.95
N LEU A 742 -39.26 -9.13 -3.96
CA LEU A 742 -39.00 -10.55 -4.19
C LEU A 742 -40.26 -11.25 -4.67
N LYS A 743 -41.40 -10.88 -4.10
CA LYS A 743 -42.67 -11.49 -4.48
C LYS A 743 -43.03 -11.14 -5.91
N LEU A 744 -42.83 -9.88 -6.29
CA LEU A 744 -43.14 -9.42 -7.63
C LEU A 744 -42.30 -10.12 -8.69
N SER A 745 -41.03 -10.33 -8.38
CA SER A 745 -40.12 -10.97 -9.33
C SER A 745 -40.47 -12.43 -9.54
N GLU A 746 -40.83 -13.11 -8.46
CA GLU A 746 -41.17 -14.54 -8.54
C GLU A 746 -42.49 -14.75 -9.28
N GLN A 747 -43.38 -13.76 -9.19
CA GLN A 747 -44.65 -13.83 -9.91
C GLN A 747 -44.45 -13.39 -11.36
N GLY A 748 -43.19 -13.13 -11.72
CA GLY A 748 -42.87 -12.70 -13.07
C GLY A 748 -43.46 -11.35 -13.41
N LEU A 749 -43.93 -10.64 -12.38
CA LEU A 749 -44.56 -9.34 -12.57
C LEU A 749 -43.53 -8.30 -12.99
N LEU A 750 -42.32 -8.40 -12.46
CA LEU A 750 -41.24 -7.48 -12.82
C LEU A 750 -40.85 -7.64 -14.29
N ASP A 751 -40.61 -8.89 -14.69
CA ASP A 751 -40.28 -9.19 -16.08
C ASP A 751 -41.40 -8.71 -17.00
N LYS A 752 -42.64 -8.89 -16.55
CA LYS A 752 -43.80 -8.47 -17.32
C LYS A 752 -43.80 -6.96 -17.54
N LEU A 753 -43.55 -6.21 -16.47
CA LEU A 753 -43.53 -4.75 -16.55
C LEU A 753 -42.48 -4.26 -17.55
N LYS A 754 -41.29 -4.85 -17.49
CA LYS A 754 -40.21 -4.47 -18.39
C LYS A 754 -40.62 -4.70 -19.84
N ASN A 755 -41.16 -5.89 -20.12
CA ASN A 755 -41.63 -6.21 -21.45
C ASN A 755 -42.70 -5.22 -21.92
N LYS A 756 -43.47 -4.70 -20.98
CA LYS A 756 -44.55 -3.78 -21.30
C LYS A 756 -44.04 -2.44 -21.79
N TRP A 757 -42.95 -1.95 -21.19
CA TRP A 757 -42.45 -0.61 -21.48
C TRP A 757 -41.26 -0.62 -22.45
N TRP A 758 -40.58 -1.74 -22.55
CA TRP A 758 -39.41 -1.85 -23.43
C TRP A 758 -39.76 -2.37 -24.81
N TYR A 759 -40.39 -3.55 -24.87
CA TYR A 759 -40.64 -4.22 -26.14
C TYR A 759 -42.08 -4.05 -26.63
N ASP A 760 -43.05 -4.32 -25.75
CA ASP A 760 -44.46 -4.20 -26.11
C ASP A 760 -44.79 -2.77 -26.52
N LYS A 761 -44.44 -1.81 -25.68
CA LYS A 761 -44.71 -0.40 -25.96
C LYS A 761 -44.31 -0.03 -27.38
N GLY A 762 -43.64 -0.96 -28.06
CA GLY A 762 -43.20 -0.74 -29.42
C GLY A 762 -44.08 -1.45 -30.45
N GLU A 763 -44.06 -0.97 -31.69
CA GLU A 763 -43.22 0.18 -32.05
C GLU A 763 -42.07 -0.26 -32.95
N CYS A 764 -41.28 -1.22 -32.48
CA CYS A 764 -40.14 -1.72 -33.24
C CYS A 764 -39.58 -3.01 -32.64
N GLY A 765 -40.37 -4.09 -32.67
CA GLY A 765 -41.70 -4.10 -33.25
C GLY A 765 -41.67 -4.00 -34.77
N ALA A 766 -40.52 -4.31 -35.34
CA ALA A 766 -40.36 -4.26 -36.80
C ALA A 766 -38.89 -4.16 -37.19
N LYS A 767 -38.16 -3.25 -36.54
CA LYS A 767 -36.74 -3.08 -36.80
C LYS A 767 -35.95 -4.22 -36.16
N ASP A 768 -36.62 -4.99 -35.31
CA ASP A 768 -36.00 -6.13 -34.65
C ASP A 768 -36.24 -7.42 -35.44
N SER A 769 -37.34 -7.45 -36.19
CA SER A 769 -37.66 -8.59 -37.02
C SER A 769 -36.81 -8.59 -38.28
N GLY A 770 -36.35 -7.41 -38.67
CA GLY A 770 -35.46 -7.27 -39.82
C GLY A 770 -34.01 -7.42 -39.40
N SER A 771 -33.76 -7.23 -38.11
CA SER A 771 -32.42 -7.40 -37.56
C SER A 771 -32.16 -8.86 -37.21
N LYS A 772 -33.15 -9.71 -37.44
CA LYS A 772 -33.04 -11.12 -37.15
C LYS A 772 -31.73 -11.69 -37.68
N GLU A 773 -31.22 -11.10 -38.75
CA GLU A 773 -29.96 -11.55 -39.34
C GLU A 773 -30.14 -12.83 -40.13
N LYS A 774 -31.16 -12.84 -41.00
CA LYS A 774 -31.44 -14.02 -41.82
C LYS A 774 -30.45 -14.14 -42.97
N THR A 775 -30.58 -13.26 -43.96
CA THR A 775 -29.70 -13.27 -45.12
C THR A 775 -28.23 -13.32 -44.69
N SER A 776 -27.38 -13.83 -45.58
CA SER A 776 -25.96 -13.95 -45.29
C SER A 776 -25.23 -14.69 -46.41
N ALA A 777 -25.54 -14.34 -47.65
CA ALA A 777 -24.92 -14.98 -48.80
C ALA A 777 -24.57 -13.96 -49.89
N LEU A 778 -24.50 -14.42 -51.14
CA LEU A 778 -24.19 -13.56 -52.26
C LEU A 778 -25.41 -12.77 -52.73
N SER A 779 -25.70 -12.83 -53.92
CA SER A 779 -26.87 -12.03 -54.28
C SER A 779 -27.21 -12.15 -55.75
N LEU A 780 -28.37 -11.62 -56.13
CA LEU A 780 -28.82 -11.65 -57.51
C LEU A 780 -28.50 -10.34 -58.23
N SER A 781 -28.32 -9.28 -57.44
CA SER A 781 -28.06 -7.95 -57.97
C SER A 781 -27.02 -7.94 -59.08
N ASN A 782 -25.78 -8.30 -58.76
CA ASN A 782 -24.70 -8.30 -59.73
C ASN A 782 -25.02 -9.15 -60.96
N VAL A 783 -25.49 -10.37 -60.72
CA VAL A 783 -25.83 -11.29 -61.80
C VAL A 783 -26.93 -10.73 -62.69
N ALA A 784 -27.81 -9.92 -62.10
CA ALA A 784 -28.93 -9.33 -62.82
C ALA A 784 -28.46 -8.42 -63.94
N GLY A 785 -27.43 -7.62 -63.67
CA GLY A 785 -26.89 -6.72 -64.66
C GLY A 785 -26.46 -7.42 -65.93
N VAL A 786 -26.05 -8.67 -65.79
CA VAL A 786 -25.61 -9.47 -66.93
C VAL A 786 -26.80 -10.06 -67.67
N PHE A 787 -27.94 -10.14 -66.99
CA PHE A 787 -29.16 -10.63 -67.60
C PHE A 787 -29.78 -9.60 -68.53
N TYR A 788 -29.73 -8.33 -68.11
CA TYR A 788 -30.29 -7.24 -68.91
C TYR A 788 -29.49 -7.02 -70.20
N ILE A 789 -28.18 -7.18 -70.11
CA ILE A 789 -27.32 -7.02 -71.28
C ILE A 789 -27.52 -8.19 -72.24
N LEU A 790 -28.02 -9.31 -71.71
CA LEU A 790 -28.32 -10.49 -72.53
C LEU A 790 -29.60 -10.25 -73.34
N VAL A 791 -30.68 -9.92 -72.64
CA VAL A 791 -31.95 -9.64 -73.29
C VAL A 791 -31.80 -8.50 -74.29
N GLY A 792 -30.94 -7.55 -73.96
CA GLY A 792 -30.65 -6.44 -74.85
C GLY A 792 -30.00 -6.92 -76.13
N GLY A 793 -29.14 -7.92 -76.00
CA GLY A 793 -28.47 -8.51 -77.15
C GLY A 793 -29.45 -9.32 -77.98
N LEU A 794 -30.37 -10.00 -77.32
CA LEU A 794 -31.40 -10.77 -78.00
C LEU A 794 -32.31 -9.85 -78.79
N GLY A 795 -32.68 -8.73 -78.18
CA GLY A 795 -33.52 -7.74 -78.84
C GLY A 795 -32.84 -7.12 -80.03
N LEU A 796 -31.54 -6.84 -79.90
CA LEU A 796 -30.75 -6.29 -80.98
C LEU A 796 -30.72 -7.26 -82.16
N ALA A 797 -30.65 -8.56 -81.85
CA ALA A 797 -30.64 -9.59 -82.87
C ALA A 797 -32.01 -9.72 -83.53
N MET A 798 -33.06 -9.66 -82.73
CA MET A 798 -34.43 -9.71 -83.23
C MET A 798 -34.69 -8.53 -84.16
N LEU A 799 -33.90 -7.47 -84.00
CA LEU A 799 -34.02 -6.29 -84.84
C LEU A 799 -33.22 -6.47 -86.13
N VAL A 800 -32.03 -7.04 -86.01
CA VAL A 800 -31.18 -7.31 -87.17
C VAL A 800 -31.80 -8.39 -88.04
N ALA A 801 -32.56 -9.29 -87.43
CA ALA A 801 -33.21 -10.36 -88.18
C ALA A 801 -34.18 -9.76 -89.18
N LEU A 802 -35.15 -9.02 -88.65
CA LEU A 802 -36.18 -8.34 -89.46
C LEU A 802 -35.52 -7.40 -90.47
N ILE A 803 -34.58 -6.63 -89.95
CA ILE A 803 -33.82 -5.66 -90.74
C ILE A 803 -33.10 -6.36 -91.89
N GLU A 804 -32.46 -7.46 -91.53
CA GLU A 804 -31.70 -8.29 -92.49
C GLU A 804 -32.63 -8.76 -93.61
N PHE A 805 -33.78 -9.25 -93.19
CA PHE A 805 -34.81 -9.75 -94.12
C PHE A 805 -35.22 -8.66 -95.10
N CYS A 806 -35.46 -7.49 -94.54
CA CYS A 806 -35.86 -6.30 -95.30
C CYS A 806 -34.80 -5.98 -96.37
N TYR A 807 -33.56 -6.01 -95.92
CA TYR A 807 -32.40 -5.73 -96.78
C TYR A 807 -32.37 -6.71 -97.95
N LYS A 808 -32.56 -7.96 -97.61
CA LYS A 808 -32.57 -9.07 -98.57
C LYS A 808 -33.65 -8.82 -99.64
N SER A 809 -34.81 -8.46 -99.15
CA SER A 809 -35.98 -8.17 -99.99
C SER A 809 -35.65 -7.05 -100.98
N ARG A 810 -35.05 -6.01 -100.44
CA ARG A 810 -34.64 -4.82 -101.21
C ARG A 810 -33.69 -5.24 -102.33
N ALA A 811 -32.73 -6.05 -101.96
CA ALA A 811 -31.71 -6.57 -102.88
C ALA A 811 -32.38 -7.32 -104.03
N ASN B 1 -4.24 63.30 53.63
CA ASN B 1 -5.20 62.68 52.73
C ASN B 1 -5.23 61.17 52.90
N SER B 2 -6.24 60.68 53.62
CA SER B 2 -6.36 59.24 53.87
C SER B 2 -7.57 58.66 53.15
N ILE B 3 -7.29 57.86 52.12
CA ILE B 3 -8.35 57.22 51.33
C ILE B 3 -8.53 55.76 51.73
N GLN B 4 -9.62 55.47 52.42
CA GLN B 4 -9.90 54.11 52.88
C GLN B 4 -10.52 53.26 51.77
N ILE B 5 -9.95 52.08 51.55
CA ILE B 5 -10.47 51.16 50.54
C ILE B 5 -10.62 49.75 51.13
N GLY B 6 -11.46 48.94 50.49
CA GLY B 6 -11.69 47.59 50.94
C GLY B 6 -10.86 46.57 50.17
N GLY B 7 -10.52 45.47 50.84
CA GLY B 7 -9.74 44.42 50.22
C GLY B 7 -10.28 43.03 50.51
N LEU B 8 -10.91 42.43 49.52
CA LEU B 8 -11.49 41.09 49.68
C LEU B 8 -10.58 40.03 49.06
N PHE B 9 -9.73 39.43 49.88
CA PHE B 9 -8.80 38.41 49.42
C PHE B 9 -9.21 37.02 49.88
N PRO B 10 -9.45 36.11 48.93
CA PRO B 10 -9.81 34.72 49.23
C PRO B 10 -8.67 34.01 49.96
N ARG B 11 -9.01 33.25 50.99
CA ARG B 11 -8.00 32.52 51.75
C ARG B 11 -7.14 31.65 50.83
N GLY B 12 -5.84 31.95 50.79
CA GLY B 12 -4.93 31.22 49.94
C GLY B 12 -4.26 32.12 48.91
N ALA B 13 -4.77 33.33 48.77
CA ALA B 13 -4.21 34.31 47.83
C ALA B 13 -2.98 34.97 48.42
N ASP B 14 -1.95 34.17 48.69
CA ASP B 14 -0.72 34.67 49.29
C ASP B 14 0.04 35.59 48.34
N GLN B 15 0.41 35.07 47.17
CA GLN B 15 1.17 35.85 46.20
C GLN B 15 0.38 37.06 45.73
N GLU B 16 -0.95 36.91 45.63
CA GLU B 16 -1.81 38.00 45.23
C GLU B 16 -1.75 39.15 46.24
N TYR B 17 -1.81 38.81 47.52
CA TYR B 17 -1.74 39.81 48.57
C TYR B 17 -0.33 40.39 48.67
N SER B 18 0.67 39.54 48.50
CA SER B 18 2.05 39.99 48.51
C SER B 18 2.28 41.02 47.42
N ALA B 19 1.72 40.77 46.24
CA ALA B 19 1.80 41.71 45.14
C ALA B 19 0.98 42.96 45.44
N PHE B 20 -0.09 42.77 46.21
CA PHE B 20 -0.93 43.89 46.62
C PHE B 20 -0.18 44.81 47.56
N ARG B 21 0.65 44.23 48.41
CA ARG B 21 1.46 45.00 49.35
C ARG B 21 2.56 45.77 48.63
N VAL B 22 3.27 45.08 47.74
CA VAL B 22 4.35 45.69 46.98
C VAL B 22 3.83 46.90 46.19
N GLY B 23 2.61 46.78 45.68
CA GLY B 23 1.99 47.86 44.95
C GLY B 23 1.73 49.06 45.83
N MET B 24 1.31 48.81 47.06
CA MET B 24 1.06 49.88 48.02
C MET B 24 2.34 50.67 48.29
N VAL B 25 3.47 49.98 48.24
CA VAL B 25 4.76 50.61 48.50
C VAL B 25 5.29 51.36 47.29
N GLN B 26 5.19 50.74 46.11
CA GLN B 26 5.72 51.32 44.88
C GLN B 26 4.92 52.53 44.42
N PHE B 27 3.64 52.57 44.77
CA PHE B 27 2.77 53.66 44.35
C PHE B 27 2.28 54.51 45.51
N SER B 28 3.10 54.62 46.55
CA SER B 28 2.78 55.44 47.70
C SER B 28 3.34 56.85 47.52
N THR B 29 2.48 57.85 47.66
CA THR B 29 2.89 59.24 47.49
C THR B 29 2.53 60.08 48.72
N SER B 30 3.11 61.27 48.80
CA SER B 30 2.85 62.17 49.93
C SER B 30 1.52 62.89 49.76
N GLU B 31 1.06 63.02 48.52
CA GLU B 31 -0.20 63.68 48.23
C GLU B 31 -1.36 62.99 48.92
N PHE B 32 -1.31 61.67 48.98
CA PHE B 32 -2.36 60.89 49.63
C PHE B 32 -1.92 59.44 49.85
N ARG B 33 -2.45 58.82 50.90
CA ARG B 33 -2.12 57.43 51.21
C ARG B 33 -3.37 56.56 51.23
N LEU B 34 -3.23 55.34 50.72
CA LEU B 34 -4.35 54.40 50.67
C LEU B 34 -4.37 53.51 51.91
N THR B 35 -5.53 53.40 52.54
CA THR B 35 -5.67 52.58 53.74
C THR B 35 -6.51 51.34 53.47
N PRO B 36 -5.83 50.22 53.18
CA PRO B 36 -6.49 48.94 52.86
C PRO B 36 -7.06 48.26 54.10
N HIS B 37 -8.34 47.91 54.06
CA HIS B 37 -8.96 47.13 55.12
C HIS B 37 -9.18 45.70 54.61
N ILE B 38 -8.26 44.81 54.96
CA ILE B 38 -8.25 43.45 54.42
C ILE B 38 -9.25 42.53 55.12
N ASP B 39 -9.99 41.77 54.31
CA ASP B 39 -10.94 40.79 54.82
C ASP B 39 -10.77 39.45 54.11
N ASN B 40 -10.22 38.48 54.81
CA ASN B 40 -9.99 37.15 54.25
C ASN B 40 -11.20 36.23 54.44
N LEU B 41 -11.99 36.06 53.39
CA LEU B 41 -13.17 35.21 53.45
C LEU B 41 -13.22 34.22 52.30
N GLU B 42 -14.01 33.17 52.46
CA GLU B 42 -14.20 32.19 51.39
C GLU B 42 -14.97 32.83 50.25
N VAL B 43 -14.23 33.21 49.21
CA VAL B 43 -14.81 33.93 48.07
C VAL B 43 -16.01 33.22 47.46
N ALA B 44 -16.02 31.88 47.54
CA ALA B 44 -17.09 31.08 46.98
C ALA B 44 -18.42 31.33 47.68
N ASN B 45 -18.37 31.40 49.01
CA ASN B 45 -19.57 31.60 49.81
C ASN B 45 -20.21 32.97 49.53
N SER B 46 -21.40 32.95 48.93
CA SER B 46 -22.10 34.17 48.58
C SER B 46 -22.49 34.99 49.82
N PHE B 47 -22.94 34.29 50.86
CA PHE B 47 -23.33 34.95 52.10
C PHE B 47 -22.18 35.75 52.70
N ALA B 48 -21.05 35.08 52.88
CA ALA B 48 -19.87 35.71 53.46
C ALA B 48 -19.46 36.95 52.67
N VAL B 49 -19.48 36.82 51.35
CA VAL B 49 -19.13 37.94 50.47
C VAL B 49 -20.05 39.12 50.68
N THR B 50 -21.32 38.84 50.97
CA THR B 50 -22.30 39.89 51.22
C THR B 50 -21.96 40.66 52.49
N ASN B 51 -21.58 39.94 53.53
CA ASN B 51 -21.17 40.57 54.78
C ASN B 51 -19.91 41.39 54.63
N ALA B 52 -18.90 40.81 53.99
CA ALA B 52 -17.63 41.48 53.78
C ALA B 52 -17.81 42.77 52.98
N PHE B 53 -18.82 42.80 52.12
CA PHE B 53 -19.11 43.97 51.31
C PHE B 53 -19.81 45.05 52.14
N CYS B 54 -20.84 44.64 52.88
CA CYS B 54 -21.59 45.56 53.72
C CYS B 54 -20.75 46.06 54.88
N SER B 55 -19.81 45.24 55.32
CA SER B 55 -18.89 45.61 56.40
C SER B 55 -17.95 46.71 55.94
N GLN B 56 -17.36 46.51 54.77
CA GLN B 56 -16.46 47.50 54.19
C GLN B 56 -17.22 48.75 53.75
N PHE B 57 -18.53 48.58 53.54
CA PHE B 57 -19.37 49.70 53.14
C PHE B 57 -19.76 50.56 54.33
N SER B 58 -20.01 49.92 55.47
CA SER B 58 -20.34 50.64 56.70
C SER B 58 -19.11 51.37 57.22
N ARG B 59 -17.94 50.79 56.99
CA ARG B 59 -16.68 51.42 57.38
C ARG B 59 -16.40 52.63 56.50
N GLY B 60 -17.26 52.84 55.50
CA GLY B 60 -17.16 53.99 54.63
C GLY B 60 -15.93 53.99 53.75
N VAL B 61 -15.89 53.08 52.78
CA VAL B 61 -14.79 53.03 51.83
C VAL B 61 -15.15 53.76 50.53
N TYR B 62 -14.15 54.14 49.77
CA TYR B 62 -14.35 54.85 48.51
C TYR B 62 -14.33 53.89 47.34
N ALA B 63 -13.66 52.77 47.52
CA ALA B 63 -13.57 51.74 46.48
C ALA B 63 -13.20 50.39 47.09
N ILE B 64 -13.52 49.33 46.37
CA ILE B 64 -13.25 47.97 46.86
C ILE B 64 -12.48 47.14 45.85
N PHE B 65 -11.38 46.55 46.30
CA PHE B 65 -10.62 45.63 45.46
C PHE B 65 -10.70 44.22 46.04
N GLY B 66 -11.12 43.26 45.22
CA GLY B 66 -11.23 41.88 45.66
C GLY B 66 -11.40 40.89 44.52
N PHE B 67 -11.91 39.72 44.85
CA PHE B 67 -12.13 38.66 43.87
C PHE B 67 -13.52 38.08 44.02
N TYR B 68 -14.01 37.41 42.98
CA TYR B 68 -15.28 36.72 43.06
C TYR B 68 -15.26 35.39 42.31
N ASP B 69 -16.17 34.50 42.67
CA ASP B 69 -16.27 33.19 42.03
C ASP B 69 -17.47 33.18 41.10
N LYS B 70 -17.63 32.09 40.35
CA LYS B 70 -18.75 31.94 39.44
C LYS B 70 -20.08 31.97 40.20
N LYS B 71 -20.00 31.88 41.52
CA LYS B 71 -21.20 31.84 42.36
C LYS B 71 -21.47 33.18 43.03
N SER B 72 -20.41 33.85 43.48
CA SER B 72 -20.55 35.10 44.22
C SER B 72 -20.47 36.33 43.32
N VAL B 73 -20.10 36.11 42.05
CA VAL B 73 -19.93 37.22 41.11
C VAL B 73 -21.19 38.07 40.99
N ASN B 74 -22.34 37.42 40.98
CA ASN B 74 -23.61 38.14 40.85
C ASN B 74 -23.90 39.05 42.05
N THR B 75 -23.47 38.62 43.23
CA THR B 75 -23.64 39.42 44.44
C THR B 75 -22.88 40.73 44.33
N ILE B 76 -21.62 40.64 43.95
CA ILE B 76 -20.77 41.82 43.80
C ILE B 76 -21.31 42.79 42.75
N THR B 77 -21.48 42.30 41.53
CA THR B 77 -21.96 43.13 40.43
C THR B 77 -23.27 43.82 40.77
N SER B 78 -24.11 43.16 41.56
CA SER B 78 -25.42 43.70 41.90
C SER B 78 -25.33 44.81 42.95
N PHE B 79 -24.69 44.51 44.07
CA PHE B 79 -24.54 45.48 45.15
C PHE B 79 -23.76 46.71 44.70
N CYS B 80 -22.63 46.48 44.04
CA CYS B 80 -21.79 47.58 43.57
C CYS B 80 -22.53 48.47 42.58
N GLY B 81 -23.51 47.90 41.89
CA GLY B 81 -24.32 48.64 40.94
C GLY B 81 -25.41 49.44 41.62
N THR B 82 -25.95 48.89 42.70
CA THR B 82 -27.02 49.54 43.45
C THR B 82 -26.48 50.63 44.35
N LEU B 83 -25.38 50.33 45.04
CA LEU B 83 -24.79 51.26 46.00
C LEU B 83 -23.75 52.16 45.33
N HIS B 84 -23.64 52.06 44.01
CA HIS B 84 -22.71 52.90 43.26
C HIS B 84 -21.27 52.79 43.77
N VAL B 85 -20.93 51.63 44.32
CA VAL B 85 -19.59 51.37 44.81
C VAL B 85 -18.72 50.76 43.72
N SER B 86 -17.51 51.27 43.56
CA SER B 86 -16.59 50.77 42.55
C SER B 86 -15.87 49.51 43.04
N PHE B 87 -15.79 48.50 42.17
CA PHE B 87 -15.17 47.23 42.52
C PHE B 87 -14.11 46.83 41.50
N ILE B 88 -12.85 46.88 41.91
CA ILE B 88 -11.74 46.48 41.04
C ILE B 88 -11.35 45.03 41.33
N THR B 89 -11.26 44.22 40.29
CA THR B 89 -10.96 42.80 40.46
C THR B 89 -10.15 42.24 39.30
N PRO B 90 -9.16 41.38 39.62
CA PRO B 90 -8.34 40.67 38.64
C PRO B 90 -9.05 39.42 38.13
N SER B 91 -10.14 39.04 38.79
CA SER B 91 -10.87 37.84 38.43
C SER B 91 -11.39 37.88 36.99
N PHE B 92 -12.01 36.79 36.56
CA PHE B 92 -12.54 36.68 35.21
C PHE B 92 -13.54 37.80 34.91
N PRO B 93 -13.53 38.31 33.67
CA PRO B 93 -14.45 39.36 33.24
C PRO B 93 -15.91 38.94 33.37
N THR B 94 -16.78 39.89 33.70
CA THR B 94 -18.20 39.61 33.83
C THR B 94 -18.85 39.37 32.47
N ASP B 95 -19.76 38.41 32.41
CA ASP B 95 -20.46 38.10 31.16
C ASP B 95 -21.58 39.10 30.90
N GLY B 96 -21.21 40.30 30.50
CA GLY B 96 -22.18 41.35 30.22
C GLY B 96 -21.63 42.73 30.47
N THR B 97 -22.52 43.68 30.73
CA THR B 97 -22.12 45.07 30.96
C THR B 97 -22.56 45.54 32.35
N HIS B 98 -21.79 45.17 33.37
CA HIS B 98 -22.11 45.55 34.74
C HIS B 98 -21.32 46.78 35.18
N PRO B 99 -22.03 47.89 35.42
CA PRO B 99 -21.41 49.16 35.83
C PRO B 99 -20.75 49.07 37.20
N PHE B 100 -19.87 50.02 37.50
CA PHE B 100 -19.18 50.07 38.79
C PHE B 100 -18.33 48.83 39.05
N VAL B 101 -17.77 48.28 37.97
CA VAL B 101 -16.88 47.13 38.10
C VAL B 101 -15.67 47.28 37.17
N ILE B 102 -14.48 47.29 37.75
CA ILE B 102 -13.25 47.40 36.97
C ILE B 102 -12.54 46.04 36.90
N GLN B 103 -12.38 45.54 35.70
CA GLN B 103 -11.81 44.21 35.49
C GLN B 103 -10.38 44.25 34.94
N MET B 104 -9.45 43.71 35.70
CA MET B 104 -8.03 43.72 35.33
C MET B 104 -7.70 42.68 34.26
N ARG B 105 -8.48 41.59 34.24
CA ARG B 105 -8.22 40.50 33.31
C ARG B 105 -8.86 40.77 31.95
N PRO B 106 -8.04 40.81 30.90
CA PRO B 106 -8.51 40.98 29.52
C PRO B 106 -9.25 39.74 29.04
N ASP B 107 -10.14 39.91 28.06
CA ASP B 107 -10.90 38.80 27.53
C ASP B 107 -10.05 37.92 26.64
N LEU B 108 -9.92 36.65 27.02
CA LEU B 108 -9.10 35.69 26.28
C LEU B 108 -9.89 35.04 25.15
N LYS B 109 -11.21 35.10 25.25
CA LYS B 109 -12.10 34.49 24.26
C LYS B 109 -11.65 34.78 22.83
N GLY B 110 -11.29 36.03 22.57
CA GLY B 110 -10.86 36.42 21.23
C GLY B 110 -9.54 35.80 20.82
N ALA B 111 -8.55 35.87 21.71
CA ALA B 111 -7.22 35.35 21.42
C ALA B 111 -7.24 33.85 21.19
N LEU B 112 -8.13 33.15 21.87
CA LEU B 112 -8.24 31.70 21.74
C LEU B 112 -8.76 31.32 20.36
N LEU B 113 -9.90 31.89 19.98
CA LEU B 113 -10.52 31.61 18.69
C LEU B 113 -9.56 31.88 17.54
N SER B 114 -8.76 32.94 17.66
CA SER B 114 -7.81 33.30 16.63
C SER B 114 -6.71 32.25 16.50
N LEU B 115 -6.26 31.73 17.64
CA LEU B 115 -5.20 30.73 17.67
C LEU B 115 -5.65 29.43 17.02
N ILE B 116 -6.91 29.06 17.24
CA ILE B 116 -7.47 27.84 16.66
C ILE B 116 -7.41 27.89 15.14
N GLU B 117 -7.80 29.02 14.57
CA GLU B 117 -7.77 29.18 13.12
C GLU B 117 -6.35 29.19 12.58
N TYR B 118 -5.41 29.73 13.37
CA TYR B 118 -4.02 29.77 12.97
C TYR B 118 -3.47 28.37 12.73
N TYR B 119 -3.71 27.48 13.68
CA TYR B 119 -3.28 26.09 13.54
C TYR B 119 -4.21 25.32 12.61
N GLN B 120 -5.27 25.99 12.17
CA GLN B 120 -6.24 25.40 11.26
C GLN B 120 -6.84 24.11 11.82
N TRP B 121 -7.48 24.23 12.99
CA TRP B 121 -8.12 23.11 13.64
C TRP B 121 -9.57 22.99 13.22
N ASP B 122 -10.00 21.76 12.94
CA ASP B 122 -11.39 21.50 12.55
C ASP B 122 -12.05 20.52 13.51
N LYS B 123 -11.24 19.70 14.17
CA LYS B 123 -11.74 18.75 15.15
C LYS B 123 -10.80 18.69 16.36
N PHE B 124 -11.31 19.11 17.52
CA PHE B 124 -10.49 19.15 18.72
C PHE B 124 -11.31 18.90 19.97
N ALA B 125 -10.64 18.48 21.04
CA ALA B 125 -11.29 18.26 22.33
C ALA B 125 -11.15 19.50 23.20
N TYR B 126 -12.23 19.86 23.90
CA TYR B 126 -12.23 21.06 24.73
C TYR B 126 -12.53 20.74 26.19
N LEU B 127 -11.50 20.49 26.97
CA LEU B 127 -11.65 20.20 28.39
C LEU B 127 -11.76 21.51 29.16
N TYR B 128 -12.92 21.75 29.76
CA TYR B 128 -13.18 23.03 30.42
C TYR B 128 -13.44 22.87 31.92
N ASP B 129 -13.33 23.99 32.64
CA ASP B 129 -13.61 24.02 34.06
C ASP B 129 -14.65 25.12 34.33
N SER B 130 -15.73 24.77 34.99
CA SER B 130 -16.85 25.68 35.21
C SER B 130 -16.55 26.74 36.26
N ASP B 131 -15.29 26.86 36.67
CA ASP B 131 -14.91 27.81 37.70
C ASP B 131 -14.96 29.26 37.23
N ARG B 132 -14.51 29.50 36.00
CA ARG B 132 -14.46 30.86 35.46
C ARG B 132 -15.62 31.11 34.49
N GLY B 133 -16.70 30.37 34.66
CA GLY B 133 -17.87 30.54 33.81
C GLY B 133 -17.70 29.91 32.44
N LEU B 134 -18.80 29.46 31.86
CA LEU B 134 -18.78 28.83 30.54
C LEU B 134 -18.80 29.88 29.44
N SER B 135 -18.25 31.06 29.73
CA SER B 135 -18.22 32.16 28.76
C SER B 135 -17.38 31.79 27.54
N THR B 136 -16.24 31.15 27.78
CA THR B 136 -15.35 30.74 26.70
C THR B 136 -15.85 29.47 26.03
N LEU B 137 -16.55 28.63 26.79
CA LEU B 137 -17.13 27.41 26.24
C LEU B 137 -18.19 27.75 25.20
N GLN B 138 -19.08 28.68 25.54
CA GLN B 138 -20.09 29.14 24.59
C GLN B 138 -19.42 29.76 23.37
N ALA B 139 -18.29 30.40 23.57
CA ALA B 139 -17.56 31.04 22.49
C ALA B 139 -17.14 30.04 21.43
N VAL B 140 -16.50 28.96 21.85
CA VAL B 140 -16.00 27.95 20.93
C VAL B 140 -17.14 27.12 20.33
N LEU B 141 -18.22 26.95 21.10
CA LEU B 141 -19.37 26.19 20.63
C LEU B 141 -20.14 26.97 19.56
N ASP B 142 -20.33 28.26 19.79
CA ASP B 142 -21.02 29.11 18.83
C ASP B 142 -20.22 29.25 17.54
N SER B 143 -18.90 29.37 17.70
CA SER B 143 -18.01 29.49 16.55
C SER B 143 -17.88 28.16 15.82
N ALA B 144 -18.15 27.07 16.53
CA ALA B 144 -18.10 25.74 15.95
C ALA B 144 -19.21 25.56 14.92
N ALA B 145 -20.26 26.35 15.08
CA ALA B 145 -21.38 26.32 14.14
C ALA B 145 -21.02 27.04 12.85
N GLU B 146 -20.40 28.21 12.99
CA GLU B 146 -20.02 29.03 11.85
C GLU B 146 -18.80 28.45 11.13
N LYS B 147 -17.70 28.31 11.87
CA LYS B 147 -16.46 27.80 11.29
C LYS B 147 -16.53 26.30 11.04
N LYS B 148 -17.64 25.69 11.43
CA LYS B 148 -17.85 24.26 11.22
C LYS B 148 -16.76 23.41 11.89
N TRP B 149 -16.79 23.35 13.21
CA TRP B 149 -15.86 22.52 13.96
C TRP B 149 -16.57 21.36 14.65
N GLN B 150 -15.83 20.28 14.87
CA GLN B 150 -16.36 19.15 15.63
C GLN B 150 -15.75 19.13 17.03
N VAL B 151 -16.28 19.97 17.91
CA VAL B 151 -15.75 20.13 19.25
C VAL B 151 -16.28 19.06 20.21
N THR B 152 -15.39 18.48 21.00
CA THR B 152 -15.76 17.51 22.01
C THR B 152 -15.59 18.11 23.40
N ALA B 153 -16.60 18.86 23.84
CA ALA B 153 -16.54 19.53 25.14
C ALA B 153 -16.75 18.56 26.29
N ILE B 154 -15.86 18.62 27.27
CA ILE B 154 -15.95 17.74 28.44
C ILE B 154 -15.65 18.50 29.73
N ASN B 155 -16.63 18.53 30.63
CA ASN B 155 -16.46 19.21 31.91
C ASN B 155 -15.51 18.44 32.82
N VAL B 156 -14.25 18.86 32.85
CA VAL B 156 -13.23 18.22 33.67
C VAL B 156 -13.19 18.82 35.08
N GLY B 157 -14.26 19.52 35.44
CA GLY B 157 -14.31 20.22 36.71
C GLY B 157 -14.92 19.40 37.84
N ASN B 158 -16.09 18.82 37.61
CA ASN B 158 -16.80 18.09 38.65
C ASN B 158 -16.16 16.77 39.04
N ILE B 159 -14.90 16.60 38.67
CA ILE B 159 -14.17 15.37 38.97
C ILE B 159 -13.74 15.34 40.44
N ASN B 160 -14.35 14.45 41.22
CA ASN B 160 -13.99 14.30 42.63
C ASN B 160 -12.53 13.87 42.81
N ASN B 161 -11.76 14.66 43.56
CA ASN B 161 -10.31 14.49 43.63
C ASN B 161 -9.77 13.34 44.51
N ASP B 162 -10.65 12.74 45.32
CA ASP B 162 -10.29 11.64 46.25
C ASP B 162 -10.46 10.25 45.61
N LYS B 163 -10.21 10.17 44.31
CA LYS B 163 -10.43 8.95 43.53
C LYS B 163 -10.43 9.32 42.04
N LYS B 164 -9.81 10.45 41.71
CA LYS B 164 -9.83 10.95 40.33
C LYS B 164 -8.76 10.30 39.46
N ASP B 165 -9.00 9.06 39.04
CA ASP B 165 -8.03 8.33 38.23
C ASP B 165 -8.78 7.43 37.25
N GLU B 166 -9.79 6.71 37.76
CA GLU B 166 -10.66 5.91 36.92
C GLU B 166 -11.53 6.82 36.08
N THR B 167 -11.47 8.11 36.37
CA THR B 167 -12.22 9.12 35.63
C THR B 167 -11.41 9.64 34.45
N TYR B 168 -10.12 9.85 34.68
CA TYR B 168 -9.21 10.30 33.62
C TYR B 168 -8.97 9.19 32.60
N ARG B 169 -8.89 7.96 33.08
CA ARG B 169 -8.73 6.81 32.20
C ARG B 169 -9.96 6.66 31.32
N SER B 170 -11.13 6.96 31.89
CA SER B 170 -12.38 6.90 31.14
C SER B 170 -12.59 8.19 30.35
N LEU B 171 -11.76 9.19 30.62
CA LEU B 171 -11.83 10.46 29.91
C LEU B 171 -11.12 10.37 28.57
N PHE B 172 -9.89 9.85 28.59
CA PHE B 172 -9.11 9.70 27.37
C PHE B 172 -9.52 8.45 26.61
N GLN B 173 -10.48 7.72 27.17
CA GLN B 173 -11.06 6.57 26.49
C GLN B 173 -12.08 7.05 25.46
N ASP B 174 -12.77 8.14 25.81
CA ASP B 174 -13.72 8.77 24.89
C ASP B 174 -12.97 9.65 23.89
N LEU B 175 -11.81 10.14 24.30
CA LEU B 175 -10.97 10.95 23.43
C LEU B 175 -10.12 10.08 22.53
N GLU B 176 -10.46 8.79 22.48
CA GLU B 176 -9.76 7.85 21.62
C GLU B 176 -10.72 7.23 20.60
N LEU B 177 -12.02 7.34 20.86
CA LEU B 177 -13.03 6.88 19.92
C LEU B 177 -12.90 7.63 18.61
N LYS B 178 -12.58 8.92 18.71
CA LYS B 178 -12.37 9.76 17.53
C LYS B 178 -10.89 10.07 17.36
N LYS B 179 -10.06 9.36 18.12
CA LYS B 179 -8.61 9.55 18.06
C LYS B 179 -8.22 11.02 18.18
N GLU B 180 -8.78 11.69 19.19
CA GLU B 180 -8.48 13.09 19.43
C GLU B 180 -7.00 13.30 19.76
N ARG B 181 -6.32 14.13 18.97
CA ARG B 181 -4.91 14.41 19.20
C ARG B 181 -4.69 15.89 19.51
N ARG B 182 -5.77 16.67 19.44
CA ARG B 182 -5.69 18.10 19.70
C ARG B 182 -6.62 18.51 20.82
N VAL B 183 -6.04 18.86 21.97
CA VAL B 183 -6.82 19.18 23.17
C VAL B 183 -6.62 20.62 23.62
N ILE B 184 -7.70 21.25 24.06
CA ILE B 184 -7.63 22.60 24.61
C ILE B 184 -7.97 22.58 26.10
N LEU B 185 -6.99 22.93 26.93
CA LEU B 185 -7.19 22.92 28.37
C LEU B 185 -7.60 24.29 28.89
N ASP B 186 -8.89 24.45 29.17
CA ASP B 186 -9.41 25.69 29.74
C ASP B 186 -9.62 25.53 31.23
N CYS B 187 -8.52 25.63 31.99
CA CYS B 187 -8.58 25.42 33.43
C CYS B 187 -7.68 26.41 34.18
N GLU B 188 -7.71 26.32 35.50
CA GLU B 188 -6.85 27.14 36.34
C GLU B 188 -5.44 26.58 36.34
N ARG B 189 -4.49 27.35 36.89
CA ARG B 189 -3.09 26.93 36.92
C ARG B 189 -2.91 25.60 37.66
N ASP B 190 -3.88 25.26 38.51
CA ASP B 190 -3.80 24.03 39.28
C ASP B 190 -4.37 22.82 38.53
N LYS B 191 -5.61 22.96 38.06
CA LYS B 191 -6.28 21.89 37.32
C LYS B 191 -5.50 21.52 36.07
N VAL B 192 -4.67 22.45 35.59
CA VAL B 192 -3.85 22.20 34.41
C VAL B 192 -2.71 21.24 34.72
N ASN B 193 -2.01 21.49 35.83
CA ASN B 193 -0.91 20.62 36.24
C ASN B 193 -1.39 19.19 36.50
N ASP B 194 -2.58 19.06 37.05
CA ASP B 194 -3.18 17.75 37.29
C ASP B 194 -3.36 17.00 35.98
N ILE B 195 -3.93 17.68 35.00
CA ILE B 195 -4.14 17.10 33.68
C ILE B 195 -2.82 16.78 33.00
N VAL B 196 -1.90 17.75 33.00
CA VAL B 196 -0.59 17.57 32.40
C VAL B 196 0.12 16.35 32.98
N ASP B 197 0.02 16.17 34.30
CA ASP B 197 0.63 15.01 34.95
C ASP B 197 0.01 13.71 34.47
N GLN B 198 -1.32 13.69 34.39
CA GLN B 198 -2.03 12.52 33.90
C GLN B 198 -1.65 12.22 32.46
N VAL B 199 -1.54 13.27 31.65
CA VAL B 199 -1.18 13.14 30.24
C VAL B 199 0.15 12.44 30.08
N ILE B 200 1.12 12.81 30.91
CA ILE B 200 2.45 12.21 30.85
C ILE B 200 2.40 10.75 31.30
N THR B 201 1.59 10.47 32.30
CA THR B 201 1.46 9.11 32.83
C THR B 201 0.96 8.14 31.76
N ILE B 202 -0.12 8.53 31.08
CA ILE B 202 -0.69 7.69 30.03
C ILE B 202 0.11 7.79 28.74
N GLY B 203 1.07 8.72 28.71
CA GLY B 203 1.97 8.86 27.59
C GLY B 203 1.40 9.59 26.40
N LYS B 204 0.36 10.38 26.63
CA LYS B 204 -0.25 11.17 25.55
C LYS B 204 0.40 12.54 25.44
N HIS B 205 1.70 12.60 25.69
CA HIS B 205 2.45 13.85 25.61
C HIS B 205 3.56 13.73 24.59
N VAL B 206 3.51 12.69 23.77
CA VAL B 206 4.52 12.46 22.75
C VAL B 206 4.13 13.14 21.45
N LYS B 207 5.03 13.09 20.46
CA LYS B 207 4.78 13.71 19.17
C LYS B 207 3.47 13.22 18.56
N GLY B 208 2.65 14.15 18.09
CA GLY B 208 1.36 13.81 17.52
C GLY B 208 0.23 14.53 18.22
N TYR B 209 0.44 14.83 19.51
CA TYR B 209 -0.55 15.55 20.30
C TYR B 209 -0.26 17.03 20.33
N HIS B 210 -1.32 17.84 20.45
CA HIS B 210 -1.18 19.29 20.49
C HIS B 210 -2.10 19.87 21.56
N TYR B 211 -1.52 20.46 22.60
CA TYR B 211 -2.30 21.02 23.68
C TYR B 211 -2.28 22.55 23.67
N ILE B 212 -3.38 23.16 24.08
CA ILE B 212 -3.48 24.61 24.17
C ILE B 212 -3.99 25.00 25.55
N ILE B 213 -3.12 25.64 26.34
CA ILE B 213 -3.49 26.09 27.67
C ILE B 213 -4.27 27.39 27.60
N ALA B 214 -5.59 27.30 27.79
CA ALA B 214 -6.47 28.46 27.66
C ALA B 214 -6.50 29.33 28.90
N ASN B 215 -5.37 29.96 29.20
CA ASN B 215 -5.28 30.92 30.29
C ASN B 215 -4.21 31.98 30.02
N LEU B 216 -4.21 33.05 30.80
CA LEU B 216 -3.28 34.15 30.60
C LEU B 216 -1.94 33.89 31.29
N GLY B 217 -1.80 32.70 31.86
CA GLY B 217 -0.57 32.33 32.54
C GLY B 217 0.05 31.07 32.00
N PHE B 218 0.64 31.17 30.82
CA PHE B 218 1.25 30.01 30.16
C PHE B 218 2.53 29.57 30.86
N THR B 219 3.32 30.53 31.29
CA THR B 219 4.59 30.25 31.96
C THR B 219 4.42 30.16 33.48
N ASP B 220 3.18 30.32 33.94
CA ASP B 220 2.87 30.28 35.36
C ASP B 220 2.93 28.85 35.90
N GLY B 221 2.68 27.88 35.03
CA GLY B 221 2.70 26.49 35.44
C GLY B 221 4.00 25.80 35.06
N ASP B 222 4.19 24.59 35.59
CA ASP B 222 5.38 23.81 35.29
C ASP B 222 5.26 23.16 33.91
N LEU B 223 6.18 23.51 33.01
CA LEU B 223 6.17 22.97 31.65
C LEU B 223 7.34 22.05 31.39
N LEU B 224 8.31 22.05 32.29
CA LEU B 224 9.51 21.22 32.14
C LEU B 224 9.16 19.74 31.99
N LYS B 225 7.96 19.37 32.41
CA LYS B 225 7.55 17.97 32.36
C LYS B 225 7.08 17.55 30.96
N ILE B 226 6.18 18.33 30.36
CA ILE B 226 5.71 18.05 29.01
C ILE B 226 6.48 18.85 27.98
N GLN B 227 7.71 19.21 28.31
CA GLN B 227 8.55 20.01 27.44
C GLN B 227 9.37 19.13 26.49
N PHE B 228 9.83 18.00 26.99
CA PHE B 228 10.66 17.09 26.20
C PHE B 228 9.87 15.88 25.72
N GLY B 229 8.57 15.87 26.01
CA GLY B 229 7.71 14.77 25.61
C GLY B 229 7.61 14.61 24.11
N GLY B 230 7.46 15.73 23.41
CA GLY B 230 7.36 15.71 21.96
C GLY B 230 6.10 16.41 21.47
N ALA B 231 5.03 16.31 22.25
CA ALA B 231 3.77 16.94 21.90
C ALA B 231 3.91 18.46 21.97
N GLU B 232 3.40 19.14 20.95
CA GLU B 232 3.45 20.60 20.89
C GLU B 232 2.47 21.22 21.88
N VAL B 233 2.95 22.19 22.66
CA VAL B 233 2.11 22.88 23.63
C VAL B 233 2.11 24.38 23.38
N SER B 234 0.92 24.96 23.27
CA SER B 234 0.78 26.39 23.06
C SER B 234 -0.05 27.00 24.17
N GLY B 235 -0.01 28.32 24.29
CA GLY B 235 -0.75 29.02 25.32
C GLY B 235 -0.71 30.53 25.18
N PHE B 236 -1.06 31.22 26.25
CA PHE B 236 -1.10 32.67 26.24
C PHE B 236 -0.38 33.28 27.44
N GLN B 237 0.36 34.36 27.20
CA GLN B 237 1.08 35.05 28.27
C GLN B 237 0.74 36.53 28.28
N ILE B 238 0.30 37.02 29.44
CA ILE B 238 -0.09 38.42 29.58
C ILE B 238 1.03 39.23 30.21
N VAL B 239 1.87 38.56 31.00
CA VAL B 239 3.00 39.22 31.66
C VAL B 239 4.27 39.02 30.83
N ASP B 240 4.58 39.99 29.99
CA ASP B 240 5.77 39.91 29.14
C ASP B 240 7.03 40.21 29.95
N TYR B 241 7.82 39.17 30.19
CA TYR B 241 9.05 39.31 30.97
C TYR B 241 10.17 39.92 30.14
N ASP B 242 9.85 40.32 28.91
CA ASP B 242 10.82 40.97 28.04
C ASP B 242 10.74 42.48 28.13
N ASP B 243 9.67 42.98 28.74
CA ASP B 243 9.53 44.41 28.96
C ASP B 243 10.48 44.87 30.06
N SER B 244 11.20 45.95 29.81
CA SER B 244 12.11 46.50 30.80
C SER B 244 11.35 46.88 32.07
N LEU B 245 10.06 47.18 31.91
CA LEU B 245 9.21 47.52 33.03
C LEU B 245 9.02 46.30 33.94
N VAL B 246 8.63 45.18 33.33
CA VAL B 246 8.42 43.95 34.07
C VAL B 246 9.76 43.38 34.55
N SER B 247 10.77 43.47 33.71
CA SER B 247 12.10 42.98 34.05
C SER B 247 12.64 43.65 35.30
N LYS B 248 12.35 44.94 35.45
CA LYS B 248 12.78 45.69 36.62
C LYS B 248 11.99 45.27 37.86
N PHE B 249 10.72 44.96 37.66
CA PHE B 249 9.86 44.51 38.76
C PHE B 249 10.37 43.21 39.35
N ILE B 250 10.71 42.26 38.48
CA ILE B 250 11.23 40.97 38.91
C ILE B 250 12.56 41.11 39.66
N GLU B 251 13.38 42.05 39.22
CA GLU B 251 14.67 42.30 39.85
C GLU B 251 14.51 42.54 41.35
N ARG B 252 13.41 43.20 41.73
CA ARG B 252 13.15 43.51 43.13
C ARG B 252 12.23 42.46 43.76
N TRP B 253 11.37 41.87 42.95
CA TRP B 253 10.43 40.85 43.42
C TRP B 253 11.16 39.57 43.81
N SER B 254 12.04 39.11 42.93
CA SER B 254 12.77 37.86 43.15
C SER B 254 13.66 37.90 44.38
N THR B 255 13.97 39.10 44.85
CA THR B 255 14.88 39.26 45.99
C THR B 255 14.13 39.40 47.32
N LEU B 256 12.87 39.84 47.25
CA LEU B 256 12.07 40.04 48.45
C LEU B 256 12.09 38.81 49.36
N GLU B 257 12.04 39.06 50.67
CA GLU B 257 12.05 37.97 51.64
C GLU B 257 10.75 37.17 51.57
N GLU B 258 10.90 35.86 51.38
CA GLU B 258 9.74 34.98 51.24
C GLU B 258 8.99 34.82 52.57
N LYS B 259 9.64 35.21 53.66
CA LYS B 259 9.02 35.13 54.98
C LYS B 259 7.91 36.17 55.12
N GLU B 260 8.24 37.42 54.86
CA GLU B 260 7.27 38.52 54.95
C GLU B 260 6.36 38.54 53.73
N TYR B 261 6.92 38.21 52.57
CA TYR B 261 6.15 38.16 51.33
C TYR B 261 6.05 36.73 50.82
N PRO B 262 5.00 36.01 51.24
CA PRO B 262 4.78 34.61 50.86
C PRO B 262 4.76 34.40 49.35
N GLY B 263 5.45 33.36 48.89
CA GLY B 263 5.50 33.03 47.47
C GLY B 263 5.87 34.22 46.60
N ALA B 264 6.92 34.93 47.00
CA ALA B 264 7.36 36.11 46.27
C ALA B 264 8.84 36.07 45.95
N HIS B 265 9.49 34.95 46.27
CA HIS B 265 10.92 34.81 46.02
C HIS B 265 11.19 34.00 44.75
N THR B 266 10.54 34.38 43.66
CA THR B 266 10.72 33.70 42.38
C THR B 266 10.97 34.68 41.25
N ALA B 267 11.40 34.17 40.11
CA ALA B 267 11.70 35.00 38.95
C ALA B 267 10.45 35.24 38.10
N THR B 268 9.37 34.54 38.44
CA THR B 268 8.11 34.68 37.71
C THR B 268 6.98 35.08 38.65
N ILE B 269 5.82 35.35 38.08
CA ILE B 269 4.65 35.77 38.86
C ILE B 269 3.35 35.40 38.15
N LYS B 270 2.41 34.84 38.92
CA LYS B 270 1.11 34.47 38.39
C LYS B 270 0.40 35.70 37.83
N TYR B 271 -0.31 35.53 36.72
CA TYR B 271 -0.98 36.64 36.07
C TYR B 271 -2.03 37.28 36.99
N THR B 272 -2.61 36.48 37.86
CA THR B 272 -3.58 36.98 38.83
C THR B 272 -2.90 37.95 39.81
N SER B 273 -1.68 37.61 40.22
CA SER B 273 -0.92 38.46 41.13
C SER B 273 -0.45 39.72 40.43
N ALA B 274 -0.01 39.57 39.17
CA ALA B 274 0.48 40.69 38.38
C ALA B 274 -0.63 41.72 38.16
N LEU B 275 -1.85 41.24 37.99
CA LEU B 275 -3.00 42.12 37.81
C LEU B 275 -3.32 42.85 39.10
N THR B 276 -3.12 42.18 40.23
CA THR B 276 -3.33 42.80 41.53
C THR B 276 -2.42 44.00 41.72
N TYR B 277 -1.14 43.83 41.35
CA TYR B 277 -0.17 44.89 41.42
C TYR B 277 -0.56 46.05 40.51
N ASP B 278 -1.02 45.72 39.31
CA ASP B 278 -1.45 46.73 38.35
C ASP B 278 -2.75 47.40 38.80
N ALA B 279 -3.51 46.70 39.64
CA ALA B 279 -4.76 47.23 40.16
C ALA B 279 -4.48 48.40 41.09
N VAL B 280 -3.47 48.24 41.94
CA VAL B 280 -3.08 49.30 42.87
C VAL B 280 -2.70 50.57 42.10
N GLN B 281 -1.97 50.39 41.01
CA GLN B 281 -1.54 51.53 40.20
C GLN B 281 -2.74 52.26 39.58
N VAL B 282 -3.75 51.50 39.19
CA VAL B 282 -4.95 52.07 38.59
C VAL B 282 -5.73 52.88 39.62
N MET B 283 -5.83 52.35 40.83
CA MET B 283 -6.56 53.02 41.91
C MET B 283 -5.83 54.29 42.35
N THR B 284 -4.51 54.27 42.28
CA THR B 284 -3.70 55.43 42.63
C THR B 284 -3.90 56.56 41.62
N GLU B 285 -3.71 56.22 40.35
CA GLU B 285 -3.86 57.20 39.27
C GLU B 285 -5.27 57.76 39.21
N ALA B 286 -6.24 56.96 39.66
CA ALA B 286 -7.64 57.36 39.65
C ALA B 286 -7.93 58.41 40.73
N PHE B 287 -7.48 58.11 41.95
CA PHE B 287 -7.69 59.02 43.07
C PHE B 287 -6.84 60.27 42.91
N ARG B 288 -5.79 60.17 42.08
CA ARG B 288 -4.91 61.30 41.82
C ARG B 288 -5.52 62.24 40.79
N ASN B 289 -6.21 61.68 39.82
CA ASN B 289 -6.88 62.48 38.78
C ASN B 289 -8.10 63.19 39.33
N LEU B 290 -8.52 62.82 40.54
CA LEU B 290 -9.64 63.47 41.21
C LEU B 290 -9.18 64.66 42.03
N ARG B 291 -7.96 64.58 42.55
CA ARG B 291 -7.38 65.67 43.31
C ARG B 291 -6.98 66.82 42.38
N LYS B 292 -6.38 66.46 41.24
CA LYS B 292 -5.95 67.45 40.26
C LYS B 292 -7.13 68.02 39.48
N GLN B 293 -8.27 67.36 39.58
CA GLN B 293 -9.47 67.81 38.88
C GLN B 293 -10.36 68.65 39.81
N ARG B 294 -9.89 68.86 41.03
CA ARG B 294 -10.62 69.65 42.01
C ARG B 294 -12.02 69.09 42.25
N ILE B 295 -12.09 67.78 42.53
CA ILE B 295 -13.37 67.12 42.78
C ILE B 295 -13.45 66.59 44.21
N GLU B 296 -14.35 67.16 44.99
CA GLU B 296 -14.55 66.74 46.37
C GLU B 296 -15.47 65.53 46.44
N ILE B 297 -15.00 64.48 47.10
CA ILE B 297 -15.77 63.24 47.20
C ILE B 297 -15.72 62.67 48.62
N SER B 298 -14.90 63.28 49.46
CA SER B 298 -14.62 62.76 50.79
C SER B 298 -15.86 62.62 51.66
N ARG B 299 -15.83 61.65 52.57
CA ARG B 299 -16.92 61.42 53.49
C ARG B 299 -16.40 60.80 54.79
N ARG B 300 -17.29 60.18 55.55
CA ARG B 300 -16.92 59.56 56.82
C ARG B 300 -17.35 58.11 56.87
N GLY B 301 -17.10 57.45 57.99
CA GLY B 301 -17.47 56.06 58.18
C GLY B 301 -18.89 55.92 58.69
N ASN B 302 -19.83 56.60 58.04
CA ASN B 302 -21.24 56.53 58.41
C ASN B 302 -22.17 56.44 57.22
N ALA B 303 -21.72 55.75 56.17
CA ALA B 303 -22.54 55.46 55.01
C ALA B 303 -23.82 54.73 55.44
N GLY B 304 -23.78 54.11 56.60
CA GLY B 304 -24.93 53.39 57.14
C GLY B 304 -24.98 51.95 56.68
N ASP B 305 -26.03 51.25 57.08
CA ASP B 305 -26.20 49.85 56.70
C ASP B 305 -26.51 49.73 55.21
N CYS B 306 -25.85 48.78 54.54
CA CYS B 306 -26.02 48.60 53.11
C CYS B 306 -27.44 48.11 52.77
N LEU B 307 -28.09 47.47 53.72
CA LEU B 307 -29.44 46.96 53.52
C LEU B 307 -30.49 48.06 53.71
N ALA B 308 -30.01 49.28 53.91
CA ALA B 308 -30.90 50.43 54.12
C ALA B 308 -31.95 50.51 53.03
N ASN B 309 -33.21 50.63 53.42
CA ASN B 309 -34.32 50.71 52.48
C ASN B 309 -35.21 51.91 52.76
N PRO B 310 -35.40 52.78 51.75
CA PRO B 310 -34.81 52.65 50.42
C PRO B 310 -33.30 52.89 50.41
N ALA B 311 -32.59 52.19 49.53
CA ALA B 311 -31.15 52.34 49.41
C ALA B 311 -30.80 53.55 48.55
N VAL B 312 -30.10 54.52 49.13
CA VAL B 312 -29.72 55.73 48.42
C VAL B 312 -28.23 55.73 48.09
N PRO B 313 -27.90 55.76 46.78
CA PRO B 313 -26.52 55.79 46.30
C PRO B 313 -25.89 57.16 46.51
N TRP B 314 -24.72 57.20 47.12
CA TRP B 314 -24.02 58.46 47.34
C TRP B 314 -23.40 58.96 46.03
N GLY B 315 -23.82 60.16 45.61
CA GLY B 315 -23.42 60.72 44.34
C GLY B 315 -21.93 60.77 44.09
N GLN B 316 -21.14 60.80 45.16
CA GLN B 316 -19.70 60.89 45.04
C GLN B 316 -19.11 59.64 44.38
N GLY B 317 -19.91 58.57 44.33
CA GLY B 317 -19.46 57.32 43.73
C GLY B 317 -19.41 57.38 42.22
N VAL B 318 -20.31 58.15 41.62
CA VAL B 318 -20.37 58.29 40.18
C VAL B 318 -19.06 58.86 39.63
N GLU B 319 -18.44 59.74 40.40
CA GLU B 319 -17.19 60.37 39.99
C GLU B 319 -16.00 59.42 40.14
N ILE B 320 -16.05 58.60 41.18
CA ILE B 320 -14.99 57.63 41.43
C ILE B 320 -14.91 56.61 40.31
N GLU B 321 -16.05 56.32 39.70
CA GLU B 321 -16.12 55.39 38.57
C GLU B 321 -15.50 56.02 37.33
N ARG B 322 -15.92 57.26 37.03
CA ARG B 322 -15.43 57.97 35.86
C ARG B 322 -13.93 58.23 35.98
N ALA B 323 -13.39 58.06 37.17
CA ALA B 323 -11.96 58.25 37.41
C ALA B 323 -11.17 56.99 37.06
N LEU B 324 -11.56 55.88 37.67
CA LEU B 324 -10.90 54.60 37.44
C LEU B 324 -10.99 54.20 35.97
N LYS B 325 -12.16 54.39 35.37
CA LYS B 325 -12.37 54.01 33.99
C LYS B 325 -11.62 54.92 33.02
N GLN B 326 -11.22 56.09 33.51
CA GLN B 326 -10.50 57.05 32.67
C GLN B 326 -8.99 56.85 32.76
N VAL B 327 -8.57 56.07 33.76
CA VAL B 327 -7.14 55.79 33.98
C VAL B 327 -6.52 55.12 32.77
N GLN B 328 -5.26 55.46 32.49
CA GLN B 328 -4.52 54.83 31.41
C GLN B 328 -3.02 54.91 31.66
N VAL B 329 -2.46 53.88 32.28
CA VAL B 329 -1.04 53.82 32.56
C VAL B 329 -0.42 52.55 32.02
N GLU B 330 0.89 52.39 32.23
CA GLU B 330 1.60 51.21 31.76
C GLU B 330 1.95 50.30 32.93
N GLY B 331 1.57 49.04 32.83
CA GLY B 331 1.81 48.09 33.91
C GLY B 331 2.43 46.79 33.43
N LEU B 332 2.47 45.80 34.31
CA LEU B 332 3.05 44.50 34.00
C LEU B 332 2.28 43.80 32.88
N SER B 333 0.97 44.05 32.82
CA SER B 333 0.11 43.43 31.82
C SER B 333 -0.09 44.33 30.62
N GLY B 334 1.00 44.96 30.16
CA GLY B 334 0.95 45.81 28.98
C GLY B 334 0.17 47.10 29.20
N ASN B 335 -0.23 47.73 28.11
CA ASN B 335 -0.99 48.97 28.18
C ASN B 335 -2.37 48.77 28.81
N ILE B 336 -2.64 49.53 29.86
CA ILE B 336 -3.92 49.41 30.57
C ILE B 336 -4.89 50.52 30.19
N LYS B 337 -6.01 50.14 29.61
CA LYS B 337 -7.05 51.08 29.24
C LYS B 337 -8.43 50.47 29.46
N PHE B 338 -9.44 51.31 29.63
CA PHE B 338 -10.79 50.82 29.90
C PHE B 338 -11.84 51.51 29.04
N ASP B 339 -13.00 50.89 28.94
CA ASP B 339 -14.14 51.49 28.25
C ASP B 339 -15.16 51.96 29.29
N GLN B 340 -16.32 52.40 28.82
CA GLN B 340 -17.34 52.94 29.70
C GLN B 340 -17.86 51.91 30.69
N ASN B 341 -17.68 50.63 30.37
CA ASN B 341 -18.18 49.55 31.21
C ASN B 341 -17.18 49.10 32.27
N GLY B 342 -15.93 48.89 31.85
CA GLY B 342 -14.89 48.46 32.77
C GLY B 342 -14.00 47.40 32.16
N LYS B 343 -14.41 46.84 31.02
CA LYS B 343 -13.62 45.85 30.32
C LYS B 343 -12.39 46.50 29.69
N ARG B 344 -11.24 45.86 29.84
CA ARG B 344 -10.00 46.40 29.30
C ARG B 344 -9.99 46.42 27.77
N ILE B 345 -9.36 47.45 27.22
CA ILE B 345 -9.26 47.60 25.77
C ILE B 345 -7.85 47.99 25.36
N ASN B 346 -7.58 47.94 24.06
CA ASN B 346 -6.26 48.27 23.53
C ASN B 346 -5.14 47.54 24.27
N TYR B 347 -5.34 46.25 24.49
CA TYR B 347 -4.37 45.43 25.20
C TYR B 347 -3.66 44.47 24.25
N THR B 348 -2.67 43.76 24.75
CA THR B 348 -1.91 42.83 23.93
C THR B 348 -1.65 41.51 24.66
N ILE B 349 -2.00 40.41 24.01
CA ILE B 349 -1.78 39.08 24.56
C ILE B 349 -0.82 38.28 23.68
N ASN B 350 0.37 37.99 24.21
CA ASN B 350 1.38 37.25 23.47
C ASN B 350 1.04 35.78 23.31
N ILE B 351 1.11 35.28 22.08
CA ILE B 351 0.88 33.88 21.81
C ILE B 351 2.19 33.10 21.99
N MET B 352 2.12 32.05 22.81
CA MET B 352 3.33 31.31 23.18
C MET B 352 3.31 29.88 22.65
N GLU B 353 4.49 29.37 22.30
CA GLU B 353 4.67 27.97 21.94
C GLU B 353 5.82 27.39 22.75
N LEU B 354 5.68 26.12 23.13
CA LEU B 354 6.71 25.47 23.93
C LEU B 354 7.66 24.65 23.05
N LYS B 355 8.90 25.11 22.94
CA LYS B 355 9.91 24.41 22.15
C LYS B 355 10.85 23.62 23.06
N THR B 356 11.92 23.11 22.48
CA THR B 356 12.89 22.32 23.23
C THR B 356 13.68 23.18 24.22
N ASN B 357 14.04 24.38 23.80
CA ASN B 357 14.81 25.28 24.65
C ASN B 357 13.93 26.01 25.66
N GLY B 358 12.62 25.81 25.55
CA GLY B 358 11.67 26.45 26.46
C GLY B 358 10.64 27.26 25.72
N PRO B 359 9.74 27.92 26.47
CA PRO B 359 8.68 28.77 25.90
C PRO B 359 9.26 29.84 24.97
N ARG B 360 8.47 30.25 23.97
CA ARG B 360 8.92 31.25 23.01
C ARG B 360 7.74 31.96 22.36
N LYS B 361 7.75 33.29 22.40
CA LYS B 361 6.70 34.09 21.80
C LYS B 361 6.76 34.02 20.27
N ILE B 362 5.66 33.58 19.66
CA ILE B 362 5.59 33.48 18.21
C ILE B 362 4.76 34.60 17.61
N GLY B 363 4.22 35.45 18.48
CA GLY B 363 3.39 36.57 18.03
C GLY B 363 2.52 37.11 19.14
N TYR B 364 1.62 38.03 18.79
CA TYR B 364 0.72 38.62 19.77
C TYR B 364 -0.69 38.73 19.22
N TRP B 365 -1.63 39.14 20.06
CA TRP B 365 -3.01 39.29 19.66
C TRP B 365 -3.58 40.63 20.11
N SER B 366 -4.00 41.44 19.14
CA SER B 366 -4.62 42.73 19.45
C SER B 366 -6.11 42.67 19.17
N GLU B 367 -6.90 43.37 19.98
CA GLU B 367 -8.34 43.39 19.81
C GLU B 367 -8.75 44.02 18.48
N VAL B 368 -7.79 44.68 17.83
CA VAL B 368 -8.07 45.38 16.59
C VAL B 368 -7.28 44.81 15.41
N ASP B 369 -6.22 44.06 15.70
CA ASP B 369 -5.37 43.51 14.66
C ASP B 369 -5.40 41.98 14.66
N LYS B 370 -6.22 41.39 15.53
CA LYS B 370 -6.26 39.94 15.67
C LYS B 370 -4.88 39.39 15.96
N MET B 371 -4.54 38.25 15.38
CA MET B 371 -3.24 37.64 15.57
C MET B 371 -2.20 38.17 14.60
N VAL B 372 -1.02 38.47 15.11
CA VAL B 372 0.09 38.95 14.29
C VAL B 372 1.39 38.27 14.71
N LEU B 373 1.96 37.49 13.80
CA LEU B 373 3.19 36.74 14.10
C LEU B 373 4.43 37.62 14.02
N THR B 374 5.36 37.36 14.93
CA THR B 374 6.61 38.09 15.00
C THR B 374 7.75 37.19 14.53
N GLU B 375 8.90 37.79 14.25
CA GLU B 375 10.07 37.03 13.80
C GLU B 375 10.26 35.79 14.66
N ASP B 376 10.74 34.71 14.05
CA ASP B 376 10.99 33.46 14.76
C ASP B 376 11.09 32.29 13.80
N ASP B 377 10.61 32.49 12.57
CA ASP B 377 10.65 31.44 11.56
C ASP B 377 12.05 30.86 11.42
N THR B 378 12.17 29.55 11.66
CA THR B 378 13.44 28.86 11.57
C THR B 378 13.92 28.78 10.13
N SER B 379 13.56 29.77 9.32
CA SER B 379 13.95 29.79 7.92
C SER B 379 15.43 29.46 7.74
N GLY B 380 15.73 28.46 6.91
CA GLY B 380 14.74 27.69 6.17
C GLY B 380 14.69 26.24 6.63
N LEU B 381 14.12 25.39 5.78
CA LEU B 381 14.00 23.97 6.09
C LEU B 381 14.59 23.11 4.97
N GLU B 382 15.92 23.01 4.94
CA GLU B 382 16.60 22.21 3.93
C GLU B 382 16.09 22.54 2.53
N GLN B 383 15.47 23.72 2.40
CA GLN B 383 14.94 24.16 1.11
C GLN B 383 15.93 23.91 -0.02
N LYS B 384 17.22 23.88 0.33
CA LYS B 384 18.27 23.65 -0.66
C LYS B 384 17.92 22.47 -1.56
N THR B 385 16.98 22.68 -2.48
CA THR B 385 16.57 21.64 -3.40
C THR B 385 17.74 21.16 -4.25
N VAL B 386 17.42 20.43 -5.32
CA VAL B 386 18.45 19.91 -6.21
C VAL B 386 18.24 20.42 -7.64
N VAL B 387 19.28 21.01 -8.21
CA VAL B 387 19.23 21.55 -9.57
C VAL B 387 19.44 20.45 -10.59
N VAL B 388 18.37 20.09 -11.30
CA VAL B 388 18.44 19.04 -12.32
C VAL B 388 18.54 19.63 -13.71
N THR B 389 19.68 19.40 -14.36
CA THR B 389 19.88 19.88 -15.72
C THR B 389 19.48 18.82 -16.74
N THR B 390 18.88 19.27 -17.84
CA THR B 390 18.42 18.36 -18.88
C THR B 390 18.32 19.08 -20.23
N ILE B 391 18.31 18.32 -21.31
CA ILE B 391 18.25 18.89 -22.65
C ILE B 391 16.87 18.67 -23.26
N LEU B 392 16.47 19.58 -24.15
CA LEU B 392 15.19 19.46 -24.85
C LEU B 392 15.30 18.50 -26.03
N GLU B 393 14.97 17.24 -25.79
CA GLU B 393 15.05 16.21 -26.83
C GLU B 393 13.86 15.26 -26.71
N SER B 394 13.02 15.24 -27.74
CA SER B 394 11.84 14.37 -27.75
C SER B 394 12.25 12.91 -27.90
N PRO B 395 11.56 12.01 -27.21
CA PRO B 395 10.47 12.31 -26.29
C PRO B 395 10.91 12.28 -24.83
N TYR B 396 12.18 12.62 -24.58
CA TYR B 396 12.71 12.60 -23.23
C TYR B 396 12.28 13.82 -22.43
N VAL B 397 12.48 15.00 -22.99
CA VAL B 397 12.05 16.24 -22.35
C VAL B 397 11.47 17.20 -23.39
N MET B 398 10.16 17.45 -23.29
CA MET B 398 9.48 18.31 -24.25
C MET B 398 8.64 19.36 -23.53
N MET B 399 8.33 20.45 -24.23
CA MET B 399 7.49 21.50 -23.68
C MET B 399 6.03 21.08 -23.73
N LYS B 400 5.37 21.04 -22.58
CA LYS B 400 3.97 20.66 -22.49
C LYS B 400 3.12 21.58 -23.38
N LYS B 401 1.94 21.09 -23.76
CA LYS B 401 1.04 21.85 -24.62
C LYS B 401 0.87 23.29 -24.13
N ASN B 402 0.17 23.45 -23.01
CA ASN B 402 -0.04 24.76 -22.43
C ASN B 402 1.07 25.14 -21.45
N HIS B 403 2.31 25.10 -21.93
CA HIS B 403 3.46 25.41 -21.09
C HIS B 403 3.49 26.89 -20.71
N GLU B 404 2.83 27.71 -21.51
CA GLU B 404 2.78 29.15 -21.25
C GLU B 404 1.89 29.46 -20.05
N MET B 405 0.96 28.56 -19.77
CA MET B 405 0.03 28.74 -18.65
C MET B 405 0.51 27.96 -17.42
N LEU B 406 1.72 27.39 -17.52
CA LEU B 406 2.28 26.63 -16.42
C LEU B 406 3.63 27.18 -15.99
N GLU B 407 4.13 26.70 -14.85
CA GLU B 407 5.41 27.15 -14.33
C GLU B 407 6.13 26.01 -13.60
N GLY B 408 7.40 26.21 -13.29
CA GLY B 408 8.18 25.23 -12.57
C GLY B 408 8.45 23.98 -13.38
N ASN B 409 8.28 22.83 -12.75
CA ASN B 409 8.53 21.55 -13.41
C ASN B 409 7.34 21.05 -14.21
N GLU B 410 6.18 21.66 -13.97
CA GLU B 410 4.95 21.28 -14.66
C GLU B 410 5.00 21.67 -16.14
N ARG B 411 5.94 22.54 -16.48
CA ARG B 411 6.09 23.02 -17.85
C ARG B 411 6.56 21.90 -18.79
N TYR B 412 7.31 20.96 -18.25
CA TYR B 412 7.92 19.92 -19.07
C TYR B 412 7.26 18.56 -18.92
N GLU B 413 7.43 17.72 -19.95
CA GLU B 413 6.91 16.37 -19.93
C GLU B 413 7.77 15.47 -20.82
N GLY B 414 7.93 14.21 -20.43
CA GLY B 414 8.71 13.28 -21.21
C GLY B 414 9.28 12.14 -20.39
N TYR B 415 10.06 11.28 -21.04
CA TYR B 415 10.66 10.12 -20.39
C TYR B 415 11.55 10.53 -19.22
N CYS B 416 12.45 11.46 -19.47
CA CYS B 416 13.38 11.93 -18.44
C CYS B 416 12.67 12.73 -17.36
N VAL B 417 11.61 13.44 -17.75
CA VAL B 417 10.83 14.22 -16.80
C VAL B 417 10.20 13.30 -15.76
N ASP B 418 9.69 12.16 -16.22
CA ASP B 418 9.12 11.16 -15.32
C ASP B 418 10.23 10.44 -14.56
N LEU B 419 11.33 10.17 -15.26
CA LEU B 419 12.47 9.49 -14.65
C LEU B 419 13.05 10.33 -13.52
N ALA B 420 12.95 11.64 -13.65
CA ALA B 420 13.43 12.56 -12.62
C ALA B 420 12.62 12.40 -11.34
N ALA B 421 11.30 12.43 -11.49
CA ALA B 421 10.40 12.29 -10.34
C ALA B 421 10.62 10.97 -9.63
N GLU B 422 10.86 9.92 -10.41
CA GLU B 422 11.10 8.60 -9.84
C GLU B 422 12.40 8.56 -9.04
N ILE B 423 13.46 9.09 -9.64
CA ILE B 423 14.75 9.15 -8.96
C ILE B 423 14.66 9.97 -7.68
N ALA B 424 13.96 11.10 -7.76
CA ALA B 424 13.81 11.99 -6.63
C ALA B 424 13.00 11.35 -5.51
N LYS B 425 12.11 10.44 -5.87
CA LYS B 425 11.26 9.77 -4.89
C LYS B 425 12.04 8.71 -4.11
N HIS B 426 12.93 8.00 -4.80
CA HIS B 426 13.72 6.94 -4.17
C HIS B 426 14.95 7.49 -3.46
N CYS B 427 15.36 8.69 -3.84
CA CYS B 427 16.50 9.33 -3.20
C CYS B 427 16.07 10.37 -2.17
N GLY B 428 14.79 10.74 -2.23
CA GLY B 428 14.22 11.67 -1.29
C GLY B 428 14.80 13.07 -1.39
N PHE B 429 14.34 13.84 -2.36
CA PHE B 429 14.78 15.23 -2.52
C PHE B 429 13.89 15.99 -3.49
N LYS B 430 13.75 17.29 -3.26
CA LYS B 430 13.02 18.17 -4.17
C LYS B 430 13.97 18.64 -5.27
N TYR B 431 13.43 18.92 -6.45
CA TYR B 431 14.27 19.32 -7.57
C TYR B 431 13.63 20.39 -8.45
N LYS B 432 14.46 21.07 -9.23
CA LYS B 432 13.99 22.08 -10.17
C LYS B 432 14.53 21.80 -11.57
N LEU B 433 13.66 21.35 -12.46
CA LEU B 433 14.06 21.04 -13.83
C LEU B 433 14.52 22.29 -14.57
N THR B 434 15.74 22.25 -15.09
CA THR B 434 16.30 23.37 -15.83
C THR B 434 16.91 22.90 -17.14
N ILE B 435 16.68 23.67 -18.21
CA ILE B 435 17.24 23.34 -19.52
C ILE B 435 18.63 23.95 -19.67
N VAL B 436 19.57 23.13 -20.15
CA VAL B 436 20.95 23.58 -20.34
C VAL B 436 21.00 24.78 -21.29
N GLY B 437 21.88 25.73 -20.97
CA GLY B 437 22.00 26.95 -21.75
C GLY B 437 22.27 26.73 -23.23
N ASP B 438 23.50 26.33 -23.54
CA ASP B 438 23.91 26.15 -24.94
C ASP B 438 23.15 25.04 -25.65
N GLY B 439 22.44 24.22 -24.87
CA GLY B 439 21.63 23.17 -25.44
C GLY B 439 22.44 22.01 -26.00
N LYS B 440 23.64 21.81 -25.47
CA LYS B 440 24.49 20.71 -25.90
C LYS B 440 24.52 19.61 -24.84
N TYR B 441 25.06 18.46 -25.20
CA TYR B 441 25.14 17.33 -24.27
C TYR B 441 26.36 17.41 -23.38
N GLY B 442 27.52 17.10 -23.94
CA GLY B 442 28.76 17.13 -23.17
C GLY B 442 29.99 16.83 -23.99
N ALA B 443 30.58 17.88 -24.55
CA ALA B 443 31.81 17.74 -25.34
C ALA B 443 32.94 18.56 -24.73
N ARG B 444 34.13 18.43 -25.27
CA ARG B 444 35.29 19.15 -24.75
C ARG B 444 36.10 19.81 -25.87
N ASP B 445 35.97 21.13 -25.98
CA ASP B 445 36.74 21.89 -26.97
C ASP B 445 38.23 21.66 -26.76
N ALA B 446 38.90 21.15 -27.79
CA ALA B 446 40.32 20.82 -27.71
C ALA B 446 41.17 22.00 -27.25
N ASP B 447 40.94 23.17 -27.85
CA ASP B 447 41.73 24.35 -27.56
C ASP B 447 41.52 24.87 -26.13
N THR B 448 40.34 25.41 -25.86
CA THR B 448 40.04 25.99 -24.55
C THR B 448 39.98 24.94 -23.45
N LYS B 449 39.83 23.68 -23.85
CA LYS B 449 39.75 22.59 -22.88
C LYS B 449 38.57 22.79 -21.93
N ILE B 450 37.50 23.37 -22.45
CA ILE B 450 36.32 23.66 -21.65
C ILE B 450 35.17 22.72 -21.98
N TRP B 451 34.48 22.23 -20.95
CA TRP B 451 33.32 21.38 -21.14
C TRP B 451 32.08 22.23 -21.40
N ASN B 452 31.22 21.74 -22.28
CA ASN B 452 29.98 22.43 -22.61
C ASN B 452 28.76 21.55 -22.38
N GLY B 453 27.57 22.15 -22.43
CA GLY B 453 26.34 21.41 -22.25
C GLY B 453 26.12 21.00 -20.79
N MET B 454 25.37 19.92 -20.61
CA MET B 454 25.06 19.44 -19.27
C MET B 454 26.30 18.98 -18.53
N VAL B 455 27.13 18.19 -19.19
CA VAL B 455 28.37 17.72 -18.59
C VAL B 455 29.18 18.90 -18.07
N GLY B 456 29.12 20.01 -18.78
CA GLY B 456 29.82 21.22 -18.37
C GLY B 456 29.23 21.81 -17.12
N GLU B 457 27.91 22.02 -17.12
CA GLU B 457 27.21 22.61 -15.98
C GLU B 457 27.39 21.78 -14.70
N LEU B 458 27.81 20.53 -14.86
CA LEU B 458 28.06 19.66 -13.72
C LEU B 458 29.45 19.91 -13.14
N VAL B 459 30.45 20.01 -14.02
CA VAL B 459 31.84 20.17 -13.61
C VAL B 459 32.08 21.56 -13.02
N TYR B 460 31.30 22.54 -13.45
CA TYR B 460 31.50 23.92 -13.00
C TYR B 460 30.48 24.34 -11.95
N GLY B 461 29.78 23.37 -11.37
CA GLY B 461 28.90 23.61 -10.25
C GLY B 461 27.60 24.34 -10.56
N LYS B 462 27.22 24.36 -11.83
CA LYS B 462 25.97 25.00 -12.24
C LYS B 462 24.76 24.15 -11.87
N ALA B 463 24.93 22.83 -11.91
CA ALA B 463 23.84 21.92 -11.58
C ALA B 463 24.32 20.83 -10.62
N ASP B 464 23.37 20.15 -9.99
CA ASP B 464 23.69 19.11 -9.02
C ASP B 464 23.61 17.72 -9.63
N ILE B 465 22.85 17.59 -10.71
CA ILE B 465 22.63 16.29 -11.34
C ILE B 465 22.11 16.46 -12.77
N ALA B 466 22.40 15.48 -13.62
CA ALA B 466 21.98 15.52 -15.02
C ALA B 466 21.11 14.33 -15.37
N ILE B 467 19.82 14.58 -15.58
CA ILE B 467 18.89 13.54 -15.98
C ILE B 467 18.43 13.74 -17.42
N ALA B 468 19.13 13.08 -18.34
CA ALA B 468 18.85 13.23 -19.76
C ALA B 468 19.47 12.05 -20.53
N PRO B 469 19.22 11.97 -21.84
CA PRO B 469 19.83 10.92 -22.65
C PRO B 469 21.34 11.14 -22.82
N LEU B 470 22.06 11.24 -21.71
CA LEU B 470 23.50 11.46 -21.76
C LEU B 470 24.25 10.15 -21.93
N THR B 471 24.97 10.03 -23.04
CA THR B 471 25.73 8.83 -23.34
C THR B 471 26.87 8.63 -22.35
N ILE B 472 27.06 7.39 -21.91
CA ILE B 472 28.15 7.07 -20.99
C ILE B 472 29.44 6.81 -21.76
N THR B 473 30.27 7.83 -21.87
CA THR B 473 31.53 7.73 -22.61
C THR B 473 32.73 7.81 -21.67
N LEU B 474 33.85 7.24 -22.10
CA LEU B 474 35.07 7.24 -21.31
C LEU B 474 35.55 8.66 -21.02
N VAL B 475 35.48 9.53 -22.02
CA VAL B 475 35.94 10.90 -21.88
C VAL B 475 35.17 11.66 -20.80
N ARG B 476 33.93 11.23 -20.55
CA ARG B 476 33.08 11.89 -19.57
C ARG B 476 33.20 11.22 -18.20
N GLU B 477 33.34 9.90 -18.20
CA GLU B 477 33.45 9.14 -16.97
C GLU B 477 34.66 9.58 -16.16
N GLU B 478 35.59 10.27 -16.81
CA GLU B 478 36.81 10.74 -16.17
C GLU B 478 36.56 12.00 -15.34
N VAL B 479 35.61 12.83 -15.79
CA VAL B 479 35.34 14.10 -15.13
C VAL B 479 34.11 14.04 -14.23
N ILE B 480 33.13 13.22 -14.60
CA ILE B 480 31.91 13.08 -13.82
C ILE B 480 31.63 11.62 -13.50
N ASP B 481 30.52 11.39 -12.80
CA ASP B 481 30.12 10.02 -12.44
C ASP B 481 28.83 9.61 -13.15
N PHE B 482 28.85 8.44 -13.75
CA PHE B 482 27.68 7.91 -14.43
C PHE B 482 27.07 6.74 -13.68
N SER B 483 25.78 6.84 -13.37
CA SER B 483 25.06 5.72 -12.78
C SER B 483 24.93 4.62 -13.83
N LYS B 484 24.51 3.44 -13.41
CA LYS B 484 24.29 2.34 -14.34
C LYS B 484 23.30 2.78 -15.41
N PRO B 485 23.42 2.21 -16.63
CA PRO B 485 22.58 2.60 -17.75
C PRO B 485 21.09 2.40 -17.45
N PHE B 486 20.29 3.43 -17.71
CA PHE B 486 18.84 3.32 -17.55
C PHE B 486 18.17 3.02 -18.89
N MET B 487 18.98 2.85 -19.93
CA MET B 487 18.47 2.57 -21.26
C MET B 487 19.61 2.20 -22.22
N SER B 488 19.69 0.93 -22.58
CA SER B 488 20.72 0.46 -23.50
C SER B 488 20.29 0.69 -24.95
N LEU B 489 21.22 1.16 -25.77
CA LEU B 489 20.92 1.45 -27.18
C LEU B 489 22.10 1.18 -28.09
N GLY B 490 22.05 1.73 -29.29
CA GLY B 490 23.12 1.57 -30.26
C GLY B 490 22.77 2.23 -31.58
N ILE B 491 23.57 1.94 -32.62
CA ILE B 491 23.33 2.49 -33.94
C ILE B 491 22.46 1.54 -34.77
N SER B 492 21.39 2.09 -35.35
CA SER B 492 20.44 1.27 -36.10
C SER B 492 20.29 1.74 -37.55
N ILE B 493 19.49 1.01 -38.32
CA ILE B 493 19.26 1.34 -39.73
C ILE B 493 17.81 1.74 -39.96
N MET B 494 17.60 2.82 -40.71
CA MET B 494 16.26 3.29 -41.02
C MET B 494 16.01 3.29 -42.52
N ILE B 495 14.96 2.58 -42.94
CA ILE B 495 14.61 2.49 -44.35
C ILE B 495 13.15 2.90 -44.58
N LYS B 496 12.80 3.11 -45.84
CA LYS B 496 11.44 3.50 -46.20
C LYS B 496 10.42 2.44 -45.79
N LYS B 497 9.15 2.74 -46.03
CA LYS B 497 8.08 1.81 -45.69
C LYS B 497 7.55 1.09 -46.92
N PRO B 498 7.86 -0.27 -47.00
CA PRO B 498 7.33 -0.93 -48.21
C PRO B 498 5.83 -0.71 -48.37
N GLN B 499 5.41 -0.28 -49.56
CA GLN B 499 3.99 -0.04 -49.82
C GLN B 499 3.81 0.76 -51.12
N LYS B 500 3.40 0.06 -52.17
CA LYS B 500 3.17 0.71 -53.47
C LYS B 500 2.98 -0.33 -54.57
N SER B 501 3.17 0.09 -55.82
CA SER B 501 3.01 -0.80 -56.96
C SER B 501 3.67 -0.21 -58.21
N LYS B 502 3.92 -1.07 -59.19
CA LYS B 502 4.55 -0.63 -60.43
C LYS B 502 4.13 -1.53 -61.59
N PRO B 503 4.35 -1.02 -62.87
CA PRO B 503 3.95 -1.91 -63.96
C PRO B 503 5.13 -2.65 -64.54
N GLY B 504 5.14 -2.82 -65.87
CA GLY B 504 6.22 -3.52 -66.54
C GLY B 504 5.80 -4.90 -67.03
N VAL B 505 4.49 -5.10 -67.16
CA VAL B 505 3.95 -6.38 -67.61
C VAL B 505 4.56 -7.53 -66.82
N PHE B 506 5.54 -7.21 -65.99
CA PHE B 506 6.23 -8.21 -65.17
C PHE B 506 5.42 -8.63 -63.95
N SER B 507 4.21 -8.09 -63.81
CA SER B 507 3.30 -8.52 -62.76
C SER B 507 2.42 -9.65 -63.27
N PHE B 508 2.62 -10.01 -64.53
CA PHE B 508 1.89 -11.10 -65.17
C PHE B 508 2.78 -12.33 -65.29
N LEU B 509 4.09 -12.08 -65.37
CA LEU B 509 5.06 -13.16 -65.48
C LEU B 509 5.44 -13.67 -64.09
N ASP B 510 5.01 -12.96 -63.06
CA ASP B 510 5.33 -13.33 -61.68
C ASP B 510 4.42 -14.45 -61.15
N PRO B 511 3.12 -14.24 -61.26
CA PRO B 511 2.14 -15.24 -60.83
C PRO B 511 2.68 -16.52 -61.41
N LEU B 512 2.83 -16.55 -62.73
CA LEU B 512 3.41 -17.70 -63.38
C LEU B 512 4.89 -17.41 -63.61
N ALA B 513 5.71 -18.22 -62.94
CA ALA B 513 7.15 -18.06 -62.88
C ALA B 513 7.75 -18.08 -64.28
N TYR B 514 8.84 -17.35 -64.45
CA TYR B 514 9.53 -17.32 -65.74
C TYR B 514 9.91 -18.72 -66.18
N GLU B 515 10.26 -19.56 -65.20
CA GLU B 515 10.66 -20.93 -65.48
C GLU B 515 9.49 -21.72 -66.02
N ILE B 516 8.29 -21.40 -65.52
CA ILE B 516 7.09 -22.10 -65.93
C ILE B 516 6.61 -21.64 -67.32
N TRP B 517 6.71 -20.35 -67.59
CA TRP B 517 6.38 -19.84 -68.92
C TRP B 517 7.26 -20.49 -69.97
N MET B 518 8.50 -20.80 -69.58
CA MET B 518 9.45 -21.42 -70.50
C MET B 518 9.03 -22.85 -70.82
N CYS B 519 8.88 -23.67 -69.79
CA CYS B 519 8.52 -25.07 -69.97
C CYS B 519 7.20 -25.25 -70.71
N ILE B 520 6.24 -24.37 -70.42
CA ILE B 520 4.94 -24.43 -71.09
C ILE B 520 5.09 -24.12 -72.57
N VAL B 521 6.17 -23.44 -72.93
CA VAL B 521 6.48 -23.14 -74.32
C VAL B 521 7.27 -24.27 -74.96
N PHE B 522 8.15 -24.89 -74.18
CA PHE B 522 8.93 -26.03 -74.65
C PHE B 522 8.01 -27.22 -74.92
N ALA B 523 7.07 -27.45 -74.00
CA ALA B 523 6.08 -28.51 -74.18
C ALA B 523 5.10 -28.12 -75.28
N TYR B 524 4.95 -26.81 -75.48
CA TYR B 524 4.08 -26.29 -76.54
C TYR B 524 4.57 -26.75 -77.90
N ILE B 525 5.84 -26.48 -78.20
CA ILE B 525 6.45 -26.93 -79.44
C ILE B 525 6.72 -28.42 -79.37
N GLY B 526 6.73 -28.96 -78.16
CA GLY B 526 6.96 -30.38 -77.94
C GLY B 526 5.75 -31.20 -78.35
N VAL B 527 4.61 -30.54 -78.45
CA VAL B 527 3.37 -31.20 -78.88
C VAL B 527 3.12 -30.96 -80.36
N SER B 528 3.46 -29.75 -80.82
CA SER B 528 3.30 -29.39 -82.23
C SER B 528 4.28 -30.17 -83.10
N VAL B 529 5.30 -30.76 -82.48
CA VAL B 529 6.27 -31.57 -83.19
C VAL B 529 5.86 -33.03 -83.18
N VAL B 530 5.20 -33.46 -82.09
CA VAL B 530 4.68 -34.81 -81.99
C VAL B 530 3.51 -34.99 -82.95
N LEU B 531 2.64 -33.99 -83.02
CA LEU B 531 1.53 -33.99 -83.96
C LEU B 531 2.06 -33.92 -85.39
N PHE B 532 3.17 -33.21 -85.56
CA PHE B 532 3.78 -33.05 -86.87
C PHE B 532 4.25 -34.40 -87.43
N LEU B 533 4.55 -35.33 -86.54
CA LEU B 533 5.01 -36.65 -86.94
C LEU B 533 3.84 -37.58 -87.26
N VAL B 534 2.64 -37.14 -86.90
CA VAL B 534 1.44 -37.94 -87.14
C VAL B 534 0.99 -37.89 -88.59
N SER B 535 0.90 -36.68 -89.14
CA SER B 535 0.48 -36.49 -90.52
C SER B 535 1.50 -37.09 -91.49
N THR B 559 8.46 -32.24 -101.09
CA THR B 559 8.31 -32.96 -99.84
C THR B 559 8.77 -32.13 -98.66
N ASN B 560 9.74 -31.24 -98.89
CA ASN B 560 10.26 -30.37 -97.85
C ASN B 560 9.27 -29.28 -97.48
N GLU B 561 8.57 -28.75 -98.48
CA GLU B 561 7.56 -27.72 -98.26
C GLU B 561 6.31 -28.31 -97.62
N PHE B 562 6.02 -29.56 -97.98
CA PHE B 562 4.88 -30.26 -97.42
C PHE B 562 5.02 -30.41 -95.91
N GLY B 563 6.27 -30.41 -95.44
CA GLY B 563 6.55 -30.48 -94.01
C GLY B 563 6.45 -29.13 -93.36
N ILE B 564 6.63 -28.07 -94.15
CA ILE B 564 6.54 -26.71 -93.65
C ILE B 564 5.08 -26.29 -93.48
N PHE B 565 4.26 -26.61 -94.48
CA PHE B 565 2.84 -26.30 -94.43
C PHE B 565 2.16 -27.05 -93.29
N ASN B 566 2.65 -28.26 -93.02
CA ASN B 566 2.12 -29.08 -91.92
C ASN B 566 2.60 -28.58 -90.57
N SER B 567 3.87 -28.20 -90.50
CA SER B 567 4.44 -27.68 -89.26
C SER B 567 3.78 -26.37 -88.87
N LEU B 568 3.23 -25.67 -89.87
CA LEU B 568 2.52 -24.42 -89.63
C LEU B 568 1.06 -24.72 -89.26
N TRP B 569 0.59 -25.90 -89.66
CA TRP B 569 -0.77 -26.33 -89.34
C TRP B 569 -0.82 -26.90 -87.92
N PHE B 570 0.23 -27.61 -87.53
CA PHE B 570 0.34 -28.16 -86.19
C PHE B 570 0.66 -27.05 -85.20
N SER B 571 1.25 -25.97 -85.69
CA SER B 571 1.54 -24.80 -84.88
C SER B 571 0.25 -23.99 -84.68
N LEU B 572 -0.70 -24.20 -85.58
CA LEU B 572 -2.02 -23.59 -85.47
C LEU B 572 -2.89 -24.45 -84.57
N GLY B 573 -2.64 -25.76 -84.61
CA GLY B 573 -3.25 -26.69 -83.68
C GLY B 573 -2.60 -26.54 -82.33
N ALA B 574 -1.47 -25.83 -82.32
CA ALA B 574 -0.75 -25.52 -81.09
C ALA B 574 -1.30 -24.23 -80.48
N PHE B 575 -1.19 -23.13 -81.22
CA PHE B 575 -1.87 -21.90 -80.87
C PHE B 575 -3.29 -22.31 -80.45
N MET B 576 -3.54 -22.26 -79.15
CA MET B 576 -4.60 -23.06 -78.54
C MET B 576 -6.05 -22.69 -78.85
N GLN B 577 -6.94 -23.64 -78.59
CA GLN B 577 -8.39 -23.44 -78.64
C GLN B 577 -9.04 -24.29 -77.55
N PRO B 584 -9.71 -36.45 -87.91
CA PRO B 584 -10.83 -37.12 -87.24
C PRO B 584 -10.39 -37.89 -85.99
N ARG B 585 -10.84 -39.14 -85.87
CA ARG B 585 -10.54 -39.95 -84.69
C ARG B 585 -9.24 -40.73 -84.84
N SER B 586 -8.13 -40.01 -85.04
CA SER B 586 -6.82 -40.65 -85.06
C SER B 586 -6.34 -40.85 -83.62
N LEU B 587 -6.71 -41.98 -83.04
CA LEU B 587 -6.45 -42.27 -81.63
C LEU B 587 -5.07 -41.81 -81.16
N SER B 588 -4.05 -42.02 -81.99
CA SER B 588 -2.69 -41.62 -81.66
C SER B 588 -2.63 -40.16 -81.21
N GLY B 589 -2.73 -39.25 -82.17
CA GLY B 589 -2.68 -37.83 -81.89
C GLY B 589 -3.91 -37.32 -81.16
N ARG B 590 -4.92 -38.18 -81.05
CA ARG B 590 -6.15 -37.84 -80.37
C ARG B 590 -5.94 -37.64 -78.88
N ILE B 591 -5.31 -38.62 -78.23
CA ILE B 591 -5.04 -38.54 -76.80
C ILE B 591 -4.02 -37.45 -76.50
N VAL B 592 -3.22 -37.10 -77.51
CA VAL B 592 -2.26 -36.01 -77.39
C VAL B 592 -2.98 -34.68 -77.18
N GLY B 593 -4.01 -34.45 -77.99
CA GLY B 593 -4.81 -33.25 -77.88
C GLY B 593 -5.58 -33.20 -76.58
N GLY B 594 -5.99 -34.37 -76.09
CA GLY B 594 -6.73 -34.46 -74.85
C GLY B 594 -5.84 -34.21 -73.64
N VAL B 595 -4.69 -34.87 -73.62
CA VAL B 595 -3.74 -34.71 -72.52
C VAL B 595 -3.18 -33.30 -72.48
N TRP B 596 -2.88 -32.75 -73.65
CA TRP B 596 -2.38 -31.38 -73.74
C TRP B 596 -3.43 -30.40 -73.25
N TRP B 597 -4.69 -30.71 -73.50
CA TRP B 597 -5.80 -29.87 -73.04
C TRP B 597 -5.91 -29.92 -71.52
N PHE B 598 -5.80 -31.13 -70.96
CA PHE B 598 -5.84 -31.31 -69.52
C PHE B 598 -4.64 -30.62 -68.87
N PHE B 599 -3.52 -30.59 -69.59
CA PHE B 599 -2.31 -29.95 -69.11
C PHE B 599 -2.49 -28.43 -69.01
N THR B 600 -2.97 -27.82 -70.09
CA THR B 600 -3.17 -26.38 -70.11
C THR B 600 -4.30 -25.97 -69.17
N LEU B 601 -5.26 -26.87 -68.97
CA LEU B 601 -6.36 -26.63 -68.05
C LEU B 601 -5.84 -26.41 -66.64
N ILE B 602 -4.95 -27.29 -66.21
CA ILE B 602 -4.35 -27.19 -64.88
C ILE B 602 -3.55 -25.90 -64.72
N ILE B 603 -2.76 -25.59 -65.73
CA ILE B 603 -1.92 -24.39 -65.69
C ILE B 603 -2.73 -23.10 -65.58
N ILE B 604 -3.70 -22.93 -66.47
CA ILE B 604 -4.54 -21.73 -66.45
C ILE B 604 -5.35 -21.64 -65.16
N SER B 605 -5.68 -22.80 -64.59
CA SER B 605 -6.37 -22.84 -63.31
C SER B 605 -5.42 -22.40 -62.20
N SER B 606 -4.18 -22.85 -62.28
CA SER B 606 -3.16 -22.46 -61.30
C SER B 606 -2.89 -20.97 -61.38
N TYR B 607 -2.73 -20.46 -62.59
CA TYR B 607 -2.49 -19.03 -62.80
C TYR B 607 -3.62 -18.20 -62.19
N THR B 608 -4.85 -18.63 -62.45
CA THR B 608 -6.02 -17.91 -61.95
C THR B 608 -6.07 -17.92 -60.42
N ALA B 609 -5.92 -19.11 -59.85
CA ALA B 609 -5.93 -19.27 -58.40
C ALA B 609 -4.84 -18.44 -57.73
N ASN B 610 -3.61 -18.58 -58.23
CA ASN B 610 -2.47 -17.86 -57.69
C ASN B 610 -2.63 -16.35 -57.78
N LEU B 611 -3.16 -15.89 -58.91
CA LEU B 611 -3.38 -14.46 -59.14
C LEU B 611 -4.41 -13.92 -58.15
N ALA B 612 -5.31 -14.78 -57.70
CA ALA B 612 -6.32 -14.37 -56.74
C ALA B 612 -5.68 -14.11 -55.36
N ALA B 613 -4.54 -14.74 -55.09
CA ALA B 613 -3.92 -14.68 -53.76
C ALA B 613 -3.33 -13.31 -53.44
N PHE B 614 -2.50 -12.78 -54.33
CA PHE B 614 -1.87 -11.49 -54.10
C PHE B 614 -2.90 -10.38 -53.90
N LEU B 615 -4.00 -10.45 -54.65
CA LEU B 615 -5.03 -9.43 -54.62
C LEU B 615 -5.97 -9.60 -53.44
N THR B 616 -5.85 -10.73 -52.75
CA THR B 616 -6.68 -11.01 -51.58
C THR B 616 -5.99 -10.55 -50.29
N VAL B 617 -4.83 -11.15 -49.99
CA VAL B 617 -4.08 -10.80 -48.79
C VAL B 617 -3.40 -9.45 -48.95
N GLU B 618 -2.55 -9.34 -49.97
CA GLU B 618 -1.87 -8.08 -50.30
C GLU B 618 -1.07 -7.52 -49.13
N ARG B 619 -0.10 -8.29 -48.64
CA ARG B 619 0.73 -7.86 -47.52
C ARG B 619 1.92 -7.05 -48.01
N MET B 620 2.22 -5.97 -47.30
CA MET B 620 3.33 -5.09 -47.65
C MET B 620 4.67 -5.81 -47.50
N VAL B 621 5.61 -5.48 -48.37
CA VAL B 621 6.94 -6.09 -48.32
C VAL B 621 7.95 -5.17 -47.63
N SER B 622 9.23 -5.45 -47.85
CA SER B 622 10.29 -4.65 -47.25
C SER B 622 11.66 -5.30 -47.46
N PRO B 623 12.64 -4.49 -48.01
CA PRO B 623 13.94 -5.14 -48.19
C PRO B 623 14.90 -4.81 -47.06
N ILE B 624 15.60 -5.83 -46.55
CA ILE B 624 16.56 -5.64 -45.46
C ILE B 624 17.34 -6.93 -45.17
N GLU B 625 18.08 -7.03 -44.06
CA GLU B 625 18.21 -5.99 -43.03
C GLU B 625 19.58 -5.89 -42.38
N SER B 626 20.17 -7.04 -42.02
CA SER B 626 21.49 -7.08 -41.37
C SER B 626 22.44 -6.12 -42.06
N ALA B 627 22.95 -5.14 -41.32
CA ALA B 627 23.84 -4.15 -41.93
C ALA B 627 24.64 -4.77 -43.07
N GLU B 628 25.24 -5.93 -42.81
CA GLU B 628 26.03 -6.61 -43.82
C GLU B 628 25.34 -6.56 -45.18
N ASP B 629 24.03 -6.39 -45.15
CA ASP B 629 23.24 -6.30 -46.38
C ASP B 629 23.47 -4.98 -47.10
N LEU B 630 23.81 -3.94 -46.34
CA LEU B 630 24.08 -2.63 -46.91
C LEU B 630 25.43 -2.59 -47.62
N SER B 631 26.36 -3.44 -47.16
CA SER B 631 27.70 -3.48 -47.71
C SER B 631 27.76 -4.39 -48.95
N LYS B 632 26.94 -5.43 -48.94
CA LYS B 632 26.95 -6.41 -50.03
C LYS B 632 26.28 -5.88 -51.29
N GLN B 633 25.56 -4.77 -51.16
CA GLN B 633 24.86 -4.17 -52.29
C GLN B 633 25.18 -2.69 -52.44
N THR B 634 24.78 -2.11 -53.56
CA THR B 634 25.07 -0.71 -53.84
C THR B 634 23.85 0.04 -54.37
N GLU B 635 22.85 -0.70 -54.81
CA GLU B 635 21.64 -0.12 -55.36
C GLU B 635 21.01 0.88 -54.39
N ILE B 636 20.98 0.52 -53.12
CA ILE B 636 20.42 1.38 -52.09
C ILE B 636 21.51 2.15 -51.36
N ALA B 637 21.58 3.46 -51.60
CA ALA B 637 22.57 4.31 -50.94
C ALA B 637 22.26 4.43 -49.46
N TYR B 638 23.26 4.84 -48.68
CA TYR B 638 23.08 5.02 -47.25
C TYR B 638 24.17 5.91 -46.66
N GLY B 639 23.84 6.60 -45.58
CA GLY B 639 24.79 7.48 -44.92
C GLY B 639 24.41 7.80 -43.49
N THR B 640 25.20 8.65 -42.85
CA THR B 640 24.96 9.03 -41.47
C THR B 640 24.97 10.56 -41.33
N LEU B 641 24.93 11.04 -40.09
CA LEU B 641 25.02 12.47 -39.85
C LEU B 641 26.43 12.96 -40.13
N ASP B 642 26.54 14.13 -40.75
CA ASP B 642 27.84 14.65 -41.15
C ASP B 642 28.78 14.87 -39.96
N SER B 643 28.21 14.97 -38.76
CA SER B 643 29.01 15.17 -37.56
C SER B 643 28.34 14.52 -36.35
N GLY B 644 29.11 13.71 -35.63
CA GLY B 644 28.61 13.03 -34.46
C GLY B 644 29.29 11.70 -34.22
N SER B 645 28.99 11.07 -33.08
CA SER B 645 29.58 9.78 -32.73
C SER B 645 29.22 8.71 -33.74
N THR B 646 28.06 8.86 -34.38
CA THR B 646 27.60 7.90 -35.37
C THR B 646 28.57 7.83 -36.55
N LYS B 647 28.90 8.98 -37.11
CA LYS B 647 29.82 9.05 -38.23
C LYS B 647 31.23 8.65 -37.81
N GLU B 648 31.68 9.20 -36.68
CA GLU B 648 33.01 8.92 -36.17
C GLU B 648 33.17 7.43 -35.82
N PHE B 649 32.06 6.75 -35.61
CA PHE B 649 32.09 5.33 -35.28
C PHE B 649 32.63 4.52 -36.45
N PHE B 650 32.03 4.69 -37.62
CA PHE B 650 32.46 3.95 -38.80
C PHE B 650 33.88 4.30 -39.20
N ARG B 651 34.23 5.58 -39.07
CA ARG B 651 35.57 6.04 -39.41
C ARG B 651 36.64 5.33 -38.61
N ARG B 652 36.39 5.14 -37.32
CA ARG B 652 37.38 4.54 -36.43
C ARG B 652 37.19 3.04 -36.27
N SER B 653 36.05 2.54 -36.73
CA SER B 653 35.74 1.11 -36.59
C SER B 653 36.69 0.25 -37.42
N LYS B 654 37.26 -0.76 -36.78
CA LYS B 654 38.16 -1.69 -37.45
C LYS B 654 37.48 -3.01 -37.76
N ILE B 655 36.16 -3.04 -37.60
CA ILE B 655 35.38 -4.24 -37.87
C ILE B 655 35.18 -4.44 -39.37
N ALA B 656 35.19 -5.69 -39.80
CA ALA B 656 35.09 -6.04 -41.21
C ALA B 656 33.98 -5.28 -41.94
N VAL B 657 32.73 -5.59 -41.59
CA VAL B 657 31.57 -5.02 -42.27
C VAL B 657 31.57 -3.49 -42.22
N PHE B 658 31.66 -2.93 -41.02
CA PHE B 658 31.59 -1.48 -40.84
C PHE B 658 32.72 -0.76 -41.58
N ASP B 659 33.82 -1.45 -41.79
CA ASP B 659 34.96 -0.88 -42.53
C ASP B 659 34.54 -0.54 -43.96
N LYS B 660 34.06 -1.55 -44.68
CA LYS B 660 33.63 -1.38 -46.05
C LYS B 660 32.57 -0.28 -46.16
N MET B 661 31.63 -0.28 -45.22
CA MET B 661 30.56 0.71 -45.21
C MET B 661 31.14 2.13 -45.19
N TRP B 662 32.10 2.36 -44.31
CA TRP B 662 32.73 3.67 -44.21
C TRP B 662 33.48 4.04 -45.49
N THR B 663 34.19 3.06 -46.06
CA THR B 663 34.91 3.28 -47.30
C THR B 663 33.98 3.80 -48.38
N TYR B 664 32.77 3.25 -48.43
CA TYR B 664 31.77 3.67 -49.40
C TYR B 664 31.28 5.09 -49.11
N MET B 665 30.83 5.31 -47.89
CA MET B 665 30.28 6.61 -47.49
C MET B 665 31.33 7.72 -47.57
N ARG B 666 32.60 7.35 -47.39
CA ARG B 666 33.68 8.33 -47.37
C ARG B 666 33.89 9.00 -48.72
N SER B 667 33.56 8.28 -49.79
CA SER B 667 33.78 8.80 -51.14
C SER B 667 32.52 8.74 -51.99
N ALA B 668 31.37 8.49 -51.35
CA ALA B 668 30.11 8.38 -52.07
C ALA B 668 29.64 9.75 -52.58
N GLU B 669 29.24 9.79 -53.84
CA GLU B 669 28.76 11.03 -54.45
C GLU B 669 27.39 10.81 -55.10
N PRO B 670 26.45 11.74 -54.85
CA PRO B 670 26.62 12.93 -54.01
C PRO B 670 26.79 12.56 -52.53
N SER B 671 26.95 13.58 -51.69
CA SER B 671 27.15 13.37 -50.26
C SER B 671 26.01 12.55 -49.65
N VAL B 672 26.37 11.44 -49.00
CA VAL B 672 25.40 10.59 -48.35
C VAL B 672 25.14 11.05 -46.91
N PHE B 673 25.88 12.06 -46.49
CA PHE B 673 25.72 12.62 -45.15
C PHE B 673 24.75 13.79 -45.15
N VAL B 674 23.98 13.90 -44.08
CA VAL B 674 22.99 14.98 -43.96
C VAL B 674 23.40 15.98 -42.88
N ARG B 675 22.80 17.16 -42.92
CA ARG B 675 23.11 18.21 -41.96
C ARG B 675 22.50 17.92 -40.60
N THR B 676 21.20 17.65 -40.57
CA THR B 676 20.50 17.34 -39.34
C THR B 676 19.78 15.99 -39.44
N THR B 677 19.23 15.54 -38.31
CA THR B 677 18.51 14.28 -38.27
C THR B 677 17.22 14.36 -39.08
N ALA B 678 16.59 15.53 -39.08
CA ALA B 678 15.37 15.74 -39.83
C ALA B 678 15.61 15.59 -41.33
N GLU B 679 16.75 16.10 -41.78
CA GLU B 679 17.12 16.01 -43.19
C GLU B 679 17.31 14.55 -43.60
N GLY B 680 17.93 13.77 -42.72
CA GLY B 680 18.16 12.36 -42.98
C GLY B 680 16.87 11.59 -43.15
N VAL B 681 15.92 11.82 -42.25
CA VAL B 681 14.62 11.16 -42.30
C VAL B 681 13.88 11.56 -43.58
N ALA B 682 13.95 12.85 -43.92
CA ALA B 682 13.30 13.35 -45.12
C ALA B 682 13.87 12.71 -46.38
N ARG B 683 15.18 12.43 -46.35
CA ARG B 683 15.85 11.81 -47.49
C ARG B 683 15.39 10.37 -47.67
N VAL B 684 15.06 9.71 -46.57
CA VAL B 684 14.58 8.33 -46.61
C VAL B 684 13.14 8.27 -47.06
N ARG B 685 12.37 9.31 -46.76
CA ARG B 685 10.96 9.37 -47.10
C ARG B 685 10.72 9.85 -48.53
N LYS B 686 11.76 10.38 -49.16
CA LYS B 686 11.63 10.96 -50.50
C LYS B 686 12.48 10.24 -51.53
N SER B 687 13.11 9.14 -51.13
CA SER B 687 13.96 8.37 -52.05
C SER B 687 13.29 7.08 -52.51
N LYS B 688 12.06 6.87 -52.07
CA LYS B 688 11.30 5.68 -52.45
C LYS B 688 12.03 4.39 -52.09
N GLY B 689 12.77 4.43 -50.99
CA GLY B 689 13.49 3.27 -50.51
C GLY B 689 14.85 3.09 -51.15
N LYS B 690 15.38 4.16 -51.71
CA LYS B 690 16.69 4.12 -52.37
C LYS B 690 17.79 4.64 -51.44
N TYR B 691 17.39 5.21 -50.31
CA TYR B 691 18.35 5.75 -49.35
C TYR B 691 18.04 5.32 -47.92
N ALA B 692 19.05 4.78 -47.24
CA ALA B 692 18.92 4.38 -45.85
C ALA B 692 19.69 5.34 -44.95
N TYR B 693 19.17 5.56 -43.75
CA TYR B 693 19.82 6.48 -42.81
C TYR B 693 20.19 5.76 -41.51
N LEU B 694 21.44 5.95 -41.09
CA LEU B 694 21.94 5.32 -39.87
C LEU B 694 21.94 6.31 -38.71
N LEU B 695 21.25 5.94 -37.63
CA LEU B 695 21.13 6.81 -36.47
C LEU B 695 20.91 6.01 -35.19
N GLU B 696 20.85 6.72 -34.06
CA GLU B 696 20.62 6.09 -32.77
C GLU B 696 19.27 5.37 -32.74
N SER B 697 19.28 4.13 -32.25
CA SER B 697 18.06 3.32 -32.19
C SER B 697 16.95 4.03 -31.44
N THR B 698 17.30 4.71 -30.35
CA THR B 698 16.31 5.40 -29.53
C THR B 698 15.49 6.39 -30.35
N MET B 699 16.16 7.28 -31.05
CA MET B 699 15.49 8.29 -31.87
C MET B 699 14.78 7.64 -33.05
N ASN B 700 15.37 6.56 -33.56
CA ASN B 700 14.79 5.84 -34.69
C ASN B 700 13.45 5.21 -34.33
N GLU B 701 13.44 4.45 -33.24
CA GLU B 701 12.22 3.80 -32.77
C GLU B 701 11.10 4.81 -32.59
N TYR B 702 11.45 6.01 -32.14
CA TYR B 702 10.47 7.07 -31.93
C TYR B 702 9.91 7.58 -33.25
N ILE B 703 10.79 7.76 -34.22
CA ILE B 703 10.39 8.23 -35.55
C ILE B 703 9.39 7.27 -36.19
N GLU B 704 9.62 5.97 -35.97
CA GLU B 704 8.75 4.93 -36.52
C GLU B 704 7.33 5.07 -35.99
N GLN B 705 7.18 5.73 -34.84
CA GLN B 705 5.88 5.91 -34.22
C GLN B 705 5.34 7.32 -34.45
N ARG B 706 5.75 7.92 -35.57
CA ARG B 706 5.31 9.26 -35.93
C ARG B 706 4.78 9.28 -37.36
N LYS B 707 3.72 10.05 -37.59
CA LYS B 707 3.12 10.17 -38.92
C LYS B 707 4.17 10.61 -39.94
N PRO B 708 3.99 10.20 -41.21
CA PRO B 708 2.90 9.35 -41.69
C PRO B 708 3.19 7.87 -41.51
N CYS B 709 4.01 7.51 -40.52
CA CYS B 709 4.34 6.12 -40.25
C CYS B 709 4.91 5.45 -41.51
N ASP B 710 5.95 6.06 -42.08
CA ASP B 710 6.54 5.55 -43.31
C ASP B 710 7.99 5.15 -43.13
N THR B 711 8.42 4.99 -41.89
CA THR B 711 9.79 4.57 -41.60
C THR B 711 9.82 3.44 -40.59
N MET B 712 10.81 2.57 -40.70
CA MET B 712 10.94 1.42 -39.81
C MET B 712 12.40 1.05 -39.56
N LYS B 713 12.68 0.59 -38.35
CA LYS B 713 14.03 0.12 -38.00
C LYS B 713 14.19 -1.34 -38.39
N VAL B 714 15.33 -1.67 -38.98
CA VAL B 714 15.59 -3.03 -39.43
C VAL B 714 16.87 -3.59 -38.83
N GLY B 715 16.84 -4.87 -38.45
CA GLY B 715 17.99 -5.53 -37.87
C GLY B 715 18.33 -5.03 -36.49
N GLY B 716 19.26 -5.69 -35.83
CA GLY B 716 19.70 -5.29 -34.51
C GLY B 716 20.68 -4.14 -34.55
N ASN B 717 21.02 -3.60 -33.39
CA ASN B 717 21.96 -2.49 -33.30
C ASN B 717 23.36 -2.89 -33.74
N LEU B 718 24.15 -1.90 -34.15
CA LEU B 718 25.51 -2.15 -34.63
C LEU B 718 26.51 -2.18 -33.48
N ASP B 719 26.18 -1.49 -32.40
CA ASP B 719 27.04 -1.44 -31.22
C ASP B 719 26.22 -1.33 -29.95
N SER B 720 26.87 -1.50 -28.81
CA SER B 720 26.19 -1.44 -27.52
C SER B 720 26.55 -0.19 -26.74
N LYS B 721 25.59 0.72 -26.61
CA LYS B 721 25.76 1.94 -25.84
C LYS B 721 24.80 1.96 -24.65
N GLY B 722 24.61 3.13 -24.07
CA GLY B 722 23.69 3.28 -22.94
C GLY B 722 23.74 4.64 -22.29
N TYR B 723 22.56 5.18 -21.98
CA TYR B 723 22.47 6.44 -21.27
C TYR B 723 22.51 6.21 -19.76
N GLY B 724 22.84 7.25 -19.02
CA GLY B 724 22.91 7.16 -17.57
C GLY B 724 22.76 8.51 -16.89
N ILE B 725 22.44 8.48 -15.60
CA ILE B 725 22.30 9.70 -14.83
C ILE B 725 23.68 10.20 -14.41
N ALA B 726 24.02 11.42 -14.79
CA ALA B 726 25.34 11.97 -14.52
C ALA B 726 25.36 12.81 -13.23
N THR B 727 26.34 12.54 -12.39
CA THR B 727 26.49 13.27 -11.13
C THR B 727 27.95 13.67 -10.92
N PRO B 728 28.18 14.90 -10.44
CA PRO B 728 29.52 15.42 -10.19
C PRO B 728 30.39 14.43 -9.44
N LYS B 729 31.66 14.31 -9.85
CA LYS B 729 32.59 13.38 -9.23
C LYS B 729 32.65 13.58 -7.71
N GLY B 730 32.45 12.50 -6.97
CA GLY B 730 32.48 12.57 -5.52
C GLY B 730 31.29 13.31 -4.93
N SER B 731 30.11 13.06 -5.48
CA SER B 731 28.90 13.70 -5.00
C SER B 731 28.18 12.83 -3.97
N SER B 732 27.26 13.43 -3.23
CA SER B 732 26.51 12.71 -2.22
C SER B 732 25.38 11.91 -2.86
N LEU B 733 24.83 12.43 -3.95
CA LEU B 733 23.75 11.75 -4.65
C LEU B 733 24.26 10.58 -5.49
N GLY B 734 25.57 10.45 -5.57
CA GLY B 734 26.20 9.41 -6.37
C GLY B 734 25.59 8.03 -6.17
N THR B 735 25.98 7.37 -5.07
CA THR B 735 25.52 6.03 -4.79
C THR B 735 23.99 5.88 -4.77
N PRO B 736 23.29 6.80 -4.09
CA PRO B 736 21.82 6.71 -4.02
C PRO B 736 21.17 6.61 -5.39
N VAL B 737 21.50 7.55 -6.28
CA VAL B 737 20.92 7.56 -7.63
C VAL B 737 21.25 6.28 -8.38
N ASN B 738 22.50 5.83 -8.26
CA ASN B 738 22.92 4.60 -8.91
C ASN B 738 22.01 3.43 -8.57
N LEU B 739 21.80 3.21 -7.28
CA LEU B 739 20.92 2.15 -6.80
C LEU B 739 19.49 2.38 -7.27
N ALA B 740 19.07 3.65 -7.28
CA ALA B 740 17.72 4.01 -7.69
C ALA B 740 17.45 3.54 -9.11
N VAL B 741 18.41 3.75 -10.00
CA VAL B 741 18.28 3.33 -11.39
C VAL B 741 18.11 1.82 -11.49
N LEU B 742 18.94 1.09 -10.74
CA LEU B 742 18.86 -0.37 -10.71
C LEU B 742 17.51 -0.83 -10.18
N LYS B 743 17.02 -0.14 -9.16
CA LYS B 743 15.73 -0.48 -8.56
C LYS B 743 14.59 -0.27 -9.54
N LEU B 744 14.64 0.85 -10.25
CA LEU B 744 13.60 1.18 -11.23
C LEU B 744 13.54 0.17 -12.36
N SER B 745 14.70 -0.27 -12.82
CA SER B 745 14.76 -1.22 -13.94
C SER B 745 14.22 -2.59 -13.54
N GLU B 746 14.54 -3.02 -12.33
CA GLU B 746 14.09 -4.32 -11.84
C GLU B 746 12.59 -4.33 -11.58
N GLN B 747 12.04 -3.17 -11.23
CA GLN B 747 10.60 -3.04 -11.03
C GLN B 747 9.90 -2.87 -12.37
N GLY B 748 10.68 -2.93 -13.45
CA GLY B 748 10.15 -2.78 -14.79
C GLY B 748 9.59 -1.39 -15.03
N LEU B 749 9.94 -0.46 -14.15
CA LEU B 749 9.46 0.91 -14.24
C LEU B 749 10.09 1.64 -15.43
N LEU B 750 11.35 1.33 -15.69
CA LEU B 750 12.05 1.93 -16.83
C LEU B 750 11.43 1.48 -18.14
N ASP B 751 11.25 0.17 -18.31
CA ASP B 751 10.62 -0.38 -19.50
C ASP B 751 9.22 0.21 -19.67
N LYS B 752 8.53 0.38 -18.55
CA LYS B 752 7.18 0.94 -18.56
C LYS B 752 7.18 2.36 -19.10
N LEU B 753 8.10 3.17 -18.61
CA LEU B 753 8.22 4.56 -19.05
C LEU B 753 8.47 4.67 -20.54
N LYS B 754 9.37 3.85 -21.05
CA LYS B 754 9.69 3.84 -22.48
C LYS B 754 8.45 3.52 -23.29
N ASN B 755 7.75 2.45 -22.91
CA ASN B 755 6.52 2.07 -23.59
C ASN B 755 5.50 3.20 -23.57
N LYS B 756 5.53 4.00 -22.51
CA LYS B 756 4.57 5.09 -22.36
C LYS B 756 4.80 6.21 -23.37
N TRP B 757 6.05 6.51 -23.65
CA TRP B 757 6.40 7.64 -24.50
C TRP B 757 6.72 7.25 -25.94
N TRP B 758 7.09 5.99 -26.15
CA TRP B 758 7.44 5.51 -27.47
C TRP B 758 6.25 4.90 -28.21
N TYR B 759 5.63 3.89 -27.60
CA TYR B 759 4.57 3.14 -28.27
C TYR B 759 3.16 3.56 -27.85
N ASP B 760 2.93 3.63 -26.54
CA ASP B 760 1.62 4.02 -26.02
C ASP B 760 1.24 5.42 -26.50
N LYS B 761 2.12 6.38 -26.27
CA LYS B 761 1.87 7.75 -26.67
C LYS B 761 2.04 7.85 -28.19
N GLY B 762 1.62 6.80 -28.88
CA GLY B 762 1.74 6.75 -30.32
C GLY B 762 0.45 6.92 -31.09
N GLU B 763 0.60 7.34 -32.34
CA GLU B 763 -0.51 7.56 -33.26
C GLU B 763 -0.56 6.49 -34.34
N CYS B 764 0.35 5.52 -34.24
CA CYS B 764 0.47 4.50 -35.28
C CYS B 764 0.56 3.09 -34.71
N GLY B 765 -0.58 2.46 -34.44
CA GLY B 765 -0.56 1.05 -34.05
C GLY B 765 -0.10 0.22 -35.22
N ALA B 766 1.13 -0.28 -35.17
CA ALA B 766 1.71 -0.93 -36.34
C ALA B 766 0.90 -2.15 -36.77
N LYS B 767 0.63 -3.04 -35.83
CA LYS B 767 -0.17 -4.22 -36.11
C LYS B 767 -1.64 -3.86 -36.25
N ASP B 768 -1.97 -2.63 -35.87
CA ASP B 768 -3.34 -2.13 -35.97
C ASP B 768 -3.55 -1.38 -37.29
N SER B 769 -2.47 -0.82 -37.82
CA SER B 769 -2.53 -0.12 -39.09
C SER B 769 -2.57 -1.10 -40.25
N GLY B 770 -2.07 -2.31 -40.00
CA GLY B 770 -2.11 -3.38 -40.98
C GLY B 770 -3.40 -4.17 -40.87
N SER B 771 -4.04 -4.06 -39.71
CA SER B 771 -5.31 -4.73 -39.46
C SER B 771 -6.47 -3.84 -39.89
N LYS B 772 -6.16 -2.58 -40.23
CA LYS B 772 -7.19 -1.60 -40.57
C LYS B 772 -6.98 -1.02 -41.96
N GLU B 773 -6.10 -1.66 -42.73
CA GLU B 773 -5.80 -1.20 -44.08
C GLU B 773 -6.61 -1.97 -45.12
N LYS B 774 -7.91 -1.70 -45.16
CA LYS B 774 -8.81 -2.36 -46.10
C LYS B 774 -8.86 -1.61 -47.43
N THR B 775 -9.24 -2.32 -48.49
CA THR B 775 -9.35 -1.73 -49.82
C THR B 775 -9.47 -2.80 -50.89
N SER B 776 -9.34 -2.39 -52.15
CA SER B 776 -9.45 -3.31 -53.28
C SER B 776 -9.15 -2.61 -54.59
N ALA B 777 -10.20 -2.13 -55.26
CA ALA B 777 -10.04 -1.44 -56.54
C ALA B 777 -9.30 -2.31 -57.54
N LEU B 778 -9.08 -1.75 -58.73
CA LEU B 778 -8.37 -2.46 -59.79
C LEU B 778 -7.13 -1.71 -60.23
N SER B 779 -6.52 -2.17 -61.32
CA SER B 779 -5.31 -1.54 -61.86
C SER B 779 -5.09 -1.91 -63.31
N LEU B 780 -5.50 -1.04 -64.22
CA LEU B 780 -5.34 -1.28 -65.65
C LEU B 780 -3.90 -1.64 -65.98
N SER B 781 -2.98 -1.23 -65.12
CA SER B 781 -1.55 -1.44 -65.33
C SER B 781 -1.22 -2.86 -65.80
N ASN B 782 -1.48 -3.84 -64.96
CA ASN B 782 -1.17 -5.23 -65.28
C ASN B 782 -1.83 -5.68 -66.59
N VAL B 783 -3.12 -5.39 -66.71
CA VAL B 783 -3.88 -5.77 -67.90
C VAL B 783 -3.32 -5.12 -69.15
N ALA B 784 -2.75 -3.93 -68.99
CA ALA B 784 -2.19 -3.18 -70.11
C ALA B 784 -1.04 -3.93 -70.79
N GLY B 785 -0.17 -4.54 -69.97
CA GLY B 785 0.96 -5.28 -70.48
C GLY B 785 0.54 -6.38 -71.46
N VAL B 786 -0.66 -6.91 -71.25
CA VAL B 786 -1.19 -7.97 -72.10
C VAL B 786 -1.80 -7.39 -73.38
N PHE B 787 -2.12 -6.10 -73.35
CA PHE B 787 -2.65 -5.42 -74.52
C PHE B 787 -1.55 -5.11 -75.53
N TYR B 788 -0.39 -4.71 -75.02
CA TYR B 788 0.74 -4.40 -75.88
C TYR B 788 1.28 -5.63 -76.60
N ILE B 789 1.27 -6.77 -75.90
CA ILE B 789 1.73 -8.01 -76.49
C ILE B 789 0.73 -8.51 -77.54
N LEU B 790 -0.51 -8.05 -77.42
CA LEU B 790 -1.54 -8.38 -78.39
C LEU B 790 -1.34 -7.61 -79.68
N VAL B 791 -1.28 -6.29 -79.57
CA VAL B 791 -1.05 -5.42 -80.72
C VAL B 791 0.25 -5.78 -81.41
N GLY B 792 1.24 -6.20 -80.62
CA GLY B 792 2.51 -6.64 -81.15
C GLY B 792 2.35 -7.89 -82.00
N GLY B 793 1.45 -8.78 -81.56
CA GLY B 793 1.15 -9.99 -82.30
C GLY B 793 0.39 -9.68 -83.58
N LEU B 794 -0.51 -8.72 -83.49
CA LEU B 794 -1.28 -8.28 -84.66
C LEU B 794 -0.35 -7.68 -85.71
N GLY B 795 0.60 -6.85 -85.25
CA GLY B 795 1.57 -6.24 -86.13
C GLY B 795 2.47 -7.27 -86.79
N LEU B 796 2.88 -8.27 -86.01
CA LEU B 796 3.70 -9.35 -86.54
C LEU B 796 2.96 -10.10 -87.63
N ALA B 797 1.65 -10.28 -87.45
CA ALA B 797 0.82 -10.95 -88.44
C ALA B 797 0.64 -10.09 -89.68
N MET B 798 0.42 -8.79 -89.48
CA MET B 798 0.29 -7.85 -90.58
C MET B 798 1.57 -7.82 -91.41
N LEU B 799 2.68 -8.23 -90.80
CA LEU B 799 3.96 -8.28 -91.48
C LEU B 799 4.11 -9.60 -92.23
N VAL B 800 3.67 -10.70 -91.60
CA VAL B 800 3.72 -12.01 -92.22
C VAL B 800 2.74 -12.09 -93.38
N ALA B 801 1.66 -11.32 -93.30
CA ALA B 801 0.66 -11.27 -94.35
C ALA B 801 1.22 -10.64 -95.61
N LEU B 802 1.83 -9.47 -95.46
CA LEU B 802 2.39 -8.74 -96.59
C LEU B 802 3.40 -9.56 -97.37
N ILE B 803 4.30 -10.23 -96.67
CA ILE B 803 5.33 -11.03 -97.31
C ILE B 803 4.74 -12.19 -98.11
N GLU B 804 3.68 -12.80 -97.57
CA GLU B 804 3.02 -13.92 -98.25
C GLU B 804 2.47 -13.51 -99.61
N PHE B 805 1.80 -12.36 -99.65
CA PHE B 805 1.24 -11.85 -100.89
C PHE B 805 2.35 -11.48 -101.88
N CYS B 806 3.52 -11.14 -101.35
CA CYS B 806 4.67 -10.76 -102.18
C CYS B 806 5.27 -11.98 -102.89
N TYR B 807 5.49 -13.05 -102.12
CA TYR B 807 6.04 -14.28 -102.69
C TYR B 807 5.12 -14.87 -103.75
N LYS B 808 3.82 -14.80 -103.49
CA LYS B 808 2.82 -15.31 -104.42
C LYS B 808 2.75 -14.46 -105.69
N ASN C 1 73.98 8.40 50.42
CA ASN C 1 72.55 8.48 50.16
C ASN C 1 71.99 7.13 49.70
N SER C 2 71.35 6.42 50.63
CA SER C 2 70.78 5.11 50.33
C SER C 2 69.26 5.15 50.35
N ILE C 3 68.66 5.02 49.16
CA ILE C 3 67.21 5.04 49.04
C ILE C 3 66.67 3.62 48.85
N GLN C 4 66.02 3.10 49.88
CA GLN C 4 65.47 1.75 49.85
C GLN C 4 64.11 1.72 49.15
N ILE C 5 63.97 0.81 48.18
CA ILE C 5 62.72 0.64 47.46
C ILE C 5 62.30 -0.82 47.41
N GLY C 6 61.02 -1.06 47.16
CA GLY C 6 60.49 -2.41 47.09
C GLY C 6 60.36 -2.90 45.67
N GLY C 7 60.50 -4.22 45.49
CA GLY C 7 60.39 -4.82 44.17
C GLY C 7 59.55 -6.07 44.18
N LEU C 8 58.33 -5.97 43.65
CA LEU C 8 57.43 -7.12 43.60
C LEU C 8 57.40 -7.74 42.20
N PHE C 9 58.22 -8.78 42.02
CA PHE C 9 58.31 -9.45 40.73
C PHE C 9 57.64 -10.82 40.77
N PRO C 10 56.63 -11.03 39.90
CA PRO C 10 55.93 -12.31 39.79
C PRO C 10 56.87 -13.40 39.33
N ARG C 11 56.79 -14.58 39.94
CA ARG C 11 57.64 -15.70 39.57
C ARG C 11 57.52 -15.99 38.07
N GLY C 12 58.64 -15.84 37.35
CA GLY C 12 58.66 -16.06 35.92
C GLY C 12 59.06 -14.82 35.16
N ALA C 13 59.08 -13.68 35.84
CA ALA C 13 59.47 -12.41 35.23
C ALA C 13 60.98 -12.30 35.13
N ASP C 14 61.59 -13.22 34.37
CA ASP C 14 63.04 -13.25 34.22
C ASP C 14 63.57 -12.04 33.46
N GLN C 15 63.08 -11.86 32.23
CA GLN C 15 63.53 -10.74 31.39
C GLN C 15 63.18 -9.40 32.02
N GLU C 16 62.04 -9.36 32.71
CA GLU C 16 61.61 -8.14 33.39
C GLU C 16 62.61 -7.75 34.49
N TYR C 17 63.03 -8.74 35.27
CA TYR C 17 63.99 -8.49 36.34
C TYR C 17 65.37 -8.21 35.77
N SER C 18 65.73 -8.92 34.69
CA SER C 18 67.00 -8.68 34.03
C SER C 18 67.08 -7.24 33.54
N ALA C 19 65.99 -6.75 32.97
CA ALA C 19 65.90 -5.37 32.53
C ALA C 19 65.91 -4.43 33.73
N PHE C 20 65.36 -4.90 34.84
CA PHE C 20 65.35 -4.12 36.07
C PHE C 20 66.76 -3.94 36.62
N ARG C 21 67.58 -4.98 36.46
CA ARG C 21 68.97 -4.94 36.91
C ARG C 21 69.79 -4.00 36.03
N VAL C 22 69.66 -4.16 34.72
CA VAL C 22 70.38 -3.33 33.77
C VAL C 22 70.09 -1.85 34.00
N GLY C 23 68.85 -1.55 34.36
CA GLY C 23 68.45 -0.19 34.66
C GLY C 23 69.15 0.35 35.89
N MET C 24 69.31 -0.51 36.90
CA MET C 24 70.00 -0.13 38.12
C MET C 24 71.45 0.26 37.82
N VAL C 25 72.03 -0.38 36.82
CA VAL C 25 73.42 -0.14 36.45
C VAL C 25 73.57 1.11 35.57
N GLN C 26 72.68 1.24 34.60
CA GLN C 26 72.75 2.35 33.65
C GLN C 26 72.39 3.69 34.30
N PHE C 27 71.58 3.65 35.34
CA PHE C 27 71.13 4.87 36.00
C PHE C 27 71.65 4.98 37.43
N SER C 28 72.83 4.42 37.68
CA SER C 28 73.47 4.49 38.99
C SER C 28 74.39 5.71 39.06
N THR C 29 74.19 6.54 40.07
CA THR C 29 74.99 7.74 40.24
C THR C 29 75.62 7.79 41.63
N SER C 30 76.61 8.68 41.80
CA SER C 30 77.30 8.83 43.06
C SER C 30 76.48 9.64 44.06
N GLU C 31 75.59 10.47 43.53
CA GLU C 31 74.73 11.32 44.36
C GLU C 31 73.87 10.47 45.30
N PHE C 32 73.39 9.34 44.79
CA PHE C 32 72.57 8.43 45.59
C PHE C 32 72.42 7.08 44.91
N ARG C 33 72.26 6.03 45.71
CA ARG C 33 72.11 4.68 45.19
C ARG C 33 70.78 4.06 45.63
N LEU C 34 70.15 3.32 44.72
CA LEU C 34 68.87 2.67 45.02
C LEU C 34 69.08 1.26 45.54
N THR C 35 68.43 0.93 46.64
CA THR C 35 68.55 -0.40 47.25
C THR C 35 67.26 -1.20 47.09
N PRO C 36 67.20 -2.03 46.04
CA PRO C 36 66.02 -2.85 45.74
C PRO C 36 65.88 -4.05 46.67
N HIS C 37 64.72 -4.19 47.30
CA HIS C 37 64.43 -5.37 48.10
C HIS C 37 63.43 -6.25 47.34
N ILE C 38 63.95 -7.26 46.67
CA ILE C 38 63.15 -8.09 45.77
C ILE C 38 62.32 -9.14 46.50
N ASP C 39 61.06 -9.26 46.12
CA ASP C 39 60.15 -10.26 46.68
C ASP C 39 59.41 -10.99 45.56
N ASN C 40 59.79 -12.24 45.33
CA ASN C 40 59.15 -13.05 44.29
C ASN C 40 57.93 -13.80 44.82
N LEU C 41 56.74 -13.28 44.52
CA LEU C 41 55.50 -13.91 44.97
C LEU C 41 54.52 -14.08 43.81
N GLU C 42 53.55 -14.98 44.01
CA GLU C 42 52.49 -15.18 43.02
C GLU C 42 51.61 -13.93 42.94
N VAL C 43 51.84 -13.12 41.93
CA VAL C 43 51.15 -11.84 41.79
C VAL C 43 49.63 -11.98 41.83
N ALA C 44 49.13 -13.12 41.37
CA ALA C 44 47.69 -13.37 41.33
C ALA C 44 47.09 -13.44 42.73
N ASN C 45 47.78 -14.12 43.65
CA ASN C 45 47.30 -14.26 45.02
C ASN C 45 47.22 -12.93 45.74
N SER C 46 46.01 -12.50 46.05
CA SER C 46 45.79 -11.22 46.72
C SER C 46 46.40 -11.18 48.12
N PHE C 47 46.27 -12.29 48.84
CA PHE C 47 46.81 -12.39 50.19
C PHE C 47 48.32 -12.19 50.20
N ALA C 48 49.03 -12.95 49.38
CA ALA C 48 50.48 -12.86 49.29
C ALA C 48 50.92 -11.44 48.97
N VAL C 49 50.23 -10.80 48.02
CA VAL C 49 50.55 -9.44 47.64
C VAL C 49 50.41 -8.48 48.81
N THR C 50 49.43 -8.75 49.68
CA THR C 50 49.20 -7.93 50.85
C THR C 50 50.39 -8.02 51.81
N ASN C 51 50.88 -9.23 52.02
CA ASN C 51 52.05 -9.44 52.88
C ASN C 51 53.31 -8.80 52.31
N ALA C 52 53.55 -9.01 51.02
CA ALA C 52 54.73 -8.46 50.35
C ALA C 52 54.73 -6.94 50.42
N PHE C 53 53.54 -6.35 50.45
CA PHE C 53 53.41 -4.90 50.54
C PHE C 53 53.69 -4.40 51.95
N CYS C 54 53.07 -5.05 52.93
CA CYS C 54 53.25 -4.67 54.33
C CYS C 54 54.66 -4.98 54.80
N SER C 55 55.27 -6.00 54.21
CA SER C 55 56.64 -6.38 54.53
C SER C 55 57.61 -5.31 54.05
N GLN C 56 57.44 -4.87 52.81
CA GLN C 56 58.27 -3.83 52.23
C GLN C 56 57.97 -2.48 52.89
N PHE C 57 56.79 -2.37 53.49
CA PHE C 57 56.39 -1.14 54.16
C PHE C 57 57.00 -1.05 55.55
N SER C 58 57.09 -2.19 56.23
CA SER C 58 57.71 -2.23 57.56
C SER C 58 59.20 -2.03 57.45
N ARG C 59 59.78 -2.50 56.34
CA ARG C 59 61.20 -2.32 56.07
C ARG C 59 61.49 -0.85 55.77
N GLY C 60 60.44 -0.04 55.70
CA GLY C 60 60.57 1.39 55.48
C GLY C 60 61.12 1.75 54.12
N VAL C 61 60.31 1.53 53.08
CA VAL C 61 60.71 1.91 51.72
C VAL C 61 60.10 3.25 51.34
N TYR C 62 60.69 3.91 50.34
CA TYR C 62 60.21 5.20 49.89
C TYR C 62 59.28 5.06 48.69
N ALA C 63 59.44 3.95 47.96
CA ALA C 63 58.60 3.67 46.80
C ALA C 63 58.63 2.18 46.47
N ILE C 64 57.60 1.72 45.76
CA ILE C 64 57.50 0.31 45.41
C ILE C 64 57.28 0.11 43.92
N PHE C 65 58.12 -0.73 43.31
CA PHE C 65 57.94 -1.12 41.92
C PHE C 65 57.58 -2.59 41.82
N GLY C 66 56.47 -2.89 41.15
CA GLY C 66 56.03 -4.26 41.00
C GLY C 66 54.96 -4.44 39.93
N PHE C 67 54.24 -5.54 40.02
CA PHE C 67 53.19 -5.86 39.07
C PHE C 67 51.92 -6.29 39.82
N TYR C 68 50.78 -6.22 39.14
CA TYR C 68 49.53 -6.72 39.72
C TYR C 68 48.66 -7.40 38.66
N ASP C 69 47.76 -8.26 39.13
CA ASP C 69 46.85 -8.97 38.26
C ASP C 69 45.46 -8.36 38.35
N LYS C 70 44.54 -8.84 37.51
CA LYS C 70 43.17 -8.34 37.52
C LYS C 70 42.51 -8.61 38.88
N LYS C 71 43.15 -9.42 39.70
CA LYS C 71 42.60 -9.81 40.99
C LYS C 71 43.25 -9.03 42.14
N SER C 72 44.57 -8.83 42.06
CA SER C 72 45.31 -8.19 43.14
C SER C 72 45.46 -6.68 42.94
N VAL C 73 45.06 -6.20 41.76
CA VAL C 73 45.19 -4.78 41.44
C VAL C 73 44.50 -3.89 42.46
N ASN C 74 43.32 -4.30 42.92
CA ASN C 74 42.56 -3.52 43.88
C ASN C 74 43.27 -3.40 45.23
N THR C 75 43.99 -4.45 45.61
CA THR C 75 44.76 -4.45 46.85
C THR C 75 45.83 -3.36 46.82
N ILE C 76 46.61 -3.34 45.74
CA ILE C 76 47.68 -2.37 45.58
C ILE C 76 47.15 -0.94 45.56
N THR C 77 46.23 -0.66 44.64
CA THR C 77 45.68 0.68 44.50
C THR C 77 45.09 1.20 45.81
N SER C 78 44.54 0.30 46.61
CA SER C 78 43.91 0.67 47.86
C SER C 78 44.93 1.01 48.95
N PHE C 79 45.83 0.07 49.22
CA PHE C 79 46.85 0.27 50.25
C PHE C 79 47.75 1.46 49.93
N CYS C 80 48.22 1.53 48.69
CA CYS C 80 49.10 2.62 48.26
C CYS C 80 48.42 3.97 48.40
N GLY C 81 47.09 3.98 48.30
CA GLY C 81 46.33 5.20 48.43
C GLY C 81 46.10 5.58 49.88
N THR C 82 45.98 4.58 50.74
CA THR C 82 45.76 4.81 52.16
C THR C 82 47.06 5.16 52.88
N LEU C 83 48.11 4.42 52.56
CA LEU C 83 49.41 4.62 53.20
C LEU C 83 50.28 5.62 52.46
N HIS C 84 49.70 6.26 51.45
CA HIS C 84 50.40 7.28 50.68
C HIS C 84 51.73 6.77 50.10
N VAL C 85 51.78 5.48 49.82
CA VAL C 85 52.96 4.87 49.23
C VAL C 85 52.86 4.87 47.71
N SER C 86 53.94 5.28 47.05
CA SER C 86 53.98 5.33 45.59
C SER C 86 54.26 3.95 45.00
N PHE C 87 53.50 3.59 43.96
CA PHE C 87 53.65 2.28 43.34
C PHE C 87 53.82 2.40 41.83
N ILE C 88 55.03 2.11 41.34
CA ILE C 88 55.33 2.13 39.92
C ILE C 88 55.18 0.74 39.32
N THR C 89 54.42 0.64 38.23
CA THR C 89 54.15 -0.65 37.62
C THR C 89 54.01 -0.56 36.10
N PRO C 90 54.59 -1.54 35.38
CA PRO C 90 54.48 -1.66 33.93
C PRO C 90 53.17 -2.35 33.53
N SER C 91 52.48 -2.93 34.50
CA SER C 91 51.24 -3.66 34.25
C SER C 91 50.17 -2.78 33.60
N PHE C 92 49.04 -3.38 33.26
CA PHE C 92 47.95 -2.67 32.62
C PHE C 92 47.47 -1.49 33.47
N PRO C 93 47.10 -0.39 32.80
CA PRO C 93 46.62 0.82 33.48
C PRO C 93 45.36 0.54 34.30
N THR C 94 45.21 1.22 35.44
CA THR C 94 44.06 1.04 36.29
C THR C 94 42.81 1.67 35.66
N ASP C 95 41.68 0.99 35.82
CA ASP C 95 40.42 1.49 35.28
C ASP C 95 39.82 2.57 36.17
N GLY C 96 40.42 3.76 36.13
CA GLY C 96 39.94 4.86 36.94
C GLY C 96 41.06 5.83 37.30
N THR C 97 40.87 6.55 38.40
CA THR C 97 41.86 7.53 38.86
C THR C 97 42.37 7.20 40.26
N HIS C 98 43.30 6.26 40.34
CA HIS C 98 43.85 5.85 41.62
C HIS C 98 45.17 6.54 41.91
N PRO C 99 45.19 7.41 42.94
CA PRO C 99 46.37 8.17 43.33
C PRO C 99 47.51 7.28 43.83
N PHE C 100 48.72 7.82 43.87
CA PHE C 100 49.89 7.08 44.34
C PHE C 100 50.17 5.83 43.51
N VAL C 101 49.89 5.90 42.22
CA VAL C 101 50.17 4.80 41.31
C VAL C 101 50.74 5.32 39.99
N ILE C 102 51.94 4.89 39.65
CA ILE C 102 52.58 5.29 38.40
C ILE C 102 52.55 4.14 37.40
N GLN C 103 51.91 4.37 36.26
CA GLN C 103 51.71 3.32 35.27
C GLN C 103 52.58 3.54 34.03
N MET C 104 53.46 2.57 33.76
CA MET C 104 54.38 2.66 32.64
C MET C 104 53.71 2.35 31.30
N ARG C 105 52.67 1.53 31.35
CA ARG C 105 51.97 1.12 30.14
C ARG C 105 50.94 2.16 29.70
N PRO C 106 51.10 2.70 28.48
CA PRO C 106 50.15 3.64 27.89
C PRO C 106 48.84 2.95 27.54
N ASP C 107 47.75 3.72 27.48
CA ASP C 107 46.44 3.17 27.16
C ASP C 107 46.34 2.84 25.67
N LEU C 108 46.10 1.57 25.37
CA LEU C 108 46.01 1.10 23.99
C LEU C 108 44.59 1.27 23.45
N LYS C 109 43.63 1.39 24.36
CA LYS C 109 42.21 1.52 23.99
C LYS C 109 42.00 2.50 22.85
N GLY C 110 42.67 3.65 22.91
CA GLY C 110 42.54 4.67 21.89
C GLY C 110 43.12 4.25 20.56
N ALA C 111 44.35 3.72 20.58
CA ALA C 111 45.04 3.32 19.37
C ALA C 111 44.29 2.21 18.63
N LEU C 112 43.64 1.33 19.39
CA LEU C 112 42.91 0.22 18.80
C LEU C 112 41.70 0.73 18.03
N LEU C 113 40.86 1.51 18.70
CA LEU C 113 39.65 2.05 18.08
C LEU C 113 39.95 2.82 16.80
N SER C 114 41.07 3.55 16.80
CA SER C 114 41.47 4.33 15.65
C SER C 114 41.85 3.43 14.48
N LEU C 115 42.52 2.32 14.78
CA LEU C 115 42.96 1.38 13.76
C LEU C 115 41.77 0.70 13.09
N ILE C 116 40.75 0.39 13.88
CA ILE C 116 39.54 -0.24 13.35
C ILE C 116 38.88 0.63 12.29
N GLU C 117 38.77 1.92 12.57
CA GLU C 117 38.17 2.86 11.63
C GLU C 117 39.03 3.03 10.39
N TYR C 118 40.34 2.95 10.56
CA TYR C 118 41.27 3.07 9.44
C TYR C 118 41.01 1.99 8.40
N TYR C 119 40.91 0.74 8.85
CA TYR C 119 40.63 -0.37 7.96
C TYR C 119 39.14 -0.40 7.60
N GLN C 120 38.37 0.49 8.21
CA GLN C 120 36.94 0.60 7.94
C GLN C 120 36.22 -0.72 8.21
N TRP C 121 36.32 -1.19 9.45
CA TRP C 121 35.67 -2.43 9.86
C TRP C 121 34.29 -2.16 10.41
N ASP C 122 33.32 -2.98 10.01
CA ASP C 122 31.95 -2.84 10.50
C ASP C 122 31.48 -4.12 11.19
N LYS C 123 32.11 -5.25 10.83
CA LYS C 123 31.79 -6.52 11.45
C LYS C 123 33.07 -7.33 11.67
N PHE C 124 33.39 -7.57 12.94
CA PHE C 124 34.62 -8.29 13.28
C PHE C 124 34.46 -9.10 14.55
N ALA C 125 35.32 -10.11 14.71
CA ALA C 125 35.33 -10.93 15.91
C ALA C 125 36.36 -10.40 16.90
N TYR C 126 35.99 -10.39 18.17
CA TYR C 126 36.87 -9.85 19.21
C TYR C 126 37.19 -10.89 20.28
N LEU C 127 38.28 -11.64 20.06
CA LEU C 127 38.72 -12.64 21.03
C LEU C 127 39.54 -11.97 22.13
N TYR C 128 39.00 -11.99 23.35
CA TYR C 128 39.64 -11.27 24.45
C TYR C 128 40.08 -12.20 25.59
N ASP C 129 40.96 -11.68 26.44
CA ASP C 129 41.43 -12.41 27.61
C ASP C 129 41.19 -11.55 28.85
N SER C 130 40.51 -12.12 29.84
CA SER C 130 40.11 -11.37 31.03
C SER C 130 41.28 -11.10 31.98
N ASP C 131 42.49 -11.35 31.53
CA ASP C 131 43.68 -11.17 32.36
C ASP C 131 44.00 -9.71 32.63
N ARG C 132 43.88 -8.87 31.61
CA ARG C 132 44.19 -7.45 31.73
C ARG C 132 42.94 -6.60 31.87
N GLY C 133 41.87 -7.20 32.38
CA GLY C 133 40.62 -6.48 32.57
C GLY C 133 39.86 -6.26 31.29
N LEU C 134 38.53 -6.21 31.39
CA LEU C 134 37.68 -6.00 30.23
C LEU C 134 37.57 -4.52 29.90
N SER C 135 38.61 -3.76 30.21
CA SER C 135 38.62 -2.33 29.95
C SER C 135 38.55 -2.03 28.45
N THR C 136 39.30 -2.80 27.67
CA THR C 136 39.31 -2.63 26.22
C THR C 136 38.08 -3.26 25.58
N LEU C 137 37.55 -4.30 26.21
CA LEU C 137 36.35 -4.96 25.73
C LEU C 137 35.17 -4.01 25.78
N GLN C 138 35.01 -3.33 26.92
CA GLN C 138 33.96 -2.33 27.08
C GLN C 138 34.14 -1.22 26.06
N ALA C 139 35.39 -0.89 25.76
CA ALA C 139 35.71 0.17 24.82
C ALA C 139 35.13 -0.12 23.43
N VAL C 140 35.40 -1.32 22.92
CA VAL C 140 34.93 -1.69 21.58
C VAL C 140 33.43 -1.93 21.57
N LEU C 141 32.88 -2.40 22.68
CA LEU C 141 31.45 -2.65 22.78
C LEU C 141 30.66 -1.35 22.82
N ASP C 142 31.13 -0.39 23.59
CA ASP C 142 30.49 0.91 23.69
C ASP C 142 30.57 1.66 22.36
N SER C 143 31.72 1.55 21.70
CA SER C 143 31.93 2.19 20.41
C SER C 143 31.13 1.49 19.32
N ALA C 144 30.82 0.21 19.56
CA ALA C 144 30.04 -0.57 18.60
C ALA C 144 28.62 -0.03 18.52
N ALA C 145 28.18 0.63 19.59
CA ALA C 145 26.85 1.23 19.61
C ALA C 145 26.82 2.51 18.79
N GLU C 146 27.84 3.34 18.96
CA GLU C 146 27.93 4.60 18.25
C GLU C 146 28.31 4.41 16.78
N LYS C 147 29.46 3.78 16.55
CA LYS C 147 29.95 3.55 15.20
C LYS C 147 29.16 2.46 14.48
N LYS C 148 28.24 1.84 15.21
CA LYS C 148 27.39 0.79 14.64
C LYS C 148 28.21 -0.38 14.10
N TRP C 149 28.78 -1.16 15.00
CA TRP C 149 29.53 -2.35 14.62
C TRP C 149 28.83 -3.62 15.08
N GLN C 150 29.08 -4.72 14.37
CA GLN C 150 28.57 -6.03 14.77
C GLN C 150 29.70 -6.86 15.35
N VAL C 151 30.04 -6.59 16.61
CA VAL C 151 31.16 -7.26 17.27
C VAL C 151 30.76 -8.62 17.84
N THR C 152 31.60 -9.62 17.59
CA THR C 152 31.38 -10.95 18.16
C THR C 152 32.43 -11.24 19.24
N ALA C 153 32.15 -10.77 20.45
CA ALA C 153 33.09 -10.93 21.55
C ALA C 153 33.07 -12.35 22.10
N ILE C 154 34.25 -12.93 22.26
CA ILE C 154 34.38 -14.29 22.77
C ILE C 154 35.53 -14.41 23.76
N ASN C 155 35.22 -14.79 24.99
CA ASN C 155 36.23 -14.95 26.03
C ASN C 155 37.09 -16.19 25.78
N VAL C 156 38.27 -15.96 25.19
CA VAL C 156 39.18 -17.05 24.86
C VAL C 156 40.12 -17.33 26.03
N GLY C 157 39.75 -16.85 27.21
CA GLY C 157 40.58 -16.97 28.39
C GLY C 157 40.32 -18.22 29.22
N ASN C 158 39.06 -18.45 29.57
CA ASN C 158 38.70 -19.56 30.44
C ASN C 158 38.84 -20.93 29.79
N ILE C 159 39.58 -20.99 28.69
CA ILE C 159 39.81 -22.25 27.99
C ILE C 159 40.82 -23.12 28.72
N ASN C 160 40.35 -24.23 29.28
CA ASN C 160 41.24 -25.18 29.97
C ASN C 160 42.29 -25.76 29.02
N ASN C 161 43.55 -25.59 29.37
CA ASN C 161 44.66 -25.91 28.45
C ASN C 161 45.03 -27.41 28.28
N ASP C 162 44.49 -28.27 29.14
CA ASP C 162 44.76 -29.72 29.14
C ASP C 162 43.76 -30.51 28.27
N LYS C 163 43.30 -29.89 27.18
CA LYS C 163 42.28 -30.44 26.31
C LYS C 163 41.72 -29.31 25.45
N LYS C 164 42.50 -28.25 25.27
CA LYS C 164 42.03 -27.08 24.52
C LYS C 164 42.20 -27.23 23.02
N ASP C 165 41.31 -28.01 22.41
CA ASP C 165 41.38 -28.26 20.97
C ASP C 165 39.97 -28.40 20.40
N GLU C 166 39.14 -29.17 21.10
CA GLU C 166 37.73 -29.29 20.75
C GLU C 166 37.02 -27.98 21.06
N THR C 167 37.73 -27.08 21.73
CA THR C 167 37.20 -25.76 22.07
C THR C 167 37.49 -24.76 20.96
N TYR C 168 38.70 -24.84 20.40
CA TYR C 168 39.09 -23.97 19.29
C TYR C 168 38.33 -24.34 18.02
N ARG C 169 38.12 -25.64 17.82
CA ARG C 169 37.36 -26.11 16.67
C ARG C 169 35.91 -25.64 16.77
N SER C 170 35.40 -25.58 17.99
CA SER C 170 34.05 -25.11 18.23
C SER C 170 34.02 -23.58 18.32
N LEU C 171 35.21 -22.98 18.37
CA LEU C 171 35.34 -21.53 18.43
C LEU C 171 35.23 -20.94 17.03
N PHE C 172 35.99 -21.49 16.09
CA PHE C 172 35.96 -21.02 14.71
C PHE C 172 34.76 -21.60 13.96
N GLN C 173 33.98 -22.42 14.65
CA GLN C 173 32.73 -22.95 14.09
C GLN C 173 31.65 -21.87 14.21
N ASP C 174 31.72 -21.10 15.29
CA ASP C 174 30.81 -19.98 15.49
C ASP C 174 31.27 -18.77 14.69
N LEU C 175 32.58 -18.70 14.44
CA LEU C 175 33.15 -17.63 13.64
C LEU C 175 33.01 -17.93 12.15
N GLU C 176 32.21 -18.94 11.83
CA GLU C 176 31.97 -19.32 10.45
C GLU C 176 30.49 -19.17 10.09
N LEU C 177 29.65 -19.10 11.13
CA LEU C 177 28.22 -18.87 10.93
C LEU C 177 28.00 -17.53 10.24
N LYS C 178 28.82 -16.55 10.61
CA LYS C 178 28.77 -15.23 10.00
C LYS C 178 29.97 -15.02 9.08
N LYS C 179 30.70 -16.10 8.82
CA LYS C 179 31.87 -16.06 7.96
C LYS C 179 32.84 -14.95 8.37
N GLU C 180 33.15 -14.89 9.66
CA GLU C 180 34.06 -13.88 10.18
C GLU C 180 35.46 -14.04 9.58
N ARG C 181 35.95 -12.98 8.94
CA ARG C 181 37.27 -12.99 8.33
C ARG C 181 38.19 -11.97 8.99
N ARG C 182 37.64 -11.19 9.90
CA ARG C 182 38.41 -10.16 10.58
C ARG C 182 38.38 -10.34 12.09
N VAL C 183 39.52 -10.75 12.65
CA VAL C 183 39.60 -11.07 14.07
C VAL C 183 40.56 -10.14 14.81
N ILE C 184 40.18 -9.76 16.04
CA ILE C 184 41.04 -8.95 16.89
C ILE C 184 41.48 -9.76 18.11
N LEU C 185 42.77 -10.02 18.21
CA LEU C 185 43.31 -10.81 19.31
C LEU C 185 43.79 -9.92 20.46
N ASP C 186 42.97 -9.82 21.50
CA ASP C 186 43.34 -9.05 22.68
C ASP C 186 43.82 -10.00 23.78
N CYS C 187 45.08 -10.43 23.67
CA CYS C 187 45.63 -11.40 24.61
C CYS C 187 47.08 -11.08 24.95
N GLU C 188 47.66 -11.89 25.84
CA GLU C 188 49.06 -11.74 26.21
C GLU C 188 49.94 -12.35 25.12
N ARG C 189 51.24 -12.11 25.20
CA ARG C 189 52.18 -12.61 24.20
C ARG C 189 52.13 -14.13 24.08
N ASP C 190 51.64 -14.80 25.12
CA ASP C 190 51.57 -16.25 25.14
C ASP C 190 50.27 -16.76 24.51
N LYS C 191 49.14 -16.27 25.01
CA LYS C 191 47.83 -16.68 24.50
C LYS C 191 47.69 -16.38 23.01
N VAL C 192 48.49 -15.43 22.53
CA VAL C 192 48.47 -15.06 21.12
C VAL C 192 49.12 -16.13 20.26
N ASN C 193 50.29 -16.61 20.68
CA ASN C 193 50.98 -17.66 19.95
C ASN C 193 50.16 -18.95 19.87
N ASP C 194 49.43 -19.25 20.94
CA ASP C 194 48.56 -20.41 20.96
C ASP C 194 47.48 -20.29 19.89
N ILE C 195 46.86 -19.12 19.83
CA ILE C 195 45.83 -18.85 18.83
C ILE C 195 46.41 -18.87 17.41
N VAL C 196 47.53 -18.16 17.23
CA VAL C 196 48.20 -18.10 15.94
C VAL C 196 48.53 -19.50 15.43
N ASP C 197 48.99 -20.36 16.33
CA ASP C 197 49.32 -21.74 15.96
C ASP C 197 48.08 -22.50 15.52
N GLN C 198 46.98 -22.34 16.26
CA GLN C 198 45.72 -22.97 15.91
C GLN C 198 45.21 -22.46 14.58
N VAL C 199 45.34 -21.15 14.36
CA VAL C 199 44.91 -20.52 13.12
C VAL C 199 45.58 -21.13 11.91
N ILE C 200 46.88 -21.38 12.02
CA ILE C 200 47.65 -21.98 10.94
C ILE C 200 47.24 -23.43 10.70
N THR C 201 46.96 -24.14 11.79
CA THR C 201 46.56 -25.53 11.70
C THR C 201 45.27 -25.70 10.91
N ILE C 202 44.25 -24.91 11.27
CA ILE C 202 42.97 -24.96 10.57
C ILE C 202 43.03 -24.24 9.22
N GLY C 203 44.14 -23.55 8.98
CA GLY C 203 44.38 -22.92 7.70
C GLY C 203 43.66 -21.58 7.52
N LYS C 204 43.27 -20.96 8.62
CA LYS C 204 42.61 -19.65 8.57
C LYS C 204 43.62 -18.52 8.62
N HIS C 205 44.78 -18.73 8.01
CA HIS C 205 45.83 -17.73 7.98
C HIS C 205 46.18 -17.36 6.54
N VAL C 206 45.32 -17.77 5.61
CA VAL C 206 45.53 -17.49 4.20
C VAL C 206 44.90 -16.17 3.80
N LYS C 207 45.10 -15.76 2.56
CA LYS C 207 44.55 -14.50 2.06
C LYS C 207 43.04 -14.45 2.26
N GLY C 208 42.56 -13.33 2.81
CA GLY C 208 41.15 -13.17 3.09
C GLY C 208 40.89 -12.86 4.55
N TYR C 209 41.78 -13.34 5.40
CA TYR C 209 41.67 -13.10 6.84
C TYR C 209 42.52 -11.91 7.26
N HIS C 210 42.08 -11.21 8.30
CA HIS C 210 42.80 -10.05 8.81
C HIS C 210 42.81 -10.06 10.33
N TYR C 211 44.00 -10.19 10.91
CA TYR C 211 44.14 -10.26 12.35
C TYR C 211 44.77 -8.99 12.92
N ILE C 212 44.33 -8.61 14.12
CA ILE C 212 44.89 -7.45 14.80
C ILE C 212 45.32 -7.83 16.22
N ILE C 213 46.62 -7.82 16.46
CA ILE C 213 47.15 -8.16 17.78
C ILE C 213 47.02 -6.95 18.72
N ALA C 214 46.07 -7.02 19.63
CA ALA C 214 45.77 -5.90 20.52
C ALA C 214 46.71 -5.85 21.73
N ASN C 215 47.98 -5.61 21.48
CA ASN C 215 48.96 -5.42 22.55
C ASN C 215 50.10 -4.50 22.10
N LEU C 216 50.89 -4.04 23.06
CA LEU C 216 51.98 -3.12 22.77
C LEU C 216 53.24 -3.84 22.32
N GLY C 217 53.14 -5.16 22.16
CA GLY C 217 54.28 -5.95 21.74
C GLY C 217 53.98 -6.77 20.49
N PHE C 218 53.93 -6.09 19.35
CA PHE C 218 53.62 -6.75 18.08
C PHE C 218 54.78 -7.62 17.60
N THR C 219 56.00 -7.12 17.78
CA THR C 219 57.19 -7.86 17.34
C THR C 219 57.73 -8.74 18.46
N ASP C 220 57.04 -8.75 19.60
CA ASP C 220 57.47 -9.54 20.74
C ASP C 220 57.19 -11.03 20.54
N GLY C 221 56.19 -11.33 19.71
CA GLY C 221 55.83 -12.70 19.43
C GLY C 221 56.39 -13.20 18.12
N ASP C 222 56.29 -14.50 17.89
CA ASP C 222 56.76 -15.10 16.65
C ASP C 222 55.75 -14.86 15.53
N LEU C 223 56.19 -14.18 14.48
CA LEU C 223 55.31 -13.86 13.36
C LEU C 223 55.72 -14.59 12.09
N LEU C 224 56.91 -15.19 12.11
CA LEU C 224 57.44 -15.90 10.95
C LEU C 224 56.49 -17.00 10.48
N LYS C 225 55.61 -17.45 11.37
CA LYS C 225 54.69 -18.53 11.05
C LYS C 225 53.48 -18.06 10.22
N ILE C 226 52.82 -17.00 10.68
CA ILE C 226 51.70 -16.43 9.93
C ILE C 226 52.14 -15.27 9.05
N GLN C 227 53.42 -15.29 8.65
CA GLN C 227 53.97 -14.21 7.85
C GLN C 227 53.81 -14.49 6.36
N PHE C 228 53.94 -15.76 5.97
CA PHE C 228 53.85 -16.15 4.57
C PHE C 228 52.51 -16.80 4.26
N GLY C 229 51.63 -16.85 5.26
CA GLY C 229 50.32 -17.46 5.09
C GLY C 229 49.47 -16.75 4.06
N GLY C 230 49.48 -15.43 4.10
CA GLY C 230 48.70 -14.63 3.16
C GLY C 230 47.77 -13.66 3.87
N ALA C 231 47.26 -14.08 5.02
CA ALA C 231 46.37 -13.24 5.81
C ALA C 231 47.12 -12.03 6.36
N GLU C 232 46.52 -10.85 6.24
CA GLU C 232 47.13 -9.63 6.73
C GLU C 232 47.09 -9.56 8.25
N VAL C 233 48.22 -9.23 8.86
CA VAL C 233 48.31 -9.12 10.31
C VAL C 233 48.80 -7.74 10.72
N SER C 234 48.04 -7.08 11.60
CA SER C 234 48.40 -5.77 12.09
C SER C 234 48.54 -5.79 13.61
N GLY C 235 49.17 -4.77 14.17
CA GLY C 235 49.36 -4.69 15.62
C GLY C 235 49.94 -3.37 16.07
N PHE C 236 50.47 -3.36 17.29
CA PHE C 236 51.01 -2.14 17.86
C PHE C 236 52.39 -2.38 18.47
N GLN C 237 53.29 -1.41 18.28
CA GLN C 237 54.64 -1.51 18.83
C GLN C 237 54.98 -0.26 19.63
N ILE C 238 55.38 -0.44 20.87
CA ILE C 238 55.72 0.68 21.75
C ILE C 238 57.23 0.89 21.81
N VAL C 239 57.98 -0.18 21.58
CA VAL C 239 59.44 -0.11 21.57
C VAL C 239 59.96 0.07 20.15
N ASP C 240 60.19 1.31 19.76
CA ASP C 240 60.68 1.60 18.41
C ASP C 240 62.18 1.27 18.30
N TYR C 241 62.49 0.21 17.59
CA TYR C 241 63.87 -0.23 17.42
C TYR C 241 64.61 0.63 16.40
N ASP C 242 63.94 1.67 15.90
CA ASP C 242 64.55 2.59 14.95
C ASP C 242 65.14 3.81 15.64
N ASP C 243 64.80 3.99 16.92
CA ASP C 243 65.37 5.07 17.71
C ASP C 243 66.82 4.74 18.06
N SER C 244 67.71 5.71 17.85
CA SER C 244 69.11 5.53 18.19
C SER C 244 69.27 5.22 19.67
N LEU C 245 68.31 5.68 20.47
CA LEU C 245 68.31 5.41 21.90
C LEU C 245 68.10 3.93 22.16
N VAL C 246 67.05 3.37 21.56
CA VAL C 246 66.74 1.96 21.71
C VAL C 246 67.78 1.09 21.01
N SER C 247 68.22 1.54 19.83
CA SER C 247 69.21 0.81 19.05
C SER C 247 70.50 0.63 19.85
N LYS C 248 70.86 1.64 20.62
CA LYS C 248 72.06 1.58 21.46
C LYS C 248 71.86 0.62 22.63
N PHE C 249 70.65 0.60 23.16
CA PHE C 249 70.31 -0.29 24.26
C PHE C 249 70.47 -1.75 23.85
N ILE C 250 69.94 -2.09 22.68
CA ILE C 250 70.02 -3.45 22.16
C ILE C 250 71.46 -3.87 21.92
N GLU C 251 72.28 -2.92 21.47
CA GLU C 251 73.70 -3.20 21.21
C GLU C 251 74.38 -3.80 22.42
N ARG C 252 73.96 -3.37 23.61
CA ARG C 252 74.54 -3.86 24.85
C ARG C 252 73.71 -4.98 25.44
N TRP C 253 72.41 -4.95 25.19
CA TRP C 253 71.48 -5.95 25.70
C TRP C 253 71.71 -7.30 25.02
N SER C 254 71.81 -7.28 23.69
CA SER C 254 71.96 -8.51 22.92
C SER C 254 73.26 -9.25 23.22
N THR C 255 74.22 -8.54 23.83
CA THR C 255 75.52 -9.13 24.11
C THR C 255 75.64 -9.67 25.53
N LEU C 256 74.79 -9.15 26.43
CA LEU C 256 74.81 -9.57 27.83
C LEU C 256 74.77 -11.09 27.97
N GLU C 257 75.45 -11.60 28.99
CA GLU C 257 75.47 -13.04 29.24
C GLU C 257 74.10 -13.54 29.66
N GLU C 258 73.58 -14.53 28.95
CA GLU C 258 72.26 -15.08 29.23
C GLU C 258 72.23 -15.87 30.53
N LYS C 259 73.42 -16.21 31.04
CA LYS C 259 73.53 -16.94 32.29
C LYS C 259 73.15 -16.05 33.48
N GLU C 260 73.80 -14.90 33.58
CA GLU C 260 73.53 -13.96 34.65
C GLU C 260 72.24 -13.19 34.39
N TYR C 261 72.00 -12.87 33.13
CA TYR C 261 70.79 -12.15 32.73
C TYR C 261 69.89 -13.03 31.89
N PRO C 262 68.98 -13.76 32.54
CA PRO C 262 68.05 -14.70 31.89
C PRO C 262 67.24 -14.03 30.77
N GLY C 263 67.13 -14.70 29.63
CA GLY C 263 66.37 -14.20 28.51
C GLY C 263 66.73 -12.78 28.13
N ALA C 264 68.03 -12.51 28.03
CA ALA C 264 68.51 -11.16 27.72
C ALA C 264 69.49 -11.16 26.57
N HIS C 265 69.70 -12.32 25.96
CA HIS C 265 70.64 -12.44 24.85
C HIS C 265 69.92 -12.45 23.50
N THR C 266 69.06 -11.46 23.30
CA THR C 266 68.31 -11.35 22.06
C THR C 266 68.38 -9.93 21.50
N ALA C 267 67.96 -9.76 20.24
CA ALA C 267 67.97 -8.46 19.60
C ALA C 267 66.70 -7.67 19.88
N THR C 268 65.73 -8.33 20.49
CA THR C 268 64.45 -7.70 20.83
C THR C 268 64.18 -7.76 22.32
N ILE C 269 63.11 -7.13 22.76
CA ILE C 269 62.74 -7.10 24.17
C ILE C 269 61.24 -6.89 24.35
N LYS C 270 60.64 -7.68 25.24
CA LYS C 270 59.21 -7.57 25.53
C LYS C 270 58.90 -6.17 26.06
N TYR C 271 57.76 -5.64 25.67
CA TYR C 271 57.37 -4.29 26.07
C TYR C 271 57.25 -4.17 27.59
N THR C 272 56.89 -5.26 28.24
CA THR C 272 56.79 -5.28 29.69
C THR C 272 58.17 -5.09 30.32
N SER C 273 59.18 -5.71 29.73
CA SER C 273 60.56 -5.58 30.21
C SER C 273 61.10 -4.20 29.91
N ALA C 274 60.80 -3.68 28.74
CA ALA C 274 61.26 -2.36 28.32
C ALA C 274 60.71 -1.27 29.24
N LEU C 275 59.47 -1.46 29.70
CA LEU C 275 58.85 -0.52 30.62
C LEU C 275 59.50 -0.59 31.99
N THR C 276 59.93 -1.79 32.37
CA THR C 276 60.63 -1.99 33.65
C THR C 276 61.92 -1.18 33.66
N TYR C 277 62.66 -1.25 32.57
CA TYR C 277 63.90 -0.49 32.43
C TYR C 277 63.62 1.02 32.49
N ASP C 278 62.57 1.44 31.82
CA ASP C 278 62.18 2.85 31.82
C ASP C 278 61.65 3.28 33.18
N ALA C 279 61.17 2.31 33.95
CA ALA C 279 60.66 2.57 35.29
C ALA C 279 61.80 3.00 36.22
N VAL C 280 62.93 2.31 36.11
CA VAL C 280 64.10 2.64 36.91
C VAL C 280 64.55 4.07 36.65
N GLN C 281 64.54 4.46 35.38
CA GLN C 281 64.95 5.81 34.99
C GLN C 281 64.02 6.87 35.59
N VAL C 282 62.72 6.56 35.64
CA VAL C 282 61.73 7.47 36.21
C VAL C 282 61.94 7.65 37.70
N MET C 283 62.22 6.55 38.39
CA MET C 283 62.44 6.58 39.83
C MET C 283 63.72 7.32 40.19
N THR C 284 64.71 7.22 39.31
CA THR C 284 65.99 7.90 39.52
C THR C 284 65.82 9.41 39.36
N GLU C 285 65.21 9.83 38.25
CA GLU C 285 64.99 11.25 37.98
C GLU C 285 64.08 11.88 39.03
N ALA C 286 63.22 11.06 39.61
CA ALA C 286 62.28 11.53 40.63
C ALA C 286 62.98 11.82 41.95
N PHE C 287 63.80 10.87 42.40
CA PHE C 287 64.53 11.02 43.65
C PHE C 287 65.64 12.06 43.49
N ARG C 288 66.02 12.34 42.25
CA ARG C 288 67.05 13.33 41.96
C ARG C 288 66.47 14.74 41.99
N ASN C 289 65.22 14.88 41.53
CA ASN C 289 64.55 16.16 41.54
C ASN C 289 64.14 16.58 42.95
N LEU C 290 64.24 15.64 43.88
CA LEU C 290 63.93 15.92 45.29
C LEU C 290 65.17 16.41 46.04
N ARG C 291 66.33 15.94 45.61
CA ARG C 291 67.60 16.38 46.20
C ARG C 291 67.93 17.79 45.75
N LYS C 292 67.72 18.07 44.47
CA LYS C 292 68.00 19.38 43.90
C LYS C 292 66.94 20.41 44.31
N GLN C 293 65.82 19.91 44.83
CA GLN C 293 64.74 20.78 45.27
C GLN C 293 64.81 21.05 46.77
N ARG C 294 65.84 20.50 47.40
CA ARG C 294 66.05 20.69 48.84
C ARG C 294 64.86 20.22 49.65
N ILE C 295 64.40 19.00 49.37
CA ILE C 295 63.25 18.44 50.08
C ILE C 295 63.65 17.22 50.90
N GLU C 296 63.56 17.34 52.22
CA GLU C 296 63.89 16.25 53.12
C GLU C 296 62.70 15.29 53.28
N ILE C 297 62.94 14.01 53.03
CA ILE C 297 61.89 13.01 53.10
C ILE C 297 62.36 11.76 53.84
N SER C 298 63.63 11.76 54.24
CA SER C 298 64.25 10.58 54.83
C SER C 298 63.58 10.11 56.11
N ARG C 299 63.63 8.80 56.36
CA ARG C 299 63.07 8.21 57.57
C ARG C 299 63.84 6.95 57.95
N ARG C 300 63.22 6.10 58.76
CA ARG C 300 63.85 4.87 59.20
C ARG C 300 62.97 3.66 58.91
N GLY C 301 63.43 2.48 59.32
CA GLY C 301 62.68 1.26 59.12
C GLY C 301 61.70 0.99 60.25
N ASN C 302 60.90 2.00 60.59
CA ASN C 302 59.92 1.89 61.65
C ASN C 302 58.58 2.54 61.30
N ALA C 303 58.19 2.44 60.03
CA ALA C 303 56.87 2.92 59.61
C ALA C 303 55.77 2.22 60.40
N GLY C 304 56.10 1.05 60.94
CA GLY C 304 55.14 0.29 61.74
C GLY C 304 54.31 -0.66 60.90
N ASP C 305 53.38 -1.35 61.54
CA ASP C 305 52.50 -2.28 60.85
C ASP C 305 51.52 -1.53 59.96
N CYS C 306 51.34 -2.01 58.74
CA CYS C 306 50.45 -1.36 57.79
C CYS C 306 48.99 -1.43 58.21
N LEU C 307 48.66 -2.42 59.03
CA LEU C 307 47.30 -2.59 59.52
C LEU C 307 47.03 -1.69 60.71
N ALA C 308 47.98 -0.83 61.04
CA ALA C 308 47.85 0.09 62.17
C ALA C 308 46.54 0.87 62.09
N ASN C 309 45.80 0.88 63.19
CA ASN C 309 44.52 1.57 63.24
C ASN C 309 44.43 2.50 64.43
N PRO C 310 44.17 3.80 64.19
CA PRO C 310 43.95 4.38 62.86
C PRO C 310 45.23 4.42 62.02
N ALA C 311 45.09 4.26 60.71
CA ALA C 311 46.23 4.31 59.81
C ALA C 311 46.59 5.74 59.46
N VAL C 312 47.80 6.15 59.82
CA VAL C 312 48.27 7.51 59.55
C VAL C 312 49.28 7.54 58.42
N PRO C 313 48.94 8.25 57.33
CA PRO C 313 49.81 8.40 56.15
C PRO C 313 50.96 9.36 56.45
N TRP C 314 52.19 8.93 56.16
CA TRP C 314 53.36 9.79 56.37
C TRP C 314 53.43 10.87 55.29
N GLY C 315 53.40 12.13 55.72
CA GLY C 315 53.33 13.26 54.80
C GLY C 315 54.41 13.29 53.75
N GLN C 316 55.53 12.64 54.02
CA GLN C 316 56.66 12.63 53.07
C GLN C 316 56.30 11.90 51.79
N GLY C 317 55.21 11.13 51.82
CA GLY C 317 54.77 10.38 50.66
C GLY C 317 54.12 11.25 49.60
N VAL C 318 53.47 12.32 50.05
CA VAL C 318 52.80 13.23 49.13
C VAL C 318 53.80 13.88 48.17
N GLU C 319 55.01 14.12 48.67
CA GLU C 319 56.05 14.74 47.86
C GLU C 319 56.67 13.76 46.88
N ILE C 320 56.79 12.50 47.31
CA ILE C 320 57.34 11.46 46.46
C ILE C 320 56.45 11.23 45.23
N GLU C 321 55.16 11.43 45.41
CA GLU C 321 54.20 11.30 44.31
C GLU C 321 54.36 12.45 43.31
N ARG C 322 54.40 13.67 43.84
CA ARG C 322 54.53 14.85 43.01
C ARG C 322 55.86 14.87 42.27
N ALA C 323 56.78 14.00 42.70
CA ALA C 323 58.09 13.89 42.07
C ALA C 323 58.02 12.96 40.85
N LEU C 324 57.56 11.74 41.09
CA LEU C 324 57.44 10.74 40.03
C LEU C 324 56.53 11.23 38.91
N LYS C 325 55.41 11.83 39.28
CA LYS C 325 54.43 12.32 38.32
C LYS C 325 54.94 13.53 37.54
N GLN C 326 55.96 14.18 38.08
CA GLN C 326 56.53 15.36 37.44
C GLN C 326 57.68 14.99 36.50
N VAL C 327 58.16 13.75 36.63
CA VAL C 327 59.26 13.27 35.81
C VAL C 327 58.92 13.30 34.33
N GLN C 328 59.91 13.61 33.49
CA GLN C 328 59.73 13.62 32.05
C GLN C 328 61.05 13.40 31.32
N VAL C 329 61.35 12.15 31.02
CA VAL C 329 62.59 11.80 30.32
C VAL C 329 62.30 10.98 29.07
N GLU C 330 63.36 10.61 28.36
CA GLU C 330 63.23 9.81 27.14
C GLU C 330 63.68 8.38 27.39
N GLY C 331 62.81 7.42 27.07
CA GLY C 331 63.10 6.03 27.29
C GLY C 331 62.85 5.15 26.09
N LEU C 332 62.89 3.84 26.29
CA LEU C 332 62.66 2.89 25.21
C LEU C 332 61.25 3.00 24.65
N SER C 333 60.31 3.37 25.51
CA SER C 333 58.91 3.50 25.10
C SER C 333 58.56 4.93 24.73
N GLY C 334 59.45 5.59 24.00
CA GLY C 334 59.22 6.94 23.54
C GLY C 334 59.22 7.96 24.67
N ASN C 335 58.65 9.13 24.41
CA ASN C 335 58.60 10.20 25.40
C ASN C 335 57.73 9.83 26.60
N ILE C 336 58.32 9.89 27.78
CA ILE C 336 57.61 9.53 29.01
C ILE C 336 57.12 10.77 29.76
N LYS C 337 55.80 10.87 29.90
CA LYS C 337 55.19 11.98 30.64
C LYS C 337 53.96 11.48 31.40
N PHE C 338 53.60 12.18 32.47
CA PHE C 338 52.47 11.77 33.30
C PHE C 338 51.53 12.92 33.61
N ASP C 339 50.30 12.57 34.00
CA ASP C 339 49.35 13.57 34.46
C ASP C 339 49.22 13.50 35.98
N GLN C 340 48.26 14.23 36.53
CA GLN C 340 48.09 14.30 37.98
C GLN C 340 47.73 12.94 38.59
N ASN C 341 47.20 12.04 37.76
CA ASN C 341 46.76 10.73 38.23
C ASN C 341 47.86 9.67 38.17
N GLY C 342 48.57 9.61 37.04
CA GLY C 342 49.63 8.63 36.86
C GLY C 342 49.62 8.00 35.49
N LYS C 343 48.53 8.22 34.75
CA LYS C 343 48.42 7.70 33.40
C LYS C 343 49.35 8.47 32.46
N ARG C 344 50.06 7.75 31.61
CA ARG C 344 51.01 8.36 30.68
C ARG C 344 50.30 9.23 29.65
N ILE C 345 50.96 10.31 29.25
CA ILE C 345 50.42 11.23 28.26
C ILE C 345 51.50 11.64 27.27
N ASN C 346 51.08 12.28 26.18
CA ASN C 346 52.01 12.72 25.14
C ASN C 346 52.93 11.59 24.68
N TYR C 347 52.36 10.42 24.47
CA TYR C 347 53.12 9.25 24.04
C TYR C 347 52.82 8.91 22.58
N THR C 348 53.56 7.94 22.05
CA THR C 348 53.41 7.55 20.65
C THR C 348 53.40 6.02 20.49
N ILE C 349 52.37 5.51 19.82
CA ILE C 349 52.26 4.08 19.56
C ILE C 349 52.28 3.82 18.05
N ASN C 350 53.34 3.16 17.58
CA ASN C 350 53.49 2.86 16.17
C ASN C 350 52.54 1.76 15.70
N ILE C 351 51.82 2.04 14.62
CA ILE C 351 50.94 1.04 14.02
C ILE C 351 51.74 0.16 13.06
N MET C 352 51.65 -1.16 13.25
CA MET C 352 52.45 -2.09 12.49
C MET C 352 51.62 -3.00 11.57
N GLU C 353 52.17 -3.33 10.42
CA GLU C 353 51.57 -4.30 9.52
C GLU C 353 52.61 -5.35 9.14
N LEU C 354 52.16 -6.60 9.00
CA LEU C 354 53.08 -7.69 8.67
C LEU C 354 53.08 -7.98 7.17
N LYS C 355 54.18 -7.64 6.51
CA LYS C 355 54.33 -7.90 5.09
C LYS C 355 55.16 -9.15 4.83
N THR C 356 55.54 -9.36 3.57
CA THR C 356 56.32 -10.53 3.19
C THR C 356 57.74 -10.45 3.73
N ASN C 357 58.33 -9.25 3.67
CA ASN C 357 59.70 -9.05 4.14
C ASN C 357 59.78 -8.91 5.66
N GLY C 358 58.62 -8.89 6.31
CA GLY C 358 58.56 -8.77 7.75
C GLY C 358 57.73 -7.57 8.20
N PRO C 359 57.64 -7.35 9.52
CA PRO C 359 56.90 -6.23 10.10
C PRO C 359 57.35 -4.89 9.53
N ARG C 360 56.44 -3.93 9.47
CA ARG C 360 56.74 -2.62 8.92
C ARG C 360 55.80 -1.56 9.47
N LYS C 361 56.37 -0.47 9.99
CA LYS C 361 55.58 0.63 10.54
C LYS C 361 54.90 1.41 9.43
N ILE C 362 53.57 1.50 9.51
CA ILE C 362 52.80 2.21 8.50
C ILE C 362 52.32 3.57 9.03
N GLY C 363 52.65 3.85 10.29
CA GLY C 363 52.25 5.10 10.91
C GLY C 363 52.31 5.02 12.43
N TYR C 364 51.81 6.07 13.09
CA TYR C 364 51.80 6.11 14.55
C TYR C 364 50.47 6.64 15.07
N TRP C 365 50.30 6.61 16.39
CA TRP C 365 49.08 7.10 17.01
C TRP C 365 49.40 8.02 18.19
N SER C 366 48.95 9.26 18.09
CA SER C 366 49.13 10.22 19.17
C SER C 366 47.80 10.47 19.87
N GLU C 367 47.86 10.70 21.18
CA GLU C 367 46.65 10.94 21.96
C GLU C 367 45.97 12.23 21.54
N VAL C 368 46.68 13.04 20.76
CA VAL C 368 46.17 14.34 20.33
C VAL C 368 45.99 14.44 18.82
N ASP C 369 46.65 13.55 18.09
CA ASP C 369 46.61 13.58 16.63
C ASP C 369 45.97 12.32 16.05
N LYS C 370 45.50 11.44 16.93
CA LYS C 370 44.93 10.16 16.51
C LYS C 370 45.95 9.41 15.64
N MET C 371 45.46 8.76 14.58
CA MET C 371 46.33 8.01 13.70
C MET C 371 46.90 8.88 12.59
N VAL C 372 48.20 8.73 12.33
CA VAL C 372 48.87 9.47 11.27
C VAL C 372 49.82 8.54 10.50
N LEU C 373 49.51 8.32 9.22
CA LEU C 373 50.26 7.39 8.41
C LEU C 373 51.62 7.92 7.98
N THR C 374 52.49 7.02 7.53
CA THR C 374 53.83 7.41 7.09
C THR C 374 54.03 7.10 5.62
N GLU C 375 53.29 6.12 5.11
CA GLU C 375 53.39 5.72 3.72
C GLU C 375 54.82 5.35 3.34
N ASP C 376 55.23 4.13 3.72
CA ASP C 376 56.57 3.65 3.43
C ASP C 376 56.62 2.90 2.11
N ASP C 377 56.07 3.51 1.06
CA ASP C 377 56.04 2.88 -0.25
C ASP C 377 57.39 2.26 -0.61
N THR C 378 58.46 2.97 -0.26
CA THR C 378 59.82 2.49 -0.54
C THR C 378 60.06 1.14 0.13
N SER C 379 59.19 0.77 1.06
CA SER C 379 59.32 -0.49 1.77
C SER C 379 59.34 -1.67 0.81
N GLY C 380 59.17 -1.38 -0.48
CA GLY C 380 59.16 -2.41 -1.50
C GLY C 380 57.83 -2.47 -2.24
N LEU C 381 57.66 -1.57 -3.20
CA LEU C 381 56.43 -1.52 -3.99
C LEU C 381 56.27 -2.77 -4.85
N GLU C 382 56.87 -3.87 -4.39
CA GLU C 382 56.80 -5.14 -5.12
C GLU C 382 55.38 -5.42 -5.60
N GLN C 383 55.02 -4.84 -6.73
CA GLN C 383 53.69 -5.03 -7.30
C GLN C 383 53.28 -6.50 -7.25
N LYS C 384 52.41 -6.84 -6.30
CA LYS C 384 51.94 -8.21 -6.16
C LYS C 384 51.12 -8.65 -7.36
N THR C 385 50.19 -9.58 -7.15
CA THR C 385 49.35 -10.08 -8.23
C THR C 385 47.88 -9.76 -7.97
N VAL C 386 46.99 -10.61 -8.49
CA VAL C 386 45.56 -10.43 -8.32
C VAL C 386 44.81 -11.74 -8.50
N VAL C 387 43.97 -12.07 -7.53
CA VAL C 387 43.15 -13.27 -7.59
C VAL C 387 41.86 -13.01 -8.36
N VAL C 388 41.77 -13.56 -9.57
CA VAL C 388 40.61 -13.37 -10.40
C VAL C 388 39.68 -14.58 -10.34
N THR C 389 38.49 -14.39 -9.78
CA THR C 389 37.51 -15.46 -9.70
C THR C 389 36.58 -15.45 -10.92
N THR C 390 36.21 -16.63 -11.39
CA THR C 390 35.34 -16.75 -12.55
C THR C 390 34.63 -18.10 -12.54
N ILE C 391 33.53 -18.19 -13.30
CA ILE C 391 32.75 -19.41 -13.36
C ILE C 391 32.94 -20.13 -14.69
N LEU C 392 32.80 -21.45 -14.68
CA LEU C 392 32.91 -22.25 -15.89
C LEU C 392 31.61 -22.21 -16.69
N GLU C 393 31.54 -21.28 -17.64
CA GLU C 393 30.35 -21.13 -18.46
C GLU C 393 30.74 -20.80 -19.91
N SER C 394 30.42 -21.70 -20.83
CA SER C 394 30.74 -21.51 -22.24
C SER C 394 29.88 -20.40 -22.84
N PRO C 395 30.47 -19.59 -23.72
CA PRO C 395 31.88 -19.68 -24.13
C PRO C 395 32.74 -18.64 -23.43
N TYR C 396 32.37 -18.27 -22.21
CA TYR C 396 33.11 -17.26 -21.46
C TYR C 396 34.38 -17.83 -20.85
N VAL C 397 34.25 -18.94 -20.13
CA VAL C 397 35.41 -19.62 -19.56
C VAL C 397 35.26 -21.13 -19.68
N MET C 398 36.13 -21.73 -20.50
CA MET C 398 36.07 -23.16 -20.75
C MET C 398 37.44 -23.81 -20.57
N MET C 399 37.45 -25.11 -20.33
CA MET C 399 38.69 -25.85 -20.20
C MET C 399 39.29 -26.12 -21.56
N LYS C 400 40.52 -25.65 -21.77
CA LYS C 400 41.21 -25.86 -23.04
C LYS C 400 41.31 -27.34 -23.37
N LYS C 401 41.49 -27.65 -24.65
CA LYS C 401 41.58 -29.04 -25.10
C LYS C 401 42.55 -29.84 -24.24
N ASN C 402 43.84 -29.56 -24.38
CA ASN C 402 44.86 -30.24 -23.60
C ASN C 402 45.13 -29.52 -22.28
N HIS C 403 44.08 -29.33 -21.49
CA HIS C 403 44.20 -28.64 -20.21
C HIS C 403 44.99 -29.46 -19.21
N GLU C 404 45.04 -30.77 -19.42
CA GLU C 404 45.76 -31.67 -18.53
C GLU C 404 47.27 -31.51 -18.71
N MET C 405 47.68 -31.05 -19.88
CA MET C 405 49.10 -30.85 -20.17
C MET C 405 49.50 -29.40 -19.96
N LEU C 406 48.59 -28.61 -19.41
CA LEU C 406 48.84 -27.19 -19.15
C LEU C 406 48.63 -26.85 -17.68
N GLU C 407 49.08 -25.65 -17.31
CA GLU C 407 48.93 -25.19 -15.92
C GLU C 407 48.72 -23.69 -15.88
N GLY C 408 48.34 -23.17 -14.71
CA GLY C 408 48.11 -21.76 -14.53
C GLY C 408 46.92 -21.23 -15.28
N ASN C 409 47.08 -20.10 -15.94
CA ASN C 409 46.01 -19.47 -16.69
C ASN C 409 45.86 -20.03 -18.10
N GLU C 410 46.89 -20.74 -18.55
CA GLU C 410 46.89 -21.33 -19.88
C GLU C 410 45.87 -22.46 -20.00
N ARG C 411 45.39 -22.94 -18.85
CA ARG C 411 44.44 -24.04 -18.82
C ARG C 411 43.08 -23.62 -19.37
N TYR C 412 42.76 -22.34 -19.23
CA TYR C 412 41.43 -21.85 -19.60
C TYR C 412 41.42 -21.02 -20.88
N GLU C 413 40.27 -20.96 -21.52
CA GLU C 413 40.08 -20.16 -22.73
C GLU C 413 38.63 -19.73 -22.84
N GLY C 414 38.40 -18.54 -23.38
CA GLY C 414 37.06 -18.03 -23.55
C GLY C 414 36.97 -16.51 -23.60
N TYR C 415 35.75 -16.00 -23.69
CA TYR C 415 35.52 -14.57 -23.76
C TYR C 415 36.08 -13.84 -22.54
N CYS C 416 35.72 -14.33 -21.35
CA CYS C 416 36.17 -13.71 -20.11
C CYS C 416 37.66 -13.92 -19.88
N VAL C 417 38.18 -15.05 -20.35
CA VAL C 417 39.61 -15.34 -20.23
C VAL C 417 40.43 -14.30 -20.99
N ASP C 418 39.95 -13.93 -22.17
CA ASP C 418 40.60 -12.90 -22.96
C ASP C 418 40.33 -11.52 -22.36
N LEU C 419 39.10 -11.33 -21.88
CA LEU C 419 38.71 -10.07 -21.26
C LEU C 419 39.56 -9.79 -20.03
N ALA C 420 39.97 -10.85 -19.34
CA ALA C 420 40.81 -10.73 -18.17
C ALA C 420 42.18 -10.16 -18.54
N ALA C 421 42.80 -10.75 -19.56
CA ALA C 421 44.11 -10.32 -20.02
C ALA C 421 44.07 -8.85 -20.46
N GLU C 422 42.99 -8.47 -21.12
CA GLU C 422 42.83 -7.10 -21.57
C GLU C 422 42.72 -6.12 -20.41
N ILE C 423 41.87 -6.46 -19.45
CA ILE C 423 41.71 -5.63 -18.26
C ILE C 423 43.02 -5.51 -17.49
N ALA C 424 43.73 -6.62 -17.37
CA ALA C 424 45.01 -6.66 -16.65
C ALA C 424 46.07 -5.83 -17.35
N LYS C 425 45.96 -5.72 -18.67
CA LYS C 425 46.93 -4.97 -19.46
C LYS C 425 46.74 -3.46 -19.30
N HIS C 426 45.49 -3.03 -19.22
CA HIS C 426 45.17 -1.61 -19.10
C HIS C 426 45.24 -1.14 -17.66
N CYS C 427 45.15 -2.07 -16.71
CA CYS C 427 45.24 -1.73 -15.30
C CYS C 427 46.63 -2.05 -14.75
N GLY C 428 47.40 -2.80 -15.51
CA GLY C 428 48.76 -3.14 -15.13
C GLY C 428 48.85 -3.99 -13.88
N PHE C 429 48.62 -5.29 -14.03
CA PHE C 429 48.75 -6.22 -12.91
C PHE C 429 48.75 -7.67 -13.37
N LYS C 430 49.46 -8.52 -12.64
CA LYS C 430 49.46 -9.95 -12.90
C LYS C 430 48.27 -10.59 -12.19
N TYR C 431 47.76 -11.68 -12.73
CA TYR C 431 46.59 -12.32 -12.15
C TYR C 431 46.64 -13.84 -12.23
N LYS C 432 45.82 -14.49 -11.39
CA LYS C 432 45.71 -15.94 -11.40
C LYS C 432 44.25 -16.36 -11.51
N LEU C 433 43.88 -16.88 -12.68
CA LEU C 433 42.51 -17.31 -12.92
C LEU C 433 42.13 -18.48 -12.02
N THR C 434 41.06 -18.30 -11.25
CA THR C 434 40.57 -19.35 -10.35
C THR C 434 39.08 -19.56 -10.51
N ILE C 435 38.66 -20.82 -10.51
CA ILE C 435 37.24 -21.16 -10.62
C ILE C 435 36.58 -21.17 -9.25
N VAL C 436 35.42 -20.52 -9.15
CA VAL C 436 34.68 -20.45 -7.89
C VAL C 436 34.35 -21.85 -7.37
N GLY C 437 34.44 -22.03 -6.07
CA GLY C 437 34.21 -23.32 -5.44
C GLY C 437 32.86 -23.92 -5.76
N ASP C 438 31.81 -23.37 -5.15
CA ASP C 438 30.47 -23.91 -5.30
C ASP C 438 29.94 -23.81 -6.74
N GLY C 439 30.63 -23.02 -7.55
CA GLY C 439 30.27 -22.89 -8.96
C GLY C 439 29.00 -22.09 -9.19
N LYS C 440 28.68 -21.20 -8.26
CA LYS C 440 27.52 -20.35 -8.38
C LYS C 440 27.93 -18.92 -8.75
N TYR C 441 26.95 -18.10 -9.12
CA TYR C 441 27.23 -16.72 -9.51
C TYR C 441 27.28 -15.79 -8.29
N GLY C 442 26.12 -15.46 -7.74
CA GLY C 442 26.05 -14.59 -6.59
C GLY C 442 24.65 -14.40 -6.05
N ALA C 443 24.25 -15.27 -5.12
CA ALA C 443 22.94 -15.19 -4.49
C ALA C 443 23.10 -15.00 -2.99
N ARG C 444 21.97 -14.80 -2.30
CA ARG C 444 22.01 -14.58 -0.86
C ARG C 444 20.94 -15.41 -0.14
N ASP C 445 21.38 -16.48 0.53
CA ASP C 445 20.48 -17.32 1.31
C ASP C 445 19.75 -16.48 2.35
N ALA C 446 18.42 -16.48 2.29
CA ALA C 446 17.61 -15.67 3.18
C ALA C 446 17.90 -15.94 4.65
N ASP C 447 17.98 -17.22 5.02
CA ASP C 447 18.18 -17.61 6.39
C ASP C 447 19.57 -17.22 6.93
N THR C 448 20.60 -17.88 6.42
CA THR C 448 21.96 -17.65 6.89
C THR C 448 22.48 -16.26 6.50
N LYS C 449 21.82 -15.63 5.54
CA LYS C 449 22.22 -14.31 5.07
C LYS C 449 23.66 -14.33 4.55
N ILE C 450 24.04 -15.45 3.96
CA ILE C 450 25.40 -15.63 3.44
C ILE C 450 25.43 -15.57 1.92
N TRP C 451 26.41 -14.86 1.38
CA TRP C 451 26.61 -14.78 -0.06
C TRP C 451 27.37 -16.00 -0.56
N ASN C 452 27.00 -16.49 -1.74
CA ASN C 452 27.67 -17.64 -2.34
C ASN C 452 28.18 -17.32 -3.74
N GLY C 453 29.00 -18.22 -4.28
CA GLY C 453 29.56 -18.02 -5.60
C GLY C 453 30.63 -16.96 -5.64
N MET C 454 30.81 -16.34 -6.81
CA MET C 454 31.84 -15.32 -6.99
C MET C 454 31.58 -14.10 -6.12
N VAL C 455 30.35 -13.61 -6.14
CA VAL C 455 29.96 -12.46 -5.34
C VAL C 455 30.33 -12.70 -3.88
N GLY C 456 30.21 -13.95 -3.44
CA GLY C 456 30.57 -14.33 -2.08
C GLY C 456 32.07 -14.23 -1.85
N GLU C 457 32.84 -14.87 -2.72
CA GLU C 457 34.29 -14.87 -2.59
C GLU C 457 34.88 -13.47 -2.61
N LEU C 458 34.10 -12.51 -3.09
CA LEU C 458 34.54 -11.11 -3.13
C LEU C 458 34.31 -10.44 -1.78
N VAL C 459 33.13 -10.66 -1.20
CA VAL C 459 32.76 -10.04 0.07
C VAL C 459 33.56 -10.60 1.23
N TYR C 460 34.00 -11.85 1.12
CA TYR C 460 34.71 -12.49 2.21
C TYR C 460 36.22 -12.56 1.97
N GLY C 461 36.70 -11.78 1.01
CA GLY C 461 38.12 -11.61 0.78
C GLY C 461 38.83 -12.80 0.15
N LYS C 462 38.07 -13.69 -0.47
CA LYS C 462 38.66 -14.86 -1.11
C LYS C 462 39.30 -14.48 -2.44
N ALA C 463 38.72 -13.49 -3.12
CA ALA C 463 39.25 -13.04 -4.41
C ALA C 463 39.34 -11.51 -4.45
N ASP C 464 40.10 -10.99 -5.41
CA ASP C 464 40.31 -9.56 -5.54
C ASP C 464 39.39 -8.94 -6.59
N ILE C 465 38.94 -9.77 -7.54
CA ILE C 465 38.11 -9.29 -8.63
C ILE C 465 37.37 -10.43 -9.30
N ALA C 466 36.22 -10.12 -9.89
CA ALA C 466 35.40 -11.12 -10.55
C ALA C 466 35.17 -10.79 -12.02
N ILE C 467 35.80 -11.57 -12.89
CA ILE C 467 35.64 -11.40 -14.33
C ILE C 467 34.85 -12.55 -14.92
N ALA C 468 33.54 -12.37 -15.04
CA ALA C 468 32.66 -13.41 -15.53
C ALA C 468 31.32 -12.79 -15.97
N PRO C 469 30.42 -13.61 -16.55
CA PRO C 469 29.11 -13.09 -16.93
C PRO C 469 28.24 -12.80 -15.70
N LEU C 470 28.73 -11.95 -14.81
CA LEU C 470 28.00 -11.61 -13.60
C LEU C 470 26.99 -10.49 -13.86
N THR C 471 25.72 -10.80 -13.68
CA THR C 471 24.65 -9.82 -13.91
C THR C 471 24.73 -8.68 -12.91
N ILE C 472 24.53 -7.46 -13.38
CA ILE C 472 24.53 -6.29 -12.52
C ILE C 472 23.15 -6.08 -11.90
N THR C 473 22.98 -6.58 -10.68
CA THR C 473 21.70 -6.47 -9.98
C THR C 473 21.80 -5.53 -8.78
N LEU C 474 20.66 -4.97 -8.39
CA LEU C 474 20.61 -4.05 -7.26
C LEU C 474 21.07 -4.72 -5.97
N VAL C 475 20.64 -5.97 -5.77
CA VAL C 475 20.97 -6.71 -4.56
C VAL C 475 22.48 -6.91 -4.41
N ARG C 476 23.19 -6.90 -5.53
CA ARG C 476 24.64 -7.10 -5.52
C ARG C 476 25.38 -5.78 -5.47
N GLU C 477 24.84 -4.78 -6.16
CA GLU C 477 25.47 -3.46 -6.21
C GLU C 477 25.59 -2.85 -4.81
N GLU C 478 24.82 -3.40 -3.88
CA GLU C 478 24.82 -2.92 -2.50
C GLU C 478 26.03 -3.43 -1.72
N VAL C 479 26.48 -4.63 -2.05
CA VAL C 479 27.58 -5.25 -1.33
C VAL C 479 28.91 -5.14 -2.06
N ILE C 480 28.87 -5.12 -3.38
CA ILE C 480 30.08 -5.01 -4.19
C ILE C 480 29.97 -3.88 -5.20
N ASP C 481 31.02 -3.70 -5.99
CA ASP C 481 31.04 -2.66 -7.01
C ASP C 481 31.05 -3.26 -8.41
N PHE C 482 30.17 -2.76 -9.27
CA PHE C 482 30.10 -3.20 -10.65
C PHE C 482 30.60 -2.14 -11.61
N SER C 483 31.56 -2.51 -12.45
CA SER C 483 32.02 -1.62 -13.51
C SER C 483 30.90 -1.49 -14.54
N LYS C 484 31.04 -0.55 -15.45
CA LYS C 484 30.06 -0.39 -16.53
C LYS C 484 29.93 -1.70 -17.29
N PRO C 485 28.74 -1.95 -17.86
CA PRO C 485 28.47 -3.21 -18.57
C PRO C 485 29.43 -3.44 -19.72
N PHE C 486 30.03 -4.63 -19.79
CA PHE C 486 30.90 -4.99 -20.90
C PHE C 486 30.14 -5.80 -21.94
N MET C 487 28.84 -5.98 -21.70
CA MET C 487 28.00 -6.76 -22.60
C MET C 487 26.52 -6.64 -22.22
N SER C 488 25.76 -5.91 -23.01
CA SER C 488 24.33 -5.74 -22.76
C SER C 488 23.53 -6.90 -23.32
N LEU C 489 22.56 -7.39 -22.55
CA LEU C 489 21.75 -8.53 -22.97
C LEU C 489 20.32 -8.43 -22.47
N GLY C 490 19.62 -9.56 -22.50
CA GLY C 490 18.24 -9.62 -22.04
C GLY C 490 17.64 -11.00 -22.26
N ILE C 491 16.33 -11.10 -22.10
CA ILE C 491 15.63 -12.37 -22.30
C ILE C 491 15.14 -12.50 -23.74
N SER C 492 15.47 -13.62 -24.37
CA SER C 492 15.12 -13.83 -25.78
C SER C 492 14.26 -15.08 -25.98
N ILE C 493 13.85 -15.30 -27.23
CA ILE C 493 13.01 -16.43 -27.58
C ILE C 493 13.76 -17.40 -28.50
N MET C 494 13.67 -18.69 -28.19
CA MET C 494 14.32 -19.71 -29.02
C MET C 494 13.31 -20.68 -29.61
N ILE C 495 13.33 -20.80 -30.94
CA ILE C 495 12.44 -21.70 -31.65
C ILE C 495 13.23 -22.69 -32.49
N LYS C 496 12.54 -23.69 -33.03
CA LYS C 496 13.19 -24.70 -33.87
C LYS C 496 13.32 -24.22 -35.31
N LYS C 497 14.51 -24.37 -35.87
CA LYS C 497 14.76 -23.96 -37.24
C LYS C 497 13.66 -24.45 -38.19
N PRO C 498 12.94 -23.47 -38.82
CA PRO C 498 11.88 -23.98 -39.72
C PRO C 498 12.33 -23.97 -41.17
N GLN C 499 11.74 -24.84 -41.99
CA GLN C 499 12.09 -24.93 -43.40
C GLN C 499 11.48 -26.17 -44.04
N LYS C 500 11.05 -26.04 -45.30
CA LYS C 500 10.46 -27.16 -46.03
C LYS C 500 9.89 -26.70 -47.36
N SER C 501 9.78 -27.64 -48.29
CA SER C 501 9.24 -27.33 -49.62
C SER C 501 9.46 -28.50 -50.58
N LYS C 502 8.62 -28.58 -51.61
CA LYS C 502 8.72 -29.64 -52.60
C LYS C 502 7.59 -29.57 -53.61
N PRO C 503 7.78 -30.26 -54.80
CA PRO C 503 6.66 -30.17 -55.75
C PRO C 503 5.75 -31.39 -55.68
N GLY C 504 6.11 -32.43 -56.42
CA GLY C 504 5.32 -33.65 -56.44
C GLY C 504 3.96 -33.46 -57.08
N VAL C 505 3.61 -34.37 -57.99
CA VAL C 505 2.33 -34.29 -58.68
C VAL C 505 1.17 -34.48 -57.69
N PHE C 506 1.52 -34.84 -56.45
CA PHE C 506 0.52 -35.06 -55.40
C PHE C 506 -0.03 -33.76 -54.83
N SER C 507 0.40 -32.63 -55.37
CA SER C 507 -0.16 -31.34 -54.98
C SER C 507 -1.33 -30.99 -55.89
N PHE C 508 -1.59 -31.87 -56.84
CA PHE C 508 -2.69 -31.71 -57.79
C PHE C 508 -3.83 -32.65 -57.42
N LEU C 509 -3.48 -33.76 -56.78
CA LEU C 509 -4.47 -34.73 -56.34
C LEU C 509 -5.05 -34.36 -54.98
N ASP C 510 -4.43 -33.37 -54.34
CA ASP C 510 -4.86 -32.93 -53.01
C ASP C 510 -6.07 -32.00 -53.08
N PRO C 511 -5.95 -30.94 -53.89
CA PRO C 511 -7.05 -29.99 -54.06
C PRO C 511 -8.22 -30.87 -54.42
N LEU C 512 -8.03 -31.67 -55.46
CA LEU C 512 -9.05 -32.61 -55.85
C LEU C 512 -8.66 -33.98 -55.27
N ALA C 513 -9.52 -34.45 -54.37
CA ALA C 513 -9.29 -35.65 -53.58
C ALA C 513 -9.07 -36.85 -54.48
N TYR C 514 -8.27 -37.80 -54.01
CA TYR C 514 -8.01 -39.02 -54.77
C TYR C 514 -9.32 -39.73 -55.10
N GLU C 515 -10.27 -39.65 -54.16
CA GLU C 515 -11.56 -40.29 -54.33
C GLU C 515 -12.33 -39.63 -55.46
N ILE C 516 -12.15 -38.33 -55.61
CA ILE C 516 -12.84 -37.56 -56.64
C ILE C 516 -12.23 -37.78 -58.02
N TRP C 517 -10.90 -37.85 -58.07
CA TRP C 517 -10.21 -38.16 -59.34
C TRP C 517 -10.67 -39.51 -59.85
N MET C 518 -10.95 -40.42 -58.93
CA MET C 518 -11.39 -41.76 -59.30
C MET C 518 -12.78 -41.73 -59.93
N CYS C 519 -13.74 -41.18 -59.20
CA CYS C 519 -15.12 -41.14 -59.67
C CYS C 519 -15.27 -40.37 -60.98
N ILE C 520 -14.49 -39.30 -61.13
CA ILE C 520 -14.52 -38.51 -62.36
C ILE C 520 -13.99 -39.33 -63.53
N VAL C 521 -13.21 -40.36 -63.22
CA VAL C 521 -12.70 -41.27 -64.24
C VAL C 521 -13.69 -42.40 -64.51
N PHE C 522 -14.35 -42.86 -63.45
CA PHE C 522 -15.38 -43.89 -63.59
C PHE C 522 -16.57 -43.36 -64.40
N ALA C 523 -16.98 -42.14 -64.10
CA ALA C 523 -18.06 -41.49 -64.85
C ALA C 523 -17.56 -41.14 -66.24
N TYR C 524 -16.25 -40.95 -66.38
CA TYR C 524 -15.62 -40.66 -67.65
C TYR C 524 -15.86 -41.81 -68.64
N ILE C 525 -15.49 -43.02 -68.23
CA ILE C 525 -15.72 -44.20 -69.03
C ILE C 525 -17.18 -44.59 -68.97
N GLY C 526 -17.89 -44.06 -67.98
CA GLY C 526 -19.31 -44.31 -67.83
C GLY C 526 -20.13 -43.57 -68.87
N VAL C 527 -19.53 -42.55 -69.46
CA VAL C 527 -20.18 -41.78 -70.51
C VAL C 527 -19.74 -42.26 -71.89
N SER C 528 -18.46 -42.63 -72.00
CA SER C 528 -17.92 -43.15 -73.25
C SER C 528 -18.51 -44.51 -73.58
N VAL C 529 -19.12 -45.15 -72.59
CA VAL C 529 -19.77 -46.43 -72.80
C VAL C 529 -21.25 -46.24 -73.14
N VAL C 530 -21.85 -45.19 -72.58
CA VAL C 530 -23.23 -44.85 -72.88
C VAL C 530 -23.34 -44.34 -74.31
N LEU C 531 -22.39 -43.50 -74.70
CA LEU C 531 -22.31 -43.00 -76.07
C LEU C 531 -22.00 -44.14 -77.03
N PHE C 532 -21.22 -45.11 -76.54
CA PHE C 532 -20.85 -46.26 -77.36
C PHE C 532 -22.07 -47.10 -77.73
N LEU C 533 -23.11 -47.03 -76.91
CA LEU C 533 -24.34 -47.79 -77.16
C LEU C 533 -25.26 -47.04 -78.10
N VAL C 534 -24.95 -45.77 -78.35
CA VAL C 534 -25.76 -44.93 -79.23
C VAL C 534 -25.53 -45.27 -80.70
N SER C 535 -24.26 -45.30 -81.10
CA SER C 535 -23.90 -45.61 -82.48
C SER C 535 -24.31 -47.03 -82.86
N THR C 559 -17.85 -56.99 -87.09
CA THR C 559 -18.75 -56.32 -86.17
C THR C 559 -18.05 -56.04 -84.84
N ASN C 560 -17.12 -56.89 -84.47
CA ASN C 560 -16.37 -56.73 -83.23
C ASN C 560 -15.38 -55.56 -83.31
N GLU C 561 -14.76 -55.41 -84.47
CA GLU C 561 -13.82 -54.32 -84.69
C GLU C 561 -14.55 -52.99 -84.84
N PHE C 562 -15.75 -53.04 -85.40
CA PHE C 562 -16.58 -51.86 -85.56
C PHE C 562 -16.92 -51.25 -84.20
N GLY C 563 -16.93 -52.10 -83.17
CA GLY C 563 -17.18 -51.64 -81.81
C GLY C 563 -15.93 -51.09 -81.17
N ILE C 564 -14.77 -51.52 -81.67
CA ILE C 564 -13.49 -51.05 -81.16
C ILE C 564 -13.17 -49.66 -81.70
N PHE C 565 -13.40 -49.48 -83.01
CA PHE C 565 -13.17 -48.20 -83.65
C PHE C 565 -14.10 -47.12 -83.08
N ASN C 566 -15.31 -47.55 -82.72
CA ASN C 566 -16.29 -46.64 -82.13
C ASN C 566 -15.96 -46.32 -80.67
N SER C 567 -15.53 -47.34 -79.94
CA SER C 567 -15.15 -47.17 -78.53
C SER C 567 -13.95 -46.25 -78.42
N LEU C 568 -13.14 -46.20 -79.47
CA LEU C 568 -11.99 -45.32 -79.53
C LEU C 568 -12.40 -43.92 -79.96
N TRP C 569 -13.52 -43.84 -80.66
CA TRP C 569 -14.07 -42.56 -81.10
C TRP C 569 -14.82 -41.88 -79.96
N PHE C 570 -15.52 -42.68 -79.17
CA PHE C 570 -16.25 -42.16 -78.01
C PHE C 570 -15.27 -41.84 -76.89
N SER C 571 -14.10 -42.47 -76.92
CA SER C 571 -13.04 -42.18 -75.97
C SER C 571 -12.34 -40.89 -76.37
N LEU C 572 -12.46 -40.54 -77.65
CA LEU C 572 -11.93 -39.27 -78.15
C LEU C 572 -12.96 -38.17 -77.90
N GLY C 573 -14.23 -38.55 -77.94
CA GLY C 573 -15.30 -37.66 -77.54
C GLY C 573 -15.31 -37.55 -76.03
N ALA C 574 -14.56 -38.44 -75.38
CA ALA C 574 -14.38 -38.41 -73.94
C ALA C 574 -13.23 -37.50 -73.58
N PHE C 575 -12.03 -37.84 -74.04
CA PHE C 575 -10.89 -36.93 -73.97
C PHE C 575 -11.41 -35.56 -74.38
N MET C 576 -11.56 -34.69 -73.38
CA MET C 576 -12.48 -33.56 -73.47
C MET C 576 -12.15 -32.42 -74.44
N GLN C 577 -13.17 -31.64 -74.74
CA GLN C 577 -13.04 -30.39 -75.49
C GLN C 577 -14.06 -29.38 -74.96
N PRO C 584 -24.70 -35.27 -85.33
CA PRO C 584 -25.51 -34.04 -85.39
C PRO C 584 -26.43 -33.90 -84.17
N ARG C 585 -27.69 -33.58 -84.40
CA ARG C 585 -28.64 -33.35 -83.32
C ARG C 585 -29.33 -34.64 -82.86
N SER C 586 -28.55 -35.61 -82.41
CA SER C 586 -29.10 -36.82 -81.83
C SER C 586 -29.48 -36.55 -80.37
N LEU C 587 -30.69 -36.06 -80.16
CA LEU C 587 -31.15 -35.62 -78.85
C LEU C 587 -30.70 -36.52 -77.71
N SER C 588 -30.75 -37.83 -77.93
CA SER C 588 -30.33 -38.79 -76.91
C SER C 588 -28.94 -38.46 -76.36
N GLY C 589 -27.92 -38.76 -77.15
CA GLY C 589 -26.55 -38.50 -76.75
C GLY C 589 -26.21 -37.03 -76.71
N ARG C 590 -27.13 -36.20 -77.18
CA ARG C 590 -26.94 -34.75 -77.20
C ARG C 590 -26.93 -34.18 -75.79
N ILE C 591 -27.96 -34.51 -75.01
CA ILE C 591 -28.06 -34.03 -73.64
C ILE C 591 -26.98 -34.64 -72.77
N VAL C 592 -26.45 -35.79 -73.19
CA VAL C 592 -25.34 -36.43 -72.50
C VAL C 592 -24.10 -35.56 -72.57
N GLY C 593 -23.80 -35.06 -73.75
CA GLY C 593 -22.66 -34.18 -73.96
C GLY C 593 -22.82 -32.86 -73.22
N GLY C 594 -24.06 -32.40 -73.13
CA GLY C 594 -24.37 -31.16 -72.44
C GLY C 594 -24.25 -31.30 -70.93
N VAL C 595 -24.85 -32.35 -70.39
CA VAL C 595 -24.80 -32.61 -68.95
C VAL C 595 -23.38 -32.93 -68.49
N TRP C 596 -22.66 -33.70 -69.30
CA TRP C 596 -21.27 -34.01 -69.00
C TRP C 596 -20.41 -32.76 -69.02
N TRP C 597 -20.74 -31.83 -69.90
CA TRP C 597 -20.04 -30.56 -69.98
C TRP C 597 -20.31 -29.72 -68.74
N PHE C 598 -21.56 -29.67 -68.31
CA PHE C 598 -21.93 -28.94 -67.11
C PHE C 598 -21.29 -29.58 -65.89
N PHE C 599 -21.11 -30.90 -65.94
CA PHE C 599 -20.47 -31.63 -64.86
C PHE C 599 -19.00 -31.26 -64.72
N THR C 600 -18.27 -31.32 -65.83
CA THR C 600 -16.85 -30.99 -65.82
C THR C 600 -16.63 -29.50 -65.54
N LEU C 601 -17.60 -28.68 -65.94
CA LEU C 601 -17.53 -27.24 -65.68
C LEU C 601 -17.47 -26.97 -64.18
N ILE C 602 -18.37 -27.62 -63.45
CA ILE C 602 -18.43 -27.47 -62.00
C ILE C 602 -17.14 -27.94 -61.34
N ILE C 603 -16.64 -29.09 -61.77
CA ILE C 603 -15.43 -29.67 -61.21
C ILE C 603 -14.20 -28.76 -61.40
N ILE C 604 -13.96 -28.35 -62.64
CA ILE C 604 -12.82 -27.50 -62.93
C ILE C 604 -12.94 -26.14 -62.22
N SER C 605 -14.17 -25.71 -62.00
CA SER C 605 -14.43 -24.47 -61.26
C SER C 605 -14.09 -24.69 -59.79
N SER C 606 -14.47 -25.86 -59.27
CA SER C 606 -14.18 -26.21 -57.89
C SER C 606 -12.67 -26.33 -57.67
N TYR C 607 -12.00 -27.01 -58.59
CA TYR C 607 -10.55 -27.15 -58.50
C TYR C 607 -9.86 -25.79 -58.48
N THR C 608 -10.30 -24.90 -59.36
CA THR C 608 -9.72 -23.56 -59.45
C THR C 608 -9.95 -22.76 -58.17
N ALA C 609 -11.19 -22.75 -57.71
CA ALA C 609 -11.55 -22.03 -56.49
C ALA C 609 -10.77 -22.56 -55.28
N ASN C 610 -10.77 -23.88 -55.12
CA ASN C 610 -10.08 -24.51 -54.00
C ASN C 610 -8.59 -24.25 -54.03
N LEU C 611 -8.00 -24.29 -55.22
CA LEU C 611 -6.57 -24.06 -55.38
C LEU C 611 -6.21 -22.63 -55.01
N ALA C 612 -7.16 -21.71 -55.16
CA ALA C 612 -6.94 -20.31 -54.82
C ALA C 612 -6.88 -20.15 -53.31
N ALA C 613 -7.65 -21.00 -52.64
CA ALA C 613 -7.77 -20.99 -51.19
C ALA C 613 -6.52 -21.56 -50.52
N PHE C 614 -5.88 -22.53 -51.17
CA PHE C 614 -4.68 -23.14 -50.64
C PHE C 614 -3.49 -22.19 -50.67
N LEU C 615 -3.58 -21.19 -51.55
CA LEU C 615 -2.52 -20.19 -51.66
C LEU C 615 -2.85 -18.97 -50.80
N THR C 616 -4.13 -18.68 -50.65
CA THR C 616 -4.58 -17.58 -49.80
C THR C 616 -4.28 -17.88 -48.34
N VAL C 617 -4.61 -19.10 -47.92
CA VAL C 617 -4.33 -19.53 -46.55
C VAL C 617 -2.82 -19.69 -46.34
N GLU C 618 -2.11 -20.08 -47.39
CA GLU C 618 -0.67 -20.26 -47.30
C GLU C 618 -0.02 -18.93 -46.97
N ARG C 619 -0.69 -17.85 -47.34
CA ARG C 619 -0.17 -16.54 -47.03
C ARG C 619 -0.67 -16.06 -45.67
N MET C 620 -1.89 -16.46 -45.33
CA MET C 620 -2.47 -16.14 -44.03
C MET C 620 -1.54 -16.53 -42.87
N VAL C 621 -0.91 -17.69 -43.00
CA VAL C 621 0.00 -18.19 -41.96
C VAL C 621 1.10 -17.18 -41.67
N SER C 622 1.23 -16.80 -40.40
CA SER C 622 2.24 -15.84 -39.99
C SER C 622 3.17 -16.45 -38.95
N PRO C 623 4.52 -16.08 -39.06
CA PRO C 623 5.39 -16.68 -38.05
C PRO C 623 5.68 -15.71 -36.91
N ILE C 624 5.97 -16.26 -35.73
CA ILE C 624 6.27 -15.43 -34.55
C ILE C 624 7.36 -14.42 -34.86
N GLU C 625 7.08 -13.15 -34.58
CA GLU C 625 8.04 -12.08 -34.82
C GLU C 625 8.50 -11.45 -33.52
N SER C 626 7.65 -11.52 -32.50
CA SER C 626 7.96 -10.95 -31.20
C SER C 626 7.29 -11.74 -30.08
N ALA C 627 7.47 -11.27 -28.84
CA ALA C 627 6.89 -11.93 -27.68
C ALA C 627 5.36 -11.87 -27.72
N GLU C 628 4.84 -10.70 -28.05
CA GLU C 628 3.39 -10.50 -28.13
C GLU C 628 2.74 -11.59 -28.98
N ASP C 629 3.53 -12.17 -29.88
CA ASP C 629 3.04 -13.23 -30.75
C ASP C 629 2.83 -14.53 -29.99
N LEU C 630 3.60 -14.72 -28.92
CA LEU C 630 3.48 -15.91 -28.09
C LEU C 630 2.23 -15.86 -27.22
N SER C 631 1.78 -14.65 -26.89
CA SER C 631 0.61 -14.47 -26.04
C SER C 631 -0.68 -14.50 -26.85
N LYS C 632 -0.61 -14.04 -28.09
CA LYS C 632 -1.79 -13.96 -28.96
C LYS C 632 -2.21 -15.33 -29.49
N GLN C 633 -1.32 -16.32 -29.35
CA GLN C 633 -1.61 -17.66 -29.83
C GLN C 633 -1.38 -18.71 -28.75
N THR C 634 -1.81 -19.94 -29.01
CA THR C 634 -1.69 -21.02 -28.04
C THR C 634 -1.19 -22.31 -28.67
N GLU C 635 -1.24 -22.38 -29.99
CA GLU C 635 -0.80 -23.57 -30.72
C GLU C 635 0.62 -23.95 -30.34
N ILE C 636 1.49 -22.94 -30.25
CA ILE C 636 2.89 -23.18 -29.89
C ILE C 636 3.13 -22.91 -28.41
N ALA C 637 3.36 -23.98 -27.66
CA ALA C 637 3.63 -23.86 -26.23
C ALA C 637 4.98 -23.19 -26.00
N TYR C 638 5.19 -22.69 -24.79
CA TYR C 638 6.44 -22.02 -24.44
C TYR C 638 6.62 -21.95 -22.93
N GLY C 639 7.88 -21.94 -22.49
CA GLY C 639 8.18 -21.86 -21.07
C GLY C 639 9.59 -21.38 -20.80
N THR C 640 9.96 -21.34 -19.51
CA THR C 640 11.28 -20.91 -19.11
C THR C 640 11.91 -21.93 -18.17
N LEU C 641 13.05 -21.57 -17.58
CA LEU C 641 13.70 -22.42 -16.62
C LEU C 641 12.89 -22.45 -15.32
N ASP C 642 12.77 -23.62 -14.71
CA ASP C 642 11.95 -23.78 -13.51
C ASP C 642 12.43 -22.90 -12.35
N SER C 643 13.69 -22.48 -12.41
CA SER C 643 14.25 -21.63 -11.36
C SER C 643 15.30 -20.69 -11.93
N GLY C 644 15.16 -19.40 -11.64
CA GLY C 644 16.09 -18.40 -12.12
C GLY C 644 15.44 -17.04 -12.31
N SER C 645 16.25 -16.04 -12.62
CA SER C 645 15.76 -14.68 -12.82
C SER C 645 14.79 -14.62 -14.00
N THR C 646 14.98 -15.52 -14.96
CA THR C 646 14.13 -15.57 -16.14
C THR C 646 12.68 -15.85 -15.76
N LYS C 647 12.48 -16.89 -14.97
CA LYS C 647 11.15 -17.28 -14.53
C LYS C 647 10.58 -16.24 -13.57
N GLU C 648 11.39 -15.81 -12.62
CA GLU C 648 10.97 -14.83 -11.62
C GLU C 648 10.63 -13.49 -12.27
N PHE C 649 11.15 -13.28 -13.48
CA PHE C 649 10.89 -12.04 -14.21
C PHE C 649 9.41 -11.93 -14.58
N PHE C 650 8.90 -12.95 -15.26
CA PHE C 650 7.50 -12.96 -15.68
C PHE C 650 6.56 -12.93 -14.48
N ARG C 651 6.92 -13.65 -13.43
CA ARG C 651 6.10 -13.73 -12.22
C ARG C 651 5.88 -12.35 -11.61
N ARG C 652 6.94 -11.55 -11.57
CA ARG C 652 6.88 -10.24 -10.93
C ARG C 652 6.58 -9.11 -11.92
N SER C 653 6.66 -9.43 -13.21
CA SER C 653 6.44 -8.43 -14.25
C SER C 653 4.99 -7.94 -14.26
N LYS C 654 4.82 -6.62 -14.25
CA LYS C 654 3.49 -6.02 -14.27
C LYS C 654 3.15 -5.48 -15.66
N ILE C 655 3.98 -5.84 -16.64
CA ILE C 655 3.77 -5.39 -18.02
C ILE C 655 2.66 -6.20 -18.68
N ALA C 656 1.89 -5.54 -19.53
CA ALA C 656 0.72 -6.16 -20.18
C ALA C 656 1.03 -7.53 -20.78
N VAL C 657 1.86 -7.55 -21.81
CA VAL C 657 2.17 -8.78 -22.54
C VAL C 657 2.75 -9.86 -21.63
N PHE C 658 3.82 -9.53 -20.91
CA PHE C 658 4.49 -10.51 -20.07
C PHE C 658 3.58 -11.07 -18.98
N ASP C 659 2.57 -10.28 -18.60
CA ASP C 659 1.61 -10.73 -17.60
C ASP C 659 0.85 -11.95 -18.09
N LYS C 660 0.20 -11.81 -19.24
CA LYS C 660 -0.56 -12.90 -19.84
C LYS C 660 0.31 -14.14 -20.03
N MET C 661 1.54 -13.93 -20.50
CA MET C 661 2.47 -15.03 -20.71
C MET C 661 2.68 -15.84 -19.44
N TRP C 662 2.91 -15.15 -18.34
CA TRP C 662 3.11 -15.81 -17.05
C TRP C 662 1.86 -16.56 -16.62
N THR C 663 0.70 -15.93 -16.79
CA THR C 663 -0.57 -16.56 -16.45
C THR C 663 -0.71 -17.91 -17.14
N TYR C 664 -0.30 -17.96 -18.40
CA TYR C 664 -0.35 -19.20 -19.17
C TYR C 664 0.63 -20.24 -18.64
N MET C 665 1.89 -19.84 -18.52
CA MET C 665 2.95 -20.75 -18.06
C MET C 665 2.71 -21.22 -16.63
N ARG C 666 2.04 -20.40 -15.84
CA ARG C 666 1.82 -20.71 -14.43
C ARG C 666 0.91 -21.92 -14.23
N SER C 667 0.01 -22.15 -15.19
CA SER C 667 -0.96 -23.23 -15.08
C SER C 667 -0.95 -24.14 -16.30
N ALA C 668 0.05 -23.99 -17.15
CA ALA C 668 0.16 -24.79 -18.37
C ALA C 668 0.49 -26.25 -18.06
N GLU C 669 -0.24 -27.16 -18.68
CA GLU C 669 -0.02 -28.59 -18.48
C GLU C 669 0.15 -29.30 -19.82
N PRO C 670 1.16 -30.17 -19.92
CA PRO C 670 2.14 -30.48 -18.88
C PRO C 670 3.06 -29.29 -18.56
N SER C 671 3.97 -29.48 -17.62
CA SER C 671 4.89 -28.43 -17.22
C SER C 671 5.68 -27.87 -18.40
N VAL C 672 5.59 -26.56 -18.60
CA VAL C 672 6.31 -25.90 -19.68
C VAL C 672 7.72 -25.49 -19.22
N PHE C 673 7.99 -25.72 -17.95
CA PHE C 673 9.30 -25.39 -17.39
C PHE C 673 10.24 -26.58 -17.44
N VAL C 674 11.52 -26.33 -17.69
CA VAL C 674 12.51 -27.39 -17.77
C VAL C 674 13.48 -27.33 -16.58
N ARG C 675 14.18 -28.44 -16.35
CA ARG C 675 15.12 -28.54 -15.24
C ARG C 675 16.39 -27.74 -15.52
N THR C 676 17.01 -27.99 -16.67
CA THR C 676 18.22 -27.29 -17.06
C THR C 676 18.07 -26.63 -18.42
N THR C 677 19.06 -25.84 -18.81
CA THR C 677 19.03 -25.15 -20.09
C THR C 677 19.14 -26.15 -21.25
N ALA C 678 19.88 -27.23 -21.04
CA ALA C 678 20.05 -28.26 -22.04
C ALA C 678 18.72 -28.94 -22.34
N GLU C 679 17.93 -29.17 -21.30
CA GLU C 679 16.62 -29.79 -21.44
C GLU C 679 15.69 -28.91 -22.26
N GLY C 680 15.76 -27.60 -22.02
CA GLY C 680 14.93 -26.65 -22.74
C GLY C 680 15.23 -26.65 -24.24
N VAL C 681 16.51 -26.62 -24.57
CA VAL C 681 16.93 -26.65 -25.97
C VAL C 681 16.50 -27.94 -26.64
N ALA C 682 16.65 -29.05 -25.91
CA ALA C 682 16.26 -30.35 -26.43
C ALA C 682 14.77 -30.41 -26.71
N ARG C 683 13.98 -29.74 -25.86
CA ARG C 683 12.54 -29.71 -26.02
C ARG C 683 12.14 -28.94 -27.27
N VAL C 684 12.93 -27.93 -27.62
CA VAL C 684 12.66 -27.12 -28.80
C VAL C 684 13.07 -27.86 -30.08
N ARG C 685 14.08 -28.72 -29.95
CA ARG C 685 14.60 -29.46 -31.10
C ARG C 685 13.81 -30.74 -31.37
N LYS C 686 12.95 -31.12 -30.42
CA LYS C 686 12.20 -32.36 -30.55
C LYS C 686 10.68 -32.14 -30.60
N SER C 687 10.27 -30.88 -30.66
CA SER C 687 8.85 -30.56 -30.70
C SER C 687 8.40 -30.12 -32.09
N LYS C 688 9.33 -30.15 -33.05
CA LYS C 688 9.02 -29.78 -34.42
C LYS C 688 8.45 -28.37 -34.53
N GLY C 689 8.91 -27.49 -33.64
CA GLY C 689 8.48 -26.10 -33.65
C GLY C 689 7.20 -25.85 -32.89
N LYS C 690 6.85 -26.78 -32.00
CA LYS C 690 5.64 -26.66 -31.20
C LYS C 690 5.93 -26.11 -29.81
N TYR C 691 7.23 -26.01 -29.48
CA TYR C 691 7.63 -25.50 -28.18
C TYR C 691 8.74 -24.46 -28.29
N ALA C 692 8.53 -23.31 -27.65
CA ALA C 692 9.52 -22.25 -27.62
C ALA C 692 10.14 -22.13 -26.23
N TYR C 693 11.42 -21.78 -26.17
CA TYR C 693 12.12 -21.66 -24.90
C TYR C 693 12.65 -20.26 -24.68
N LEU C 694 12.37 -19.70 -23.51
CA LEU C 694 12.81 -18.35 -23.17
C LEU C 694 14.05 -18.38 -22.30
N LEU C 695 15.12 -17.74 -22.75
CA LEU C 695 16.39 -17.74 -22.03
C LEU C 695 17.21 -16.49 -22.32
N GLU C 696 18.34 -16.36 -21.65
CA GLU C 696 19.24 -15.22 -21.86
C GLU C 696 19.74 -15.16 -23.29
N SER C 697 19.67 -13.98 -23.89
CA SER C 697 20.09 -13.79 -25.27
C SER C 697 21.51 -14.27 -25.51
N THR C 698 22.40 -13.99 -24.57
CA THR C 698 23.79 -14.37 -24.70
C THR C 698 23.97 -15.87 -24.96
N MET C 699 23.37 -16.69 -24.09
CA MET C 699 23.46 -18.13 -24.24
C MET C 699 22.70 -18.60 -25.47
N ASN C 700 21.62 -17.91 -25.79
CA ASN C 700 20.81 -18.25 -26.95
C ASN C 700 21.59 -18.06 -28.25
N GLU C 701 22.17 -16.87 -28.43
CA GLU C 701 22.95 -16.57 -29.61
C GLU C 701 24.04 -17.61 -29.84
N TYR C 702 24.63 -18.08 -28.73
CA TYR C 702 25.68 -19.08 -28.79
C TYR C 702 25.15 -20.42 -29.28
N ILE C 703 24.00 -20.82 -28.75
CA ILE C 703 23.37 -22.08 -29.14
C ILE C 703 23.06 -22.10 -30.63
N GLU C 704 22.65 -20.96 -31.16
CA GLU C 704 22.34 -20.83 -32.59
C GLU C 704 23.56 -21.14 -33.45
N GLN C 705 24.74 -20.98 -32.87
CA GLN C 705 25.99 -21.23 -33.59
C GLN C 705 26.58 -22.58 -33.22
N ARG C 706 25.73 -23.52 -32.86
CA ARG C 706 26.17 -24.87 -32.51
C ARG C 706 25.35 -25.91 -33.27
N LYS C 707 26.01 -26.98 -33.70
CA LYS C 707 25.36 -28.06 -34.43
C LYS C 707 24.17 -28.61 -33.65
N PRO C 708 23.14 -29.11 -34.36
CA PRO C 708 23.07 -29.16 -35.82
C PRO C 708 22.53 -27.88 -36.43
N CYS C 709 22.72 -26.75 -35.75
CA CYS C 709 22.25 -25.46 -36.24
C CYS C 709 20.76 -25.49 -36.54
N ASP C 710 19.98 -25.90 -35.54
CA ASP C 710 18.54 -26.05 -35.71
C ASP C 710 17.74 -25.13 -34.79
N THR C 711 18.41 -24.12 -34.23
CA THR C 711 17.76 -23.17 -33.35
C THR C 711 18.12 -21.74 -33.73
N MET C 712 17.18 -20.82 -33.51
CA MET C 712 17.41 -19.42 -33.85
C MET C 712 16.67 -18.48 -32.90
N LYS C 713 17.29 -17.33 -32.63
CA LYS C 713 16.67 -16.31 -31.79
C LYS C 713 15.77 -15.42 -32.63
N VAL C 714 14.59 -15.11 -32.10
CA VAL C 714 13.62 -14.28 -32.82
C VAL C 714 13.20 -13.07 -32.02
N GLY C 715 13.06 -11.93 -32.70
CA GLY C 715 12.65 -10.70 -32.05
C GLY C 715 13.72 -10.14 -31.14
N GLY C 716 13.48 -8.93 -30.63
CA GLY C 716 14.40 -8.29 -29.71
C GLY C 716 14.24 -8.80 -28.29
N ASN C 717 15.15 -8.39 -27.42
CA ASN C 717 15.09 -8.81 -26.03
C ASN C 717 13.86 -8.27 -25.30
N LEU C 718 13.47 -8.94 -24.23
CA LEU C 718 12.28 -8.56 -23.47
C LEU C 718 12.62 -7.51 -22.41
N ASP C 719 13.87 -7.50 -21.97
CA ASP C 719 14.32 -6.55 -20.98
C ASP C 719 15.78 -6.17 -21.21
N SER C 720 16.24 -5.15 -20.49
CA SER C 720 17.62 -4.68 -20.64
C SER C 720 18.47 -5.01 -19.42
N LYS C 721 19.41 -5.93 -19.59
CA LYS C 721 20.33 -6.30 -18.53
C LYS C 721 21.75 -5.96 -18.93
N GLY C 722 22.73 -6.55 -18.24
CA GLY C 722 24.13 -6.32 -18.56
C GLY C 722 25.08 -6.92 -17.54
N TYR C 723 26.14 -7.55 -18.04
CA TYR C 723 27.18 -8.10 -17.19
C TYR C 723 28.23 -7.03 -16.89
N GLY C 724 28.99 -7.23 -15.82
CA GLY C 724 30.03 -6.30 -15.44
C GLY C 724 31.11 -6.93 -14.59
N ILE C 725 32.26 -6.27 -14.51
CA ILE C 725 33.36 -6.75 -13.68
C ILE C 725 33.12 -6.37 -12.22
N ALA C 726 33.07 -7.37 -11.36
CA ALA C 726 32.77 -7.14 -9.94
C ALA C 726 34.03 -6.99 -9.11
N THR C 727 34.05 -5.94 -8.29
CA THR C 727 35.19 -5.68 -7.41
C THR C 727 34.72 -5.32 -6.00
N PRO C 728 35.40 -5.86 -4.97
CA PRO C 728 35.04 -5.62 -3.58
C PRO C 728 34.80 -4.14 -3.30
N LYS C 729 33.77 -3.84 -2.52
CA LYS C 729 33.41 -2.47 -2.19
C LYS C 729 34.61 -1.71 -1.62
N GLY C 730 34.92 -0.57 -2.21
CA GLY C 730 36.03 0.25 -1.77
C GLY C 730 37.38 -0.37 -2.08
N SER C 731 37.51 -0.93 -3.27
CA SER C 731 38.75 -1.55 -3.69
C SER C 731 39.62 -0.57 -4.47
N SER C 732 40.89 -0.90 -4.62
CA SER C 732 41.82 -0.06 -5.36
C SER C 732 41.65 -0.25 -6.87
N LEU C 733 41.29 -1.46 -7.27
CA LEU C 733 41.10 -1.78 -8.69
C LEU C 733 39.78 -1.23 -9.20
N GLY C 734 38.96 -0.71 -8.29
CA GLY C 734 37.65 -0.19 -8.64
C GLY C 734 37.64 0.71 -9.86
N THR C 735 38.03 1.96 -9.66
CA THR C 735 38.03 2.95 -10.73
C THR C 735 38.81 2.51 -11.98
N PRO C 736 40.04 1.99 -11.80
CA PRO C 736 40.85 1.58 -12.95
C PRO C 736 40.11 0.62 -13.86
N VAL C 737 39.58 -0.47 -13.30
CA VAL C 737 38.87 -1.47 -14.09
C VAL C 737 37.66 -0.87 -14.79
N ASN C 738 36.92 -0.02 -14.08
CA ASN C 738 35.77 0.65 -14.65
C ASN C 738 36.11 1.37 -15.94
N LEU C 739 37.14 2.21 -15.89
CA LEU C 739 37.59 2.94 -17.07
C LEU C 739 38.08 1.99 -18.14
N ALA C 740 38.75 0.92 -17.71
CA ALA C 740 39.29 -0.07 -18.64
C ALA C 740 38.18 -0.67 -19.51
N VAL C 741 37.05 -0.99 -18.88
CA VAL C 741 35.91 -1.56 -19.59
C VAL C 741 35.39 -0.56 -20.64
N LEU C 742 35.28 0.70 -20.25
CA LEU C 742 34.82 1.74 -21.16
C LEU C 742 35.79 1.92 -22.32
N LYS C 743 37.08 1.82 -22.02
CA LYS C 743 38.11 1.97 -23.04
C LYS C 743 38.04 0.82 -24.04
N LEU C 744 37.87 -0.39 -23.54
CA LEU C 744 37.79 -1.57 -24.38
C LEU C 744 36.61 -1.52 -25.33
N SER C 745 35.47 -1.06 -24.83
CA SER C 745 34.25 -0.99 -25.64
C SER C 745 34.37 0.04 -26.76
N GLU C 746 34.98 1.19 -26.44
CA GLU C 746 35.14 2.26 -27.42
C GLU C 746 36.13 1.87 -28.50
N GLN C 747 37.10 1.04 -28.15
CA GLN C 747 38.08 0.55 -29.12
C GLN C 747 37.49 -0.62 -29.91
N GLY C 748 36.22 -0.92 -29.65
CA GLY C 748 35.53 -2.01 -30.31
C GLY C 748 36.13 -3.36 -29.97
N LEU C 749 36.95 -3.39 -28.93
CA LEU C 749 37.62 -4.62 -28.51
C LEU C 749 36.63 -5.61 -27.91
N LEU C 750 35.63 -5.09 -27.21
CA LEU C 750 34.59 -5.94 -26.62
C LEU C 750 33.77 -6.61 -27.71
N ASP C 751 33.28 -5.81 -28.65
CA ASP C 751 32.52 -6.34 -29.77
C ASP C 751 33.33 -7.36 -30.55
N LYS C 752 34.63 -7.08 -30.68
CA LYS C 752 35.54 -7.98 -31.38
C LYS C 752 35.62 -9.33 -30.69
N LEU C 753 35.79 -9.30 -29.37
CA LEU C 753 35.89 -10.53 -28.58
C LEU C 753 34.65 -11.39 -28.73
N LYS C 754 33.47 -10.76 -28.66
CA LYS C 754 32.21 -11.49 -28.79
C LYS C 754 32.13 -12.18 -30.15
N ASN C 755 32.43 -11.43 -31.20
CA ASN C 755 32.44 -11.98 -32.55
C ASN C 755 33.40 -13.16 -32.66
N LYS C 756 34.49 -13.11 -31.89
CA LYS C 756 35.50 -14.16 -31.93
C LYS C 756 34.99 -15.48 -31.37
N TRP C 757 34.20 -15.41 -30.30
CA TRP C 757 33.76 -16.61 -29.60
C TRP C 757 32.35 -17.04 -29.96
N TRP C 758 31.55 -16.12 -30.49
CA TRP C 758 30.18 -16.43 -30.85
C TRP C 758 30.03 -16.83 -32.31
N TYR C 759 30.49 -15.97 -33.21
CA TYR C 759 30.28 -16.19 -34.64
C TYR C 759 31.49 -16.75 -35.36
N ASP C 760 32.65 -16.13 -35.15
CA ASP C 760 33.89 -16.58 -35.79
C ASP C 760 34.23 -18.01 -35.38
N LYS C 761 34.28 -18.24 -34.08
CA LYS C 761 34.59 -19.55 -33.51
C LYS C 761 33.38 -20.46 -33.61
N GLY C 762 32.23 -19.86 -33.87
CA GLY C 762 31.00 -20.62 -33.99
C GLY C 762 31.11 -21.49 -35.24
N GLU C 763 29.98 -21.81 -35.85
CA GLU C 763 30.00 -22.62 -37.05
C GLU C 763 28.74 -22.48 -37.88
N CYS C 764 28.23 -21.26 -38.01
CA CYS C 764 27.02 -21.09 -38.82
C CYS C 764 26.92 -19.72 -39.48
N GLY C 765 27.50 -19.60 -40.66
CA GLY C 765 27.28 -18.44 -41.52
C GLY C 765 26.57 -18.93 -42.76
N ALA C 766 26.25 -20.22 -42.76
CA ALA C 766 25.60 -20.89 -43.87
C ALA C 766 24.08 -20.82 -43.75
N LYS C 767 23.57 -21.15 -42.57
CA LYS C 767 22.13 -21.08 -42.31
C LYS C 767 21.69 -19.63 -42.16
N ASP C 768 22.66 -18.73 -42.04
CA ASP C 768 22.37 -17.30 -41.91
C ASP C 768 22.41 -16.62 -43.28
N SER C 769 23.19 -17.18 -44.20
CA SER C 769 23.27 -16.66 -45.55
C SER C 769 22.04 -17.06 -46.37
N GLY C 770 21.40 -18.15 -45.94
CA GLY C 770 20.16 -18.59 -46.57
C GLY C 770 18.96 -17.93 -45.93
N SER C 771 19.15 -17.45 -44.70
CA SER C 771 18.10 -16.75 -43.97
C SER C 771 18.09 -15.27 -44.36
N LYS C 772 19.05 -14.90 -45.20
CA LYS C 772 19.07 -13.57 -45.77
C LYS C 772 17.84 -13.39 -46.66
N GLU C 773 17.29 -14.50 -47.13
CA GLU C 773 16.09 -14.43 -47.97
C GLU C 773 15.57 -15.79 -48.45
N LYS C 774 14.26 -15.99 -48.32
CA LYS C 774 13.38 -14.97 -47.76
C LYS C 774 12.90 -13.99 -48.83
N THR C 775 12.07 -14.47 -49.76
CA THR C 775 11.60 -15.85 -49.80
C THR C 775 11.19 -16.26 -51.21
N SER C 776 9.93 -16.07 -51.54
CA SER C 776 9.41 -16.42 -52.85
C SER C 776 7.88 -16.37 -52.87
N ALA C 777 7.30 -16.82 -53.98
CA ALA C 777 5.85 -16.83 -54.13
C ALA C 777 5.35 -18.21 -54.55
N LEU C 778 5.35 -18.46 -55.85
CA LEU C 778 4.89 -19.75 -56.37
C LEU C 778 6.02 -20.77 -56.39
N SER C 779 5.86 -21.81 -57.20
CA SER C 779 6.87 -22.87 -57.30
C SER C 779 6.63 -23.72 -58.53
N LEU C 780 7.72 -24.07 -59.22
CA LEU C 780 7.64 -24.89 -60.42
C LEU C 780 7.29 -26.33 -60.06
N SER C 781 7.58 -26.70 -58.82
CA SER C 781 7.37 -28.07 -58.35
C SER C 781 6.02 -28.66 -58.76
N ASN C 782 4.94 -28.06 -58.26
CA ASN C 782 3.59 -28.55 -58.55
C ASN C 782 3.31 -28.60 -60.05
N VAL C 783 3.64 -27.52 -60.75
CA VAL C 783 3.41 -27.43 -62.18
C VAL C 783 4.20 -28.51 -62.94
N ALA C 784 5.36 -28.88 -62.39
CA ALA C 784 6.23 -29.88 -63.01
C ALA C 784 5.54 -31.23 -63.12
N GLY C 785 4.82 -31.62 -62.08
CA GLY C 785 4.11 -32.90 -62.06
C GLY C 785 3.15 -33.03 -63.23
N VAL C 786 2.63 -31.91 -63.69
CA VAL C 786 1.68 -31.90 -64.80
C VAL C 786 2.42 -31.96 -66.13
N PHE C 787 3.70 -31.59 -66.12
CA PHE C 787 4.53 -31.65 -67.31
C PHE C 787 4.93 -33.10 -67.63
N TYR C 788 5.24 -33.86 -66.59
CA TYR C 788 5.65 -35.25 -66.76
C TYR C 788 4.49 -36.11 -67.27
N ILE C 789 3.28 -35.83 -66.79
CA ILE C 789 2.10 -36.56 -67.23
C ILE C 789 1.76 -36.20 -68.68
N LEU C 790 2.22 -35.03 -69.11
CA LEU C 790 2.02 -34.60 -70.50
C LEU C 790 2.94 -35.36 -71.44
N VAL C 791 4.24 -35.31 -71.16
CA VAL C 791 5.23 -36.02 -71.96
C VAL C 791 4.92 -37.52 -71.96
N GLY C 792 4.40 -38.01 -70.86
CA GLY C 792 3.99 -39.41 -70.76
C GLY C 792 2.86 -39.71 -71.72
N GLY C 793 1.95 -38.76 -71.86
CA GLY C 793 0.84 -38.90 -72.79
C GLY C 793 1.31 -38.83 -74.23
N LEU C 794 2.29 -37.96 -74.48
CA LEU C 794 2.86 -37.83 -75.81
C LEU C 794 3.57 -39.12 -76.22
N GLY C 795 4.30 -39.70 -75.26
CA GLY C 795 5.01 -40.95 -75.50
C GLY C 795 4.05 -42.09 -75.76
N LEU C 796 2.95 -42.12 -75.00
CA LEU C 796 1.93 -43.13 -75.18
C LEU C 796 1.33 -43.04 -76.58
N ALA C 797 1.16 -41.82 -77.07
CA ALA C 797 0.62 -41.58 -78.40
C ALA C 797 1.62 -41.97 -79.48
N MET C 798 2.89 -41.64 -79.25
CA MET C 798 3.96 -42.01 -80.17
C MET C 798 4.07 -43.52 -80.27
N LEU C 799 3.56 -44.22 -79.25
CA LEU C 799 3.56 -45.68 -79.24
C LEU C 799 2.34 -46.22 -79.97
N VAL C 800 1.20 -45.58 -79.75
CA VAL C 800 -0.04 -45.98 -80.43
C VAL C 800 0.04 -45.67 -81.91
N ALA C 801 0.81 -44.65 -82.26
CA ALA C 801 1.00 -44.27 -83.66
C ALA C 801 1.76 -45.35 -84.42
N LEU C 802 2.90 -45.76 -83.86
CA LEU C 802 3.76 -46.76 -84.49
C LEU C 802 3.00 -48.06 -84.79
N ILE C 803 2.23 -48.53 -83.82
CA ILE C 803 1.50 -49.78 -83.97
C ILE C 803 0.45 -49.69 -85.07
N GLU C 804 -0.19 -48.53 -85.19
CA GLU C 804 -1.21 -48.31 -86.21
C GLU C 804 -0.64 -48.46 -87.62
N PHE C 805 0.52 -47.86 -87.85
CA PHE C 805 1.19 -47.94 -89.15
C PHE C 805 1.65 -49.37 -89.43
N CYS C 806 1.91 -50.12 -88.37
CA CYS C 806 2.35 -51.51 -88.50
C CYS C 806 1.22 -52.43 -88.96
N TYR C 807 0.06 -52.29 -88.32
CA TYR C 807 -1.10 -53.10 -88.68
C TYR C 807 -1.54 -52.82 -90.11
N LYS C 808 -1.48 -51.55 -90.50
CA LYS C 808 -1.87 -51.14 -91.85
C LYS C 808 -0.87 -51.66 -92.89
N ASN D 1 26.90 -20.80 76.28
CA ASN D 1 27.47 -20.95 74.95
C ASN D 1 27.45 -19.64 74.17
N SER D 2 28.60 -18.98 74.13
CA SER D 2 28.71 -17.70 73.43
C SER D 2 29.56 -17.82 72.16
N ILE D 3 28.90 -17.73 71.01
CA ILE D 3 29.60 -17.83 69.73
C ILE D 3 29.80 -16.45 69.11
N GLN D 4 31.03 -15.96 69.12
CA GLN D 4 31.34 -14.64 68.57
C GLN D 4 31.51 -14.70 67.06
N ILE D 5 30.82 -13.80 66.37
CA ILE D 5 30.92 -13.70 64.91
C ILE D 5 31.16 -12.26 64.47
N GLY D 6 31.67 -12.10 63.26
CA GLY D 6 31.95 -10.78 62.72
C GLY D 6 30.85 -10.30 61.79
N GLY D 7 30.66 -8.98 61.74
CA GLY D 7 29.65 -8.38 60.90
C GLY D 7 30.17 -7.17 60.14
N LEU D 8 30.38 -7.34 58.85
CA LEU D 8 30.88 -6.26 58.00
C LEU D 8 29.75 -5.63 57.18
N PHE D 9 29.18 -4.56 57.71
CA PHE D 9 28.08 -3.88 57.04
C PHE D 9 28.52 -2.55 56.43
N PRO D 10 28.38 -2.41 55.10
CA PRO D 10 28.71 -1.17 54.41
C PRO D 10 27.82 -0.02 54.88
N ARG D 11 28.42 1.15 55.09
CA ARG D 11 27.67 2.32 55.53
C ARG D 11 26.50 2.59 54.60
N GLY D 12 25.29 2.51 55.13
CA GLY D 12 24.09 2.74 54.34
C GLY D 12 23.19 1.51 54.30
N ALA D 13 23.72 0.39 54.77
CA ALA D 13 22.95 -0.86 54.81
C ALA D 13 22.02 -0.88 56.02
N ASP D 14 21.09 0.06 56.05
CA ASP D 14 20.16 0.17 57.17
C ASP D 14 19.19 -1.01 57.24
N GLN D 15 18.43 -1.21 56.17
CA GLN D 15 17.46 -2.29 56.13
C GLN D 15 18.13 -3.66 56.25
N GLU D 16 19.33 -3.77 55.69
CA GLU D 16 20.10 -5.00 55.77
C GLU D 16 20.44 -5.33 57.22
N TYR D 17 20.90 -4.33 57.96
CA TYR D 17 21.25 -4.51 59.36
C TYR D 17 19.99 -4.72 60.21
N SER D 18 18.93 -4.00 59.88
CA SER D 18 17.66 -4.16 60.57
C SER D 18 17.17 -5.59 60.44
N ALA D 19 17.29 -6.14 59.24
CA ALA D 19 16.92 -7.53 58.99
C ALA D 19 17.88 -8.47 59.70
N PHE D 20 19.13 -8.03 59.85
CA PHE D 20 20.14 -8.80 60.56
C PHE D 20 19.79 -8.90 62.04
N ARG D 21 19.25 -7.82 62.58
CA ARG D 21 18.85 -7.78 63.98
C ARG D 21 17.64 -8.67 64.22
N VAL D 22 16.63 -8.52 63.38
CA VAL D 22 15.40 -9.30 63.50
C VAL D 22 15.71 -10.80 63.45
N GLY D 23 16.69 -11.17 62.64
CA GLY D 23 17.12 -12.55 62.53
C GLY D 23 17.74 -13.04 63.83
N MET D 24 18.51 -12.19 64.48
CA MET D 24 19.14 -12.52 65.75
C MET D 24 18.08 -12.83 66.80
N VAL D 25 16.94 -12.15 66.70
CA VAL D 25 15.85 -12.32 67.66
C VAL D 25 15.01 -13.55 67.35
N GLN D 26 14.68 -13.75 66.08
CA GLN D 26 13.83 -14.84 65.66
C GLN D 26 14.51 -16.20 65.79
N PHE D 27 15.84 -16.21 65.70
CA PHE D 27 16.60 -17.45 65.75
C PHE D 27 17.49 -17.53 66.98
N SER D 28 17.06 -16.89 68.06
CA SER D 28 17.79 -16.94 69.32
C SER D 28 17.31 -18.10 70.19
N THR D 29 18.24 -18.94 70.62
CA THR D 29 17.89 -20.09 71.45
C THR D 29 18.69 -20.11 72.75
N SER D 30 18.26 -20.93 73.69
CA SER D 30 18.93 -21.05 74.98
C SER D 30 20.19 -21.91 74.89
N GLU D 31 20.22 -22.79 73.89
CA GLU D 31 21.36 -23.67 73.69
C GLU D 31 22.64 -22.88 73.44
N PHE D 32 22.52 -21.77 72.71
CA PHE D 32 23.66 -20.92 72.43
C PHE D 32 23.21 -19.57 71.87
N ARG D 33 24.01 -18.53 72.13
CA ARG D 33 23.70 -17.19 71.65
C ARG D 33 24.82 -16.65 70.76
N LEU D 34 24.45 -15.96 69.70
CA LEU D 34 25.42 -15.38 68.77
C LEU D 34 25.77 -13.95 69.17
N THR D 35 27.07 -13.66 69.21
CA THR D 35 27.54 -12.33 69.60
C THR D 35 28.15 -11.60 68.40
N PRO D 36 27.34 -10.78 67.73
CA PRO D 36 27.77 -10.03 66.53
C PRO D 36 28.65 -8.83 66.88
N HIS D 37 29.83 -8.76 66.26
CA HIS D 37 30.70 -7.60 66.40
C HIS D 37 30.65 -6.78 65.12
N ILE D 38 29.83 -5.73 65.12
CA ILE D 38 29.55 -4.96 63.92
C ILE D 38 30.66 -3.95 63.59
N ASP D 39 31.03 -3.91 62.32
CA ASP D 39 32.03 -2.97 61.82
C ASP D 39 31.54 -2.28 60.56
N ASN D 40 31.17 -1.01 60.68
CA ASN D 40 30.69 -0.24 59.54
C ASN D 40 31.83 0.45 58.78
N LEU D 41 32.23 -0.14 57.66
CA LEU D 41 33.29 0.41 56.84
C LEU D 41 32.88 0.54 55.37
N GLU D 42 33.62 1.37 54.63
CA GLU D 42 33.39 1.51 53.20
C GLU D 42 33.77 0.22 52.49
N VAL D 43 32.77 -0.59 52.15
CA VAL D 43 32.99 -1.90 51.56
C VAL D 43 33.88 -1.85 50.32
N ALA D 44 33.81 -0.74 49.60
CA ALA D 44 34.58 -0.57 48.37
C ALA D 44 36.09 -0.55 48.64
N ASN D 45 36.48 0.18 49.68
CA ASN D 45 37.88 0.30 50.04
C ASN D 45 38.50 -1.04 50.45
N SER D 46 39.41 -1.54 49.63
CA SER D 46 40.05 -2.83 49.87
C SER D 46 40.87 -2.81 51.16
N PHE D 47 41.58 -1.72 51.40
CA PHE D 47 42.42 -1.59 52.60
C PHE D 47 41.58 -1.71 53.87
N ALA D 48 40.52 -0.91 53.95
CA ALA D 48 39.64 -0.92 55.12
C ALA D 48 39.08 -2.31 55.38
N VAL D 49 38.66 -2.99 54.31
CA VAL D 49 38.12 -4.34 54.42
C VAL D 49 39.15 -5.29 55.00
N THR D 50 40.42 -5.08 54.66
CA THR D 50 41.50 -5.92 55.17
C THR D 50 41.65 -5.76 56.68
N ASN D 51 41.57 -4.52 57.15
CA ASN D 51 41.65 -4.24 58.58
C ASN D 51 40.46 -4.81 59.34
N ALA D 52 39.26 -4.58 58.82
CA ALA D 52 38.04 -5.07 59.45
C ALA D 52 38.04 -6.58 59.56
N PHE D 53 38.71 -7.24 58.62
CA PHE D 53 38.81 -8.70 58.62
C PHE D 53 39.82 -9.18 59.66
N CYS D 54 41.00 -8.57 59.66
CA CYS D 54 42.05 -8.94 60.60
C CYS D 54 41.66 -8.54 62.03
N SER D 55 40.87 -7.49 62.15
CA SER D 55 40.38 -7.04 63.46
C SER D 55 39.42 -8.05 64.05
N GLN D 56 38.46 -8.49 63.24
CA GLN D 56 37.50 -9.50 63.66
C GLN D 56 38.17 -10.85 63.85
N PHE D 57 39.31 -11.03 63.20
CA PHE D 57 40.05 -12.28 63.30
C PHE D 57 40.88 -12.34 64.57
N SER D 58 41.43 -11.19 64.97
CA SER D 58 42.18 -11.11 66.21
C SER D 58 41.26 -11.22 67.42
N ARG D 59 40.03 -10.72 67.25
CA ARG D 59 39.02 -10.83 68.29
C ARG D 59 38.56 -12.27 68.44
N GLY D 60 39.06 -13.14 67.57
CA GLY D 60 38.76 -14.55 67.62
C GLY D 60 37.30 -14.88 67.33
N VAL D 61 36.89 -14.72 66.08
CA VAL D 61 35.54 -15.08 65.67
C VAL D 61 35.52 -16.46 65.02
N TYR D 62 34.34 -17.07 64.99
CA TYR D 62 34.19 -18.39 64.40
C TYR D 62 33.70 -18.30 62.95
N ALA D 63 33.05 -17.20 62.63
CA ALA D 63 32.55 -16.96 61.28
C ALA D 63 32.31 -15.48 61.05
N ILE D 64 32.31 -15.07 59.79
CA ILE D 64 32.12 -13.66 59.43
C ILE D 64 31.01 -13.48 58.41
N PHE D 65 30.07 -12.60 58.73
CA PHE D 65 29.02 -12.23 57.79
C PHE D 65 29.17 -10.77 57.36
N GLY D 66 29.23 -10.54 56.05
CA GLY D 66 29.40 -9.20 55.54
C GLY D 66 29.11 -9.07 54.06
N PHE D 67 29.62 -8.01 53.45
CA PHE D 67 29.43 -7.76 52.03
C PHE D 67 30.75 -7.40 51.38
N TYR D 68 30.83 -7.53 50.06
CA TYR D 68 32.01 -7.11 49.32
C TYR D 68 31.64 -6.47 47.97
N ASP D 69 32.56 -5.68 47.44
CA ASP D 69 32.35 -5.02 46.17
C ASP D 69 33.18 -5.71 45.09
N LYS D 70 33.01 -5.29 43.85
CA LYS D 70 33.76 -5.85 42.73
C LYS D 70 35.26 -5.63 42.92
N LYS D 71 35.62 -4.77 43.87
CA LYS D 71 37.01 -4.42 44.12
C LYS D 71 37.58 -5.16 45.33
N SER D 72 36.78 -5.28 46.39
CA SER D 72 37.24 -5.88 47.64
C SER D 72 36.95 -7.37 47.71
N VAL D 73 36.18 -7.89 46.76
CA VAL D 73 35.79 -9.29 46.75
C VAL D 73 36.99 -10.23 46.79
N ASN D 74 38.03 -9.87 46.04
CA ASN D 74 39.24 -10.70 45.99
C ASN D 74 39.96 -10.77 47.33
N THR D 75 39.91 -9.69 48.09
CA THR D 75 40.52 -9.65 49.42
C THR D 75 39.87 -10.67 50.34
N ILE D 76 38.53 -10.64 50.39
CA ILE D 76 37.78 -11.55 51.23
C ILE D 76 38.01 -13.01 50.86
N THR D 77 37.75 -13.34 49.60
CA THR D 77 37.89 -14.72 49.12
C THR D 77 39.30 -15.27 49.39
N SER D 78 40.29 -14.39 49.33
CA SER D 78 41.68 -14.81 49.52
C SER D 78 42.00 -15.07 50.98
N PHE D 79 41.76 -14.10 51.83
CA PHE D 79 42.03 -14.23 53.26
C PHE D 79 41.23 -15.37 53.89
N CYS D 80 39.94 -15.41 53.60
CA CYS D 80 39.07 -16.45 54.15
C CYS D 80 39.52 -17.84 53.71
N GLY D 81 40.17 -17.92 52.56
CA GLY D 81 40.67 -19.19 52.06
C GLY D 81 41.98 -19.58 52.70
N THR D 82 42.81 -18.59 53.01
CA THR D 82 44.10 -18.83 53.64
C THR D 82 43.96 -19.11 55.13
N LEU D 83 43.13 -18.31 55.80
CA LEU D 83 42.95 -18.42 57.24
C LEU D 83 41.81 -19.38 57.59
N HIS D 84 41.27 -20.06 56.58
CA HIS D 84 40.20 -21.03 56.78
C HIS D 84 39.02 -20.44 57.54
N VAL D 85 38.79 -19.14 57.36
CA VAL D 85 37.67 -18.46 57.99
C VAL D 85 36.45 -18.49 57.06
N SER D 86 35.30 -18.83 57.63
CA SER D 86 34.07 -18.88 56.84
C SER D 86 33.45 -17.49 56.68
N PHE D 87 33.02 -17.16 55.46
CA PHE D 87 32.46 -15.85 55.17
C PHE D 87 31.10 -15.97 54.48
N ILE D 88 30.05 -15.60 55.20
CA ILE D 88 28.70 -15.62 54.66
C ILE D 88 28.33 -14.23 54.13
N THR D 89 27.84 -14.19 52.89
CA THR D 89 27.51 -12.90 52.27
C THR D 89 26.32 -13.00 51.31
N PRO D 90 25.44 -11.99 51.36
CA PRO D 90 24.30 -11.88 50.45
C PRO D 90 24.71 -11.26 49.11
N SER D 91 25.92 -10.73 49.06
CA SER D 91 26.42 -10.07 47.85
C SER D 91 26.45 -11.02 46.65
N PHE D 92 26.81 -10.47 45.49
CA PHE D 92 26.86 -11.25 44.26
C PHE D 92 27.79 -12.45 44.39
N PRO D 93 27.41 -13.58 43.77
CA PRO D 93 28.21 -14.81 43.79
C PRO D 93 29.60 -14.60 43.19
N THR D 94 30.59 -15.28 43.74
CA THR D 94 31.96 -15.18 43.24
C THR D 94 32.10 -15.87 41.89
N ASP D 95 32.87 -15.26 41.00
CA ASP D 95 33.10 -15.82 39.68
C ASP D 95 34.16 -16.93 39.73
N GLY D 96 33.76 -18.09 40.25
CA GLY D 96 34.65 -19.23 40.37
C GLY D 96 34.31 -20.12 41.54
N THR D 97 35.30 -20.86 42.02
CA THR D 97 35.10 -21.78 43.15
C THR D 97 36.01 -21.41 44.33
N HIS D 98 35.58 -20.43 45.11
CA HIS D 98 36.35 -19.97 46.25
C HIS D 98 35.83 -20.60 47.55
N PRO D 99 36.66 -21.46 48.18
CA PRO D 99 36.31 -22.15 49.42
C PRO D 99 36.12 -21.18 50.58
N PHE D 100 35.46 -21.66 51.64
CA PHE D 100 35.23 -20.86 52.83
C PHE D 100 34.43 -19.59 52.56
N VAL D 101 33.50 -19.68 51.60
CA VAL D 101 32.62 -18.57 51.29
C VAL D 101 31.21 -19.06 51.04
N ILE D 102 30.26 -18.56 51.83
CA ILE D 102 28.86 -18.92 51.69
C ILE D 102 28.07 -17.79 51.06
N GLN D 103 27.48 -18.04 49.90
CA GLN D 103 26.79 -17.01 49.13
C GLN D 103 25.27 -17.18 49.18
N MET D 104 24.59 -16.17 49.71
CA MET D 104 23.15 -16.20 49.87
C MET D 104 22.41 -15.93 48.56
N ARG D 105 23.06 -15.18 47.67
CA ARG D 105 22.44 -14.81 46.40
C ARG D 105 22.62 -15.90 45.35
N PRO D 106 21.49 -16.42 44.83
CA PRO D 106 21.51 -17.43 43.77
C PRO D 106 21.97 -16.82 42.44
N ASP D 107 22.49 -17.65 41.55
CA ASP D 107 22.96 -17.17 40.26
C ASP D 107 21.81 -16.84 39.32
N LEU D 108 21.72 -15.58 38.90
CA LEU D 108 20.64 -15.13 38.04
C LEU D 108 20.97 -15.38 36.56
N LYS D 109 22.25 -15.56 36.27
CA LYS D 109 22.73 -15.75 34.91
C LYS D 109 21.86 -16.75 34.14
N GLY D 110 21.51 -17.86 34.79
CA GLY D 110 20.71 -18.89 34.16
C GLY D 110 19.28 -18.43 33.87
N ALA D 111 18.65 -17.85 34.89
CA ALA D 111 17.27 -17.41 34.77
C ALA D 111 17.10 -16.34 33.69
N LEU D 112 18.11 -15.50 33.53
CA LEU D 112 18.07 -14.43 32.54
C LEU D 112 18.08 -15.00 31.13
N LEU D 113 19.07 -15.83 30.84
CA LEU D 113 19.22 -16.44 29.52
C LEU D 113 17.96 -17.19 29.10
N SER D 114 17.33 -17.86 30.06
CA SER D 114 16.11 -18.62 29.79
C SER D 114 14.96 -17.70 29.41
N LEU D 115 14.87 -16.55 30.09
CA LEU D 115 13.81 -15.59 29.84
C LEU D 115 13.93 -14.98 28.45
N ILE D 116 15.17 -14.73 28.02
CA ILE D 116 15.41 -14.16 26.70
C ILE D 116 14.87 -15.07 25.60
N GLU D 117 15.13 -16.37 25.73
CA GLU D 117 14.65 -17.34 24.75
C GLU D 117 13.13 -17.45 24.78
N TYR D 118 12.55 -17.31 25.97
CA TYR D 118 11.10 -17.38 26.12
C TYR D 118 10.41 -16.31 25.28
N TYR D 119 10.88 -15.07 25.39
CA TYR D 119 10.33 -13.98 24.59
C TYR D 119 10.86 -14.04 23.16
N GLN D 120 11.76 -14.98 22.91
CA GLN D 120 12.33 -15.16 21.58
C GLN D 120 12.99 -13.88 21.07
N TRP D 121 13.98 -13.40 21.81
CA TRP D 121 14.71 -12.20 21.44
C TRP D 121 15.95 -12.56 20.61
N ASP D 122 16.17 -11.79 19.55
CA ASP D 122 17.32 -12.00 18.68
C ASP D 122 18.19 -10.75 18.62
N LYS D 123 17.59 -9.60 18.89
CA LYS D 123 18.32 -8.33 18.90
C LYS D 123 17.81 -7.46 20.04
N PHE D 124 18.69 -7.20 21.00
CA PHE D 124 18.33 -6.42 22.18
C PHE D 124 19.50 -5.61 22.72
N ALA D 125 19.18 -4.55 23.48
CA ALA D 125 20.20 -3.74 24.11
C ALA D 125 20.44 -4.21 25.54
N TYR D 126 21.70 -4.24 25.95
CA TYR D 126 22.06 -4.72 27.28
C TYR D 126 22.80 -3.66 28.07
N LEU D 127 22.06 -2.86 28.82
CA LEU D 127 22.64 -1.84 29.68
C LEU D 127 23.08 -2.46 31.00
N TYR D 128 24.39 -2.46 31.24
CA TYR D 128 24.94 -3.14 32.41
C TYR D 128 25.66 -2.18 33.36
N ASP D 129 25.88 -2.65 34.59
CA ASP D 129 26.62 -1.89 35.59
C ASP D 129 27.75 -2.77 36.13
N SER D 130 28.96 -2.24 36.08
CA SER D 130 30.15 -3.01 36.44
C SER D 130 30.29 -3.22 37.96
N ASP D 131 29.24 -2.89 38.70
CA ASP D 131 29.27 -3.00 40.16
C ASP D 131 29.27 -4.44 40.64
N ARG D 132 28.46 -5.29 40.01
CA ARG D 132 28.35 -6.69 40.41
C ARG D 132 29.13 -7.62 39.50
N GLY D 133 30.16 -7.08 38.85
CA GLY D 133 31.00 -7.86 37.96
C GLY D 133 30.34 -8.13 36.63
N LEU D 134 31.17 -8.26 35.58
CA LEU D 134 30.66 -8.51 34.24
C LEU D 134 30.40 -10.00 34.02
N SER D 135 30.07 -10.69 35.11
CA SER D 135 29.80 -12.13 35.03
C SER D 135 28.59 -12.43 34.16
N THR D 136 27.54 -11.61 34.31
CA THR D 136 26.32 -11.79 33.53
C THR D 136 26.49 -11.22 32.12
N LEU D 137 27.34 -10.21 31.99
CA LEU D 137 27.63 -9.62 30.68
C LEU D 137 28.30 -10.65 29.78
N GLN D 138 29.30 -11.33 30.31
CA GLN D 138 29.99 -12.38 29.58
C GLN D 138 29.01 -13.49 29.22
N ALA D 139 28.06 -13.74 30.11
CA ALA D 139 27.06 -14.78 29.90
C ALA D 139 26.24 -14.54 28.63
N VAL D 140 25.70 -13.32 28.51
CA VAL D 140 24.87 -12.98 27.37
C VAL D 140 25.69 -12.82 26.09
N LEU D 141 26.93 -12.39 26.24
CA LEU D 141 27.82 -12.21 25.10
C LEU D 141 28.24 -13.56 24.52
N ASP D 142 28.60 -14.49 25.39
CA ASP D 142 29.00 -15.83 24.96
C ASP D 142 27.82 -16.57 24.34
N SER D 143 26.63 -16.40 24.92
CA SER D 143 25.43 -17.03 24.40
C SER D 143 24.99 -16.36 23.10
N ALA D 144 25.39 -15.11 22.92
CA ALA D 144 25.06 -14.37 21.70
C ALA D 144 25.76 -14.98 20.50
N ALA D 145 26.86 -15.69 20.76
CA ALA D 145 27.60 -16.35 19.70
C ALA D 145 26.90 -17.63 19.28
N GLU D 146 26.45 -18.40 20.26
CA GLU D 146 25.76 -19.67 20.00
C GLU D 146 24.35 -19.44 19.49
N LYS D 147 23.54 -18.76 20.30
CA LYS D 147 22.15 -18.50 19.94
C LYS D 147 22.02 -17.45 18.84
N LYS D 148 23.16 -16.89 18.43
CA LYS D 148 23.18 -15.89 17.37
C LYS D 148 22.32 -14.68 17.70
N TRP D 149 22.78 -13.85 18.64
CA TRP D 149 22.08 -12.63 18.99
C TRP D 149 22.89 -11.40 18.60
N GLN D 150 22.20 -10.29 18.36
CA GLN D 150 22.86 -9.02 18.09
C GLN D 150 22.73 -8.12 19.32
N VAL D 151 23.58 -8.36 20.31
CA VAL D 151 23.53 -7.63 21.57
C VAL D 151 24.26 -6.29 21.49
N THR D 152 23.63 -5.24 22.02
CA THR D 152 24.26 -3.93 22.08
C THR D 152 24.59 -3.59 23.53
N ALA D 153 25.73 -4.08 24.00
CA ALA D 153 26.15 -3.86 25.38
C ALA D 153 26.66 -2.44 25.60
N ILE D 154 26.15 -1.79 26.64
CA ILE D 154 26.54 -0.43 26.97
C ILE D 154 26.73 -0.25 28.46
N ASN D 155 27.94 0.11 28.87
CA ASN D 155 28.25 0.33 30.27
C ASN D 155 27.60 1.62 30.79
N VAL D 156 26.45 1.47 31.45
CA VAL D 156 25.71 2.60 31.98
C VAL D 156 26.17 2.94 33.40
N GLY D 157 27.35 2.43 33.76
CA GLY D 157 27.87 2.61 35.11
C GLY D 157 28.74 3.83 35.29
N ASN D 158 29.73 4.00 34.42
CA ASN D 158 30.70 5.08 34.55
C ASN D 158 30.12 6.47 34.25
N ILE D 159 28.80 6.57 34.24
CA ILE D 159 28.13 7.83 33.99
C ILE D 159 28.20 8.77 35.19
N ASN D 160 28.96 9.85 35.05
CA ASN D 160 29.07 10.84 36.13
C ASN D 160 27.72 11.48 36.44
N ASN D 161 27.29 11.39 37.71
CA ASN D 161 25.94 11.77 38.10
C ASN D 161 25.64 13.28 38.24
N ASP D 162 26.69 14.12 38.23
CA ASP D 162 26.57 15.58 38.38
C ASP D 162 26.43 16.30 37.03
N LYS D 163 25.76 15.65 36.08
CA LYS D 163 25.62 16.15 34.71
C LYS D 163 25.18 14.98 33.82
N LYS D 164 24.56 13.97 34.43
CA LYS D 164 24.17 12.77 33.68
C LYS D 164 22.83 12.93 32.97
N ASP D 165 22.83 13.67 31.86
CA ASP D 165 21.61 13.92 31.11
C ASP D 165 21.93 13.97 29.61
N GLU D 166 22.98 14.70 29.28
CA GLU D 166 23.48 14.73 27.90
C GLU D 166 24.09 13.39 27.55
N THR D 167 24.21 12.53 28.56
CA THR D 167 24.76 11.19 28.37
C THR D 167 23.64 10.21 28.05
N TYR D 168 22.51 10.34 28.73
CA TYR D 168 21.34 9.50 28.47
C TYR D 168 20.71 9.84 27.13
N ARG D 169 20.70 11.11 26.78
CA ARG D 169 20.18 11.55 25.49
C ARG D 169 21.05 10.99 24.37
N SER D 170 22.36 10.91 24.62
CA SER D 170 23.30 10.35 23.65
C SER D 170 23.33 8.83 23.75
N LEU D 171 22.70 8.29 24.80
CA LEU D 171 22.63 6.86 25.00
C LEU D 171 21.50 6.25 24.16
N PHE D 172 20.32 6.85 24.25
CA PHE D 172 19.18 6.38 23.48
C PHE D 172 19.23 6.89 22.04
N GLN D 173 20.27 7.67 21.73
CA GLN D 173 20.51 8.11 20.38
C GLN D 173 21.17 6.98 19.59
N ASP D 174 22.00 6.22 20.28
CA ASP D 174 22.65 5.04 19.69
C ASP D 174 21.68 3.87 19.68
N LEU D 175 20.76 3.87 20.63
CA LEU D 175 19.74 2.83 20.72
C LEU D 175 18.59 3.13 19.77
N GLU D 176 18.80 4.08 18.88
CA GLU D 176 17.79 4.45 17.89
C GLU D 176 18.32 4.22 16.47
N LEU D 177 19.63 4.10 16.35
CA LEU D 177 20.24 3.78 15.06
C LEU D 177 19.74 2.44 14.56
N LYS D 178 19.58 1.50 15.49
CA LYS D 178 19.06 0.18 15.16
C LYS D 178 17.63 0.04 15.67
N LYS D 179 17.03 1.16 16.07
CA LYS D 179 15.66 1.18 16.58
C LYS D 179 15.44 0.13 17.66
N GLU D 180 16.34 0.09 18.63
CA GLU D 180 16.23 -0.86 19.74
C GLU D 180 14.97 -0.62 20.55
N ARG D 181 14.14 -1.66 20.66
CA ARG D 181 12.89 -1.56 21.41
C ARG D 181 12.89 -2.54 22.59
N ARG D 182 13.94 -3.34 22.68
CA ARG D 182 14.04 -4.34 23.74
C ARG D 182 15.32 -4.14 24.55
N VAL D 183 15.17 -3.68 25.79
CA VAL D 183 16.32 -3.35 26.63
C VAL D 183 16.38 -4.22 27.88
N ILE D 184 17.58 -4.63 28.26
CA ILE D 184 17.79 -5.38 29.49
C ILE D 184 18.59 -4.55 30.49
N LEU D 185 17.97 -4.21 31.61
CA LEU D 185 18.62 -3.39 32.62
C LEU D 185 19.28 -4.25 33.70
N ASP D 186 20.60 -4.40 33.61
CA ASP D 186 21.35 -5.14 34.61
C ASP D 186 22.02 -4.17 35.57
N CYS D 187 21.25 -3.67 36.53
CA CYS D 187 21.76 -2.67 37.47
C CYS D 187 21.22 -2.90 38.87
N GLU D 188 21.67 -2.07 39.81
CA GLU D 188 21.19 -2.13 41.19
C GLU D 188 19.82 -1.48 41.28
N ARG D 189 19.16 -1.64 42.42
CA ARG D 189 17.83 -1.09 42.63
C ARG D 189 17.80 0.43 42.44
N ASP D 190 18.96 1.06 42.58
CA ASP D 190 19.05 2.51 42.45
C ASP D 190 19.26 2.95 41.01
N LYS D 191 20.29 2.40 40.37
CA LYS D 191 20.60 2.74 38.99
C LYS D 191 19.44 2.42 38.05
N VAL D 192 18.56 1.52 38.49
CA VAL D 192 17.39 1.14 37.71
C VAL D 192 16.35 2.26 37.72
N ASN D 193 16.07 2.79 38.90
CA ASN D 193 15.11 3.89 39.03
C ASN D 193 15.53 5.12 38.24
N ASP D 194 16.84 5.38 38.21
CA ASP D 194 17.37 6.49 37.45
C ASP D 194 17.08 6.31 35.96
N ILE D 195 17.33 5.10 35.46
CA ILE D 195 17.06 4.78 34.07
C ILE D 195 15.57 4.82 33.77
N VAL D 196 14.78 4.18 34.63
CA VAL D 196 13.32 4.16 34.47
C VAL D 196 12.76 5.57 34.39
N ASP D 197 13.28 6.47 35.23
CA ASP D 197 12.84 7.86 35.24
C ASP D 197 13.18 8.54 33.91
N GLN D 198 14.40 8.32 33.44
CA GLN D 198 14.83 8.88 32.16
C GLN D 198 13.98 8.33 31.02
N VAL D 199 13.69 7.04 31.08
CA VAL D 199 12.89 6.38 30.06
C VAL D 199 11.52 7.05 29.92
N ILE D 200 10.90 7.36 31.05
CA ILE D 200 9.59 7.99 31.05
C ILE D 200 9.67 9.41 30.51
N THR D 201 10.76 10.11 30.84
CA THR D 201 10.94 11.48 30.40
C THR D 201 11.01 11.57 28.88
N ILE D 202 11.83 10.73 28.27
CA ILE D 202 11.98 10.71 26.82
C ILE D 202 10.79 9.99 26.16
N GLY D 203 9.95 9.37 26.98
CA GLY D 203 8.75 8.74 26.49
C GLY D 203 8.94 7.37 25.86
N LYS D 204 10.05 6.73 26.18
CA LYS D 204 10.33 5.40 25.66
C LYS D 204 9.79 4.31 26.59
N HIS D 205 8.64 4.59 27.20
CA HIS D 205 8.00 3.65 28.10
C HIS D 205 6.60 3.29 27.61
N VAL D 206 6.31 3.65 26.36
CA VAL D 206 5.01 3.39 25.77
C VAL D 206 5.00 2.03 25.09
N LYS D 207 3.84 1.64 24.59
CA LYS D 207 3.69 0.35 23.91
C LYS D 207 4.69 0.21 22.77
N GLY D 208 5.38 -0.92 22.73
CA GLY D 208 6.39 -1.17 21.71
C GLY D 208 7.73 -1.48 22.32
N TYR D 209 7.97 -0.96 23.52
CA TYR D 209 9.22 -1.22 24.23
C TYR D 209 9.06 -2.36 25.23
N HIS D 210 10.15 -3.07 25.47
CA HIS D 210 10.13 -4.20 26.41
C HIS D 210 11.39 -4.18 27.27
N TYR D 211 11.22 -3.97 28.56
CA TYR D 211 12.35 -3.91 29.48
C TYR D 211 12.43 -5.14 30.38
N ILE D 212 13.65 -5.55 30.70
CA ILE D 212 13.88 -6.67 31.61
C ILE D 212 14.83 -6.26 32.72
N ILE D 213 14.32 -6.19 33.95
CA ILE D 213 15.13 -5.82 35.09
C ILE D 213 15.94 -7.03 35.58
N ALA D 214 17.23 -7.02 35.27
CA ALA D 214 18.11 -8.15 35.58
C ALA D 214 18.59 -8.15 37.03
N ASN D 215 17.66 -8.32 37.96
CA ASN D 215 18.01 -8.45 39.37
C ASN D 215 16.98 -9.30 40.12
N LEU D 216 17.32 -9.71 41.33
CA LEU D 216 16.45 -10.58 42.12
C LEU D 216 15.40 -9.79 42.88
N GLY D 217 15.36 -8.48 42.65
CA GLY D 217 14.40 -7.61 43.31
C GLY D 217 13.54 -6.82 42.34
N PHE D 218 12.61 -7.50 41.69
CA PHE D 218 11.75 -6.87 40.70
C PHE D 218 10.74 -5.93 41.35
N THR D 219 10.19 -6.34 42.49
CA THR D 219 9.19 -5.55 43.21
C THR D 219 9.85 -4.63 44.23
N ASP D 220 11.18 -4.67 44.29
CA ASP D 220 11.92 -3.85 45.25
C ASP D 220 11.95 -2.39 44.83
N GLY D 221 11.83 -2.14 43.52
CA GLY D 221 11.84 -0.79 43.00
C GLY D 221 10.45 -0.27 42.71
N ASP D 222 10.36 1.03 42.44
CA ASP D 222 9.08 1.66 42.12
C ASP D 222 8.71 1.36 40.66
N LEU D 223 7.56 0.70 40.47
CA LEU D 223 7.11 0.33 39.14
C LEU D 223 5.85 1.09 38.75
N LEU D 224 5.23 1.75 39.72
CA LEU D 224 3.99 2.50 39.49
C LEU D 224 4.16 3.54 38.39
N LYS D 225 5.40 3.93 38.12
CA LYS D 225 5.67 4.95 37.12
C LYS D 225 5.64 4.41 35.69
N ILE D 226 6.35 3.32 35.43
CA ILE D 226 6.33 2.69 34.12
C ILE D 226 5.32 1.56 34.05
N GLN D 227 4.29 1.64 34.89
CA GLN D 227 3.27 0.61 34.96
C GLN D 227 2.13 0.87 33.98
N PHE D 228 1.78 2.15 33.82
CA PHE D 228 0.68 2.53 32.94
C PHE D 228 1.18 3.10 31.63
N GLY D 229 2.50 3.11 31.45
CA GLY D 229 3.10 3.63 30.24
C GLY D 229 2.69 2.88 28.99
N GLY D 230 2.68 1.55 29.08
CA GLY D 230 2.31 0.72 27.96
C GLY D 230 3.38 -0.30 27.62
N ALA D 231 4.64 0.09 27.83
CA ALA D 231 5.76 -0.81 27.57
C ALA D 231 5.77 -1.97 28.55
N GLU D 232 5.96 -3.18 28.04
CA GLU D 232 5.99 -4.37 28.88
C GLU D 232 7.28 -4.44 29.69
N VAL D 233 7.15 -4.70 30.98
CA VAL D 233 8.30 -4.80 31.87
C VAL D 233 8.33 -6.15 32.56
N SER D 234 9.46 -6.85 32.46
CA SER D 234 9.62 -8.15 33.10
C SER D 234 10.81 -8.11 34.05
N GLY D 235 10.90 -9.10 34.93
CA GLY D 235 11.99 -9.16 35.90
C GLY D 235 12.00 -10.44 36.69
N PHE D 236 12.73 -10.44 37.80
CA PHE D 236 12.87 -11.62 38.64
C PHE D 236 12.62 -11.30 40.12
N GLN D 237 11.93 -12.21 40.80
CA GLN D 237 11.64 -12.04 42.21
C GLN D 237 12.08 -13.27 43.00
N ILE D 238 12.90 -13.06 44.02
CA ILE D 238 13.41 -14.15 44.84
C ILE D 238 12.61 -14.28 46.14
N VAL D 239 12.03 -13.17 46.58
CA VAL D 239 11.23 -13.16 47.79
C VAL D 239 9.75 -13.30 47.45
N ASP D 240 9.24 -14.53 47.48
CA ASP D 240 7.85 -14.79 47.17
C ASP D 240 6.95 -14.39 48.32
N TYR D 241 6.21 -13.30 48.13
CA TYR D 241 5.32 -12.79 49.16
C TYR D 241 4.03 -13.60 49.25
N ASP D 242 3.95 -14.67 48.47
CA ASP D 242 2.80 -15.56 48.49
C ASP D 242 3.00 -16.74 49.43
N ASP D 243 4.25 -16.94 49.86
CA ASP D 243 4.56 -17.98 50.83
C ASP D 243 4.06 -17.58 52.21
N SER D 244 3.36 -18.49 52.87
CA SER D 244 2.87 -18.24 54.22
C SER D 244 4.02 -17.91 55.16
N LEU D 245 5.20 -18.42 54.83
CA LEU D 245 6.41 -18.16 55.61
C LEU D 245 6.80 -16.69 55.50
N VAL D 246 6.88 -16.20 54.27
CA VAL D 246 7.23 -14.80 54.03
C VAL D 246 6.10 -13.88 54.47
N SER D 247 4.86 -14.30 54.20
CA SER D 247 3.69 -13.53 54.56
C SER D 247 3.63 -13.26 56.05
N LYS D 248 4.05 -14.25 56.84
CA LYS D 248 4.08 -14.12 58.30
C LYS D 248 5.19 -13.18 58.73
N PHE D 249 6.31 -13.21 58.02
CA PHE D 249 7.44 -12.34 58.31
C PHE D 249 7.06 -10.88 58.14
N ILE D 250 6.39 -10.58 57.03
CA ILE D 250 5.95 -9.21 56.74
C ILE D 250 4.96 -8.72 57.78
N GLU D 251 4.10 -9.61 58.27
CA GLU D 251 3.11 -9.25 59.28
C GLU D 251 3.77 -8.62 60.49
N ARG D 252 4.96 -9.07 60.83
CA ARG D 252 5.70 -8.55 61.98
C ARG D 252 6.69 -7.47 61.56
N TRP D 253 7.20 -7.59 60.33
CA TRP D 253 8.17 -6.63 59.81
C TRP D 253 7.52 -5.27 59.55
N SER D 254 6.36 -5.28 58.90
CA SER D 254 5.67 -4.05 58.53
C SER D 254 5.22 -3.25 59.75
N THR D 255 5.18 -3.88 60.91
CA THR D 255 4.70 -3.24 62.13
C THR D 255 5.84 -2.69 62.98
N LEU D 256 7.04 -3.25 62.81
CA LEU D 256 8.20 -2.83 63.58
C LEU D 256 8.39 -1.32 63.55
N GLU D 257 8.88 -0.76 64.65
CA GLU D 257 9.12 0.68 64.74
C GLU D 257 10.26 1.10 63.82
N GLU D 258 9.98 2.05 62.94
CA GLU D 258 10.96 2.52 61.97
C GLU D 258 12.08 3.32 62.64
N LYS D 259 11.86 3.73 63.88
CA LYS D 259 12.86 4.46 64.64
C LYS D 259 14.03 3.56 65.02
N GLU D 260 13.71 2.44 65.67
CA GLU D 260 14.73 1.48 66.09
C GLU D 260 15.20 0.63 64.92
N TYR D 261 14.27 0.31 64.03
CA TYR D 261 14.59 -0.49 62.84
C TYR D 261 14.42 0.35 61.58
N PRO D 262 15.48 1.03 61.15
CA PRO D 262 15.48 1.90 59.97
C PRO D 262 14.99 1.20 58.71
N GLY D 263 14.12 1.86 57.96
CA GLY D 263 13.59 1.31 56.72
C GLY D 263 13.03 -0.09 56.88
N ALA D 264 12.22 -0.29 57.92
CA ALA D 264 11.66 -1.60 58.20
C ALA D 264 10.15 -1.54 58.39
N HIS D 265 9.57 -0.37 58.16
CA HIS D 265 8.12 -0.20 58.32
C HIS D 265 7.41 -0.23 56.98
N THR D 266 7.68 -1.27 56.20
CA THR D 266 7.06 -1.43 54.88
C THR D 266 6.52 -2.85 54.70
N ALA D 267 5.70 -3.03 53.67
CA ALA D 267 5.11 -4.33 53.38
C ALA D 267 6.03 -5.18 52.52
N THR D 268 7.10 -4.59 52.03
CA THR D 268 8.06 -5.29 51.19
C THR D 268 9.46 -5.24 51.79
N ILE D 269 10.40 -5.94 51.16
CA ILE D 269 11.77 -5.99 51.63
C ILE D 269 12.75 -6.28 50.51
N LYS D 270 13.84 -5.52 50.46
CA LYS D 270 14.87 -5.71 49.44
C LYS D 270 15.45 -7.12 49.55
N TYR D 271 15.74 -7.73 48.40
CA TYR D 271 16.24 -9.10 48.37
C TYR D 271 17.57 -9.22 49.11
N THR D 272 18.34 -8.15 49.13
CA THR D 272 19.61 -8.13 49.85
C THR D 272 19.36 -8.25 51.35
N SER D 273 18.32 -7.57 51.83
CA SER D 273 17.96 -7.62 53.24
C SER D 273 17.36 -8.97 53.61
N ALA D 274 16.53 -9.50 52.72
CA ALA D 274 15.90 -10.80 52.93
C ALA D 274 16.94 -11.91 53.05
N LEU D 275 18.01 -11.80 52.27
CA LEU D 275 19.09 -12.78 52.30
C LEU D 275 19.88 -12.66 53.61
N THR D 276 19.99 -11.44 54.11
CA THR D 276 20.67 -11.20 55.38
C THR D 276 19.95 -11.94 56.51
N TYR D 277 18.62 -11.83 56.52
CA TYR D 277 17.79 -12.52 57.51
C TYR D 277 17.95 -14.02 57.39
N ASP D 278 17.97 -14.53 56.15
CA ASP D 278 18.14 -15.95 55.90
C ASP D 278 19.56 -16.40 56.23
N ALA D 279 20.49 -15.46 56.21
CA ALA D 279 21.87 -15.76 56.55
C ALA D 279 22.00 -16.11 58.03
N VAL D 280 21.31 -15.36 58.87
CA VAL D 280 21.31 -15.62 60.30
C VAL D 280 20.81 -17.02 60.60
N GLN D 281 19.74 -17.42 59.91
CA GLN D 281 19.16 -18.75 60.10
C GLN D 281 20.13 -19.85 59.70
N VAL D 282 20.90 -19.61 58.65
CA VAL D 282 21.89 -20.58 58.17
C VAL D 282 23.01 -20.75 59.19
N MET D 283 23.47 -19.63 59.75
CA MET D 283 24.55 -19.66 60.74
C MET D 283 24.11 -20.32 62.04
N THR D 284 22.83 -20.16 62.37
CA THR D 284 22.27 -20.78 63.57
C THR D 284 22.19 -22.29 63.42
N GLU D 285 21.59 -22.74 62.32
CA GLU D 285 21.45 -24.16 62.05
C GLU D 285 22.80 -24.84 61.91
N ALA D 286 23.80 -24.07 61.47
CA ALA D 286 25.15 -24.60 61.28
C ALA D 286 25.84 -24.85 62.61
N PHE D 287 25.80 -23.85 63.49
CA PHE D 287 26.42 -23.96 64.80
C PHE D 287 25.64 -24.94 65.69
N ARG D 288 24.39 -25.19 65.33
CA ARG D 288 23.55 -26.12 66.07
C ARG D 288 23.86 -27.56 65.68
N ASN D 289 24.15 -27.77 64.39
CA ASN D 289 24.50 -29.10 63.89
C ASN D 289 25.89 -29.53 64.36
N LEU D 290 26.64 -28.59 64.91
CA LEU D 290 27.96 -28.88 65.45
C LEU D 290 27.89 -29.31 66.91
N ARG D 291 26.90 -28.78 67.62
CA ARG D 291 26.67 -29.13 69.02
C ARG D 291 26.08 -30.53 69.12
N LYS D 292 25.11 -30.82 68.25
CA LYS D 292 24.45 -32.11 68.23
C LYS D 292 25.35 -33.19 67.62
N GLN D 293 26.41 -32.76 66.96
CA GLN D 293 27.36 -33.69 66.34
C GLN D 293 28.54 -33.95 67.24
N ARG D 294 28.52 -33.35 68.43
CA ARG D 294 29.59 -33.52 69.41
C ARG D 294 30.95 -33.13 68.84
N ILE D 295 31.01 -31.93 68.25
CA ILE D 295 32.24 -31.43 67.66
C ILE D 295 32.75 -30.19 68.39
N GLU D 296 33.89 -30.33 69.05
CA GLU D 296 34.49 -29.21 69.78
C GLU D 296 35.30 -28.33 68.83
N ILE D 297 35.00 -27.03 68.84
CA ILE D 297 35.68 -26.09 67.95
C ILE D 297 36.12 -24.84 68.70
N SER D 298 35.90 -24.82 70.01
CA SER D 298 36.35 -23.72 70.84
C SER D 298 37.83 -23.46 70.65
N ARG D 299 38.19 -22.21 70.34
CA ARG D 299 39.58 -21.84 70.10
C ARG D 299 40.43 -22.03 71.36
N ARG D 300 41.68 -22.45 71.16
CA ARG D 300 42.60 -22.69 72.28
C ARG D 300 43.12 -21.37 72.85
N GLY D 301 43.04 -20.31 72.04
CA GLY D 301 43.50 -19.01 72.46
C GLY D 301 43.40 -17.97 71.35
N ASN D 302 44.04 -16.82 71.55
CA ASN D 302 44.03 -15.77 70.55
C ASN D 302 44.55 -16.27 69.20
N ALA D 303 43.97 -15.78 68.12
CA ALA D 303 44.32 -16.26 66.79
C ALA D 303 45.61 -15.62 66.29
N GLY D 304 45.93 -14.44 66.81
CA GLY D 304 47.12 -13.73 66.42
C GLY D 304 46.91 -12.84 65.21
N ASP D 305 47.98 -12.19 64.76
CA ASP D 305 47.91 -11.31 63.60
C ASP D 305 47.69 -12.12 62.32
N CYS D 306 46.77 -11.64 61.48
CA CYS D 306 46.43 -12.35 60.24
C CYS D 306 47.60 -12.35 59.26
N LEU D 307 48.49 -11.38 59.39
CA LEU D 307 49.65 -11.29 58.52
C LEU D 307 50.78 -12.21 58.98
N ALA D 308 50.50 -13.01 60.00
CA ALA D 308 51.48 -13.94 60.54
C ALA D 308 52.10 -14.79 59.44
N ASN D 309 53.42 -14.84 59.41
CA ASN D 309 54.15 -15.60 58.39
C ASN D 309 55.18 -16.53 59.03
N PRO D 310 55.07 -17.84 58.74
CA PRO D 310 54.05 -18.43 57.85
C PRO D 310 52.66 -18.40 58.47
N ALA D 311 51.64 -18.25 57.62
CA ALA D 311 50.26 -18.23 58.09
C ALA D 311 49.72 -19.64 58.26
N VAL D 312 49.35 -19.99 59.48
CA VAL D 312 48.84 -21.32 59.79
C VAL D 312 47.33 -21.30 60.01
N PRO D 313 46.58 -22.02 59.17
CA PRO D 313 45.12 -22.12 59.27
C PRO D 313 44.70 -23.01 60.43
N TRP D 314 43.81 -22.52 61.28
CA TRP D 314 43.31 -23.31 62.40
C TRP D 314 42.34 -24.38 61.91
N GLY D 315 42.67 -25.64 62.18
CA GLY D 315 41.92 -26.77 61.68
C GLY D 315 40.43 -26.74 62.00
N GLN D 316 40.07 -26.04 63.07
CA GLN D 316 38.67 -25.96 63.48
C GLN D 316 37.81 -25.25 62.44
N GLY D 317 38.46 -24.55 61.52
CA GLY D 317 37.75 -23.81 60.48
C GLY D 317 37.19 -24.72 59.41
N VAL D 318 37.89 -25.82 59.14
CA VAL D 318 37.46 -26.78 58.12
C VAL D 318 36.09 -27.36 58.46
N GLU D 319 35.83 -27.54 59.76
CA GLU D 319 34.57 -28.10 60.22
C GLU D 319 33.44 -27.07 60.14
N ILE D 320 33.77 -25.82 60.43
CA ILE D 320 32.79 -24.74 60.37
C ILE D 320 32.26 -24.57 58.95
N GLU D 321 33.11 -24.84 57.97
CA GLU D 321 32.71 -24.75 56.57
C GLU D 321 31.77 -25.88 56.21
N ARG D 322 32.15 -27.10 56.58
CA ARG D 322 31.34 -28.29 56.29
C ARG D 322 29.99 -28.21 57.00
N ALA D 323 29.88 -27.31 57.96
CA ALA D 323 28.63 -27.13 58.70
C ALA D 323 27.69 -26.20 57.94
N LEU D 324 28.17 -25.00 57.63
CA LEU D 324 27.38 -24.01 56.91
C LEU D 324 26.93 -24.55 55.55
N LYS D 325 27.84 -25.22 54.85
CA LYS D 325 27.55 -25.75 53.53
C LYS D 325 26.58 -26.93 53.58
N GLN D 326 26.45 -27.53 54.77
CA GLN D 326 25.56 -28.67 54.94
C GLN D 326 24.16 -28.23 55.37
N VAL D 327 24.04 -26.98 55.79
CA VAL D 327 22.78 -26.42 56.23
C VAL D 327 21.72 -26.48 55.13
N GLN D 328 20.47 -26.73 55.52
CA GLN D 328 19.36 -26.74 54.58
C GLN D 328 18.04 -26.46 55.28
N VAL D 329 17.65 -25.18 55.30
CA VAL D 329 16.41 -24.77 55.94
C VAL D 329 15.54 -23.97 54.98
N GLU D 330 14.38 -23.54 55.46
CA GLU D 330 13.46 -22.75 54.64
C GLU D 330 13.47 -21.29 55.09
N GLY D 331 13.71 -20.39 54.14
CA GLY D 331 13.78 -18.97 54.45
C GLY D 331 12.93 -18.11 53.54
N LEU D 332 13.13 -16.80 53.62
CA LEU D 332 12.38 -15.85 52.80
C LEU D 332 12.67 -16.04 51.32
N SER D 333 13.89 -16.47 51.02
CA SER D 333 14.31 -16.67 49.64
C SER D 333 14.16 -18.12 49.20
N GLY D 334 13.03 -18.73 49.57
CA GLY D 334 12.73 -20.09 49.19
C GLY D 334 13.64 -21.11 49.86
N ASN D 335 13.69 -22.31 49.29
CA ASN D 335 14.52 -23.38 49.84
C ASN D 335 16.01 -23.05 49.75
N ILE D 336 16.68 -23.10 50.89
CA ILE D 336 18.11 -22.78 50.96
C ILE D 336 18.97 -24.03 51.02
N LYS D 337 19.80 -24.22 49.99
CA LYS D 337 20.73 -25.35 49.94
C LYS D 337 22.04 -24.92 49.31
N PHE D 338 23.11 -25.64 49.62
CA PHE D 338 24.43 -25.29 49.11
C PHE D 338 25.17 -26.49 48.54
N ASP D 339 26.18 -26.22 47.73
CA ASP D 339 27.06 -27.26 47.23
C ASP D 339 28.40 -27.20 47.95
N GLN D 340 29.37 -27.99 47.49
CA GLN D 340 30.67 -28.07 48.13
C GLN D 340 31.41 -26.73 48.10
N ASN D 341 31.04 -25.86 47.16
CA ASN D 341 31.71 -24.58 47.00
C ASN D 341 31.10 -23.47 47.84
N GLY D 342 29.77 -23.36 47.81
CA GLY D 342 29.07 -22.33 48.55
C GLY D 342 27.95 -21.71 47.76
N LYS D 343 27.91 -21.98 46.46
CA LYS D 343 26.86 -21.47 45.60
C LYS D 343 25.54 -22.18 45.89
N ARG D 344 24.47 -21.41 46.00
CA ARG D 344 23.16 -21.97 46.31
C ARG D 344 22.65 -22.87 45.19
N ILE D 345 21.92 -23.92 45.57
CA ILE D 345 21.36 -24.86 44.62
C ILE D 345 19.92 -25.22 44.99
N ASN D 346 19.22 -25.87 44.08
CA ASN D 346 17.83 -26.26 44.30
C ASN D 346 16.98 -25.08 44.77
N TYR D 347 17.15 -23.93 44.12
CA TYR D 347 16.41 -22.73 44.47
C TYR D 347 15.36 -22.41 43.41
N THR D 348 14.54 -21.39 43.69
CA THR D 348 13.47 -21.01 42.78
C THR D 348 13.39 -19.49 42.61
N ILE D 349 13.41 -19.04 41.37
CA ILE D 349 13.30 -17.62 41.07
C ILE D 349 12.03 -17.34 40.26
N ASN D 350 11.09 -16.63 40.85
CA ASN D 350 9.83 -16.33 40.19
C ASN D 350 9.98 -15.28 39.09
N ILE D 351 9.47 -15.58 37.90
CA ILE D 351 9.47 -14.63 36.80
C ILE D 351 8.26 -13.71 36.91
N MET D 352 8.51 -12.40 36.87
CA MET D 352 7.46 -11.42 37.08
C MET D 352 7.19 -10.57 35.84
N GLU D 353 5.93 -10.20 35.66
CA GLU D 353 5.53 -9.26 34.62
C GLU D 353 4.69 -8.15 35.24
N LEU D 354 4.84 -6.93 34.73
CA LEU D 354 4.10 -5.79 35.27
C LEU D 354 2.86 -5.50 34.43
N LYS D 355 1.69 -5.77 35.01
CA LYS D 355 0.42 -5.52 34.33
C LYS D 355 -0.20 -4.22 34.84
N THR D 356 -1.44 -3.98 34.45
CA THR D 356 -2.16 -2.77 34.85
C THR D 356 -2.49 -2.78 36.34
N ASN D 357 -2.90 -3.94 36.84
CA ASN D 357 -3.25 -4.07 38.25
C ASN D 357 -2.04 -4.20 39.16
N GLY D 358 -0.86 -4.29 38.55
CA GLY D 358 0.39 -4.42 39.29
C GLY D 358 1.17 -5.65 38.89
N PRO D 359 2.31 -5.88 39.56
CA PRO D 359 3.17 -7.04 39.31
C PRO D 359 2.40 -8.36 39.42
N ARG D 360 2.82 -9.36 38.68
CA ARG D 360 2.16 -10.66 38.68
C ARG D 360 3.09 -11.77 38.24
N LYS D 361 3.19 -12.82 39.06
CA LYS D 361 4.04 -13.96 38.75
C LYS D 361 3.46 -14.78 37.60
N ILE D 362 4.25 -14.94 36.54
CA ILE D 362 3.81 -15.70 35.38
C ILE D 362 4.47 -17.07 35.34
N GLY D 363 5.34 -17.34 36.31
CA GLY D 363 6.04 -18.61 36.38
C GLY D 363 7.27 -18.53 37.24
N TYR D 364 8.07 -19.60 37.24
CA TYR D 364 9.29 -19.65 38.03
C TYR D 364 10.43 -20.25 37.23
N TRP D 365 11.63 -20.24 37.81
CA TRP D 365 12.80 -20.79 37.16
C TRP D 365 13.58 -21.69 38.10
N SER D 366 13.71 -22.96 37.74
CA SER D 366 14.49 -23.91 38.51
C SER D 366 15.79 -24.23 37.81
N GLU D 367 16.85 -24.46 38.57
CA GLU D 367 18.16 -24.76 38.01
C GLU D 367 18.13 -26.09 37.26
N VAL D 368 17.07 -26.86 37.47
CA VAL D 368 16.96 -28.19 36.86
C VAL D 368 15.78 -28.29 35.90
N ASP D 369 14.83 -27.37 36.00
CA ASP D 369 13.64 -27.39 35.17
C ASP D 369 13.54 -26.17 34.26
N LYS D 370 14.57 -25.32 34.31
CA LYS D 370 14.55 -24.08 33.55
C LYS D 370 13.30 -23.27 33.88
N MET D 371 12.70 -22.65 32.87
CA MET D 371 11.50 -21.84 33.08
C MET D 371 10.23 -22.67 32.99
N VAL D 372 9.32 -22.45 33.93
CA VAL D 372 8.04 -23.15 33.94
C VAL D 372 6.91 -22.18 34.26
N LEU D 373 6.01 -21.98 33.31
CA LEU D 373 4.88 -21.07 33.50
C LEU D 373 3.72 -21.77 34.19
N THR D 374 2.71 -20.99 34.58
CA THR D 374 1.55 -21.54 35.25
C THR D 374 0.36 -21.64 34.30
N GLU D 375 -0.05 -22.86 34.00
CA GLU D 375 -1.18 -23.10 33.11
C GLU D 375 -2.35 -22.18 33.45
N ASP D 376 -2.71 -21.33 32.50
CA ASP D 376 -3.81 -20.39 32.68
C ASP D 376 -3.87 -19.39 31.52
N ASP D 377 -3.62 -19.88 30.31
CA ASP D 377 -3.63 -19.04 29.13
C ASP D 377 -4.83 -18.08 29.14
N THR D 378 -4.72 -16.99 28.39
CA THR D 378 -5.79 -16.01 28.32
C THR D 378 -7.06 -16.60 27.70
N SER D 379 -7.93 -15.73 27.19
CA SER D 379 -9.17 -16.17 26.58
C SER D 379 -9.30 -15.64 25.15
N GLY D 380 -8.16 -15.45 24.49
CA GLY D 380 -8.13 -14.95 23.13
C GLY D 380 -9.13 -15.66 22.24
N LEU D 381 -9.57 -16.84 22.67
CA LEU D 381 -10.52 -17.63 21.90
C LEU D 381 -11.73 -16.78 21.49
N GLU D 382 -11.88 -15.63 22.14
CA GLU D 382 -13.00 -14.74 21.84
C GLU D 382 -13.11 -14.47 20.34
N GLN D 383 -13.46 -15.50 19.59
CA GLN D 383 -13.60 -15.38 18.14
C GLN D 383 -13.99 -16.72 17.50
N LYS D 384 -15.12 -17.26 17.93
CA LYS D 384 -15.60 -18.53 17.41
C LYS D 384 -15.50 -18.57 15.88
N THR D 385 -14.66 -19.47 15.37
CA THR D 385 -14.48 -19.62 13.93
C THR D 385 -15.82 -19.61 13.20
N VAL D 386 -16.28 -18.43 12.82
CA VAL D 386 -17.55 -18.29 12.12
C VAL D 386 -17.82 -19.49 11.22
N VAL D 387 -18.29 -20.58 11.82
CA VAL D 387 -18.58 -21.80 11.08
C VAL D 387 -19.22 -21.47 9.73
N VAL D 388 -18.47 -21.69 8.65
CA VAL D 388 -18.95 -21.39 7.31
C VAL D 388 -19.43 -22.66 6.61
N THR D 389 -20.73 -22.73 6.35
CA THR D 389 -21.30 -23.88 5.65
C THR D 389 -21.33 -23.63 4.14
N THR D 390 -21.07 -24.68 3.37
CA THR D 390 -21.06 -24.58 1.92
C THR D 390 -21.31 -25.95 1.28
N ILE D 391 -21.72 -25.94 0.01
CA ILE D 391 -22.01 -27.17 -0.70
C ILE D 391 -20.92 -27.49 -1.73
N LEU D 392 -20.73 -28.76 -2.01
CA LEU D 392 -19.75 -29.20 -3.00
C LEU D 392 -20.33 -29.07 -4.41
N GLU D 393 -20.06 -27.94 -5.06
CA GLU D 393 -20.56 -27.69 -6.40
C GLU D 393 -19.50 -26.96 -7.23
N SER D 394 -19.02 -27.62 -8.28
CA SER D 394 -18.01 -27.03 -9.15
C SER D 394 -18.60 -25.89 -9.98
N PRO D 395 -17.82 -24.81 -10.17
CA PRO D 395 -16.46 -24.66 -9.65
C PRO D 395 -16.43 -23.75 -8.41
N TYR D 396 -17.51 -23.76 -7.64
CA TYR D 396 -17.61 -22.92 -6.44
C TYR D 396 -16.81 -23.50 -5.28
N VAL D 397 -17.06 -24.77 -4.97
CA VAL D 397 -16.33 -25.46 -3.92
C VAL D 397 -16.00 -26.89 -4.34
N MET D 398 -14.72 -27.17 -4.53
CA MET D 398 -14.28 -28.48 -4.98
C MET D 398 -13.16 -29.02 -4.10
N MET D 399 -12.98 -30.34 -4.10
CA MET D 399 -11.90 -30.96 -3.35
C MET D 399 -10.58 -30.79 -4.09
N LYS D 400 -9.61 -30.17 -3.44
CA LYS D 400 -8.29 -29.96 -4.03
C LYS D 400 -7.67 -31.29 -4.45
N LYS D 401 -6.73 -31.23 -5.38
CA LYS D 401 -6.07 -32.43 -5.88
C LYS D 401 -5.61 -33.34 -4.76
N ASN D 402 -4.58 -32.90 -4.03
CA ASN D 402 -4.06 -33.66 -2.90
C ASN D 402 -4.77 -33.31 -1.60
N HIS D 403 -6.09 -33.42 -1.60
CA HIS D 403 -6.89 -33.09 -0.43
C HIS D 403 -6.65 -34.07 0.72
N GLU D 404 -6.19 -35.27 0.37
CA GLU D 404 -5.92 -36.30 1.37
C GLU D 404 -4.67 -35.97 2.18
N MET D 405 -3.79 -35.16 1.59
CA MET D 405 -2.55 -34.75 2.25
C MET D 405 -2.71 -33.38 2.89
N LEU D 406 -3.92 -32.86 2.87
CA LEU D 406 -4.21 -31.54 3.45
C LEU D 406 -5.29 -31.62 4.52
N GLU D 407 -5.45 -30.53 5.27
CA GLU D 407 -6.46 -30.46 6.32
C GLU D 407 -7.01 -29.05 6.45
N GLY D 408 -8.10 -28.92 7.20
CA GLY D 408 -8.71 -27.62 7.43
C GLY D 408 -9.35 -27.03 6.18
N ASN D 409 -9.11 -25.75 5.95
CA ASN D 409 -9.68 -25.05 4.80
C ASN D 409 -8.85 -25.23 3.54
N GLU D 410 -7.62 -25.71 3.71
CA GLU D 410 -6.71 -25.91 2.59
C GLU D 410 -7.18 -27.07 1.70
N ARG D 411 -8.09 -27.87 2.23
CA ARG D 411 -8.60 -29.03 1.50
C ARG D 411 -9.45 -28.61 0.30
N TYR D 412 -10.09 -27.45 0.41
CA TYR D 412 -11.04 -27.02 -0.61
C TYR D 412 -10.50 -25.88 -1.49
N GLU D 413 -11.07 -25.77 -2.68
CA GLU D 413 -10.70 -24.69 -3.61
C GLU D 413 -11.88 -24.39 -4.52
N GLY D 414 -12.04 -23.12 -4.89
CA GLY D 414 -13.12 -22.72 -5.77
C GLY D 414 -13.52 -21.27 -5.62
N TYR D 415 -14.55 -20.87 -6.37
CA TYR D 415 -15.02 -19.49 -6.34
C TYR D 415 -15.46 -19.07 -4.94
N CYS D 416 -16.30 -19.89 -4.32
CA CYS D 416 -16.81 -19.58 -2.98
C CYS D 416 -15.71 -19.71 -1.92
N VAL D 417 -14.76 -20.60 -2.14
CA VAL D 417 -13.65 -20.78 -1.22
C VAL D 417 -12.83 -19.50 -1.15
N ASP D 418 -12.61 -18.88 -2.31
CA ASP D 418 -11.90 -17.61 -2.38
C ASP D 418 -12.77 -16.47 -1.86
N LEU D 419 -14.06 -16.53 -2.21
CA LEU D 419 -15.02 -15.52 -1.76
C LEU D 419 -15.13 -15.51 -0.24
N ALA D 420 -14.93 -16.67 0.37
CA ALA D 420 -14.98 -16.79 1.82
C ALA D 420 -13.82 -16.02 2.46
N ALA D 421 -12.62 -16.25 1.95
CA ALA D 421 -11.44 -15.58 2.46
C ALA D 421 -11.55 -14.06 2.33
N GLU D 422 -12.12 -13.62 1.21
CA GLU D 422 -12.31 -12.20 0.96
C GLU D 422 -13.29 -11.58 1.95
N ILE D 423 -14.44 -12.24 2.14
CA ILE D 423 -15.44 -11.78 3.09
C ILE D 423 -14.86 -11.74 4.49
N ALA D 424 -14.12 -12.78 4.85
CA ALA D 424 -13.52 -12.87 6.18
C ALA D 424 -12.48 -11.78 6.42
N LYS D 425 -11.84 -11.34 5.35
CA LYS D 425 -10.81 -10.32 5.44
C LYS D 425 -11.41 -8.94 5.68
N HIS D 426 -12.53 -8.66 5.03
CA HIS D 426 -13.18 -7.37 5.15
C HIS D 426 -14.07 -7.28 6.39
N CYS D 427 -14.46 -8.44 6.93
CA CYS D 427 -15.28 -8.48 8.12
C CYS D 427 -14.43 -8.80 9.36
N GLY D 428 -13.21 -9.25 9.13
CA GLY D 428 -12.28 -9.53 10.20
C GLY D 428 -12.72 -10.67 11.10
N PHE D 429 -12.50 -11.90 10.65
CA PHE D 429 -12.83 -13.08 11.45
C PHE D 429 -12.22 -14.34 10.86
N LYS D 430 -11.87 -15.28 11.74
CA LYS D 430 -11.39 -16.59 11.32
C LYS D 430 -12.58 -17.50 11.04
N TYR D 431 -12.41 -18.47 10.15
CA TYR D 431 -13.51 -19.35 9.78
C TYR D 431 -13.07 -20.78 9.52
N LYS D 432 -14.03 -21.69 9.55
CA LYS D 432 -13.77 -23.11 9.28
C LYS D 432 -14.75 -23.61 8.23
N LEU D 433 -14.25 -23.85 7.02
CA LEU D 433 -15.09 -24.34 5.93
C LEU D 433 -15.63 -25.73 6.21
N THR D 434 -16.94 -25.87 6.18
CA THR D 434 -17.59 -27.15 6.43
C THR D 434 -18.63 -27.45 5.36
N ILE D 435 -18.67 -28.71 4.91
CA ILE D 435 -19.63 -29.13 3.90
C ILE D 435 -20.93 -29.57 4.57
N VAL D 436 -22.05 -29.08 4.04
CA VAL D 436 -23.37 -29.42 4.57
C VAL D 436 -23.60 -30.94 4.55
N GLY D 437 -24.22 -31.44 5.60
CA GLY D 437 -24.45 -32.87 5.74
C GLY D 437 -25.19 -33.50 4.57
N ASP D 438 -26.50 -33.23 4.49
CA ASP D 438 -27.34 -33.83 3.47
C ASP D 438 -26.95 -33.41 2.05
N GLY D 439 -26.12 -32.37 1.95
CA GLY D 439 -25.63 -31.90 0.66
C GLY D 439 -26.70 -31.21 -0.17
N LYS D 440 -27.68 -30.63 0.50
CA LYS D 440 -28.73 -29.89 -0.19
C LYS D 440 -28.54 -28.38 0.01
N TYR D 441 -29.29 -27.59 -0.75
CA TYR D 441 -29.19 -26.13 -0.68
C TYR D 441 -30.06 -25.56 0.44
N GLY D 442 -31.35 -25.51 0.20
CA GLY D 442 -32.27 -24.98 1.19
C GLY D 442 -33.73 -25.08 0.78
N ALA D 443 -34.36 -26.20 1.13
CA ALA D 443 -35.78 -26.41 0.83
C ALA D 443 -36.57 -26.62 2.11
N ARG D 444 -37.88 -26.71 2.00
CA ARG D 444 -38.74 -26.89 3.17
C ARG D 444 -39.79 -27.97 2.95
N ASP D 445 -39.57 -29.13 3.57
CA ASP D 445 -40.52 -30.23 3.50
C ASP D 445 -41.89 -29.77 3.99
N ALA D 446 -42.89 -29.88 3.13
CA ALA D 446 -44.24 -29.41 3.44
C ALA D 446 -44.79 -30.04 4.73
N ASP D 447 -44.63 -31.36 4.85
CA ASP D 447 -45.17 -32.08 6.00
C ASP D 447 -44.47 -31.71 7.31
N THR D 448 -43.21 -32.11 7.45
CA THR D 448 -42.47 -31.88 8.68
C THR D 448 -42.17 -30.40 8.91
N LYS D 449 -42.30 -29.61 7.86
CA LYS D 449 -42.02 -28.18 7.93
C LYS D 449 -40.59 -27.92 8.41
N ILE D 450 -39.69 -28.80 8.01
CA ILE D 450 -38.29 -28.70 8.42
C ILE D 450 -37.40 -28.23 7.26
N TRP D 451 -36.49 -27.31 7.56
CA TRP D 451 -35.53 -26.84 6.57
C TRP D 451 -34.35 -27.80 6.47
N ASN D 452 -33.86 -27.99 5.25
CA ASN D 452 -32.72 -28.87 5.01
C ASN D 452 -31.59 -28.14 4.29
N GLY D 453 -30.42 -28.78 4.23
CA GLY D 453 -29.27 -28.20 3.57
C GLY D 453 -28.66 -27.06 4.37
N MET D 454 -28.00 -26.14 3.67
CA MET D 454 -27.33 -25.02 4.30
C MET D 454 -28.33 -24.10 5.01
N VAL D 455 -29.39 -23.74 4.30
CA VAL D 455 -30.43 -22.89 4.89
C VAL D 455 -30.92 -23.48 6.21
N GLY D 456 -30.96 -24.80 6.27
CA GLY D 456 -31.36 -25.49 7.49
C GLY D 456 -30.36 -25.32 8.61
N GLU D 457 -29.09 -25.61 8.31
CA GLU D 457 -28.02 -25.52 9.30
C GLU D 457 -27.89 -24.10 9.85
N LEU D 458 -28.45 -23.12 9.15
CA LEU D 458 -28.43 -21.75 9.60
C LEU D 458 -29.54 -21.48 10.61
N VAL D 459 -30.74 -21.96 10.30
CA VAL D 459 -31.90 -21.73 11.15
C VAL D 459 -31.81 -22.49 12.47
N TYR D 460 -31.10 -23.62 12.45
CA TYR D 460 -31.01 -24.47 13.63
C TYR D 460 -29.68 -24.32 14.37
N GLY D 461 -28.94 -23.26 14.02
CA GLY D 461 -27.73 -22.91 14.74
C GLY D 461 -26.52 -23.81 14.51
N LYS D 462 -26.56 -24.58 13.43
CA LYS D 462 -25.45 -25.47 13.11
C LYS D 462 -24.26 -24.69 12.53
N ALA D 463 -24.57 -23.62 11.80
CA ALA D 463 -23.54 -22.79 11.19
C ALA D 463 -23.80 -21.31 11.45
N ASP D 464 -22.77 -20.49 11.26
CA ASP D 464 -22.88 -19.05 11.49
C ASP D 464 -23.15 -18.28 10.21
N ILE D 465 -22.77 -18.86 9.08
CA ILE D 465 -22.89 -18.18 7.80
C ILE D 465 -22.82 -19.18 6.64
N ALA D 466 -23.47 -18.84 5.53
CA ALA D 466 -23.50 -19.72 4.36
C ALA D 466 -22.91 -19.02 3.14
N ILE D 467 -21.73 -19.48 2.72
CA ILE D 467 -21.08 -18.94 1.53
C ILE D 467 -21.07 -19.96 0.41
N ALA D 468 -22.09 -19.89 -0.45
CA ALA D 468 -22.25 -20.85 -1.54
C ALA D 468 -23.20 -20.26 -2.58
N PRO D 469 -23.38 -20.97 -3.72
CA PRO D 469 -24.32 -20.51 -4.74
C PRO D 469 -25.77 -20.63 -4.27
N LEU D 470 -26.10 -20.01 -3.15
CA LEU D 470 -27.45 -20.08 -2.61
C LEU D 470 -28.34 -19.03 -3.25
N THR D 471 -29.38 -19.49 -3.94
CA THR D 471 -30.31 -18.60 -4.61
C THR D 471 -31.10 -17.76 -3.61
N ILE D 472 -31.27 -16.49 -3.93
CA ILE D 472 -32.05 -15.59 -3.08
C ILE D 472 -33.54 -15.69 -3.41
N THR D 473 -34.26 -16.50 -2.64
CA THR D 473 -35.68 -16.71 -2.87
C THR D 473 -36.51 -16.13 -1.73
N LEU D 474 -37.76 -15.79 -2.03
CA LEU D 474 -38.68 -15.22 -1.05
C LEU D 474 -38.89 -16.16 0.12
N VAL D 475 -39.05 -17.45 -0.17
CA VAL D 475 -39.29 -18.45 0.86
C VAL D 475 -38.16 -18.53 1.87
N ARG D 476 -36.95 -18.17 1.43
CA ARG D 476 -35.78 -18.22 2.30
C ARG D 476 -35.52 -16.89 2.99
N GLU D 477 -35.79 -15.80 2.29
CA GLU D 477 -35.59 -14.46 2.83
C GLU D 477 -36.44 -14.25 4.08
N GLU D 478 -37.45 -15.08 4.25
CA GLU D 478 -38.35 -14.98 5.39
C GLU D 478 -37.73 -15.57 6.66
N VAL D 479 -36.90 -16.58 6.50
CA VAL D 479 -36.30 -17.27 7.64
C VAL D 479 -34.87 -16.84 7.90
N ILE D 480 -34.15 -16.48 6.85
CA ILE D 480 -32.77 -16.05 6.98
C ILE D 480 -32.53 -14.70 6.30
N ASP D 481 -31.30 -14.21 6.36
CA ASP D 481 -30.94 -12.94 5.74
C ASP D 481 -30.00 -13.14 4.57
N PHE D 482 -30.31 -12.51 3.44
CA PHE D 482 -29.48 -12.59 2.25
C PHE D 482 -28.79 -11.27 1.98
N SER D 483 -27.46 -11.31 1.85
CA SER D 483 -26.71 -10.13 1.44
C SER D 483 -27.03 -9.84 -0.02
N LYS D 484 -26.62 -8.67 -0.50
CA LYS D 484 -26.82 -8.34 -1.91
C LYS D 484 -26.17 -9.40 -2.78
N PRO D 485 -26.71 -9.61 -3.99
CA PRO D 485 -26.22 -10.66 -4.89
C PRO D 485 -24.76 -10.48 -5.24
N PHE D 486 -23.97 -11.55 -5.10
CA PHE D 486 -22.57 -11.50 -5.49
C PHE D 486 -22.37 -12.09 -6.88
N MET D 487 -23.48 -12.46 -7.52
CA MET D 487 -23.45 -13.03 -8.85
C MET D 487 -24.85 -13.17 -9.43
N SER D 488 -25.18 -12.33 -10.40
CA SER D 488 -26.49 -12.37 -11.06
C SER D 488 -26.50 -13.42 -12.16
N LEU D 489 -27.59 -14.18 -12.23
CA LEU D 489 -27.72 -15.24 -13.23
C LEU D 489 -29.16 -15.42 -13.70
N GLY D 490 -29.42 -16.56 -14.32
CA GLY D 490 -30.74 -16.88 -14.82
C GLY D 490 -30.76 -18.20 -15.57
N ILE D 491 -31.87 -18.47 -16.26
CA ILE D 491 -32.00 -19.70 -17.04
C ILE D 491 -31.53 -19.49 -18.48
N SER D 492 -30.64 -20.37 -18.94
CA SER D 492 -30.07 -20.23 -20.27
C SER D 492 -30.32 -21.45 -21.14
N ILE D 493 -29.89 -21.37 -22.40
CA ILE D 493 -30.07 -22.45 -23.36
C ILE D 493 -28.73 -23.06 -23.77
N MET D 494 -28.67 -24.39 -23.79
CA MET D 494 -27.44 -25.09 -24.18
C MET D 494 -27.66 -25.97 -25.40
N ILE D 495 -26.84 -25.79 -26.42
CA ILE D 495 -26.91 -26.63 -27.61
C ILE D 495 -25.56 -27.27 -27.90
N LYS D 496 -25.51 -28.07 -28.97
CA LYS D 496 -24.28 -28.74 -29.35
C LYS D 496 -23.24 -27.74 -29.85
N LYS D 497 -22.06 -28.24 -30.22
CA LYS D 497 -20.99 -27.39 -30.72
C LYS D 497 -21.29 -26.91 -32.13
N PRO D 498 -21.22 -25.54 -32.33
CA PRO D 498 -21.53 -25.11 -33.71
C PRO D 498 -20.68 -25.85 -34.75
N GLN D 499 -20.89 -27.15 -34.87
CA GLN D 499 -20.15 -27.96 -35.83
C GLN D 499 -20.45 -27.52 -37.26
N LYS D 500 -20.36 -28.46 -38.19
CA LYS D 500 -20.63 -28.17 -39.60
C LYS D 500 -20.20 -29.33 -40.50
N SER D 501 -21.07 -29.68 -41.44
CA SER D 501 -20.78 -30.77 -42.37
C SER D 501 -22.04 -31.18 -43.14
N LYS D 502 -21.95 -31.16 -44.47
CA LYS D 502 -23.08 -31.53 -45.32
C LYS D 502 -22.82 -31.14 -46.78
N PRO D 503 -22.92 -32.17 -47.70
CA PRO D 503 -22.67 -31.76 -49.09
C PRO D 503 -23.97 -31.53 -49.86
N GLY D 504 -24.79 -32.57 -49.98
CA GLY D 504 -26.06 -32.47 -50.69
C GLY D 504 -25.98 -31.54 -51.88
N VAL D 505 -25.55 -32.07 -53.03
CA VAL D 505 -25.42 -31.25 -54.22
C VAL D 505 -25.87 -29.81 -53.95
N PHE D 506 -26.45 -29.60 -52.76
CA PHE D 506 -26.94 -28.28 -52.37
C PHE D 506 -25.82 -27.33 -51.93
N SER D 507 -24.58 -27.79 -52.03
CA SER D 507 -23.42 -26.93 -51.77
C SER D 507 -22.97 -26.28 -53.06
N PHE D 508 -23.67 -26.61 -54.15
CA PHE D 508 -23.39 -26.06 -55.46
C PHE D 508 -24.45 -25.03 -55.83
N LEU D 509 -25.63 -25.20 -55.28
CA LEU D 509 -26.74 -24.29 -55.52
C LEU D 509 -26.68 -23.10 -54.55
N ASP D 510 -25.81 -23.20 -53.55
CA ASP D 510 -25.67 -22.15 -52.55
C ASP D 510 -24.83 -20.98 -53.05
N PRO D 511 -23.62 -21.29 -53.53
CA PRO D 511 -22.73 -20.28 -54.07
C PRO D 511 -23.60 -19.53 -55.05
N LEU D 512 -24.22 -20.29 -55.95
CA LEU D 512 -25.14 -19.69 -56.88
C LEU D 512 -26.55 -19.90 -56.34
N ALA D 513 -27.20 -18.78 -56.04
CA ALA D 513 -28.49 -18.72 -55.38
C ALA D 513 -29.53 -19.48 -56.19
N TYR D 514 -30.50 -20.05 -55.49
CA TYR D 514 -31.58 -20.77 -56.15
C TYR D 514 -32.30 -19.87 -57.15
N GLU D 515 -32.39 -18.59 -56.82
CA GLU D 515 -33.06 -17.62 -57.67
C GLU D 515 -32.26 -17.43 -58.96
N ILE D 516 -30.94 -17.52 -58.84
CA ILE D 516 -30.06 -17.33 -59.99
C ILE D 516 -30.05 -18.56 -60.89
N TRP D 517 -30.06 -19.75 -60.30
CA TRP D 517 -30.14 -20.98 -61.07
C TRP D 517 -31.42 -21.00 -61.90
N MET D 518 -32.47 -20.40 -61.35
CA MET D 518 -33.75 -20.34 -62.02
C MET D 518 -33.69 -19.44 -63.25
N CYS D 519 -33.29 -18.19 -63.04
CA CYS D 519 -33.23 -17.22 -64.13
C CYS D 519 -32.28 -17.65 -65.24
N ILE D 520 -31.17 -18.28 -64.88
CA ILE D 520 -30.21 -18.76 -65.86
C ILE D 520 -30.81 -19.88 -66.70
N VAL D 521 -31.86 -20.51 -66.15
CA VAL D 521 -32.58 -21.56 -66.88
C VAL D 521 -33.70 -20.95 -67.72
N PHE D 522 -34.33 -19.91 -67.20
CA PHE D 522 -35.38 -19.21 -67.94
C PHE D 522 -34.79 -18.52 -69.16
N ALA D 523 -33.64 -17.87 -68.98
CA ALA D 523 -32.93 -17.24 -70.09
C ALA D 523 -32.34 -18.31 -71.00
N TYR D 524 -32.09 -19.49 -70.44
CA TYR D 524 -31.59 -20.62 -71.20
C TYR D 524 -32.58 -21.01 -72.29
N ILE D 525 -33.82 -21.28 -71.88
CA ILE D 525 -34.88 -21.59 -72.82
C ILE D 525 -35.33 -20.33 -73.55
N GLY D 526 -34.98 -19.18 -72.98
CA GLY D 526 -35.32 -17.91 -73.59
C GLY D 526 -34.47 -17.62 -74.79
N VAL D 527 -33.34 -18.31 -74.90
CA VAL D 527 -32.45 -18.17 -76.04
C VAL D 527 -32.70 -19.28 -77.06
N SER D 528 -33.00 -20.47 -76.57
CA SER D 528 -33.30 -21.62 -77.42
C SER D 528 -34.61 -21.42 -78.16
N VAL D 529 -35.42 -20.47 -77.68
CA VAL D 529 -36.69 -20.15 -78.33
C VAL D 529 -36.51 -19.02 -79.33
N VAL D 530 -35.58 -18.11 -79.03
CA VAL D 530 -35.25 -17.02 -79.94
C VAL D 530 -34.53 -17.56 -81.16
N LEU D 531 -33.61 -18.49 -80.93
CA LEU D 531 -32.91 -19.17 -82.02
C LEU D 531 -33.88 -20.02 -82.82
N PHE D 532 -34.87 -20.58 -82.13
CA PHE D 532 -35.88 -21.42 -82.76
C PHE D 532 -36.70 -20.63 -83.78
N LEU D 533 -36.80 -19.32 -83.58
CA LEU D 533 -37.55 -18.46 -84.49
C LEU D 533 -36.71 -18.04 -85.68
N VAL D 534 -35.41 -18.29 -85.61
CA VAL D 534 -34.48 -17.92 -86.67
C VAL D 534 -34.59 -18.88 -87.86
N SER D 535 -34.51 -20.18 -87.58
CA SER D 535 -34.58 -21.19 -88.63
C SER D 535 -35.95 -21.19 -89.30
N THR D 559 -45.23 -29.83 -90.73
CA THR D 559 -44.73 -28.53 -90.31
C THR D 559 -44.61 -28.44 -88.79
N ASN D 560 -45.48 -29.16 -88.09
CA ASN D 560 -45.47 -29.18 -86.63
C ASN D 560 -44.26 -29.95 -86.09
N GLU D 561 -43.92 -31.05 -86.75
CA GLU D 561 -42.78 -31.87 -86.35
C GLU D 561 -41.48 -31.17 -86.72
N PHE D 562 -41.50 -30.41 -87.81
CA PHE D 562 -40.32 -29.66 -88.24
C PHE D 562 -39.93 -28.64 -87.18
N GLY D 563 -40.91 -28.21 -86.39
CA GLY D 563 -40.67 -27.27 -85.31
C GLY D 563 -40.16 -27.98 -84.07
N ILE D 564 -40.47 -29.26 -83.95
CA ILE D 564 -40.03 -30.07 -82.82
C ILE D 564 -38.56 -30.48 -82.98
N PHE D 565 -38.22 -30.90 -84.20
CA PHE D 565 -36.85 -31.29 -84.50
C PHE D 565 -35.90 -30.10 -84.37
N ASN D 566 -36.41 -28.92 -84.71
CA ASN D 566 -35.63 -27.69 -84.60
C ASN D 566 -35.52 -27.23 -83.16
N SER D 567 -36.61 -27.33 -82.41
CA SER D 567 -36.63 -26.94 -81.01
C SER D 567 -35.69 -27.84 -80.20
N LEU D 568 -35.46 -29.05 -80.70
CA LEU D 568 -34.55 -29.98 -80.07
C LEU D 568 -33.11 -29.71 -80.51
N TRP D 569 -32.98 -29.07 -81.66
CA TRP D 569 -31.67 -28.69 -82.19
C TRP D 569 -31.17 -27.41 -81.51
N PHE D 570 -32.10 -26.48 -81.27
CA PHE D 570 -31.77 -25.24 -80.59
C PHE D 570 -31.58 -25.49 -79.11
N SER D 571 -32.16 -26.58 -78.61
CA SER D 571 -31.97 -27.00 -77.23
C SER D 571 -30.61 -27.68 -77.08
N LEU D 572 -30.09 -28.17 -78.20
CA LEU D 572 -28.75 -28.73 -78.24
C LEU D 572 -27.73 -27.62 -78.43
N GLY D 573 -28.15 -26.57 -79.14
CA GLY D 573 -27.37 -25.36 -79.24
C GLY D 573 -27.46 -24.60 -77.94
N ALA D 574 -28.40 -25.02 -77.10
CA ALA D 574 -28.57 -24.45 -75.77
C ALA D 574 -27.68 -25.18 -74.77
N PHE D 575 -27.91 -26.48 -74.62
CA PHE D 575 -26.99 -27.34 -73.89
C PHE D 575 -25.58 -26.95 -74.35
N MET D 576 -24.87 -26.24 -73.48
CA MET D 576 -23.77 -25.37 -73.91
C MET D 576 -22.51 -26.03 -74.44
N GLN D 577 -21.72 -25.22 -75.14
CA GLN D 577 -20.38 -25.57 -75.59
C GLN D 577 -19.49 -24.33 -75.55
N PRO D 584 -24.23 -20.86 -90.41
CA PRO D 584 -23.04 -20.06 -90.74
C PRO D 584 -23.10 -18.66 -90.13
N ARG D 585 -22.80 -17.65 -90.94
CA ARG D 585 -22.75 -16.27 -90.47
C ARG D 585 -24.11 -15.58 -90.57
N SER D 586 -25.10 -16.13 -89.87
CA SER D 586 -26.41 -15.48 -89.78
C SER D 586 -26.36 -14.42 -88.68
N LEU D 587 -25.94 -13.22 -89.07
CA LEU D 587 -25.71 -12.12 -88.13
C LEU D 587 -26.75 -12.03 -87.01
N SER D 588 -28.01 -12.24 -87.36
CA SER D 588 -29.10 -12.20 -86.38
C SER D 588 -28.81 -13.09 -85.19
N GLY D 589 -28.95 -14.40 -85.37
CA GLY D 589 -28.70 -15.35 -84.31
C GLY D 589 -27.24 -15.47 -83.95
N ARG D 590 -26.39 -14.83 -84.74
CA ARG D 590 -24.94 -14.87 -84.51
C ARG D 590 -24.58 -14.11 -83.23
N ILE D 591 -25.05 -12.87 -83.12
CA ILE D 591 -24.76 -12.06 -81.94
C ILE D 591 -25.46 -12.63 -80.71
N VAL D 592 -26.52 -13.40 -80.93
CA VAL D 592 -27.21 -14.08 -79.85
C VAL D 592 -26.30 -15.10 -79.18
N GLY D 593 -25.61 -15.89 -80.01
CA GLY D 593 -24.68 -16.89 -79.51
C GLY D 593 -23.49 -16.25 -78.82
N GLY D 594 -23.09 -15.09 -79.32
CA GLY D 594 -21.97 -14.36 -78.75
C GLY D 594 -22.31 -13.74 -77.41
N VAL D 595 -23.45 -13.05 -77.36
CA VAL D 595 -23.90 -12.41 -76.13
C VAL D 595 -24.23 -13.44 -75.05
N TRP D 596 -24.86 -14.54 -75.47
CA TRP D 596 -25.17 -15.63 -74.54
C TRP D 596 -23.89 -16.25 -73.99
N TRP D 597 -22.85 -16.30 -74.82
CA TRP D 597 -21.56 -16.82 -74.40
C TRP D 597 -20.91 -15.90 -73.38
N PHE D 598 -20.97 -14.60 -73.65
CA PHE D 598 -20.43 -13.60 -72.73
C PHE D 598 -21.21 -13.62 -71.41
N PHE D 599 -22.50 -13.94 -71.51
CA PHE D 599 -23.35 -14.02 -70.34
C PHE D 599 -22.95 -15.19 -69.44
N THR D 600 -22.84 -16.37 -70.02
CA THR D 600 -22.45 -17.56 -69.27
C THR D 600 -21.02 -17.46 -68.77
N LEU D 601 -20.19 -16.74 -69.52
CA LEU D 601 -18.79 -16.52 -69.11
C LEU D 601 -18.74 -15.81 -67.77
N ILE D 602 -19.51 -14.74 -67.65
CA ILE D 602 -19.57 -13.96 -66.42
C ILE D 602 -20.08 -14.80 -65.26
N ILE D 603 -21.14 -15.55 -65.50
CA ILE D 603 -21.74 -16.38 -64.46
C ILE D 603 -20.78 -17.43 -63.92
N ILE D 604 -20.20 -18.22 -64.82
CA ILE D 604 -19.26 -19.27 -64.40
C ILE D 604 -18.04 -18.67 -63.72
N SER D 605 -17.68 -17.45 -64.11
CA SER D 605 -16.58 -16.74 -63.47
C SER D 605 -16.99 -16.32 -62.06
N SER D 606 -18.22 -15.86 -61.92
CA SER D 606 -18.76 -15.47 -60.62
C SER D 606 -18.84 -16.67 -59.70
N TYR D 607 -19.37 -17.77 -60.21
CA TYR D 607 -19.47 -19.00 -59.42
C TYR D 607 -18.09 -19.44 -58.92
N THR D 608 -17.10 -19.42 -59.81
CA THR D 608 -15.75 -19.81 -59.45
C THR D 608 -15.15 -18.91 -58.38
N ALA D 609 -15.25 -17.60 -58.60
CA ALA D 609 -14.71 -16.62 -57.66
C ALA D 609 -15.38 -16.75 -56.30
N ASN D 610 -16.71 -16.80 -56.30
CA ASN D 610 -17.47 -16.91 -55.06
C ASN D 610 -17.15 -18.19 -54.30
N LEU D 611 -17.02 -19.30 -55.03
CA LEU D 611 -16.71 -20.58 -54.43
C LEU D 611 -15.33 -20.56 -53.77
N ALA D 612 -14.45 -19.71 -54.29
CA ALA D 612 -13.08 -19.59 -53.76
C ALA D 612 -13.09 -18.85 -52.43
N ALA D 613 -13.83 -17.75 -52.40
CA ALA D 613 -14.10 -17.07 -51.15
C ALA D 613 -14.59 -18.08 -50.12
N PHE D 614 -15.55 -18.91 -50.51
CA PHE D 614 -16.12 -19.91 -49.62
C PHE D 614 -15.07 -20.87 -49.09
N LEU D 615 -14.12 -21.23 -49.96
CA LEU D 615 -13.09 -22.20 -49.62
C LEU D 615 -11.95 -21.57 -48.84
N THR D 616 -11.96 -20.25 -48.74
CA THR D 616 -10.94 -19.53 -47.99
C THR D 616 -11.38 -19.28 -46.55
N VAL D 617 -12.45 -18.52 -46.39
CA VAL D 617 -12.98 -18.22 -45.06
C VAL D 617 -13.66 -19.44 -44.45
N GLU D 618 -14.69 -19.93 -45.13
CA GLU D 618 -15.39 -21.14 -44.71
C GLU D 618 -15.96 -21.03 -43.30
N ARG D 619 -16.82 -20.05 -43.08
CA ARG D 619 -17.43 -19.85 -41.78
C ARG D 619 -18.77 -20.57 -41.67
N MET D 620 -18.95 -21.31 -40.59
CA MET D 620 -20.19 -22.06 -40.37
C MET D 620 -20.97 -21.51 -39.18
N VAL D 621 -22.05 -20.80 -39.47
CA VAL D 621 -22.89 -20.21 -38.44
C VAL D 621 -23.61 -21.29 -37.64
N SER D 622 -24.91 -21.07 -37.40
CA SER D 622 -25.71 -22.02 -36.65
C SER D 622 -27.15 -21.53 -36.51
N PRO D 623 -27.88 -22.08 -35.46
CA PRO D 623 -29.26 -21.57 -35.37
C PRO D 623 -29.30 -20.12 -34.90
N ILE D 624 -30.24 -19.80 -34.02
CA ILE D 624 -30.36 -18.43 -33.51
C ILE D 624 -30.69 -18.41 -32.02
N GLU D 625 -29.98 -17.56 -31.29
CA GLU D 625 -30.20 -17.43 -29.85
C GLU D 625 -31.45 -16.62 -29.56
N SER D 626 -32.42 -17.26 -28.92
CA SER D 626 -33.68 -16.62 -28.59
C SER D 626 -34.70 -17.67 -28.18
N ALA D 627 -34.93 -17.82 -26.88
CA ALA D 627 -35.87 -18.81 -26.40
C ALA D 627 -37.08 -18.87 -27.32
N GLU D 628 -37.43 -17.73 -27.91
CA GLU D 628 -38.57 -17.66 -28.82
C GLU D 628 -38.33 -18.55 -30.04
N ASP D 629 -37.06 -18.81 -30.35
CA ASP D 629 -36.68 -19.64 -31.48
C ASP D 629 -36.99 -21.12 -31.20
N LEU D 630 -36.96 -21.49 -29.92
CA LEU D 630 -37.26 -22.87 -29.54
C LEU D 630 -38.75 -23.17 -29.63
N SER D 631 -39.57 -22.13 -29.46
CA SER D 631 -41.02 -22.29 -29.49
C SER D 631 -41.56 -22.24 -30.93
N LYS D 632 -40.89 -21.46 -31.78
CA LYS D 632 -41.33 -21.28 -33.15
C LYS D 632 -41.03 -22.50 -34.03
N GLN D 633 -40.19 -23.40 -33.52
CA GLN D 633 -39.82 -24.59 -34.26
C GLN D 633 -40.02 -25.86 -33.44
N THR D 634 -39.92 -27.02 -34.08
CA THR D 634 -40.14 -28.28 -33.41
C THR D 634 -39.07 -29.32 -33.78
N GLU D 635 -38.33 -29.06 -34.85
CA GLU D 635 -37.29 -29.96 -35.32
C GLU D 635 -36.31 -30.29 -34.20
N ILE D 636 -35.91 -29.27 -33.45
CA ILE D 636 -34.97 -29.44 -32.35
C ILE D 636 -35.71 -29.55 -31.01
N ALA D 637 -35.71 -30.75 -30.44
CA ALA D 637 -36.35 -30.97 -29.15
C ALA D 637 -35.58 -30.26 -28.04
N TYR D 638 -36.24 -30.06 -26.90
CA TYR D 638 -35.61 -29.40 -25.77
C TYR D 638 -36.37 -29.69 -24.47
N GLY D 639 -35.65 -29.67 -23.36
CA GLY D 639 -36.25 -29.93 -22.06
C GLY D 639 -35.41 -29.41 -20.91
N THR D 640 -35.88 -29.66 -19.69
CA THR D 640 -35.18 -29.22 -18.49
C THR D 640 -34.99 -30.39 -17.52
N LEU D 641 -34.52 -30.08 -16.32
CA LEU D 641 -34.37 -31.10 -15.29
C LEU D 641 -35.75 -31.52 -14.80
N ASP D 642 -35.93 -32.82 -14.57
CA ASP D 642 -37.22 -33.36 -14.16
C ASP D 642 -37.72 -32.78 -12.84
N SER D 643 -36.81 -32.23 -12.05
CA SER D 643 -37.16 -31.63 -10.78
C SER D 643 -36.23 -30.47 -10.43
N GLY D 644 -36.82 -29.32 -10.10
CA GLY D 644 -36.05 -28.15 -9.75
C GLY D 644 -36.76 -26.87 -10.11
N SER D 645 -36.19 -25.74 -9.69
CA SER D 645 -36.78 -24.43 -9.97
C SER D 645 -36.86 -24.16 -11.46
N THR D 646 -35.94 -24.75 -12.22
CA THR D 646 -35.92 -24.58 -13.66
C THR D 646 -37.20 -25.09 -14.30
N LYS D 647 -37.56 -26.32 -13.97
CA LYS D 647 -38.78 -26.93 -14.50
C LYS D 647 -40.03 -26.24 -13.96
N GLU D 648 -40.04 -25.99 -12.66
CA GLU D 648 -41.17 -25.35 -12.01
C GLU D 648 -41.37 -23.92 -12.52
N PHE D 649 -40.32 -23.35 -13.10
CA PHE D 649 -40.40 -22.00 -13.65
C PHE D 649 -41.35 -21.94 -14.83
N PHE D 650 -41.13 -22.81 -15.82
CA PHE D 650 -41.98 -22.84 -17.01
C PHE D 650 -43.42 -23.21 -16.66
N ARG D 651 -43.57 -24.15 -15.73
CA ARG D 651 -44.89 -24.60 -15.32
C ARG D 651 -45.74 -23.46 -14.77
N ARG D 652 -45.12 -22.60 -13.97
CA ARG D 652 -45.84 -21.51 -13.32
C ARG D 652 -45.77 -20.20 -14.12
N SER D 653 -44.89 -20.16 -15.11
CA SER D 653 -44.70 -18.96 -15.90
C SER D 653 -45.94 -18.62 -16.73
N LYS D 654 -46.39 -17.38 -16.64
CA LYS D 654 -47.55 -16.92 -17.39
C LYS D 654 -47.14 -16.08 -18.59
N ILE D 655 -45.84 -16.09 -18.89
CA ILE D 655 -45.31 -15.33 -20.02
C ILE D 655 -45.61 -16.04 -21.34
N ALA D 656 -45.89 -15.26 -22.38
CA ALA D 656 -46.26 -15.80 -23.68
C ALA D 656 -45.35 -16.93 -24.15
N VAL D 657 -44.10 -16.60 -24.45
CA VAL D 657 -43.16 -17.57 -25.00
C VAL D 657 -42.98 -18.79 -24.10
N PHE D 658 -42.63 -18.55 -22.84
CA PHE D 658 -42.36 -19.64 -21.90
C PHE D 658 -43.57 -20.55 -21.71
N ASP D 659 -44.77 -19.99 -21.92
CA ASP D 659 -46.00 -20.77 -21.80
C ASP D 659 -46.02 -21.89 -22.83
N LYS D 660 -45.88 -21.52 -24.11
CA LYS D 660 -45.88 -22.49 -25.19
C LYS D 660 -44.80 -23.55 -24.99
N MET D 661 -43.63 -23.11 -24.55
CA MET D 661 -42.52 -24.02 -24.31
C MET D 661 -42.90 -25.11 -23.32
N TRP D 662 -43.52 -24.71 -22.21
CA TRP D 662 -43.95 -25.66 -21.19
C TRP D 662 -45.00 -26.61 -21.74
N THR D 663 -45.95 -26.07 -22.50
CA THR D 663 -47.01 -26.89 -23.10
C THR D 663 -46.39 -28.02 -23.93
N TYR D 664 -45.33 -27.70 -24.65
CA TYR D 664 -44.64 -28.70 -25.46
C TYR D 664 -43.93 -29.74 -24.59
N MET D 665 -43.11 -29.27 -23.66
CA MET D 665 -42.33 -30.16 -22.80
C MET D 665 -43.23 -31.01 -21.90
N ARG D 666 -44.40 -30.48 -21.58
CA ARG D 666 -45.33 -31.17 -20.67
C ARG D 666 -45.88 -32.46 -21.26
N SER D 667 -45.96 -32.52 -22.58
CA SER D 667 -46.54 -33.69 -23.26
C SER D 667 -45.61 -34.25 -24.33
N ALA D 668 -44.36 -33.78 -24.35
CA ALA D 668 -43.40 -34.23 -25.34
C ALA D 668 -42.98 -35.67 -25.10
N GLU D 669 -42.98 -36.47 -26.17
CA GLU D 669 -42.58 -37.87 -26.08
C GLU D 669 -41.51 -38.20 -27.12
N PRO D 670 -40.45 -38.90 -26.70
CA PRO D 670 -40.22 -39.37 -25.33
C PRO D 670 -39.96 -38.22 -24.36
N SER D 671 -39.75 -38.55 -23.09
CA SER D 671 -39.51 -37.56 -22.06
C SER D 671 -38.34 -36.65 -22.41
N VAL D 672 -38.60 -35.35 -22.43
CA VAL D 672 -37.56 -34.36 -22.72
C VAL D 672 -36.83 -33.94 -21.45
N PHE D 673 -37.29 -34.47 -20.32
CA PHE D 673 -36.67 -34.16 -19.03
C PHE D 673 -35.63 -35.21 -18.67
N VAL D 674 -34.55 -34.77 -18.03
CA VAL D 674 -33.47 -35.68 -17.64
C VAL D 674 -33.42 -35.85 -16.12
N ARG D 675 -32.75 -36.90 -15.67
CA ARG D 675 -32.62 -37.18 -14.25
C ARG D 675 -31.65 -36.22 -13.56
N THR D 676 -30.45 -36.10 -14.11
CA THR D 676 -29.44 -35.22 -13.55
C THR D 676 -28.92 -34.24 -14.61
N THR D 677 -28.10 -33.29 -14.19
CA THR D 677 -27.55 -32.30 -15.10
C THR D 677 -26.57 -32.94 -16.07
N ALA D 678 -25.85 -33.96 -15.60
CA ALA D 678 -24.90 -34.68 -16.44
C ALA D 678 -25.62 -35.38 -17.59
N GLU D 679 -26.78 -35.95 -17.29
CA GLU D 679 -27.58 -36.64 -18.31
C GLU D 679 -28.04 -35.68 -19.39
N GLY D 680 -28.42 -34.47 -18.97
CA GLY D 680 -28.87 -33.45 -19.89
C GLY D 680 -27.79 -33.04 -20.86
N VAL D 681 -26.59 -32.79 -20.33
CA VAL D 681 -25.45 -32.43 -21.16
C VAL D 681 -25.09 -33.55 -22.13
N ALA D 682 -25.15 -34.78 -21.65
CA ALA D 682 -24.84 -35.94 -22.47
C ALA D 682 -25.84 -36.06 -23.61
N ARG D 683 -27.09 -35.72 -23.34
CA ARG D 683 -28.15 -35.78 -24.36
C ARG D 683 -27.91 -34.76 -25.45
N VAL D 684 -27.33 -33.62 -25.09
CA VAL D 684 -27.04 -32.56 -26.05
C VAL D 684 -25.82 -32.90 -26.89
N ARG D 685 -24.89 -33.66 -26.30
CA ARG D 685 -23.65 -34.03 -26.97
C ARG D 685 -23.82 -35.26 -27.86
N LYS D 686 -24.94 -35.95 -27.71
CA LYS D 686 -25.17 -37.19 -28.44
C LYS D 686 -26.37 -37.12 -29.38
N SER D 687 -26.96 -35.93 -29.51
CA SER D 687 -28.12 -35.75 -30.37
C SER D 687 -27.78 -35.01 -31.66
N LYS D 688 -26.48 -34.71 -31.84
CA LYS D 688 -26.02 -34.03 -33.04
C LYS D 688 -26.74 -32.70 -33.25
N GLY D 689 -27.09 -32.03 -32.17
CA GLY D 689 -27.74 -30.74 -32.23
C GLY D 689 -29.25 -30.83 -32.40
N LYS D 690 -29.81 -31.98 -32.05
CA LYS D 690 -31.25 -32.19 -32.17
C LYS D 690 -31.96 -31.98 -30.82
N TYR D 691 -31.17 -31.85 -29.76
CA TYR D 691 -31.72 -31.65 -28.42
C TYR D 691 -31.03 -30.51 -27.68
N ALA D 692 -31.83 -29.60 -27.15
CA ALA D 692 -31.31 -28.48 -26.36
C ALA D 692 -31.67 -28.68 -24.89
N TYR D 693 -30.79 -28.23 -24.00
CA TYR D 693 -31.01 -28.38 -22.57
C TYR D 693 -31.04 -27.03 -21.87
N LEU D 694 -32.06 -26.83 -21.05
CA LEU D 694 -32.23 -25.57 -20.33
C LEU D 694 -31.76 -25.71 -18.88
N LEU D 695 -30.82 -24.87 -18.48
CA LEU D 695 -30.25 -24.94 -17.15
C LEU D 695 -29.72 -23.57 -16.69
N GLU D 696 -29.25 -23.51 -15.45
CA GLU D 696 -28.70 -22.28 -14.89
C GLU D 696 -27.49 -21.81 -15.69
N SER D 697 -27.48 -20.52 -16.02
CA SER D 697 -26.40 -19.94 -16.81
C SER D 697 -25.04 -20.20 -16.19
N THR D 698 -24.96 -20.09 -14.87
CA THR D 698 -23.69 -20.28 -14.16
C THR D 698 -23.06 -21.64 -14.48
N MET D 699 -23.84 -22.71 -14.29
CA MET D 699 -23.34 -24.06 -14.55
C MET D 699 -23.12 -24.26 -16.04
N ASN D 700 -23.93 -23.62 -16.86
CA ASN D 700 -23.82 -23.72 -18.31
C ASN D 700 -22.50 -23.14 -18.81
N GLU D 701 -22.23 -21.90 -18.42
CA GLU D 701 -21.00 -21.21 -18.81
C GLU D 701 -19.78 -22.04 -18.46
N TYR D 702 -19.85 -22.73 -17.32
CA TYR D 702 -18.75 -23.57 -16.85
C TYR D 702 -18.57 -24.79 -17.76
N ILE D 703 -19.69 -25.42 -18.11
CA ILE D 703 -19.66 -26.59 -18.99
C ILE D 703 -19.02 -26.25 -20.33
N GLU D 704 -19.31 -25.05 -20.83
CA GLU D 704 -18.76 -24.61 -22.10
C GLU D 704 -17.24 -24.55 -22.06
N GLN D 705 -16.68 -24.44 -20.87
CA GLN D 705 -15.24 -24.37 -20.69
C GLN D 705 -14.67 -25.71 -20.24
N ARG D 706 -15.33 -26.79 -20.62
CA ARG D 706 -14.87 -28.13 -20.28
C ARG D 706 -14.81 -29.01 -21.52
N LYS D 707 -13.81 -29.87 -21.59
CA LYS D 707 -13.65 -30.78 -22.73
C LYS D 707 -14.89 -31.62 -22.92
N PRO D 708 -15.17 -32.02 -24.18
CA PRO D 708 -14.36 -31.71 -25.37
C PRO D 708 -14.74 -30.36 -25.98
N CYS D 709 -15.25 -29.44 -25.17
CA CYS D 709 -15.63 -28.12 -25.66
C CYS D 709 -16.62 -28.22 -26.81
N ASP D 710 -17.71 -28.94 -26.59
CA ASP D 710 -18.70 -29.18 -27.62
C ASP D 710 -20.07 -28.62 -27.27
N THR D 711 -20.11 -27.73 -26.27
CA THR D 711 -21.35 -27.10 -25.86
C THR D 711 -21.19 -25.60 -25.73
N MET D 712 -22.26 -24.85 -25.99
CA MET D 712 -22.22 -23.40 -25.92
C MET D 712 -23.56 -22.81 -25.50
N LYS D 713 -23.50 -21.72 -24.74
CA LYS D 713 -24.72 -21.02 -24.32
C LYS D 713 -25.14 -20.03 -25.40
N VAL D 714 -26.43 -19.98 -25.67
CA VAL D 714 -26.96 -19.10 -26.70
C VAL D 714 -28.05 -18.17 -26.16
N GLY D 715 -28.04 -16.92 -26.61
CA GLY D 715 -29.02 -15.94 -26.19
C GLY D 715 -28.85 -15.54 -24.74
N GLY D 716 -29.61 -14.53 -24.32
CA GLY D 716 -29.56 -14.06 -22.95
C GLY D 716 -30.39 -14.93 -22.02
N ASN D 717 -30.29 -14.68 -20.73
CA ASN D 717 -31.04 -15.44 -19.74
C ASN D 717 -32.54 -15.23 -19.86
N LEU D 718 -33.31 -16.20 -19.37
CA LEU D 718 -34.76 -16.14 -19.46
C LEU D 718 -35.37 -15.38 -18.28
N ASP D 719 -34.64 -15.36 -17.16
CA ASP D 719 -35.09 -14.64 -15.97
C ASP D 719 -33.90 -14.08 -15.20
N SER D 720 -34.19 -13.24 -14.22
CA SER D 720 -33.14 -12.61 -13.41
C SER D 720 -33.11 -13.17 -11.99
N LYS D 721 -32.06 -13.92 -11.68
CA LYS D 721 -31.86 -14.46 -10.35
C LYS D 721 -30.59 -13.89 -9.74
N GLY D 722 -30.08 -14.54 -8.69
CA GLY D 722 -28.87 -14.10 -8.04
C GLY D 722 -28.57 -14.84 -6.75
N TYR D 723 -27.30 -15.21 -6.58
CA TYR D 723 -26.86 -15.86 -5.35
C TYR D 723 -26.46 -14.81 -4.32
N GLY D 724 -26.44 -15.21 -3.05
CA GLY D 724 -26.06 -14.30 -1.98
C GLY D 724 -25.56 -15.04 -0.75
N ILE D 725 -24.86 -14.31 0.12
CA ILE D 725 -24.38 -14.88 1.36
C ILE D 725 -25.49 -14.91 2.40
N ALA D 726 -25.80 -16.10 2.90
CA ALA D 726 -26.90 -16.27 3.84
C ALA D 726 -26.44 -16.22 5.29
N THR D 727 -27.13 -15.42 6.09
CA THR D 727 -26.82 -15.28 7.51
C THR D 727 -28.08 -15.35 8.36
N PRO D 728 -28.02 -16.07 9.49
CA PRO D 728 -29.17 -16.23 10.39
C PRO D 728 -29.86 -14.90 10.67
N LYS D 729 -31.19 -14.92 10.68
CA LYS D 729 -31.98 -13.70 10.92
C LYS D 729 -31.55 -13.01 12.21
N GLY D 730 -31.23 -11.73 12.10
CA GLY D 730 -30.81 -10.95 13.26
C GLY D 730 -29.44 -11.34 13.76
N SER D 731 -28.52 -11.56 12.83
CA SER D 731 -27.14 -11.93 13.17
C SER D 731 -26.25 -10.70 13.25
N SER D 732 -25.08 -10.86 13.88
CA SER D 732 -24.13 -9.76 13.99
C SER D 732 -23.34 -9.58 12.69
N LEU D 733 -23.11 -10.68 11.98
CA LEU D 733 -22.37 -10.63 10.73
C LEU D 733 -23.24 -10.10 9.59
N GLY D 734 -24.52 -9.91 9.87
CA GLY D 734 -25.47 -9.45 8.87
C GLY D 734 -24.98 -8.27 8.05
N THR D 735 -25.08 -7.08 8.63
CA THR D 735 -24.69 -5.85 7.93
C THR D 735 -23.26 -5.87 7.39
N PRO D 736 -22.29 -6.30 8.21
CA PRO D 736 -20.89 -6.32 7.76
C PRO D 736 -20.71 -7.09 6.45
N VAL D 737 -21.19 -8.34 6.41
CA VAL D 737 -21.07 -9.16 5.21
C VAL D 737 -21.75 -8.51 4.01
N ASN D 738 -22.93 -7.95 4.23
CA ASN D 738 -23.67 -7.27 3.17
C ASN D 738 -22.82 -6.21 2.49
N LEU D 739 -22.25 -5.32 3.28
CA LEU D 739 -21.38 -4.27 2.77
C LEU D 739 -20.15 -4.86 2.10
N ALA D 740 -19.62 -5.93 2.68
CA ALA D 740 -18.43 -6.59 2.14
C ALA D 740 -18.66 -7.05 0.71
N VAL D 741 -19.83 -7.64 0.45
CA VAL D 741 -20.17 -8.10 -0.88
C VAL D 741 -20.20 -6.94 -1.87
N LEU D 742 -20.83 -5.84 -1.45
CA LEU D 742 -20.89 -4.64 -2.28
C LEU D 742 -19.51 -4.07 -2.56
N LYS D 743 -18.65 -4.11 -1.55
CA LYS D 743 -17.29 -3.61 -1.69
C LYS D 743 -16.49 -4.46 -2.67
N LEU D 744 -16.64 -5.78 -2.56
CA LEU D 744 -15.93 -6.70 -3.43
C LEU D 744 -16.32 -6.53 -4.89
N SER D 745 -17.61 -6.31 -5.14
CA SER D 745 -18.11 -6.17 -6.50
C SER D 745 -17.62 -4.87 -7.15
N GLU D 746 -17.60 -3.80 -6.37
CA GLU D 746 -17.16 -2.50 -6.86
C GLU D 746 -15.66 -2.49 -7.15
N GLN D 747 -14.91 -3.29 -6.39
CA GLN D 747 -13.47 -3.42 -6.62
C GLN D 747 -13.21 -4.39 -7.76
N GLY D 748 -14.28 -4.87 -8.38
CA GLY D 748 -14.18 -5.81 -9.47
C GLY D 748 -13.59 -7.14 -9.05
N LEU D 749 -13.54 -7.36 -7.74
CA LEU D 749 -12.97 -8.57 -7.18
C LEU D 749 -13.86 -9.78 -7.47
N LEU D 750 -15.17 -9.57 -7.47
CA LEU D 750 -16.12 -10.64 -7.76
C LEU D 750 -15.99 -11.09 -9.22
N ASP D 751 -16.00 -10.12 -10.14
CA ASP D 751 -15.83 -10.41 -11.56
C ASP D 751 -14.50 -11.11 -11.79
N LYS D 752 -13.47 -10.69 -11.06
CA LYS D 752 -12.15 -11.27 -11.17
C LYS D 752 -12.17 -12.74 -10.78
N LEU D 753 -12.81 -13.05 -9.65
CA LEU D 753 -12.90 -14.41 -9.16
C LEU D 753 -13.59 -15.33 -10.17
N LYS D 754 -14.69 -14.86 -10.74
CA LYS D 754 -15.42 -15.64 -11.72
C LYS D 754 -14.54 -15.95 -12.92
N ASN D 755 -13.87 -14.94 -13.44
CA ASN D 755 -12.95 -15.12 -14.56
C ASN D 755 -11.87 -16.12 -14.23
N LYS D 756 -11.48 -16.18 -12.96
CA LYS D 756 -10.42 -17.07 -12.52
C LYS D 756 -10.83 -18.54 -12.58
N TRP D 757 -12.07 -18.83 -12.24
CA TRP D 757 -12.54 -20.21 -12.14
C TRP D 757 -13.33 -20.67 -13.36
N TRP D 758 -13.88 -19.72 -14.12
CA TRP D 758 -14.67 -20.06 -15.29
C TRP D 758 -13.85 -20.08 -16.58
N TYR D 759 -13.17 -18.98 -16.87
CA TYR D 759 -12.46 -18.84 -18.14
C TYR D 759 -10.95 -19.08 -18.02
N ASP D 760 -10.32 -18.42 -17.05
CA ASP D 760 -8.88 -18.57 -16.85
C ASP D 760 -8.51 -20.02 -16.54
N LYS D 761 -9.20 -20.59 -15.55
CA LYS D 761 -8.94 -21.97 -15.15
C LYS D 761 -9.59 -22.94 -16.13
N GLY D 762 -10.33 -22.39 -17.09
CA GLY D 762 -11.01 -23.19 -18.09
C GLY D 762 -10.05 -23.97 -18.96
N GLU D 763 -10.58 -24.61 -20.00
CA GLU D 763 -9.76 -25.39 -20.92
C GLU D 763 -10.23 -25.23 -22.36
N CYS D 764 -11.52 -24.95 -22.52
CA CYS D 764 -12.09 -24.76 -23.86
C CYS D 764 -11.65 -23.43 -24.46
N GLY D 765 -12.35 -23.00 -25.51
CA GLY D 765 -12.03 -21.75 -26.17
C GLY D 765 -12.95 -21.46 -27.35
N ALA D 766 -13.42 -20.22 -27.44
CA ALA D 766 -14.30 -19.81 -28.52
C ALA D 766 -13.71 -18.67 -29.33
N LYS D 767 -13.25 -17.63 -28.64
CA LYS D 767 -12.63 -16.49 -29.30
C LYS D 767 -11.21 -16.86 -29.77
N ASP D 768 -10.73 -18.00 -29.31
CA ASP D 768 -9.41 -18.49 -29.69
C ASP D 768 -9.51 -19.43 -30.89
N SER D 769 -10.65 -20.09 -31.02
CA SER D 769 -10.89 -20.99 -32.14
C SER D 769 -11.21 -20.19 -33.41
N GLY D 770 -11.70 -18.97 -33.22
CA GLY D 770 -11.97 -18.09 -34.33
C GLY D 770 -10.75 -17.26 -34.68
N SER D 771 -9.83 -17.15 -33.73
CA SER D 771 -8.57 -16.44 -33.94
C SER D 771 -7.52 -17.37 -34.54
N LYS D 772 -7.87 -18.64 -34.66
CA LYS D 772 -6.95 -19.64 -35.20
C LYS D 772 -7.06 -19.71 -36.72
N GLU D 773 -6.28 -18.89 -37.41
CA GLU D 773 -6.30 -18.90 -38.88
C GLU D 773 -5.49 -20.08 -39.43
N LYS D 774 -6.15 -21.21 -39.63
CA LYS D 774 -5.47 -22.40 -40.16
C LYS D 774 -6.44 -23.53 -40.50
N THR D 775 -6.37 -24.01 -41.74
CA THR D 775 -7.23 -25.10 -42.21
C THR D 775 -7.24 -25.15 -43.73
N SER D 776 -7.46 -26.34 -44.29
CA SER D 776 -7.50 -26.51 -45.74
C SER D 776 -7.50 -27.98 -46.14
N ALA D 777 -8.44 -28.35 -47.02
CA ALA D 777 -8.57 -29.72 -47.49
C ALA D 777 -9.88 -29.94 -48.25
N LEU D 778 -9.78 -30.62 -49.40
CA LEU D 778 -10.96 -30.91 -50.22
C LEU D 778 -11.52 -32.27 -49.86
N SER D 779 -12.84 -32.41 -49.93
CA SER D 779 -13.46 -33.69 -49.59
C SER D 779 -14.07 -34.35 -50.82
N LEU D 780 -15.39 -34.56 -50.79
CA LEU D 780 -16.09 -35.18 -51.91
C LEU D 780 -17.57 -34.79 -51.89
N SER D 781 -18.06 -34.41 -50.73
CA SER D 781 -19.46 -34.07 -50.54
C SER D 781 -20.03 -33.18 -51.64
N ASN D 782 -19.51 -31.96 -51.75
CA ASN D 782 -19.99 -31.01 -52.75
C ASN D 782 -19.90 -31.56 -54.17
N VAL D 783 -18.75 -32.13 -54.50
CA VAL D 783 -18.52 -32.69 -55.83
C VAL D 783 -19.49 -33.84 -56.12
N ALA D 784 -19.90 -34.54 -55.07
CA ALA D 784 -20.82 -35.68 -55.22
C ALA D 784 -22.16 -35.25 -55.78
N GLY D 785 -22.67 -34.12 -55.31
CA GLY D 785 -23.95 -33.60 -55.77
C GLY D 785 -24.00 -33.41 -57.26
N VAL D 786 -22.83 -33.12 -57.85
CA VAL D 786 -22.74 -32.91 -59.29
C VAL D 786 -22.64 -34.24 -60.03
N PHE D 787 -22.26 -35.29 -59.31
CA PHE D 787 -22.19 -36.63 -59.89
C PHE D 787 -23.58 -37.23 -60.05
N TYR D 788 -24.43 -37.00 -59.06
CA TYR D 788 -25.80 -37.53 -59.10
C TYR D 788 -26.62 -36.88 -60.20
N ILE D 789 -26.41 -35.59 -60.42
CA ILE D 789 -27.12 -34.86 -61.47
C ILE D 789 -26.62 -35.31 -62.84
N LEU D 790 -25.41 -35.85 -62.88
CA LEU D 790 -24.84 -36.37 -64.12
C LEU D 790 -25.49 -37.70 -64.49
N VAL D 791 -25.44 -38.65 -63.55
CA VAL D 791 -26.05 -39.96 -63.76
C VAL D 791 -27.54 -39.82 -64.05
N GLY D 792 -28.16 -38.82 -63.43
CA GLY D 792 -29.56 -38.53 -63.66
C GLY D 792 -29.80 -38.09 -65.10
N GLY D 793 -28.85 -37.32 -65.63
CA GLY D 793 -28.92 -36.88 -67.01
C GLY D 793 -28.69 -38.02 -67.97
N LEU D 794 -27.78 -38.92 -67.61
CA LEU D 794 -27.50 -40.10 -68.41
C LEU D 794 -28.74 -41.00 -68.47
N GLY D 795 -29.40 -41.18 -67.33
CA GLY D 795 -30.60 -41.98 -67.25
C GLY D 795 -31.73 -41.38 -68.06
N LEU D 796 -31.85 -40.06 -68.01
CA LEU D 796 -32.87 -39.35 -68.78
C LEU D 796 -32.64 -39.57 -70.27
N ALA D 797 -31.37 -39.60 -70.67
CA ALA D 797 -31.02 -39.83 -72.07
C ALA D 797 -31.29 -41.27 -72.47
N MET D 798 -30.96 -42.20 -71.58
CA MET D 798 -31.21 -43.61 -71.82
C MET D 798 -32.71 -43.87 -71.96
N LEU D 799 -33.51 -42.95 -71.42
CA LEU D 799 -34.96 -43.04 -71.52
C LEU D 799 -35.45 -42.44 -72.83
N VAL D 800 -34.86 -41.30 -73.20
CA VAL D 800 -35.21 -40.64 -74.45
C VAL D 800 -34.75 -41.47 -75.65
N ALA D 801 -33.69 -42.24 -75.46
CA ALA D 801 -33.17 -43.11 -76.51
C ALA D 801 -34.15 -44.23 -76.82
N LEU D 802 -34.59 -44.92 -75.78
CA LEU D 802 -35.51 -46.05 -75.94
C LEU D 802 -36.78 -45.65 -76.68
N ILE D 803 -37.36 -44.53 -76.30
CA ILE D 803 -38.61 -44.07 -76.93
C ILE D 803 -38.43 -43.75 -78.40
N GLU D 804 -37.27 -43.19 -78.75
CA GLU D 804 -36.97 -42.85 -80.14
C GLU D 804 -36.97 -44.08 -81.04
N PHE D 805 -36.32 -45.15 -80.57
CA PHE D 805 -36.27 -46.39 -81.32
C PHE D 805 -37.65 -47.04 -81.42
N CYS D 806 -38.50 -46.75 -80.44
CA CYS D 806 -39.85 -47.29 -80.43
C CYS D 806 -40.74 -46.64 -81.48
N TYR D 807 -40.70 -45.31 -81.55
CA TYR D 807 -41.49 -44.57 -82.53
C TYR D 807 -41.07 -44.92 -83.95
N LYS D 808 -39.77 -45.10 -84.15
CA LYS D 808 -39.24 -45.46 -85.46
C LYS D 808 -39.63 -46.88 -85.85
#